data_2IIR
#
_entry.id   2IIR
#
_cell.length_a   105.434
_cell.length_b   300.333
_cell.length_c   334.898
_cell.angle_alpha   90.00
_cell.angle_beta   90.00
_cell.angle_gamma   90.00
#
_symmetry.space_group_name_H-M   'C 2 2 21'
#
loop_
_entity.id
_entity.type
_entity.pdbx_description
1 polymer 'Acetate kinase'
2 water water
#
_entity_poly.entity_id   1
_entity_poly.type   'polypeptide(L)'
_entity_poly.pdbx_seq_one_letter_code
;MRVLVINSGSSSIKYQLIEMEGEKVLCKGIAERIGIEGSRLVHRVGDEKHVIERELPDHEEALKLILNTLVDEKLGVIKD
LKEIDAVGHRVVHGGERFKESVLVDEEVLKAIEEVSPLAPLHNPANLMGIKAAMKLLPGVPNVAVFDTAFHQTIPQKAYL
YAIPYEYYEKYKIRRYGFHGTSHRYVSKRAAEILGKKLEELKIITCHIGNGASVAAVKYGKCVDTSMGFTPLEGLVMGTR
SGDLDPAIPFFIMEKEGISPQEMYDILNKKSGVYGLSKGFSSDMRDIEEAALKGDEWCKLVLEIYDYRIAKYIGAYAAAM
NGVDAIVFTAGVGENSPITREDVCSYLEFLGVKLDKQKNEETIRGKEGIISTPDSRVKVLVVPTNEELMIARDTKEIVEK
IGR
;
_entity_poly.pdbx_strand_id   A,B,C,D,E,F,G,H,I,J
#
# COMPACT_ATOMS: atom_id res chain seq x y z
N MET A 1 4.56 -55.42 -23.31
CA MET A 1 4.97 -54.66 -22.08
C MET A 1 3.77 -54.46 -21.16
N ARG A 2 3.99 -54.47 -19.85
CA ARG A 2 2.88 -54.41 -18.90
C ARG A 2 2.87 -53.17 -18.05
N VAL A 3 1.90 -52.29 -18.31
CA VAL A 3 1.78 -51.04 -17.54
C VAL A 3 0.67 -51.17 -16.50
N LEU A 4 1.01 -50.76 -15.28
CA LEU A 4 0.05 -50.62 -14.21
C LEU A 4 -0.35 -49.17 -14.17
N VAL A 5 -1.64 -48.91 -14.41
CA VAL A 5 -2.17 -47.56 -14.44
C VAL A 5 -2.85 -47.27 -13.11
N ILE A 6 -2.45 -46.16 -12.50
CA ILE A 6 -2.94 -45.76 -11.20
C ILE A 6 -3.64 -44.40 -11.21
N ASN A 7 -4.74 -44.30 -10.46
CA ASN A 7 -5.40 -43.02 -10.24
C ASN A 7 -5.77 -42.92 -8.76
N SER A 8 -4.93 -42.20 -8.01
CA SER A 8 -5.14 -42.06 -6.56
C SER A 8 -5.79 -40.73 -6.15
N GLY A 9 -7.02 -40.82 -5.70
CA GLY A 9 -7.72 -39.67 -5.13
C GLY A 9 -7.57 -39.72 -3.63
N SER A 10 -8.02 -38.66 -2.96
CA SER A 10 -7.87 -38.55 -1.52
C SER A 10 -8.35 -39.74 -0.69
N SER A 11 -9.38 -40.40 -1.16
CA SER A 11 -10.02 -41.52 -0.44
C SER A 11 -9.76 -42.92 -1.00
N SER A 12 -9.20 -42.97 -2.20
CA SER A 12 -9.05 -44.23 -2.88
C SER A 12 -7.98 -44.29 -3.96
N ILE A 13 -7.56 -45.52 -4.30
CA ILE A 13 -6.67 -45.76 -5.41
C ILE A 13 -7.42 -46.70 -6.34
N LYS A 14 -7.50 -46.34 -7.61
CA LYS A 14 -8.10 -47.27 -8.57
C LYS A 14 -7.07 -47.55 -9.68
N TYR A 15 -6.98 -48.84 -10.01
CA TYR A 15 -5.96 -49.34 -10.90
C TYR A 15 -6.40 -50.20 -12.07
N GLN A 16 -5.61 -50.14 -13.13
CA GLN A 16 -5.77 -51.09 -14.24
C GLN A 16 -4.40 -51.65 -14.58
N LEU A 17 -4.35 -52.91 -14.92
CA LEU A 17 -3.12 -53.57 -15.37
C LEU A 17 -3.27 -53.90 -16.84
N ILE A 18 -2.67 -53.09 -17.71
CA ILE A 18 -2.86 -53.25 -19.18
C ILE A 18 -1.70 -53.92 -19.96
N GLU A 19 -2.04 -54.78 -20.91
CA GLU A 19 -1.00 -55.38 -21.71
C GLU A 19 -0.98 -54.64 -23.05
N MET A 20 -0.03 -53.73 -23.09
CA MET A 20 0.25 -52.86 -24.20
C MET A 20 0.11 -53.59 -25.51
N GLU A 21 0.85 -54.66 -25.69
CA GLU A 21 0.75 -55.38 -26.94
C GLU A 21 -0.66 -55.72 -27.32
N GLY A 22 -1.43 -56.32 -26.43
CA GLY A 22 -2.77 -56.57 -26.84
C GLY A 22 -3.63 -55.36 -26.49
N GLU A 23 -3.08 -54.44 -25.71
CA GLU A 23 -3.84 -53.29 -25.21
C GLU A 23 -5.09 -53.86 -24.50
N LYS A 24 -4.83 -54.92 -23.72
CA LYS A 24 -5.83 -55.66 -22.94
C LYS A 24 -5.75 -55.39 -21.46
N VAL A 25 -6.90 -55.16 -20.86
CA VAL A 25 -6.99 -54.97 -19.42
C VAL A 25 -6.95 -56.37 -18.82
N LEU A 26 -5.85 -56.67 -18.13
CA LEU A 26 -5.68 -57.97 -17.48
C LEU A 26 -6.55 -58.04 -16.23
N CYS A 27 -6.62 -56.92 -15.53
CA CYS A 27 -7.51 -56.77 -14.40
C CYS A 27 -7.60 -55.30 -14.05
N LYS A 28 -8.65 -54.93 -13.33
CA LYS A 28 -8.76 -53.60 -12.78
C LYS A 28 -9.48 -53.68 -11.45
N GLY A 29 -9.46 -52.57 -10.72
CA GLY A 29 -10.18 -52.49 -9.45
C GLY A 29 -10.02 -51.16 -8.74
N ILE A 30 -10.40 -51.16 -7.47
CA ILE A 30 -10.34 -49.97 -6.64
C ILE A 30 -10.11 -50.36 -5.18
N ALA A 31 -9.18 -49.67 -4.54
CA ALA A 31 -9.03 -49.75 -3.09
C ALA A 31 -9.79 -48.56 -2.48
N GLU A 32 -10.86 -48.87 -1.76
CA GLU A 32 -11.82 -47.85 -1.34
C GLU A 32 -11.70 -47.50 0.13
N ARG A 33 -12.16 -46.30 0.48
CA ARG A 33 -12.31 -45.90 1.87
C ARG A 33 -11.01 -45.97 2.66
N ILE A 34 -9.91 -45.60 2.00
CA ILE A 34 -8.63 -45.47 2.67
C ILE A 34 -8.70 -44.39 3.75
N GLY A 35 -8.30 -44.74 4.96
CA GLY A 35 -8.32 -43.83 6.09
C GLY A 35 -9.58 -43.94 6.91
N ILE A 36 -10.69 -44.25 6.25
CA ILE A 36 -11.99 -44.39 6.90
C ILE A 36 -12.19 -45.84 7.31
N GLU A 37 -13.21 -46.09 8.12
CA GLU A 37 -13.55 -47.43 8.56
C GLU A 37 -14.15 -48.28 7.44
N GLY A 38 -13.90 -49.59 7.55
CA GLY A 38 -14.37 -50.56 6.56
C GLY A 38 -13.80 -50.30 5.18
N SER A 39 -12.50 -49.97 5.14
CA SER A 39 -11.80 -49.82 3.87
C SER A 39 -11.72 -51.19 3.24
N ARG A 40 -11.65 -51.23 1.91
CA ARG A 40 -11.69 -52.50 1.17
C ARG A 40 -11.13 -52.38 -0.24
N LEU A 41 -10.83 -53.53 -0.84
CA LEU A 41 -10.40 -53.60 -2.23
C LEU A 41 -11.41 -54.37 -3.04
N VAL A 42 -11.94 -53.74 -4.08
CA VAL A 42 -12.80 -54.39 -5.07
C VAL A 42 -11.93 -54.69 -6.30
N HIS A 43 -11.80 -55.97 -6.61
CA HIS A 43 -10.88 -56.41 -7.63
C HIS A 43 -11.60 -57.25 -8.70
N ARG A 44 -11.49 -56.79 -9.93
CA ARG A 44 -12.16 -57.44 -11.06
C ARG A 44 -11.16 -58.12 -11.99
N VAL A 45 -11.40 -59.41 -12.24
CA VAL A 45 -10.60 -60.18 -13.20
C VAL A 45 -11.58 -60.84 -14.17
N GLY A 46 -11.90 -60.12 -15.25
CA GLY A 46 -12.94 -60.55 -16.18
C GLY A 46 -14.30 -60.45 -15.52
N ASP A 47 -15.02 -61.57 -15.48
CA ASP A 47 -16.38 -61.67 -14.92
C ASP A 47 -16.45 -61.57 -13.41
N GLU A 48 -15.39 -62.04 -12.74
CA GLU A 48 -15.37 -62.15 -11.29
C GLU A 48 -15.07 -60.80 -10.61
N LYS A 49 -15.77 -60.58 -9.50
CA LYS A 49 -15.57 -59.39 -8.67
C LYS A 49 -15.27 -59.86 -7.26
N HIS A 50 -14.04 -59.65 -6.81
CA HIS A 50 -13.63 -60.07 -5.46
C HIS A 50 -13.53 -58.90 -4.49
N VAL A 51 -14.14 -59.07 -3.32
CA VAL A 51 -14.13 -58.06 -2.28
C VAL A 51 -13.22 -58.51 -1.14
N ILE A 52 -12.18 -57.72 -0.86
CA ILE A 52 -11.31 -57.96 0.30
C ILE A 52 -11.45 -56.87 1.36
N GLU A 53 -11.90 -57.28 2.54
CA GLU A 53 -12.05 -56.40 3.70
C GLU A 53 -10.70 -56.32 4.42
N ARG A 54 -10.31 -55.10 4.75
CA ARG A 54 -9.10 -54.86 5.54
C ARG A 54 -8.89 -53.38 5.84
N GLU A 55 -8.22 -53.11 6.97
CA GLU A 55 -7.79 -51.77 7.34
C GLU A 55 -6.74 -51.29 6.37
N LEU A 56 -7.00 -50.15 5.75
CA LEU A 56 -5.99 -49.47 4.94
C LEU A 56 -5.86 -48.03 5.44
N PRO A 57 -4.88 -47.78 6.34
CA PRO A 57 -4.75 -46.46 6.95
C PRO A 57 -4.27 -45.37 6.00
N ASP A 58 -3.48 -45.74 5.00
CA ASP A 58 -3.03 -44.78 3.98
C ASP A 58 -2.82 -45.43 2.62
N HIS A 59 -2.37 -44.63 1.66
CA HIS A 59 -2.24 -45.08 0.28
C HIS A 59 -1.19 -46.15 0.08
N GLU A 60 -0.14 -46.12 0.86
CA GLU A 60 0.91 -47.13 0.74
C GLU A 60 0.38 -48.52 1.10
N GLU A 61 -0.16 -48.67 2.31
CA GLU A 61 -0.69 -49.96 2.75
C GLU A 61 -1.78 -50.43 1.80
N ALA A 62 -2.47 -49.48 1.19
CA ALA A 62 -3.50 -49.76 0.19
C ALA A 62 -2.91 -50.29 -1.10
N LEU A 63 -1.83 -49.65 -1.57
CA LEU A 63 -1.19 -50.09 -2.81
C LEU A 63 -0.53 -51.43 -2.63
N LYS A 64 0.00 -51.68 -1.43
CA LYS A 64 0.53 -53.00 -1.06
C LYS A 64 -0.53 -54.11 -1.29
N LEU A 65 -1.69 -53.98 -0.65
CA LEU A 65 -2.79 -54.91 -0.86
C LEU A 65 -3.14 -55.13 -2.33
N ILE A 66 -3.06 -54.06 -3.13
CA ILE A 66 -3.32 -54.15 -4.58
C ILE A 66 -2.25 -55.03 -5.21
N LEU A 67 -1.00 -54.70 -4.94
CA LEU A 67 0.13 -55.42 -5.52
C LEU A 67 0.12 -56.87 -5.11
N ASN A 68 -0.07 -57.14 -3.82
CA ASN A 68 -0.20 -58.51 -3.32
C ASN A 68 -1.21 -59.36 -4.10
N THR A 69 -2.37 -58.78 -4.34
CA THR A 69 -3.43 -59.53 -4.95
C THR A 69 -3.28 -59.62 -6.48
N LEU A 70 -2.43 -58.77 -7.07
CA LEU A 70 -2.09 -58.92 -8.49
C LEU A 70 -1.33 -60.21 -8.72
N VAL A 71 -0.74 -60.72 -7.64
CA VAL A 71 0.19 -61.86 -7.66
C VAL A 71 -0.41 -63.10 -6.97
N ASP A 72 -1.23 -62.89 -5.94
CA ASP A 72 -1.95 -63.98 -5.29
C ASP A 72 -2.51 -64.88 -6.37
N GLU A 73 -2.12 -66.15 -6.36
CA GLU A 73 -2.47 -67.03 -7.48
C GLU A 73 -3.87 -67.65 -7.41
N LYS A 74 -4.77 -67.02 -6.65
CA LYS A 74 -6.19 -67.33 -6.75
C LYS A 74 -6.93 -66.19 -7.44
N LEU A 75 -6.61 -64.96 -7.01
CA LEU A 75 -7.25 -63.78 -7.55
C LEU A 75 -6.27 -63.01 -8.43
N GLY A 76 -5.13 -63.62 -8.74
CA GLY A 76 -4.02 -62.93 -9.41
C GLY A 76 -4.04 -62.99 -10.92
N VAL A 77 -3.04 -62.38 -11.54
CA VAL A 77 -3.01 -62.17 -12.98
C VAL A 77 -1.58 -62.22 -13.53
N ILE A 78 -0.60 -62.10 -12.65
CA ILE A 78 0.83 -62.14 -13.02
C ILE A 78 1.63 -62.97 -12.01
N LYS A 79 2.61 -63.73 -12.48
CA LYS A 79 3.42 -64.61 -11.61
C LYS A 79 4.26 -63.87 -10.57
N ASP A 80 5.02 -62.87 -11.04
CA ASP A 80 5.92 -62.06 -10.23
C ASP A 80 5.39 -60.66 -10.05
N LEU A 81 6.08 -59.86 -9.25
CA LEU A 81 5.88 -58.42 -9.30
C LEU A 81 6.83 -57.81 -10.34
N LYS A 82 7.80 -58.62 -10.76
CA LYS A 82 8.76 -58.23 -11.79
C LYS A 82 8.06 -58.09 -13.16
N GLU A 83 6.86 -58.68 -13.27
CA GLU A 83 6.03 -58.67 -14.48
C GLU A 83 5.56 -57.27 -14.89
N ILE A 84 5.29 -56.43 -13.88
CA ILE A 84 4.94 -55.02 -14.08
C ILE A 84 6.16 -54.30 -14.65
N ASP A 85 6.08 -53.93 -15.92
CA ASP A 85 7.19 -53.27 -16.61
C ASP A 85 7.28 -51.74 -16.35
N ALA A 86 6.17 -51.09 -16.06
CA ALA A 86 6.14 -49.66 -15.75
C ALA A 86 4.85 -49.27 -15.04
N VAL A 87 4.83 -48.10 -14.38
CA VAL A 87 3.63 -47.62 -13.69
C VAL A 87 3.24 -46.22 -14.15
N GLY A 88 2.00 -46.03 -14.58
CA GLY A 88 1.52 -44.74 -15.04
C GLY A 88 0.50 -44.10 -14.11
N HIS A 89 0.79 -42.87 -13.67
CA HIS A 89 -0.01 -42.15 -12.71
C HIS A 89 -0.78 -40.99 -13.31
N ARG A 90 -2.05 -40.84 -12.90
CA ARG A 90 -2.82 -39.65 -13.20
C ARG A 90 -2.54 -38.60 -12.16
N VAL A 91 -1.98 -37.48 -12.58
CA VAL A 91 -1.77 -36.35 -11.69
C VAL A 91 -2.68 -35.22 -12.18
N VAL A 92 -3.56 -34.73 -11.32
CA VAL A 92 -4.54 -33.74 -11.73
C VAL A 92 -3.91 -32.47 -12.27
N HIS A 93 -3.03 -31.83 -11.51
CA HIS A 93 -2.56 -30.53 -11.91
C HIS A 93 -1.08 -30.52 -12.21
N GLY A 94 -0.74 -30.03 -13.40
CA GLY A 94 0.65 -29.92 -13.82
C GLY A 94 1.15 -28.49 -13.86
N GLY A 95 0.23 -27.54 -13.79
CA GLY A 95 0.57 -26.13 -13.88
C GLY A 95 1.13 -25.78 -15.24
N GLU A 96 1.93 -24.72 -15.27
CA GLU A 96 2.58 -24.27 -16.48
C GLU A 96 3.85 -25.04 -16.83
N ARG A 97 4.46 -25.71 -15.84
CA ARG A 97 5.71 -26.47 -16.05
C ARG A 97 5.51 -27.62 -17.02
N PHE A 98 4.57 -28.49 -16.68
CA PHE A 98 4.46 -29.78 -17.36
C PHE A 98 3.60 -29.71 -18.60
N LYS A 99 4.23 -29.71 -19.77
CA LYS A 99 3.50 -29.62 -21.05
C LYS A 99 3.01 -30.99 -21.56
N GLU A 100 3.69 -32.05 -21.14
CA GLU A 100 3.36 -33.41 -21.56
C GLU A 100 3.82 -34.38 -20.48
N SER A 101 3.42 -35.64 -20.58
CA SER A 101 3.81 -36.67 -19.60
C SER A 101 5.33 -36.78 -19.39
N VAL A 102 5.75 -37.12 -18.16
CA VAL A 102 7.17 -37.16 -17.82
C VAL A 102 7.50 -38.40 -17.00
N LEU A 103 8.72 -38.92 -17.18
CA LEU A 103 9.29 -39.94 -16.30
C LEU A 103 9.63 -39.29 -14.98
N VAL A 104 9.17 -39.91 -13.89
CA VAL A 104 9.31 -39.33 -12.55
C VAL A 104 10.68 -39.63 -11.99
N ASP A 105 11.42 -38.58 -11.65
CA ASP A 105 12.62 -38.68 -10.81
C ASP A 105 12.47 -37.70 -9.64
N GLU A 106 13.52 -37.49 -8.85
CA GLU A 106 13.40 -36.60 -7.69
C GLU A 106 13.00 -35.20 -8.13
N GLU A 107 13.60 -34.75 -9.24
CA GLU A 107 13.35 -33.43 -9.80
C GLU A 107 11.91 -33.20 -10.09
N VAL A 108 11.33 -34.14 -10.83
CA VAL A 108 9.93 -34.11 -11.23
C VAL A 108 9.02 -34.14 -10.01
N LEU A 109 9.36 -35.01 -9.06
CA LEU A 109 8.62 -35.19 -7.82
C LEU A 109 8.52 -33.91 -6.98
N LYS A 110 9.65 -33.22 -6.84
CA LYS A 110 9.73 -31.92 -6.17
C LYS A 110 8.91 -30.88 -6.95
N ALA A 111 9.03 -30.91 -8.27
CA ALA A 111 8.34 -29.99 -9.15
C ALA A 111 6.83 -30.17 -9.14
N ILE A 112 6.38 -31.38 -8.82
CA ILE A 112 4.94 -31.63 -8.70
C ILE A 112 4.40 -31.06 -7.39
N GLU A 113 5.15 -31.25 -6.30
CA GLU A 113 4.76 -30.68 -5.01
C GLU A 113 4.62 -29.18 -5.13
N GLU A 114 5.52 -28.55 -5.88
CA GLU A 114 5.50 -27.11 -6.03
C GLU A 114 4.23 -26.61 -6.72
N VAL A 115 3.66 -27.46 -7.55
CA VAL A 115 2.42 -27.15 -8.26
C VAL A 115 1.17 -27.52 -7.43
N SER A 116 1.35 -28.40 -6.45
CA SER A 116 0.26 -28.93 -5.64
C SER A 116 -0.72 -27.91 -5.05
N PRO A 117 -0.24 -26.74 -4.59
CA PRO A 117 -1.18 -25.75 -4.08
C PRO A 117 -2.20 -25.24 -5.10
N LEU A 118 -2.01 -25.54 -6.38
CA LEU A 118 -2.98 -25.18 -7.43
C LEU A 118 -4.10 -26.22 -7.62
N ALA A 119 -4.07 -27.30 -6.85
CA ALA A 119 -5.14 -28.30 -6.79
C ALA A 119 -5.03 -29.07 -5.47
N PRO A 120 -5.11 -28.36 -4.32
CA PRO A 120 -4.79 -28.90 -3.00
C PRO A 120 -5.59 -30.14 -2.66
N LEU A 121 -6.73 -30.33 -3.31
CA LEU A 121 -7.57 -31.44 -2.97
C LEU A 121 -7.21 -32.71 -3.77
N HIS A 122 -6.33 -32.56 -4.76
CA HIS A 122 -6.04 -33.68 -5.67
C HIS A 122 -4.59 -34.08 -5.76
N ASN A 123 -3.72 -33.14 -6.11
CA ASN A 123 -2.29 -33.43 -6.24
C ASN A 123 -1.66 -34.18 -5.06
N PRO A 124 -1.88 -33.73 -3.81
CA PRO A 124 -1.31 -34.49 -2.69
C PRO A 124 -1.54 -36.00 -2.78
N ALA A 125 -2.78 -36.40 -2.99
CA ALA A 125 -3.08 -37.83 -3.09
C ALA A 125 -2.47 -38.51 -4.34
N ASN A 126 -2.21 -37.74 -5.40
CA ASN A 126 -1.53 -38.31 -6.58
C ASN A 126 -0.12 -38.68 -6.22
N LEU A 127 0.61 -37.71 -5.65
CA LEU A 127 1.97 -37.92 -5.19
C LEU A 127 2.05 -39.10 -4.25
N MET A 128 1.10 -39.19 -3.32
CA MET A 128 1.05 -40.29 -2.36
C MET A 128 1.12 -41.61 -3.12
N GLY A 129 0.44 -41.65 -4.25
CA GLY A 129 0.39 -42.82 -5.10
C GLY A 129 1.70 -43.08 -5.79
N ILE A 130 2.30 -42.03 -6.33
CA ILE A 130 3.63 -42.12 -6.93
C ILE A 130 4.67 -42.59 -5.91
N LYS A 131 4.81 -41.88 -4.79
CA LYS A 131 5.80 -42.22 -3.77
C LYS A 131 5.65 -43.65 -3.23
N ALA A 132 4.40 -44.08 -3.07
CA ALA A 132 4.09 -45.45 -2.65
C ALA A 132 4.50 -46.47 -3.72
N ALA A 133 4.27 -46.12 -4.99
CA ALA A 133 4.62 -47.00 -6.08
C ALA A 133 6.12 -47.14 -6.24
N MET A 134 6.85 -46.05 -6.12
CA MET A 134 8.32 -46.11 -6.24
C MET A 134 8.93 -46.90 -5.09
N LYS A 135 8.33 -46.81 -3.91
CA LYS A 135 8.80 -47.51 -2.72
C LYS A 135 8.61 -49.04 -2.83
N LEU A 136 7.41 -49.46 -3.21
CA LEU A 136 7.06 -50.88 -3.24
C LEU A 136 7.50 -51.57 -4.52
N LEU A 137 7.82 -50.78 -5.56
CA LEU A 137 8.35 -51.32 -6.80
C LEU A 137 9.65 -50.60 -7.18
N PRO A 138 10.71 -50.78 -6.37
CA PRO A 138 11.99 -50.10 -6.63
C PRO A 138 12.52 -50.46 -7.99
N GLY A 139 13.02 -49.48 -8.72
CA GLY A 139 13.64 -49.72 -10.01
C GLY A 139 12.67 -49.61 -11.16
N VAL A 140 11.40 -49.92 -10.89
CA VAL A 140 10.36 -49.80 -11.91
C VAL A 140 10.09 -48.30 -12.16
N PRO A 141 10.18 -47.88 -13.43
CA PRO A 141 9.94 -46.48 -13.79
C PRO A 141 8.47 -46.07 -13.58
N ASN A 142 8.26 -44.85 -13.08
CA ASN A 142 6.92 -44.26 -12.99
C ASN A 142 6.78 -43.06 -13.93
N VAL A 143 5.65 -42.99 -14.62
CA VAL A 143 5.35 -41.86 -15.49
C VAL A 143 4.14 -41.10 -14.97
N ALA A 144 4.26 -39.77 -14.94
CA ALA A 144 3.16 -38.91 -14.54
C ALA A 144 2.47 -38.34 -15.77
N VAL A 145 1.15 -38.48 -15.85
CA VAL A 145 0.38 -37.92 -16.96
C VAL A 145 -0.58 -36.86 -16.41
N PHE A 146 -0.47 -35.64 -16.91
CA PHE A 146 -1.14 -34.49 -16.29
C PHE A 146 -2.48 -34.08 -16.92
N ASP A 147 -3.52 -34.05 -16.09
CA ASP A 147 -4.82 -33.57 -16.50
C ASP A 147 -4.82 -32.19 -17.15
N THR A 148 -3.82 -31.36 -16.85
CA THR A 148 -3.78 -29.99 -17.36
C THR A 148 -2.92 -29.83 -18.60
N ALA A 149 -2.11 -30.84 -18.90
CA ALA A 149 -1.04 -30.72 -19.86
C ALA A 149 -1.52 -30.48 -21.28
N PHE A 150 -2.56 -31.21 -21.70
CA PHE A 150 -3.08 -31.06 -23.06
C PHE A 150 -3.47 -29.62 -23.38
N HIS A 151 -3.85 -28.91 -22.33
CA HIS A 151 -4.36 -27.52 -22.40
C HIS A 151 -3.28 -26.46 -22.36
N GLN A 152 -2.02 -26.86 -22.16
CA GLN A 152 -0.92 -25.90 -22.12
C GLN A 152 -0.61 -25.19 -23.43
N THR A 153 -1.26 -25.60 -24.53
CA THR A 153 -1.06 -24.98 -25.85
C THR A 153 -1.98 -23.78 -26.04
N ILE A 154 -2.94 -23.61 -25.13
CA ILE A 154 -3.90 -22.50 -25.16
C ILE A 154 -3.16 -21.17 -25.13
N PRO A 155 -3.46 -20.29 -26.10
CA PRO A 155 -2.80 -18.98 -26.25
C PRO A 155 -3.13 -18.05 -25.12
N GLN A 156 -2.43 -16.93 -25.01
CA GLN A 156 -2.65 -15.96 -23.94
C GLN A 156 -4.04 -15.34 -23.98
N LYS A 157 -4.50 -15.01 -25.18
CA LYS A 157 -5.81 -14.38 -25.34
C LYS A 157 -6.91 -15.17 -24.64
N ALA A 158 -6.63 -16.45 -24.39
CA ALA A 158 -7.65 -17.40 -23.95
C ALA A 158 -7.51 -17.86 -22.53
N TYR A 159 -6.32 -17.73 -21.94
CA TYR A 159 -6.10 -18.18 -20.56
C TYR A 159 -5.98 -17.09 -19.49
N LEU A 160 -5.89 -15.83 -19.92
CA LEU A 160 -5.85 -14.73 -18.97
C LEU A 160 -7.26 -14.22 -18.65
N TYR A 161 -7.60 -14.13 -17.37
CA TYR A 161 -8.88 -13.53 -17.00
C TYR A 161 -8.80 -12.00 -16.98
N ALA A 162 -9.92 -11.34 -17.26
CA ALA A 162 -9.97 -9.87 -17.25
C ALA A 162 -9.94 -9.31 -15.83
N ILE A 163 -8.94 -9.74 -15.07
CA ILE A 163 -8.73 -9.30 -13.69
C ILE A 163 -7.32 -8.71 -13.59
N PRO A 164 -7.02 -7.94 -12.51
CA PRO A 164 -5.69 -7.37 -12.40
C PRO A 164 -4.64 -8.41 -12.75
N TYR A 165 -3.71 -8.04 -13.61
CA TYR A 165 -2.67 -8.96 -14.09
C TYR A 165 -1.75 -9.40 -12.96
N GLU A 166 -1.54 -8.52 -11.97
CA GLU A 166 -0.87 -8.84 -10.72
C GLU A 166 -1.25 -10.23 -10.20
N TYR A 167 -2.53 -10.60 -10.33
CA TYR A 167 -3.03 -11.88 -9.81
C TYR A 167 -2.45 -13.07 -10.55
N TYR A 168 -2.09 -12.89 -11.81
CA TYR A 168 -1.38 -13.94 -12.56
C TYR A 168 0.11 -13.91 -12.20
N GLU A 169 0.68 -12.72 -12.15
CA GLU A 169 2.09 -12.55 -11.80
C GLU A 169 2.33 -13.22 -10.47
N LYS A 170 1.49 -12.90 -9.48
CA LYS A 170 1.71 -13.30 -8.10
C LYS A 170 1.26 -14.72 -7.79
N TYR A 171 0.08 -15.13 -8.25
CA TYR A 171 -0.45 -16.46 -7.90
C TYR A 171 -0.63 -17.43 -9.06
N LYS A 172 -0.22 -17.01 -10.27
CA LYS A 172 -0.42 -17.79 -11.49
C LYS A 172 -1.88 -18.16 -11.71
N ILE A 173 -2.76 -17.17 -11.57
CA ILE A 173 -4.20 -17.39 -11.79
C ILE A 173 -4.52 -17.24 -13.27
N ARG A 174 -4.75 -18.37 -13.92
CA ARG A 174 -5.05 -18.38 -15.34
C ARG A 174 -6.04 -19.52 -15.59
N ARG A 175 -6.47 -19.70 -16.82
CA ARG A 175 -7.23 -20.88 -17.16
C ARG A 175 -6.23 -22.03 -17.34
N TYR A 176 -6.44 -23.14 -16.62
CA TYR A 176 -5.58 -24.33 -16.82
C TYR A 176 -6.30 -25.41 -17.56
N GLY A 177 -7.57 -25.59 -17.21
CA GLY A 177 -8.44 -26.59 -17.84
C GLY A 177 -8.17 -27.97 -17.29
N PHE A 178 -9.14 -28.86 -17.41
CA PHE A 178 -9.01 -30.23 -16.90
C PHE A 178 -9.67 -31.22 -17.86
N HIS A 179 -9.61 -32.50 -17.51
CA HIS A 179 -10.00 -33.57 -18.45
C HIS A 179 -9.09 -33.58 -19.66
N GLY A 180 -7.87 -33.08 -19.47
CA GLY A 180 -6.89 -32.94 -20.52
C GLY A 180 -6.61 -34.23 -21.26
N THR A 181 -6.27 -35.27 -20.51
CA THR A 181 -5.89 -36.51 -21.16
C THR A 181 -7.09 -37.26 -21.75
N SER A 182 -8.30 -36.82 -21.42
CA SER A 182 -9.52 -37.34 -22.08
C SER A 182 -9.83 -36.61 -23.38
N HIS A 183 -9.82 -35.28 -23.35
CA HIS A 183 -9.92 -34.48 -24.56
C HIS A 183 -8.85 -34.85 -25.56
N ARG A 184 -7.64 -35.11 -25.06
CA ARG A 184 -6.55 -35.52 -25.93
C ARG A 184 -6.84 -36.89 -26.55
N TYR A 185 -7.36 -37.82 -25.74
CA TYR A 185 -7.61 -39.17 -26.21
C TYR A 185 -8.65 -39.22 -27.30
N VAL A 186 -9.77 -38.56 -27.06
CA VAL A 186 -10.91 -38.69 -27.96
C VAL A 186 -10.71 -37.89 -29.23
N SER A 187 -10.07 -36.74 -29.14
CA SER A 187 -9.77 -35.93 -30.32
C SER A 187 -8.89 -36.69 -31.28
N LYS A 188 -7.88 -37.37 -30.73
CA LYS A 188 -6.97 -38.20 -31.52
C LYS A 188 -7.70 -39.41 -32.10
N ARG A 189 -8.51 -40.07 -31.27
CA ARG A 189 -9.26 -41.25 -31.70
C ARG A 189 -10.26 -40.94 -32.79
N ALA A 190 -10.90 -39.78 -32.68
CA ALA A 190 -11.86 -39.31 -33.67
C ALA A 190 -11.20 -39.13 -35.04
N ALA A 191 -10.03 -38.49 -35.06
CA ALA A 191 -9.28 -38.26 -36.29
C ALA A 191 -8.94 -39.59 -36.98
N GLU A 192 -8.57 -40.59 -36.21
CA GLU A 192 -8.30 -41.93 -36.74
C GLU A 192 -9.54 -42.53 -37.40
N ILE A 193 -10.69 -42.39 -36.74
CA ILE A 193 -11.97 -42.91 -37.26
C ILE A 193 -12.36 -42.25 -38.57
N LEU A 194 -12.02 -40.96 -38.71
CA LEU A 194 -12.34 -40.20 -39.92
C LEU A 194 -11.33 -40.43 -41.05
N GLY A 195 -10.24 -41.17 -40.74
CA GLY A 195 -9.19 -41.47 -41.71
C GLY A 195 -8.44 -40.22 -42.14
N LYS A 196 -8.29 -39.29 -41.22
CA LYS A 196 -7.62 -38.01 -41.50
C LYS A 196 -6.61 -37.63 -40.42
N LYS A 197 -5.55 -36.94 -40.84
CA LYS A 197 -4.53 -36.45 -39.92
C LYS A 197 -5.11 -35.42 -38.97
N LEU A 198 -4.70 -35.51 -37.71
CA LEU A 198 -5.20 -34.62 -36.66
C LEU A 198 -4.86 -33.14 -36.88
N GLU A 199 -3.74 -32.88 -37.57
CA GLU A 199 -3.25 -31.52 -37.80
C GLU A 199 -4.02 -30.77 -38.88
N GLU A 200 -4.99 -31.41 -39.51
CA GLU A 200 -5.85 -30.74 -40.49
C GLU A 200 -7.34 -30.86 -40.12
N LEU A 201 -7.61 -30.97 -38.82
CA LEU A 201 -8.97 -31.03 -38.33
C LEU A 201 -9.19 -30.05 -37.18
N LYS A 202 -10.33 -29.39 -37.22
CA LYS A 202 -10.78 -28.58 -36.12
C LYS A 202 -11.83 -29.39 -35.37
N ILE A 203 -11.46 -29.92 -34.21
CA ILE A 203 -12.37 -30.75 -33.43
C ILE A 203 -12.78 -30.09 -32.11
N ILE A 204 -14.08 -30.14 -31.84
CA ILE A 204 -14.64 -29.73 -30.55
C ILE A 204 -14.99 -31.00 -29.79
N THR A 205 -14.35 -31.19 -28.63
CA THR A 205 -14.58 -32.38 -27.81
C THR A 205 -15.38 -32.06 -26.55
N CYS A 206 -16.42 -32.86 -26.33
CA CYS A 206 -17.35 -32.67 -25.22
C CYS A 206 -17.29 -33.79 -24.19
N HIS A 207 -16.43 -33.62 -23.19
CA HIS A 207 -16.32 -34.58 -22.10
C HIS A 207 -17.42 -34.23 -21.09
N ILE A 208 -18.56 -34.92 -21.26
CA ILE A 208 -19.74 -34.66 -20.45
C ILE A 208 -20.09 -35.81 -19.49
N GLY A 209 -19.75 -35.62 -18.19
CA GLY A 209 -20.02 -36.62 -17.10
C GLY A 209 -20.32 -35.97 -15.73
N ASN A 210 -20.15 -36.72 -14.58
CA ASN A 210 -20.45 -36.11 -13.26
C ASN A 210 -19.77 -34.73 -13.23
N GLY A 211 -18.71 -34.60 -14.03
CA GLY A 211 -17.95 -33.37 -14.24
C GLY A 211 -17.91 -33.17 -15.76
N ALA A 212 -17.95 -31.91 -16.25
CA ALA A 212 -17.95 -31.73 -17.72
C ALA A 212 -17.19 -30.53 -18.24
N SER A 213 -16.45 -30.74 -19.32
CA SER A 213 -15.77 -29.63 -19.95
C SER A 213 -15.74 -29.81 -21.45
N VAL A 214 -15.56 -28.71 -22.18
CA VAL A 214 -15.44 -28.81 -23.61
C VAL A 214 -14.04 -28.35 -23.98
N ALA A 215 -13.53 -28.89 -25.06
CA ALA A 215 -12.23 -28.48 -25.52
C ALA A 215 -12.27 -28.14 -27.00
N ALA A 216 -11.56 -27.08 -27.38
CA ALA A 216 -11.45 -26.67 -28.76
C ALA A 216 -10.08 -27.11 -29.24
N VAL A 217 -10.05 -28.13 -30.08
CA VAL A 217 -8.79 -28.75 -30.49
C VAL A 217 -8.46 -28.41 -31.96
N LYS A 218 -7.73 -27.32 -32.14
CA LYS A 218 -7.42 -26.78 -33.47
C LYS A 218 -6.12 -27.32 -34.06
N TYR A 219 -6.26 -28.18 -35.07
CA TYR A 219 -5.13 -28.80 -35.78
C TYR A 219 -4.24 -29.60 -34.84
N GLY A 220 -4.87 -30.28 -33.88
CA GLY A 220 -4.13 -31.11 -32.91
C GLY A 220 -3.73 -30.43 -31.59
N LYS A 221 -3.79 -29.09 -31.54
CA LYS A 221 -3.47 -28.36 -30.31
C LYS A 221 -4.74 -27.76 -29.71
N CYS A 222 -4.85 -27.81 -28.38
CA CYS A 222 -6.01 -27.24 -27.71
C CYS A 222 -5.90 -25.72 -27.66
N VAL A 223 -6.98 -25.03 -28.04
CA VAL A 223 -6.97 -23.56 -28.13
C VAL A 223 -7.84 -22.89 -27.07
N ASP A 224 -8.75 -23.67 -26.49
CA ASP A 224 -9.62 -23.20 -25.41
C ASP A 224 -10.28 -24.40 -24.74
N THR A 225 -10.62 -24.25 -23.46
CA THR A 225 -11.39 -25.27 -22.75
C THR A 225 -12.34 -24.61 -21.74
N SER A 226 -13.43 -25.29 -21.41
CA SER A 226 -14.51 -24.76 -20.58
C SER A 226 -14.09 -24.54 -19.12
N MET A 227 -13.36 -25.49 -18.54
CA MET A 227 -12.96 -25.36 -17.14
C MET A 227 -11.86 -24.32 -17.03
N GLY A 228 -11.67 -23.79 -15.82
CA GLY A 228 -10.79 -22.64 -15.67
C GLY A 228 -9.59 -22.90 -14.80
N PHE A 229 -9.35 -21.96 -13.90
CA PHE A 229 -8.35 -22.09 -12.85
C PHE A 229 -8.67 -23.31 -12.02
N THR A 230 -9.97 -23.64 -11.97
CA THR A 230 -10.47 -24.77 -11.22
C THR A 230 -11.52 -25.49 -12.05
N PRO A 231 -12.03 -26.66 -11.57
CA PRO A 231 -13.11 -27.34 -12.26
C PRO A 231 -14.52 -26.75 -12.09
N LEU A 232 -14.65 -25.52 -11.59
CA LEU A 232 -15.98 -24.91 -11.46
C LEU A 232 -16.52 -24.23 -12.70
N GLU A 233 -15.63 -23.76 -13.57
CA GLU A 233 -16.03 -23.01 -14.75
C GLU A 233 -16.66 -23.87 -15.85
N GLY A 234 -17.58 -23.24 -16.60
CA GLY A 234 -18.11 -23.84 -17.81
C GLY A 234 -19.43 -24.56 -17.67
N LEU A 235 -19.50 -25.76 -18.23
CA LEU A 235 -20.76 -26.50 -18.34
C LEU A 235 -21.44 -26.78 -17.00
N VAL A 236 -22.74 -27.05 -17.04
CA VAL A 236 -23.47 -27.51 -15.87
C VAL A 236 -22.92 -28.88 -15.53
N MET A 237 -22.54 -29.08 -14.27
CA MET A 237 -22.05 -30.38 -13.82
C MET A 237 -22.98 -31.00 -12.77
N GLY A 238 -22.61 -32.16 -12.26
CA GLY A 238 -23.46 -32.90 -11.33
C GLY A 238 -23.82 -32.08 -10.11
N THR A 239 -22.80 -31.51 -9.46
CA THR A 239 -22.98 -30.78 -8.22
C THR A 239 -22.31 -29.42 -8.29
N ARG A 240 -21.63 -29.16 -9.41
CA ARG A 240 -20.94 -27.87 -9.63
C ARG A 240 -21.77 -26.92 -10.49
N SER A 241 -21.66 -25.64 -10.18
CA SER A 241 -22.55 -24.62 -10.73
C SER A 241 -22.24 -24.24 -12.15
N GLY A 242 -21.04 -24.57 -12.61
CA GLY A 242 -20.56 -24.11 -13.90
C GLY A 242 -20.40 -22.60 -13.87
N ASP A 243 -20.38 -21.97 -15.06
CA ASP A 243 -20.40 -20.53 -15.21
C ASP A 243 -21.55 -19.87 -14.43
N LEU A 244 -21.22 -18.85 -13.65
CA LEU A 244 -22.23 -17.88 -13.23
C LEU A 244 -21.70 -16.45 -13.05
N ASP A 245 -22.66 -15.51 -13.09
CA ASP A 245 -22.45 -14.11 -12.76
C ASP A 245 -21.56 -13.94 -11.53
N PRO A 246 -20.34 -13.44 -11.73
CA PRO A 246 -19.37 -13.21 -10.68
C PRO A 246 -19.98 -12.61 -9.42
N ALA A 247 -21.04 -11.84 -9.57
CA ALA A 247 -21.63 -11.09 -8.46
C ALA A 247 -22.53 -11.93 -7.54
N ILE A 248 -23.15 -12.96 -8.11
CA ILE A 248 -24.12 -13.75 -7.35
C ILE A 248 -23.58 -14.23 -5.99
N PRO A 249 -22.40 -14.88 -5.97
CA PRO A 249 -21.93 -15.37 -4.69
C PRO A 249 -21.91 -14.30 -3.62
N PHE A 250 -21.45 -13.12 -3.99
CA PHE A 250 -21.29 -12.02 -3.04
C PHE A 250 -22.62 -11.58 -2.48
N PHE A 251 -23.62 -11.54 -3.35
CA PHE A 251 -25.00 -11.23 -2.96
C PHE A 251 -25.55 -12.28 -2.00
N ILE A 252 -25.40 -13.56 -2.36
CA ILE A 252 -25.93 -14.63 -1.55
C ILE A 252 -25.27 -14.66 -0.16
N MET A 253 -23.94 -14.46 -0.13
CA MET A 253 -23.20 -14.49 1.13
C MET A 253 -23.75 -13.41 2.03
N GLU A 254 -23.93 -12.23 1.45
CA GLU A 254 -24.31 -11.09 2.22
C GLU A 254 -25.75 -11.14 2.69
N LYS A 255 -26.67 -11.56 1.82
CA LYS A 255 -28.08 -11.70 2.22
C LYS A 255 -28.33 -12.85 3.20
N GLU A 256 -27.42 -13.80 3.31
CA GLU A 256 -27.66 -14.97 4.15
C GLU A 256 -26.71 -15.21 5.33
N GLY A 257 -25.65 -14.41 5.45
CA GLY A 257 -24.71 -14.58 6.57
C GLY A 257 -23.92 -15.88 6.46
N ILE A 258 -23.12 -15.95 5.39
CA ILE A 258 -22.43 -17.14 4.97
C ILE A 258 -20.98 -16.79 4.67
N SER A 259 -20.04 -17.52 5.26
CA SER A 259 -18.62 -17.30 5.01
C SER A 259 -18.27 -17.72 3.58
N PRO A 260 -17.15 -17.24 3.05
CA PRO A 260 -16.83 -17.64 1.70
C PRO A 260 -16.69 -19.15 1.57
N GLN A 261 -16.23 -19.82 2.63
CA GLN A 261 -16.12 -21.28 2.63
C GLN A 261 -17.50 -21.89 2.42
N GLU A 262 -18.45 -21.49 3.25
CA GLU A 262 -19.82 -21.98 3.16
C GLU A 262 -20.44 -21.77 1.77
N MET A 263 -20.11 -20.65 1.11
CA MET A 263 -20.63 -20.34 -0.23
C MET A 263 -19.94 -21.15 -1.31
N TYR A 264 -18.60 -21.25 -1.23
CA TYR A 264 -17.80 -22.02 -2.18
C TYR A 264 -18.30 -23.46 -2.20
N ASP A 265 -18.53 -24.00 -0.99
CA ASP A 265 -19.08 -25.34 -0.81
C ASP A 265 -20.41 -25.47 -1.53
N ILE A 266 -21.31 -24.51 -1.34
CA ILE A 266 -22.64 -24.56 -1.94
C ILE A 266 -22.53 -24.61 -3.45
N LEU A 267 -21.60 -23.83 -4.00
CA LEU A 267 -21.38 -23.79 -5.44
C LEU A 267 -20.80 -25.10 -5.98
N ASN A 268 -20.21 -25.88 -5.09
CA ASN A 268 -19.35 -26.99 -5.48
C ASN A 268 -19.99 -28.34 -5.20
N LYS A 269 -20.79 -28.39 -4.14
CA LYS A 269 -21.36 -29.62 -3.64
C LYS A 269 -22.88 -29.72 -3.85
N LYS A 270 -23.55 -28.57 -3.79
CA LYS A 270 -25.02 -28.50 -3.78
C LYS A 270 -25.64 -27.86 -5.03
N SER A 271 -24.82 -27.48 -6.00
CA SER A 271 -25.32 -26.77 -7.16
C SER A 271 -25.45 -27.66 -8.38
N GLY A 272 -25.27 -27.09 -9.57
CA GLY A 272 -25.42 -27.82 -10.82
C GLY A 272 -26.72 -28.58 -10.96
N VAL A 273 -26.64 -29.79 -11.48
CA VAL A 273 -27.82 -30.64 -11.67
C VAL A 273 -28.58 -30.84 -10.34
N TYR A 274 -27.84 -31.16 -9.28
CA TYR A 274 -28.44 -31.35 -7.97
C TYR A 274 -29.20 -30.08 -7.57
N GLY A 275 -28.53 -28.94 -7.68
CA GLY A 275 -29.11 -27.64 -7.30
C GLY A 275 -30.39 -27.31 -8.05
N LEU A 276 -30.32 -27.48 -9.37
CA LEU A 276 -31.47 -27.25 -10.25
C LEU A 276 -32.69 -28.11 -9.93
N SER A 277 -32.46 -29.36 -9.54
CA SER A 277 -33.56 -30.27 -9.25
C SER A 277 -34.00 -30.28 -7.77
N LYS A 278 -33.67 -29.22 -7.03
CA LYS A 278 -34.14 -29.04 -5.64
C LYS A 278 -33.70 -30.19 -4.71
N GLY A 279 -32.66 -30.90 -5.13
CA GLY A 279 -32.09 -31.99 -4.34
C GLY A 279 -32.61 -33.37 -4.73
N PHE A 280 -33.10 -33.49 -5.96
CA PHE A 280 -33.62 -34.75 -6.45
C PHE A 280 -32.48 -35.71 -6.73
N SER A 281 -31.59 -35.32 -7.64
CA SER A 281 -30.39 -36.09 -7.92
C SER A 281 -29.31 -35.21 -8.59
N SER A 282 -28.08 -35.71 -8.60
CA SER A 282 -27.01 -35.07 -9.32
C SER A 282 -26.63 -35.90 -10.54
N ASP A 283 -27.17 -37.12 -10.59
CA ASP A 283 -26.92 -38.04 -11.69
C ASP A 283 -27.85 -37.64 -12.82
N MET A 284 -27.28 -37.16 -13.92
CA MET A 284 -28.08 -36.73 -15.07
C MET A 284 -29.08 -37.74 -15.63
N ARG A 285 -28.77 -39.04 -15.60
CA ARG A 285 -29.71 -40.05 -16.10
C ARG A 285 -30.86 -40.29 -15.13
N ASP A 286 -30.70 -39.93 -13.86
CA ASP A 286 -31.82 -39.97 -12.92
C ASP A 286 -32.88 -38.96 -13.37
N ILE A 287 -32.42 -37.86 -13.94
CA ILE A 287 -33.26 -36.81 -14.49
C ILE A 287 -33.83 -37.19 -15.85
N GLU A 288 -32.99 -37.75 -16.71
CA GLU A 288 -33.42 -38.23 -18.02
C GLU A 288 -34.60 -39.18 -17.84
N GLU A 289 -34.44 -40.16 -16.94
CA GLU A 289 -35.50 -41.14 -16.62
C GLU A 289 -36.79 -40.44 -16.18
N ALA A 290 -36.67 -39.48 -15.26
CA ALA A 290 -37.84 -38.77 -14.74
C ALA A 290 -38.48 -37.87 -15.79
N ALA A 291 -37.67 -37.30 -16.69
CA ALA A 291 -38.19 -36.43 -17.76
C ALA A 291 -39.01 -37.22 -18.78
N LEU A 292 -38.51 -38.40 -19.13
CA LEU A 292 -39.22 -39.31 -20.01
C LEU A 292 -40.49 -39.82 -19.36
N LYS A 293 -40.57 -39.81 -18.04
CA LYS A 293 -41.79 -40.25 -17.35
C LYS A 293 -42.83 -39.15 -17.25
N GLY A 294 -42.54 -37.99 -17.84
CA GLY A 294 -43.51 -36.90 -17.89
C GLY A 294 -43.32 -35.79 -16.87
N ASP A 295 -42.34 -35.94 -15.97
CA ASP A 295 -42.04 -34.89 -14.99
C ASP A 295 -41.59 -33.63 -15.72
N GLU A 296 -42.42 -32.60 -15.62
CA GLU A 296 -42.17 -31.33 -16.29
C GLU A 296 -40.84 -30.66 -15.86
N TRP A 297 -40.53 -30.75 -14.57
CA TRP A 297 -39.40 -30.04 -14.02
C TRP A 297 -38.06 -30.57 -14.54
N CYS A 298 -37.94 -31.88 -14.66
CA CYS A 298 -36.72 -32.50 -15.18
C CYS A 298 -36.47 -32.17 -16.63
N LYS A 299 -37.52 -32.17 -17.45
CA LYS A 299 -37.40 -31.75 -18.85
C LYS A 299 -36.70 -30.41 -18.94
N LEU A 300 -36.93 -29.54 -17.96
CA LEU A 300 -36.25 -28.25 -17.90
C LEU A 300 -34.78 -28.35 -17.51
N VAL A 301 -34.48 -29.11 -16.46
CA VAL A 301 -33.08 -29.30 -16.03
C VAL A 301 -32.27 -29.81 -17.22
N LEU A 302 -32.83 -30.84 -17.88
CA LEU A 302 -32.28 -31.40 -19.10
C LEU A 302 -32.02 -30.33 -20.16
N GLU A 303 -33.04 -29.56 -20.52
CA GLU A 303 -32.89 -28.44 -21.46
C GLU A 303 -31.81 -27.41 -21.09
N ILE A 304 -31.72 -27.06 -19.80
CA ILE A 304 -30.73 -26.13 -19.31
C ILE A 304 -29.35 -26.70 -19.52
N TYR A 305 -29.18 -27.95 -19.09
CA TYR A 305 -27.95 -28.72 -19.21
C TYR A 305 -27.48 -28.69 -20.66
N ASP A 306 -28.33 -29.22 -21.55
CA ASP A 306 -28.02 -29.31 -22.97
C ASP A 306 -27.71 -27.95 -23.59
N TYR A 307 -28.57 -26.97 -23.34
CA TYR A 307 -28.41 -25.63 -23.90
C TYR A 307 -27.00 -25.10 -23.77
N ARG A 308 -26.43 -25.16 -22.56
CA ARG A 308 -25.11 -24.57 -22.29
C ARG A 308 -24.00 -25.29 -23.05
N ILE A 309 -24.13 -26.61 -23.18
CA ILE A 309 -23.24 -27.38 -24.04
C ILE A 309 -23.29 -26.86 -25.48
N ALA A 310 -24.50 -26.71 -26.00
CA ALA A 310 -24.68 -26.26 -27.36
C ALA A 310 -24.00 -24.91 -27.58
N LYS A 311 -24.09 -24.03 -26.58
CA LYS A 311 -23.54 -22.67 -26.69
C LYS A 311 -22.03 -22.71 -26.72
N TYR A 312 -21.46 -23.63 -25.96
CA TYR A 312 -20.02 -23.83 -25.97
C TYR A 312 -19.51 -24.34 -27.30
N ILE A 313 -20.22 -25.30 -27.89
CA ILE A 313 -19.85 -25.74 -29.22
C ILE A 313 -19.84 -24.54 -30.16
N GLY A 314 -20.91 -23.76 -30.14
CA GLY A 314 -21.00 -22.55 -30.95
C GLY A 314 -19.85 -21.60 -30.69
N ALA A 315 -19.57 -21.36 -29.41
CA ALA A 315 -18.50 -20.45 -29.01
C ALA A 315 -17.13 -20.90 -29.53
N TYR A 316 -16.84 -22.20 -29.40
CA TYR A 316 -15.52 -22.72 -29.75
C TYR A 316 -15.35 -22.85 -31.25
N ALA A 317 -16.46 -23.15 -31.94
CA ALA A 317 -16.48 -23.08 -33.39
C ALA A 317 -15.98 -21.73 -33.86
N ALA A 318 -16.43 -20.67 -33.19
CA ALA A 318 -15.99 -19.32 -33.51
C ALA A 318 -14.53 -19.15 -33.19
N ALA A 319 -14.11 -19.75 -32.09
CA ALA A 319 -12.73 -19.65 -31.63
C ALA A 319 -11.78 -20.19 -32.66
N MET A 320 -12.15 -21.29 -33.32
CA MET A 320 -11.26 -21.92 -34.29
C MET A 320 -11.51 -21.45 -35.71
N ASN A 321 -12.54 -20.62 -35.86
CA ASN A 321 -13.01 -20.21 -37.18
C ASN A 321 -13.41 -21.43 -38.02
N GLY A 322 -14.08 -22.37 -37.39
CA GLY A 322 -14.59 -23.56 -38.06
C GLY A 322 -14.72 -24.77 -37.16
N VAL A 323 -15.60 -25.69 -37.54
CA VAL A 323 -15.66 -27.00 -36.92
C VAL A 323 -15.66 -28.01 -38.03
N ASP A 324 -14.85 -29.04 -37.86
CA ASP A 324 -14.83 -30.16 -38.78
C ASP A 324 -15.53 -31.36 -38.18
N ALA A 325 -15.45 -31.47 -36.85
CA ALA A 325 -16.08 -32.56 -36.12
C ALA A 325 -16.36 -32.23 -34.66
N ILE A 326 -17.39 -32.88 -34.12
CA ILE A 326 -17.75 -32.74 -32.71
C ILE A 326 -17.78 -34.11 -32.09
N VAL A 327 -17.18 -34.24 -30.91
CA VAL A 327 -17.07 -35.54 -30.25
C VAL A 327 -17.74 -35.50 -28.89
N PHE A 328 -18.63 -36.48 -28.65
CA PHE A 328 -19.23 -36.66 -27.33
C PHE A 328 -18.55 -37.80 -26.62
N THR A 329 -18.28 -37.64 -25.33
CA THR A 329 -17.64 -38.69 -24.55
C THR A 329 -17.94 -38.55 -23.05
N ALA A 330 -17.44 -39.50 -22.24
CA ALA A 330 -17.68 -39.58 -20.78
C ALA A 330 -19.08 -40.10 -20.44
N GLY A 331 -19.34 -40.33 -19.15
CA GLY A 331 -20.62 -40.88 -18.66
C GLY A 331 -21.88 -40.55 -19.45
N VAL A 332 -22.12 -39.26 -19.69
CA VAL A 332 -23.35 -38.81 -20.35
C VAL A 332 -23.18 -38.74 -21.85
N GLY A 333 -22.06 -38.19 -22.31
CA GLY A 333 -21.78 -38.08 -23.75
C GLY A 333 -21.85 -39.41 -24.49
N GLU A 334 -21.50 -40.47 -23.77
CA GLU A 334 -21.47 -41.83 -24.32
C GLU A 334 -22.82 -42.54 -24.24
N ASN A 335 -23.70 -42.08 -23.34
CA ASN A 335 -24.89 -42.85 -22.97
C ASN A 335 -26.26 -42.16 -23.06
N SER A 336 -26.28 -40.90 -23.47
CA SER A 336 -27.52 -40.16 -23.60
C SER A 336 -27.74 -39.71 -25.04
N PRO A 337 -28.44 -40.56 -25.84
CA PRO A 337 -28.76 -40.18 -27.21
C PRO A 337 -29.66 -38.94 -27.23
N ILE A 338 -30.46 -38.78 -26.19
CA ILE A 338 -31.35 -37.63 -26.04
C ILE A 338 -30.56 -36.32 -25.88
N THR A 339 -29.57 -36.32 -24.99
CA THR A 339 -28.74 -35.13 -24.77
C THR A 339 -28.00 -34.77 -26.06
N ARG A 340 -27.43 -35.78 -26.70
CA ARG A 340 -26.72 -35.60 -27.96
C ARG A 340 -27.62 -34.99 -29.01
N GLU A 341 -28.87 -35.45 -29.06
CA GLU A 341 -29.85 -34.96 -30.02
C GLU A 341 -30.28 -33.52 -29.74
N ASP A 342 -30.58 -33.24 -28.46
CA ASP A 342 -31.02 -31.91 -28.05
C ASP A 342 -29.94 -30.90 -28.36
N VAL A 343 -28.70 -31.23 -28.01
CA VAL A 343 -27.56 -30.33 -28.21
C VAL A 343 -27.40 -30.02 -29.70
N CYS A 344 -27.56 -31.03 -30.53
CA CYS A 344 -27.34 -30.87 -31.95
C CYS A 344 -28.44 -30.14 -32.66
N SER A 345 -29.62 -30.07 -32.05
CA SER A 345 -30.74 -29.36 -32.67
C SER A 345 -30.42 -27.87 -32.83
N TYR A 346 -29.54 -27.37 -31.98
CA TYR A 346 -29.12 -25.99 -32.01
C TYR A 346 -28.08 -25.74 -33.11
N LEU A 347 -27.66 -26.81 -33.78
CA LEU A 347 -26.46 -26.75 -34.63
C LEU A 347 -26.65 -27.02 -36.12
N GLU A 348 -27.89 -27.10 -36.60
CA GLU A 348 -28.10 -27.36 -38.01
C GLU A 348 -27.71 -26.17 -38.89
N PHE A 349 -27.66 -24.98 -38.31
CA PHE A 349 -27.16 -23.81 -39.02
C PHE A 349 -25.69 -23.98 -39.43
N LEU A 350 -24.99 -24.88 -38.75
CA LEU A 350 -23.60 -25.20 -39.08
C LEU A 350 -23.50 -26.34 -40.04
N GLY A 351 -24.63 -26.98 -40.33
CA GLY A 351 -24.68 -28.11 -41.25
C GLY A 351 -24.61 -29.45 -40.52
N VAL A 352 -25.02 -29.46 -39.26
CA VAL A 352 -25.03 -30.67 -38.45
C VAL A 352 -26.38 -31.38 -38.54
N LYS A 353 -26.36 -32.64 -38.98
CA LYS A 353 -27.55 -33.46 -38.99
C LYS A 353 -27.20 -34.79 -38.38
N LEU A 354 -28.02 -35.26 -37.46
CA LEU A 354 -27.82 -36.56 -36.84
C LEU A 354 -28.58 -37.66 -37.56
N ASP A 355 -28.09 -38.90 -37.47
CA ASP A 355 -28.83 -40.06 -37.95
C ASP A 355 -29.48 -40.67 -36.72
N LYS A 356 -30.78 -40.40 -36.54
CA LYS A 356 -31.55 -40.88 -35.39
C LYS A 356 -31.26 -42.34 -35.07
N GLN A 357 -31.25 -43.19 -36.10
CA GLN A 357 -30.95 -44.62 -35.96
C GLN A 357 -29.58 -44.83 -35.31
N LYS A 358 -28.55 -44.25 -35.91
CA LYS A 358 -27.18 -44.38 -35.40
C LYS A 358 -27.01 -43.77 -33.99
N ASN A 359 -27.76 -42.70 -33.73
CA ASN A 359 -27.65 -42.01 -32.45
C ASN A 359 -28.16 -42.88 -31.32
N GLU A 360 -29.28 -43.56 -31.56
CA GLU A 360 -29.87 -44.34 -30.50
C GLU A 360 -29.11 -45.65 -30.29
N GLU A 361 -28.44 -46.12 -31.34
CA GLU A 361 -27.65 -47.35 -31.31
C GLU A 361 -26.36 -47.25 -30.49
N THR A 362 -25.65 -46.13 -30.64
CA THR A 362 -24.32 -45.92 -30.03
C THR A 362 -24.38 -45.49 -28.55
N ILE A 363 -24.62 -46.49 -27.71
CA ILE A 363 -25.05 -46.34 -26.33
C ILE A 363 -24.09 -47.27 -25.53
N ARG A 364 -24.02 -47.08 -24.22
CA ARG A 364 -23.40 -48.05 -23.29
C ARG A 364 -22.03 -48.58 -23.70
N GLY A 365 -21.19 -47.72 -24.27
CA GLY A 365 -19.81 -48.10 -24.54
C GLY A 365 -19.44 -48.28 -26.00
N LYS A 366 -20.43 -48.34 -26.89
CA LYS A 366 -20.16 -48.43 -28.32
C LYS A 366 -19.57 -47.13 -28.85
N GLU A 367 -18.92 -47.20 -30.00
CA GLU A 367 -18.34 -46.03 -30.63
C GLU A 367 -18.60 -45.98 -32.11
N GLY A 368 -18.79 -44.77 -32.64
CA GLY A 368 -18.99 -44.57 -34.07
C GLY A 368 -19.36 -43.16 -34.46
N ILE A 369 -19.64 -42.97 -35.75
CA ILE A 369 -20.08 -41.68 -36.28
C ILE A 369 -21.58 -41.62 -36.13
N ILE A 370 -22.12 -40.45 -35.77
CA ILE A 370 -23.58 -40.27 -35.74
C ILE A 370 -24.16 -39.28 -36.74
N SER A 371 -23.32 -38.41 -37.30
CA SER A 371 -23.76 -37.52 -38.37
C SER A 371 -24.17 -38.28 -39.64
N THR A 372 -25.12 -37.74 -40.38
CA THR A 372 -25.53 -38.34 -41.65
C THR A 372 -24.41 -38.18 -42.66
N PRO A 373 -24.27 -39.13 -43.60
CA PRO A 373 -23.36 -39.02 -44.73
C PRO A 373 -23.19 -37.58 -45.26
N ASP A 374 -24.31 -36.89 -45.49
CA ASP A 374 -24.32 -35.55 -46.10
C ASP A 374 -23.99 -34.41 -45.13
N SER A 375 -23.99 -34.71 -43.84
CA SER A 375 -23.71 -33.72 -42.79
C SER A 375 -22.36 -33.02 -42.94
N ARG A 376 -22.38 -31.69 -42.93
CA ARG A 376 -21.19 -30.88 -43.19
C ARG A 376 -20.19 -30.86 -42.03
N VAL A 377 -20.68 -31.09 -40.82
CA VAL A 377 -19.81 -31.26 -39.64
C VAL A 377 -20.07 -32.66 -39.10
N LYS A 378 -19.00 -33.42 -38.89
CA LYS A 378 -19.12 -34.80 -38.47
C LYS A 378 -19.32 -34.89 -36.97
N VAL A 379 -20.20 -35.77 -36.53
CA VAL A 379 -20.46 -35.93 -35.08
C VAL A 379 -20.18 -37.38 -34.69
N LEU A 380 -19.35 -37.55 -33.66
CA LEU A 380 -18.87 -38.87 -33.24
C LEU A 380 -19.08 -39.14 -31.76
N VAL A 381 -19.38 -40.39 -31.41
CA VAL A 381 -19.36 -40.83 -30.03
C VAL A 381 -18.11 -41.67 -29.85
N VAL A 382 -17.19 -41.18 -29.03
CA VAL A 382 -15.93 -41.89 -28.78
C VAL A 382 -15.77 -42.12 -27.30
N PRO A 383 -16.17 -43.31 -26.81
CA PRO A 383 -16.04 -43.59 -25.39
C PRO A 383 -14.62 -43.36 -24.94
N THR A 384 -14.47 -42.60 -23.86
CA THR A 384 -13.17 -42.23 -23.37
C THR A 384 -12.54 -43.39 -22.62
N ASN A 385 -11.22 -43.44 -22.65
CA ASN A 385 -10.42 -44.44 -21.98
C ASN A 385 -9.13 -43.77 -21.52
N GLU A 386 -9.25 -42.98 -20.45
CA GLU A 386 -8.15 -42.17 -19.97
C GLU A 386 -6.99 -43.02 -19.50
N GLU A 387 -7.30 -44.22 -19.00
CA GLU A 387 -6.28 -45.14 -18.49
C GLU A 387 -5.37 -45.63 -19.60
N LEU A 388 -5.99 -46.12 -20.69
CA LEU A 388 -5.25 -46.56 -21.85
C LEU A 388 -4.36 -45.45 -22.37
N MET A 389 -4.87 -44.23 -22.37
CA MET A 389 -4.09 -43.08 -22.77
C MET A 389 -2.83 -42.96 -21.92
N ILE A 390 -2.96 -43.16 -20.61
CA ILE A 390 -1.81 -43.10 -19.70
C ILE A 390 -0.83 -44.22 -20.02
N ALA A 391 -1.35 -45.44 -20.13
CA ALA A 391 -0.54 -46.60 -20.46
C ALA A 391 0.30 -46.36 -21.72
N ARG A 392 -0.31 -45.71 -22.72
CA ARG A 392 0.36 -45.40 -23.98
C ARG A 392 1.46 -44.36 -23.87
N ASP A 393 1.29 -43.35 -23.01
CA ASP A 393 2.33 -42.35 -22.76
C ASP A 393 3.46 -42.98 -21.98
N THR A 394 3.10 -43.83 -21.01
CA THR A 394 4.07 -44.57 -20.21
C THR A 394 4.92 -45.45 -21.12
N LYS A 395 4.25 -46.22 -21.98
CA LYS A 395 4.90 -47.09 -22.96
C LYS A 395 5.93 -46.35 -23.79
N GLU A 396 5.52 -45.24 -24.40
CA GLU A 396 6.43 -44.46 -25.24
C GLU A 396 7.65 -43.98 -24.49
N ILE A 397 7.44 -43.30 -23.35
CA ILE A 397 8.54 -42.80 -22.54
C ILE A 397 9.49 -43.92 -22.08
N VAL A 398 8.91 -45.00 -21.52
CA VAL A 398 9.67 -46.11 -20.98
C VAL A 398 10.57 -46.79 -22.01
N GLU A 399 10.07 -46.98 -23.24
CA GLU A 399 10.90 -47.44 -24.37
C GLU A 399 11.97 -46.36 -24.65
N LYS A 400 13.14 -46.52 -24.02
CA LYS A 400 14.24 -45.54 -24.08
C LYS A 400 15.26 -45.82 -22.99
N MET B 1 -44.89 16.63 -31.81
CA MET B 1 -44.96 16.42 -30.33
C MET B 1 -43.55 16.55 -29.74
N ARG B 2 -43.45 17.07 -28.51
CA ARG B 2 -42.14 17.32 -27.89
C ARG B 2 -41.88 16.49 -26.65
N VAL B 3 -40.96 15.54 -26.77
CA VAL B 3 -40.58 14.68 -25.65
C VAL B 3 -39.27 15.15 -25.02
N LEU B 4 -39.30 15.26 -23.69
CA LEU B 4 -38.11 15.51 -22.92
C LEU B 4 -37.64 14.17 -22.42
N VAL B 5 -36.43 13.77 -22.82
CA VAL B 5 -35.87 12.48 -22.45
C VAL B 5 -34.88 12.70 -21.33
N ILE B 6 -35.08 11.95 -20.24
CA ILE B 6 -34.25 12.04 -19.05
C ILE B 6 -33.49 10.74 -18.70
N ASN B 7 -32.26 10.89 -18.24
CA ASN B 7 -31.50 9.77 -17.73
C ASN B 7 -30.79 10.22 -16.47
N SER B 8 -31.39 9.90 -15.33
CA SER B 8 -30.84 10.29 -14.01
C SER B 8 -30.05 9.18 -13.30
N GLY B 9 -28.75 9.41 -13.21
CA GLY B 9 -27.89 8.53 -12.44
C GLY B 9 -27.66 9.18 -11.10
N SER B 10 -26.97 8.46 -10.23
CA SER B 10 -26.78 8.88 -8.85
C SER B 10 -26.21 10.29 -8.71
N SER B 11 -25.38 10.69 -9.67
CA SER B 11 -24.60 11.92 -9.54
C SER B 11 -25.04 13.02 -10.52
N SER B 12 -25.89 12.65 -11.49
CA SER B 12 -26.24 13.54 -12.61
C SER B 12 -27.57 13.23 -13.27
N ILE B 13 -28.19 14.26 -13.86
CA ILE B 13 -29.28 14.08 -14.80
C ILE B 13 -28.80 14.52 -16.17
N LYS B 14 -29.01 13.70 -17.18
CA LYS B 14 -28.72 14.15 -18.53
C LYS B 14 -29.96 14.06 -19.40
N TYR B 15 -30.19 15.11 -20.17
CA TYR B 15 -31.42 15.29 -20.90
C TYR B 15 -31.32 15.61 -22.39
N GLN B 16 -32.33 15.19 -23.12
CA GLN B 16 -32.49 15.62 -24.51
C GLN B 16 -33.92 16.09 -24.71
N LEU B 17 -34.11 17.11 -25.48
CA LEU B 17 -35.44 17.61 -25.84
C LEU B 17 -35.66 17.34 -27.32
N ILE B 18 -36.42 16.29 -27.64
CA ILE B 18 -36.60 15.86 -29.05
C ILE B 18 -37.93 16.23 -29.73
N GLU B 19 -37.87 16.63 -30.99
CA GLU B 19 -39.10 16.93 -31.69
C GLU B 19 -39.41 15.75 -32.59
N MET B 20 -40.30 14.94 -32.05
CA MET B 20 -40.79 13.72 -32.63
C MET B 20 -41.00 13.88 -34.12
N GLU B 21 -41.81 14.83 -34.51
CA GLU B 21 -42.05 15.01 -35.93
C GLU B 21 -40.79 15.11 -36.73
N GLY B 22 -39.86 15.95 -36.36
CA GLY B 22 -38.67 15.97 -37.14
C GLY B 22 -37.68 14.94 -36.56
N GLU B 23 -38.00 14.43 -35.38
CA GLU B 23 -37.07 13.52 -34.68
C GLU B 23 -35.73 14.26 -34.56
N LYS B 24 -35.84 15.55 -34.21
CA LYS B 24 -34.72 16.48 -34.05
C LYS B 24 -34.43 16.81 -32.60
N VAL B 25 -33.16 16.77 -32.26
CA VAL B 25 -32.73 17.14 -30.92
C VAL B 25 -32.68 18.67 -30.91
N LEU B 26 -33.60 19.26 -30.16
CA LEU B 26 -33.66 20.69 -30.06
C LEU B 26 -32.53 21.20 -29.18
N CYS B 27 -32.23 20.45 -28.13
CA CYS B 27 -31.09 20.71 -27.28
C CYS B 27 -30.87 19.49 -26.43
N LYS B 28 -29.66 19.37 -25.89
CA LYS B 28 -29.34 18.35 -24.89
C LYS B 28 -28.33 18.89 -23.90
N GLY B 29 -28.11 18.16 -22.82
CA GLY B 29 -27.11 18.54 -21.85
C GLY B 29 -27.04 17.61 -20.66
N ILE B 30 -26.35 18.07 -19.62
CA ILE B 30 -26.17 17.30 -18.40
C ILE B 30 -26.07 18.24 -17.19
N ALA B 31 -26.77 17.87 -16.12
CA ALA B 31 -26.58 18.52 -14.84
C ALA B 31 -25.63 17.63 -14.04
N GLU B 32 -24.45 18.15 -13.76
CA GLU B 32 -23.37 17.33 -13.20
C GLU B 32 -23.13 17.59 -11.74
N ARG B 33 -22.52 16.60 -11.09
CA ARG B 33 -22.04 16.74 -9.71
C ARG B 33 -23.12 17.17 -8.72
N ILE B 34 -24.32 16.62 -8.89
CA ILE B 34 -25.40 16.84 -7.97
C ILE B 34 -25.02 16.26 -6.61
N GLY B 35 -25.14 17.07 -5.57
CA GLY B 35 -24.82 16.66 -4.21
C GLY B 35 -23.41 17.02 -3.83
N ILE B 36 -22.50 16.99 -4.80
CA ILE B 36 -21.09 17.30 -4.58
C ILE B 36 -20.85 18.78 -4.82
N GLU B 37 -19.68 19.26 -4.43
CA GLU B 37 -19.31 20.65 -4.63
C GLU B 37 -19.07 20.98 -6.10
N GLY B 38 -19.34 22.23 -6.45
CA GLY B 38 -19.17 22.73 -7.81
C GLY B 38 -20.03 21.99 -8.80
N SER B 39 -21.28 21.72 -8.41
CA SER B 39 -22.25 21.14 -9.32
C SER B 39 -22.53 22.17 -10.40
N ARG B 40 -22.94 21.70 -11.57
CA ARG B 40 -23.12 22.56 -12.73
C ARG B 40 -23.98 21.93 -13.83
N LEU B 41 -24.48 22.78 -14.72
CA LEU B 41 -25.24 22.34 -15.88
C LEU B 41 -24.48 22.68 -17.15
N VAL B 42 -24.19 21.65 -17.94
CA VAL B 42 -23.63 21.84 -19.28
C VAL B 42 -24.78 21.69 -20.28
N HIS B 43 -25.03 22.76 -21.03
CA HIS B 43 -26.19 22.84 -21.90
C HIS B 43 -25.79 23.14 -23.33
N ARG B 44 -26.18 22.26 -24.24
CA ARG B 44 -25.83 22.37 -25.66
C ARG B 44 -27.06 22.69 -26.49
N VAL B 45 -26.96 23.78 -27.27
CA VAL B 45 -27.98 24.17 -28.25
C VAL B 45 -27.29 24.34 -29.61
N GLY B 46 -27.20 23.24 -30.36
CA GLY B 46 -26.44 23.23 -31.61
C GLY B 46 -24.96 23.33 -31.30
N ASP B 47 -24.30 24.34 -31.87
CA ASP B 47 -22.86 24.56 -31.73
C ASP B 47 -22.41 25.06 -30.37
N GLU B 48 -23.31 25.79 -29.70
CA GLU B 48 -22.99 26.46 -28.45
C GLU B 48 -23.05 25.51 -27.25
N LYS B 49 -22.09 25.69 -26.34
CA LYS B 49 -22.03 24.92 -25.10
C LYS B 49 -21.99 25.92 -23.95
N HIS B 50 -23.07 25.96 -23.18
CA HIS B 50 -23.16 26.88 -22.04
C HIS B 50 -22.99 26.18 -20.70
N VAL B 51 -22.13 26.75 -19.86
CA VAL B 51 -21.84 26.23 -18.53
C VAL B 51 -22.48 27.13 -17.50
N ILE B 52 -23.37 26.57 -16.69
CA ILE B 52 -23.94 27.29 -15.54
C ILE B 52 -23.52 26.68 -14.20
N GLU B 53 -22.79 27.49 -13.43
CA GLU B 53 -22.34 27.12 -12.08
C GLU B 53 -23.47 27.39 -11.09
N ARG B 54 -23.72 26.41 -10.21
CA ARG B 54 -24.71 26.55 -9.14
C ARG B 54 -24.75 25.32 -8.23
N GLU B 55 -25.12 25.55 -6.98
CA GLU B 55 -25.38 24.47 -6.03
C GLU B 55 -26.60 23.71 -6.45
N LEU B 56 -26.46 22.39 -6.61
CA LEU B 56 -27.60 21.52 -6.84
C LEU B 56 -27.55 20.41 -5.82
N PRO B 57 -28.26 20.58 -4.69
CA PRO B 57 -28.18 19.58 -3.59
C PRO B 57 -28.81 18.23 -3.94
N ASP B 58 -29.85 18.22 -4.77
CA ASP B 58 -30.49 16.99 -5.20
C ASP B 58 -31.04 17.08 -6.61
N HIS B 59 -31.66 16.00 -7.07
CA HIS B 59 -32.14 15.89 -8.44
C HIS B 59 -33.27 16.84 -8.78
N GLU B 60 -34.10 17.18 -7.81
CA GLU B 60 -35.19 18.10 -8.05
C GLU B 60 -34.68 19.49 -8.35
N GLU B 61 -33.86 20.05 -7.48
CA GLU B 61 -33.29 21.38 -7.71
C GLU B 61 -32.49 21.41 -9.01
N ALA B 62 -31.90 20.26 -9.37
CA ALA B 62 -31.16 20.10 -10.62
C ALA B 62 -32.09 20.10 -11.82
N LEU B 63 -33.20 19.38 -11.74
CA LEU B 63 -34.15 19.34 -12.85
C LEU B 63 -34.80 20.70 -13.06
N LYS B 64 -35.02 21.41 -11.95
CA LYS B 64 -35.53 22.78 -12.00
C LYS B 64 -34.63 23.65 -12.88
N LEU B 65 -33.34 23.71 -12.55
CA LEU B 65 -32.35 24.45 -13.35
C LEU B 65 -32.36 24.07 -14.85
N ILE B 66 -32.57 22.78 -15.12
CA ILE B 66 -32.68 22.31 -16.50
C ILE B 66 -33.92 22.92 -17.15
N LEU B 67 -35.06 22.78 -16.49
CA LEU B 67 -36.33 23.27 -17.01
C LEU B 67 -36.30 24.78 -17.21
N ASN B 68 -35.81 25.51 -16.21
CA ASN B 68 -35.64 26.97 -16.33
C ASN B 68 -34.88 27.39 -17.59
N THR B 69 -33.78 26.71 -17.86
CA THR B 69 -32.92 27.11 -18.94
C THR B 69 -33.43 26.60 -20.29
N LEU B 70 -34.35 25.63 -20.29
CA LEU B 70 -35.04 25.23 -21.52
C LEU B 70 -35.91 26.38 -22.05
N VAL B 71 -36.25 27.29 -21.14
CA VAL B 71 -37.21 28.38 -21.37
C VAL B 71 -36.53 29.76 -21.39
N ASP B 72 -35.48 29.94 -20.59
CA ASP B 72 -34.66 31.16 -20.62
C ASP B 72 -34.40 31.55 -22.07
N GLU B 73 -34.83 32.73 -22.46
CA GLU B 73 -34.81 33.07 -23.86
C GLU B 73 -33.47 33.60 -24.37
N LYS B 74 -32.39 33.27 -23.66
CA LYS B 74 -31.05 33.44 -24.21
C LYS B 74 -30.45 32.10 -24.56
N LEU B 75 -30.58 31.15 -23.64
CA LEU B 75 -30.05 29.80 -23.81
C LEU B 75 -31.18 28.79 -24.06
N GLY B 76 -32.39 29.29 -24.29
CA GLY B 76 -33.58 28.46 -24.35
C GLY B 76 -33.92 27.94 -25.73
N VAL B 77 -35.01 27.17 -25.80
CA VAL B 77 -35.38 26.44 -27.01
C VAL B 77 -36.90 26.35 -27.19
N ILE B 78 -37.63 26.63 -26.12
CA ILE B 78 -39.10 26.60 -26.12
C ILE B 78 -39.67 27.81 -25.35
N LYS B 79 -40.78 28.38 -25.82
CA LYS B 79 -41.40 29.56 -25.21
C LYS B 79 -41.93 29.33 -23.79
N ASP B 80 -42.72 28.27 -23.65
CA ASP B 80 -43.38 27.89 -22.38
C ASP B 80 -42.75 26.63 -21.81
N LEU B 81 -43.20 26.22 -20.64
CA LEU B 81 -42.94 24.86 -20.19
C LEU B 81 -44.08 23.96 -20.66
N LYS B 82 -45.15 24.59 -21.13
CA LYS B 82 -46.31 23.87 -21.65
C LYS B 82 -45.97 23.18 -22.98
N GLU B 83 -44.84 23.61 -23.57
CA GLU B 83 -44.34 23.09 -24.84
C GLU B 83 -43.91 21.63 -24.77
N ILE B 84 -43.38 21.23 -23.60
CA ILE B 84 -43.02 19.84 -23.32
C ILE B 84 -44.30 19.01 -23.26
N ASP B 85 -44.52 18.19 -24.29
CA ASP B 85 -45.73 17.38 -24.38
C ASP B 85 -45.70 16.08 -23.54
N ALA B 86 -44.50 15.53 -23.30
CA ALA B 86 -44.32 14.33 -22.47
C ALA B 86 -42.89 14.19 -21.97
N VAL B 87 -42.66 13.37 -20.95
CA VAL B 87 -41.31 13.12 -20.43
C VAL B 87 -40.99 11.61 -20.39
N GLY B 88 -39.90 11.22 -21.02
CA GLY B 88 -39.47 9.81 -21.01
C GLY B 88 -38.22 9.54 -20.18
N HIS B 89 -38.32 8.59 -19.27
CA HIS B 89 -37.26 8.29 -18.31
C HIS B 89 -36.61 6.95 -18.57
N ARG B 90 -35.28 6.91 -18.46
CA ARG B 90 -34.55 5.66 -18.44
C ARG B 90 -34.54 5.10 -17.02
N VAL B 91 -35.12 3.92 -16.84
CA VAL B 91 -35.07 3.22 -15.56
C VAL B 91 -34.25 1.96 -15.80
N VAL B 92 -33.16 1.81 -15.06
CA VAL B 92 -32.26 0.68 -15.28
C VAL B 92 -32.95 -0.68 -15.13
N HIS B 93 -33.58 -0.93 -13.99
CA HIS B 93 -34.08 -2.27 -13.72
C HIS B 93 -35.58 -2.31 -13.61
N GLY B 94 -36.17 -3.20 -14.42
CA GLY B 94 -37.61 -3.40 -14.43
C GLY B 94 -38.03 -4.70 -13.78
N GLY B 95 -37.08 -5.61 -13.59
CA GLY B 95 -37.35 -6.92 -13.02
C GLY B 95 -38.20 -7.74 -13.96
N GLU B 96 -38.98 -8.67 -13.40
CA GLU B 96 -39.88 -9.53 -14.16
C GLU B 96 -41.24 -8.90 -14.46
N ARG B 97 -41.62 -7.87 -13.69
CA ARG B 97 -42.91 -7.19 -13.88
C ARG B 97 -42.99 -6.50 -15.21
N PHE B 98 -42.05 -5.60 -15.47
CA PHE B 98 -42.17 -4.71 -16.61
C PHE B 98 -41.61 -5.29 -17.89
N LYS B 99 -42.50 -5.71 -18.79
CA LYS B 99 -42.11 -6.33 -20.06
C LYS B 99 -41.81 -5.29 -21.14
N GLU B 100 -42.41 -4.11 -21.02
CA GLU B 100 -42.26 -3.04 -22.01
C GLU B 100 -42.48 -1.71 -21.31
N SER B 101 -42.17 -0.60 -21.98
CA SER B 101 -42.37 0.75 -21.41
C SER B 101 -43.81 1.03 -20.94
N VAL B 102 -43.95 1.82 -19.87
CA VAL B 102 -45.25 2.07 -19.24
C VAL B 102 -45.42 3.56 -18.93
N LEU B 103 -46.68 4.01 -19.00
CA LEU B 103 -47.07 5.32 -18.47
C LEU B 103 -47.06 5.25 -16.94
N VAL B 104 -46.37 6.20 -16.32
CA VAL B 104 -46.16 6.20 -14.87
C VAL B 104 -47.38 6.76 -14.17
N ASP B 105 -47.95 5.96 -13.26
CA ASP B 105 -48.92 6.45 -12.28
C ASP B 105 -48.45 5.99 -10.90
N GLU B 106 -49.26 6.16 -9.86
CA GLU B 106 -48.83 5.78 -8.51
C GLU B 106 -48.49 4.30 -8.43
N GLU B 107 -49.30 3.49 -9.11
CA GLU B 107 -49.14 2.04 -9.16
C GLU B 107 -47.80 1.64 -9.69
N VAL B 108 -47.46 2.21 -10.85
CA VAL B 108 -46.20 1.96 -11.52
C VAL B 108 -45.02 2.42 -10.65
N LEU B 109 -45.17 3.60 -10.06
CA LEU B 109 -44.15 4.20 -9.20
C LEU B 109 -43.80 3.34 -7.98
N LYS B 110 -44.83 2.80 -7.33
CA LYS B 110 -44.68 1.88 -6.20
C LYS B 110 -44.03 0.57 -6.68
N ALA B 111 -44.47 0.10 -7.83
CA ALA B 111 -43.97 -1.13 -8.43
C ALA B 111 -42.51 -1.03 -8.86
N ILE B 112 -42.05 0.18 -9.16
CA ILE B 112 -40.65 0.41 -9.49
C ILE B 112 -39.78 0.34 -8.24
N GLU B 113 -40.24 0.97 -7.16
CA GLU B 113 -39.54 0.93 -5.88
C GLU B 113 -39.36 -0.50 -5.42
N GLU B 114 -40.39 -1.31 -5.61
CA GLU B 114 -40.34 -2.72 -5.23
C GLU B 114 -39.24 -3.51 -5.95
N VAL B 115 -38.91 -3.07 -7.16
CA VAL B 115 -37.87 -3.69 -7.99
C VAL B 115 -36.48 -3.08 -7.69
N SER B 116 -36.48 -1.88 -7.09
CA SER B 116 -35.25 -1.14 -6.81
C SER B 116 -34.10 -1.91 -6.14
N PRO B 117 -34.41 -2.80 -5.17
CA PRO B 117 -33.32 -3.57 -4.54
C PRO B 117 -32.53 -4.49 -5.49
N LEU B 118 -33.04 -4.70 -6.71
CA LEU B 118 -32.33 -5.49 -7.73
C LEU B 118 -31.31 -4.66 -8.54
N ALA B 119 -31.24 -3.35 -8.28
CA ALA B 119 -30.23 -2.48 -8.88
C ALA B 119 -30.07 -1.25 -7.99
N PRO B 120 -29.67 -1.47 -6.72
CA PRO B 120 -29.68 -0.43 -5.68
C PRO B 120 -28.88 0.80 -6.03
N LEU B 121 -27.95 0.66 -6.95
CA LEU B 121 -27.10 1.79 -7.31
C LEU B 121 -27.69 2.65 -8.44
N HIS B 122 -28.77 2.17 -9.06
CA HIS B 122 -29.34 2.87 -10.21
C HIS B 122 -30.81 3.27 -10.08
N ASN B 123 -31.69 2.30 -9.79
CA ASN B 123 -33.11 2.60 -9.70
C ASN B 123 -33.47 3.80 -8.82
N PRO B 124 -32.96 3.86 -7.57
CA PRO B 124 -33.28 5.00 -6.71
C PRO B 124 -33.15 6.34 -7.41
N ALA B 125 -32.02 6.59 -8.07
CA ALA B 125 -31.80 7.84 -8.79
C ALA B 125 -32.71 8.02 -10.02
N ASN B 126 -33.19 6.92 -10.60
CA ASN B 126 -34.15 7.01 -11.69
C ASN B 126 -35.47 7.57 -11.19
N LEU B 127 -36.02 6.93 -10.16
CA LEU B 127 -37.23 7.38 -9.50
C LEU B 127 -37.14 8.83 -9.10
N MET B 128 -36.00 9.23 -8.54
CA MET B 128 -35.76 10.61 -8.13
C MET B 128 -36.07 11.54 -9.27
N GLY B 129 -35.67 11.11 -10.47
CA GLY B 129 -35.89 11.86 -11.71
C GLY B 129 -37.33 11.89 -12.12
N ILE B 130 -38.00 10.75 -12.05
CA ILE B 130 -39.43 10.66 -12.29
C ILE B 130 -40.22 11.55 -11.31
N LYS B 131 -40.05 11.33 -10.00
CA LYS B 131 -40.79 12.09 -9.00
C LYS B 131 -40.58 13.60 -9.12
N ALA B 132 -39.35 14.00 -9.41
CA ALA B 132 -39.03 15.40 -9.64
C ALA B 132 -39.74 15.94 -10.89
N ALA B 133 -39.80 15.12 -11.94
CA ALA B 133 -40.41 15.54 -13.18
C ALA B 133 -41.91 15.68 -13.03
N MET B 134 -42.54 14.75 -12.32
CA MET B 134 -43.98 14.84 -12.09
C MET B 134 -44.34 16.04 -11.23
N LYS B 135 -43.47 16.37 -10.27
CA LYS B 135 -43.68 17.51 -9.39
C LYS B 135 -43.59 18.83 -10.14
N LEU B 136 -42.53 19.02 -10.91
CA LEU B 136 -42.28 20.29 -11.56
C LEU B 136 -43.06 20.46 -12.86
N LEU B 137 -43.57 19.37 -13.40
CA LEU B 137 -44.41 19.42 -14.60
C LEU B 137 -45.73 18.69 -14.36
N PRO B 138 -46.57 19.21 -13.45
CA PRO B 138 -47.84 18.56 -13.10
C PRO B 138 -48.71 18.39 -14.34
N GLY B 139 -49.31 17.22 -14.49
CA GLY B 139 -50.22 16.96 -15.59
C GLY B 139 -49.54 16.37 -16.81
N VAL B 140 -48.27 16.69 -17.00
CA VAL B 140 -47.50 16.14 -18.11
C VAL B 140 -47.23 14.68 -17.83
N PRO B 141 -47.62 13.79 -18.76
CA PRO B 141 -47.40 12.35 -18.59
C PRO B 141 -45.92 11.97 -18.59
N ASN B 142 -45.54 11.01 -17.73
CA ASN B 142 -44.19 10.45 -17.74
C ASN B 142 -44.22 8.98 -18.16
N VAL B 143 -43.28 8.59 -19.00
CA VAL B 143 -43.14 7.21 -19.42
C VAL B 143 -41.80 6.64 -18.97
N ALA B 144 -41.86 5.44 -18.39
CA ALA B 144 -40.66 4.75 -17.96
C ALA B 144 -40.26 3.72 -19.01
N VAL B 145 -39.01 3.74 -19.44
CA VAL B 145 -38.49 2.75 -20.39
C VAL B 145 -37.37 1.93 -19.73
N PHE B 146 -37.56 0.61 -19.67
CA PHE B 146 -36.70 -0.24 -18.84
C PHE B 146 -35.54 -0.94 -19.55
N ASP B 147 -34.33 -0.70 -19.04
CA ASP B 147 -33.13 -1.37 -19.54
C ASP B 147 -33.20 -2.89 -19.57
N THR B 148 -34.06 -3.48 -18.74
CA THR B 148 -34.16 -4.93 -18.67
C THR B 148 -35.30 -5.51 -19.47
N ALA B 149 -36.19 -4.64 -19.94
CA ALA B 149 -37.45 -5.06 -20.52
C ALA B 149 -37.30 -5.85 -21.80
N PHE B 150 -36.44 -5.40 -22.71
CA PHE B 150 -36.28 -6.09 -23.98
C PHE B 150 -35.93 -7.56 -23.81
N HIS B 151 -35.27 -7.84 -22.68
CA HIS B 151 -34.72 -9.16 -22.36
C HIS B 151 -35.71 -10.07 -21.67
N GLN B 152 -36.91 -9.56 -21.36
CA GLN B 152 -37.92 -10.37 -20.67
C GLN B 152 -38.50 -11.52 -21.48
N THR B 153 -38.16 -11.59 -22.76
CA THR B 153 -38.61 -12.66 -23.65
C THR B 153 -37.70 -13.89 -23.58
N ILE B 154 -36.53 -13.75 -22.96
CA ILE B 154 -35.57 -14.83 -22.76
C ILE B 154 -36.22 -16.02 -22.03
N PRO B 155 -36.12 -17.22 -22.62
CA PRO B 155 -36.74 -18.44 -22.08
C PRO B 155 -36.08 -18.88 -20.79
N GLN B 156 -36.70 -19.83 -20.11
CA GLN B 156 -36.19 -20.31 -18.83
C GLN B 156 -34.82 -20.97 -18.95
N LYS B 157 -34.64 -21.78 -19.99
CA LYS B 157 -33.38 -22.50 -20.21
C LYS B 157 -32.18 -21.55 -20.17
N ALA B 158 -32.45 -20.25 -20.33
CA ALA B 158 -31.40 -19.26 -20.56
C ALA B 158 -31.19 -18.28 -19.43
N TYR B 159 -32.21 -18.09 -18.60
CA TYR B 159 -32.13 -17.13 -17.48
C TYR B 159 -31.93 -17.73 -16.08
N LEU B 160 -32.08 -19.04 -15.95
CA LEU B 160 -31.83 -19.70 -14.67
C LEU B 160 -30.37 -20.12 -14.53
N TYR B 161 -29.74 -19.74 -13.43
CA TYR B 161 -28.39 -20.21 -13.17
C TYR B 161 -28.40 -21.62 -12.57
N ALA B 162 -27.33 -22.37 -12.79
CA ALA B 162 -27.21 -23.71 -12.24
C ALA B 162 -26.84 -23.67 -10.75
N ILE B 163 -27.67 -22.94 -10.01
CA ILE B 163 -27.52 -22.81 -8.56
C ILE B 163 -28.83 -23.27 -7.90
N PRO B 164 -28.82 -23.51 -6.58
CA PRO B 164 -30.07 -23.92 -5.95
C PRO B 164 -31.23 -23.05 -6.39
N TYR B 165 -32.33 -23.68 -6.80
CA TYR B 165 -33.49 -22.97 -7.35
C TYR B 165 -34.15 -22.08 -6.30
N GLU B 166 -34.05 -22.50 -5.03
CA GLU B 166 -34.43 -21.68 -3.88
C GLU B 166 -34.00 -20.24 -4.04
N TYR B 167 -32.80 -20.02 -4.61
CA TYR B 167 -32.25 -18.67 -4.75
C TYR B 167 -33.05 -17.82 -5.72
N TYR B 168 -33.71 -18.46 -6.69
CA TYR B 168 -34.62 -17.75 -7.60
C TYR B 168 -35.97 -17.52 -6.92
N GLU B 169 -36.48 -18.58 -6.27
CA GLU B 169 -37.74 -18.53 -5.55
C GLU B 169 -37.70 -17.41 -4.56
N LYS B 170 -36.64 -17.38 -3.75
CA LYS B 170 -36.52 -16.44 -2.64
C LYS B 170 -36.05 -15.03 -3.03
N TYR B 171 -35.03 -14.90 -3.88
CA TYR B 171 -34.49 -13.57 -4.21
C TYR B 171 -34.66 -13.14 -5.66
N LYS B 172 -35.31 -13.97 -6.48
CA LYS B 172 -35.46 -13.70 -7.92
C LYS B 172 -34.10 -13.52 -8.60
N ILE B 173 -33.16 -14.41 -8.29
CA ILE B 173 -31.84 -14.39 -8.91
C ILE B 173 -31.88 -15.12 -10.25
N ARG B 174 -31.88 -14.34 -11.34
CA ARG B 174 -31.90 -14.90 -12.68
C ARG B 174 -31.07 -13.98 -13.58
N ARG B 175 -30.93 -14.34 -14.84
CA ARG B 175 -30.35 -13.40 -15.78
C ARG B 175 -31.41 -12.35 -16.12
N TYR B 176 -31.10 -11.08 -15.95
CA TYR B 176 -32.02 -10.02 -16.41
C TYR B 176 -31.54 -9.36 -17.69
N GLY B 177 -30.22 -9.14 -17.77
CA GLY B 177 -29.59 -8.49 -18.92
C GLY B 177 -29.78 -6.99 -18.89
N PHE B 178 -28.90 -6.24 -19.57
CA PHE B 178 -28.99 -4.79 -19.60
C PHE B 178 -28.63 -4.27 -20.96
N HIS B 179 -28.66 -2.96 -21.15
CA HIS B 179 -28.57 -2.34 -22.47
C HIS B 179 -29.76 -2.73 -23.33
N GLY B 180 -30.87 -3.04 -22.66
CA GLY B 180 -32.05 -3.57 -23.32
C GLY B 180 -32.55 -2.66 -24.43
N THR B 181 -32.75 -1.39 -24.09
CA THR B 181 -33.35 -0.50 -25.07
C THR B 181 -32.36 -0.11 -26.17
N SER B 182 -31.08 -0.44 -26.00
CA SER B 182 -30.09 -0.26 -27.06
C SER B 182 -30.07 -1.45 -28.01
N HIS B 183 -30.02 -2.67 -27.46
CA HIS B 183 -30.16 -3.87 -28.26
C HIS B 183 -31.45 -3.86 -29.04
N ARG B 184 -32.51 -3.37 -28.42
CA ARG B 184 -33.79 -3.27 -29.08
C ARG B 184 -33.71 -2.27 -30.22
N TYR B 185 -33.07 -1.12 -29.98
CA TYR B 185 -33.01 -0.07 -30.99
C TYR B 185 -32.25 -0.49 -32.23
N VAL B 186 -31.07 -1.06 -32.02
CA VAL B 186 -30.20 -1.36 -33.14
C VAL B 186 -30.64 -2.58 -33.95
N SER B 187 -31.19 -3.58 -33.26
CA SER B 187 -31.74 -4.77 -33.94
C SER B 187 -32.87 -4.38 -34.88
N LYS B 188 -33.74 -3.50 -34.41
CA LYS B 188 -34.85 -2.98 -35.21
C LYS B 188 -34.34 -2.14 -36.38
N ARG B 189 -33.39 -1.23 -36.09
CA ARG B 189 -32.79 -0.35 -37.10
C ARG B 189 -32.06 -1.12 -38.19
N ALA B 190 -31.37 -2.19 -37.79
CA ALA B 190 -30.65 -3.04 -38.72
C ALA B 190 -31.62 -3.71 -39.71
N ALA B 191 -32.72 -4.25 -39.19
CA ALA B 191 -33.74 -4.89 -40.03
C ALA B 191 -34.29 -3.93 -41.08
N GLU B 192 -34.52 -2.67 -40.68
CA GLU B 192 -34.97 -1.63 -41.61
C GLU B 192 -33.95 -1.40 -42.73
N ILE B 193 -32.67 -1.34 -42.38
CA ILE B 193 -31.59 -1.11 -43.33
C ILE B 193 -31.47 -2.26 -44.34
N LEU B 194 -31.76 -3.47 -43.89
CA LEU B 194 -31.72 -4.65 -44.74
C LEU B 194 -32.98 -4.83 -45.59
N GLY B 195 -33.99 -3.99 -45.36
CA GLY B 195 -35.26 -4.03 -46.09
C GLY B 195 -36.04 -5.30 -45.82
N LYS B 196 -35.92 -5.81 -44.59
CA LYS B 196 -36.57 -7.05 -44.18
C LYS B 196 -37.29 -6.94 -42.82
N LYS B 197 -38.39 -7.68 -42.69
CA LYS B 197 -39.14 -7.72 -41.43
C LYS B 197 -38.29 -8.33 -40.32
N LEU B 198 -38.38 -7.74 -39.15
CA LEU B 198 -37.62 -8.17 -37.99
C LEU B 198 -37.94 -9.61 -37.55
N GLU B 199 -39.17 -10.05 -37.77
CA GLU B 199 -39.63 -11.37 -37.33
C GLU B 199 -39.13 -12.53 -38.18
N GLU B 200 -38.35 -12.23 -39.23
CA GLU B 200 -37.72 -13.28 -40.04
C GLU B 200 -36.20 -13.08 -40.13
N LEU B 201 -35.63 -12.50 -39.08
CA LEU B 201 -34.20 -12.32 -38.98
C LEU B 201 -33.66 -12.79 -37.63
N LYS B 202 -32.52 -13.47 -37.68
CA LYS B 202 -31.78 -13.82 -36.50
C LYS B 202 -30.64 -12.83 -36.40
N ILE B 203 -30.75 -11.89 -35.47
CA ILE B 203 -29.72 -10.87 -35.32
C ILE B 203 -28.97 -10.99 -33.98
N ILE B 204 -27.64 -10.91 -34.05
CA ILE B 204 -26.79 -10.81 -32.89
C ILE B 204 -26.30 -9.37 -32.78
N THR B 205 -26.67 -8.70 -31.68
CA THR B 205 -26.31 -7.30 -31.47
C THR B 205 -25.21 -7.15 -30.40
N CYS B 206 -24.19 -6.38 -30.76
CA CYS B 206 -23.02 -6.19 -29.90
C CYS B 206 -22.91 -4.75 -29.40
N HIS B 207 -23.47 -4.49 -28.23
CA HIS B 207 -23.36 -3.17 -27.60
C HIS B 207 -22.03 -3.16 -26.88
N ILE B 208 -21.03 -2.57 -27.53
CA ILE B 208 -19.65 -2.62 -27.05
C ILE B 208 -19.11 -1.23 -26.74
N GLY B 209 -19.18 -0.87 -25.47
CA GLY B 209 -18.70 0.42 -24.98
C GLY B 209 -18.05 0.27 -23.61
N ASN B 210 -18.14 1.30 -22.79
CA ASN B 210 -17.55 1.23 -21.46
C ASN B 210 -18.17 0.13 -20.61
N GLY B 211 -19.47 -0.11 -20.83
CA GLY B 211 -20.10 -1.39 -20.49
C GLY B 211 -20.30 -2.11 -21.81
N ALA B 212 -20.33 -3.43 -21.79
CA ALA B 212 -20.59 -4.17 -23.02
C ALA B 212 -21.41 -5.43 -22.81
N SER B 213 -22.38 -5.63 -23.69
CA SER B 213 -23.14 -6.86 -23.67
C SER B 213 -23.51 -7.25 -25.08
N VAL B 214 -23.77 -8.54 -25.26
CA VAL B 214 -24.28 -9.04 -26.53
C VAL B 214 -25.72 -9.52 -26.34
N ALA B 215 -26.56 -9.33 -27.36
CA ALA B 215 -27.91 -9.90 -27.34
C ALA B 215 -28.14 -10.79 -28.55
N ALA B 216 -28.88 -11.87 -28.31
CA ALA B 216 -29.31 -12.78 -29.36
C ALA B 216 -30.76 -12.48 -29.62
N VAL B 217 -31.05 -11.86 -30.77
CA VAL B 217 -32.40 -11.37 -31.08
C VAL B 217 -33.07 -12.22 -32.18
N LYS B 218 -33.74 -13.29 -31.74
CA LYS B 218 -34.32 -14.28 -32.64
C LYS B 218 -35.75 -13.95 -33.05
N TYR B 219 -35.92 -13.54 -34.31
CA TYR B 219 -37.22 -13.21 -34.90
C TYR B 219 -37.90 -12.05 -34.17
N GLY B 220 -37.09 -11.09 -33.73
CA GLY B 220 -37.61 -9.91 -33.03
C GLY B 220 -37.63 -9.98 -31.51
N LYS B 221 -37.51 -11.20 -30.96
CA LYS B 221 -37.48 -11.39 -29.50
C LYS B 221 -36.08 -11.78 -29.02
N CYS B 222 -35.68 -11.24 -27.88
CA CYS B 222 -34.37 -11.56 -27.33
C CYS B 222 -34.39 -12.96 -26.69
N VAL B 223 -33.42 -13.79 -27.02
CA VAL B 223 -33.37 -15.17 -26.52
C VAL B 223 -32.22 -15.41 -25.52
N ASP B 224 -31.24 -14.51 -25.52
CA ASP B 224 -30.12 -14.56 -24.59
C ASP B 224 -29.39 -13.23 -24.61
N THR B 225 -28.76 -12.89 -23.50
CA THR B 225 -27.88 -11.72 -23.43
C THR B 225 -26.66 -11.97 -22.48
N SER B 226 -25.55 -11.29 -22.75
CA SER B 226 -24.29 -11.52 -22.06
C SER B 226 -24.35 -11.14 -20.58
N MET B 227 -24.94 -10.00 -20.24
CA MET B 227 -24.99 -9.56 -18.84
C MET B 227 -25.99 -10.41 -18.07
N GLY B 228 -25.89 -10.41 -16.75
CA GLY B 228 -26.65 -11.38 -15.99
C GLY B 228 -27.62 -10.74 -15.05
N PHE B 229 -27.60 -11.25 -13.82
CA PHE B 229 -28.30 -10.67 -12.69
C PHE B 229 -27.82 -9.23 -12.49
N THR B 230 -26.57 -9.00 -12.86
CA THR B 230 -25.96 -7.68 -12.73
C THR B 230 -25.18 -7.38 -14.02
N PRO B 231 -24.64 -6.15 -14.18
CA PRO B 231 -23.79 -5.85 -15.33
C PRO B 231 -22.37 -6.41 -15.30
N LEU B 232 -22.06 -7.34 -14.39
CA LEU B 232 -20.72 -7.93 -14.36
C LEU B 232 -20.46 -9.04 -15.36
N GLU B 233 -21.49 -9.78 -15.72
CA GLU B 233 -21.34 -10.95 -16.57
C GLU B 233 -21.03 -10.64 -18.02
N GLY B 234 -20.32 -11.56 -18.66
CA GLY B 234 -20.10 -11.49 -20.10
C GLY B 234 -18.81 -10.83 -20.55
N LEU B 235 -18.93 -9.92 -21.52
CA LEU B 235 -17.77 -9.35 -22.20
C LEU B 235 -16.82 -8.60 -21.28
N VAL B 236 -15.58 -8.46 -21.72
CA VAL B 236 -14.60 -7.62 -21.03
C VAL B 236 -15.11 -6.21 -21.14
N MET B 237 -15.17 -5.51 -20.01
CA MET B 237 -15.62 -4.12 -20.00
C MET B 237 -14.50 -3.19 -19.54
N GLY B 238 -14.78 -1.89 -19.45
CA GLY B 238 -13.76 -0.89 -19.11
C GLY B 238 -13.10 -1.18 -17.79
N THR B 239 -13.91 -1.40 -16.76
CA THR B 239 -13.42 -1.62 -15.39
C THR B 239 -14.00 -2.87 -14.77
N ARG B 240 -14.92 -3.53 -15.49
CA ARG B 240 -15.60 -4.74 -15.03
C ARG B 240 -14.99 -6.00 -15.63
N SER B 241 -14.95 -7.06 -14.84
CA SER B 241 -14.16 -8.25 -15.13
C SER B 241 -14.77 -9.14 -16.17
N GLY B 242 -16.06 -8.94 -16.43
CA GLY B 242 -16.81 -9.84 -17.29
C GLY B 242 -16.88 -11.21 -16.66
N ASP B 243 -17.15 -12.23 -17.47
CA ASP B 243 -17.08 -13.64 -17.05
C ASP B 243 -15.75 -14.02 -16.40
N LEU B 244 -15.85 -14.65 -15.23
CA LEU B 244 -14.72 -15.41 -14.69
C LEU B 244 -15.12 -16.63 -13.84
N ASP B 245 -14.15 -17.54 -13.72
CA ASP B 245 -14.20 -18.70 -12.83
C ASP B 245 -14.78 -18.36 -11.47
N PRO B 246 -16.00 -18.83 -11.17
CA PRO B 246 -16.68 -18.59 -9.90
C PRO B 246 -15.75 -18.68 -8.70
N ALA B 247 -14.72 -19.52 -8.80
CA ALA B 247 -13.85 -19.79 -7.66
C ALA B 247 -12.81 -18.71 -7.39
N ILE B 248 -12.40 -18.01 -8.44
CA ILE B 248 -11.31 -17.04 -8.30
C ILE B 248 -11.52 -16.04 -7.14
N PRO B 249 -12.68 -15.36 -7.10
CA PRO B 249 -12.85 -14.38 -6.04
C PRO B 249 -12.58 -14.95 -4.66
N PHE B 250 -13.05 -16.17 -4.42
CA PHE B 250 -12.92 -16.81 -3.12
C PHE B 250 -11.48 -17.07 -2.76
N PHE B 251 -10.72 -17.50 -3.77
CA PHE B 251 -9.27 -17.70 -3.64
C PHE B 251 -8.57 -16.39 -3.32
N ILE B 252 -8.85 -15.36 -4.09
CA ILE B 252 -8.21 -14.07 -3.91
C ILE B 252 -8.49 -13.46 -2.53
N MET B 253 -9.76 -13.56 -2.09
CA MET B 253 -10.19 -13.03 -0.80
C MET B 253 -9.38 -13.69 0.27
N GLU B 254 -9.30 -15.01 0.16
CA GLU B 254 -8.69 -15.80 1.20
C GLU B 254 -7.20 -15.63 1.26
N LYS B 255 -6.52 -15.60 0.11
CA LYS B 255 -5.06 -15.41 0.08
C LYS B 255 -4.62 -14.00 0.44
N GLU B 256 -5.52 -13.03 0.38
CA GLU B 256 -5.14 -11.64 0.64
C GLU B 256 -5.80 -10.94 1.82
N GLY B 257 -6.78 -11.56 2.47
CA GLY B 257 -7.45 -10.95 3.63
C GLY B 257 -8.30 -9.75 3.24
N ILE B 258 -9.33 -10.04 2.45
CA ILE B 258 -10.14 -9.05 1.78
C ILE B 258 -11.60 -9.43 1.98
N SER B 259 -12.42 -8.47 2.42
CA SER B 259 -13.86 -8.70 2.62
C SER B 259 -14.55 -8.87 1.27
N PRO B 260 -15.76 -9.46 1.27
CA PRO B 260 -16.41 -9.60 -0.02
C PRO B 260 -16.63 -8.25 -0.68
N GLN B 261 -16.86 -7.19 0.10
CA GLN B 261 -17.04 -5.84 -0.42
C GLN B 261 -15.78 -5.43 -1.16
N GLU B 262 -14.63 -5.50 -0.48
CA GLU B 262 -13.35 -5.17 -1.08
C GLU B 262 -13.08 -5.94 -2.39
N MET B 263 -13.48 -7.22 -2.44
CA MET B 263 -13.31 -8.06 -3.64
C MET B 263 -14.27 -7.67 -4.77
N TYR B 264 -15.54 -7.48 -4.42
CA TYR B 264 -16.57 -7.10 -5.38
C TYR B 264 -16.17 -5.81 -6.06
N ASP B 265 -15.68 -4.86 -5.25
CA ASP B 265 -15.18 -3.59 -5.75
C ASP B 265 -14.07 -3.81 -6.78
N ILE B 266 -13.09 -4.65 -6.44
CA ILE B 266 -11.94 -4.90 -7.31
C ILE B 266 -12.42 -5.43 -8.66
N LEU B 267 -13.42 -6.32 -8.62
CA LEU B 267 -13.98 -6.91 -9.83
C LEU B 267 -14.75 -5.90 -10.66
N ASN B 268 -15.11 -4.78 -10.03
CA ASN B 268 -16.09 -3.88 -10.60
C ASN B 268 -15.47 -2.55 -11.03
N LYS B 269 -14.46 -2.12 -10.29
CA LYS B 269 -13.82 -0.82 -10.48
C LYS B 269 -12.42 -0.90 -11.05
N LYS B 270 -11.68 -1.97 -10.72
CA LYS B 270 -10.26 -2.10 -11.05
C LYS B 270 -9.93 -3.22 -12.05
N SER B 271 -10.94 -3.90 -12.57
CA SER B 271 -10.71 -5.02 -13.45
C SER B 271 -10.93 -4.67 -14.93
N GLY B 272 -11.37 -5.66 -15.72
CA GLY B 272 -11.55 -5.50 -17.16
C GLY B 272 -10.35 -4.88 -17.85
N VAL B 273 -10.60 -3.98 -18.78
CA VAL B 273 -9.53 -3.34 -19.54
C VAL B 273 -8.50 -2.69 -18.61
N TYR B 274 -8.98 -1.96 -17.61
CA TYR B 274 -8.09 -1.30 -16.65
C TYR B 274 -7.19 -2.33 -15.99
N GLY B 275 -7.81 -3.41 -15.51
CA GLY B 275 -7.10 -4.47 -14.79
C GLY B 275 -6.03 -5.12 -15.65
N LEU B 276 -6.40 -5.47 -16.88
CA LEU B 276 -5.50 -6.09 -17.84
C LEU B 276 -4.27 -5.25 -18.16
N SER B 277 -4.46 -3.94 -18.26
CA SER B 277 -3.38 -3.03 -18.63
C SER B 277 -2.62 -2.46 -17.41
N LYS B 278 -2.68 -3.15 -16.27
CA LYS B 278 -1.91 -2.79 -15.07
C LYS B 278 -2.16 -1.36 -14.57
N GLY B 279 -3.29 -0.79 -14.98
CA GLY B 279 -3.70 0.54 -14.56
C GLY B 279 -3.38 1.61 -15.56
N PHE B 280 -3.19 1.22 -16.82
CA PHE B 280 -2.85 2.16 -17.87
C PHE B 280 -4.07 3.00 -18.19
N SER B 281 -5.13 2.33 -18.65
CA SER B 281 -6.40 2.99 -18.93
C SER B 281 -7.55 1.99 -18.92
N SER B 282 -8.78 2.51 -18.84
CA SER B 282 -9.98 1.70 -18.97
C SER B 282 -10.70 2.03 -20.27
N ASP B 283 -10.24 3.10 -20.93
CA ASP B 283 -10.76 3.52 -22.21
C ASP B 283 -10.10 2.68 -23.31
N MET B 284 -10.89 1.85 -23.98
CA MET B 284 -10.37 0.95 -25.02
C MET B 284 -9.58 1.61 -26.14
N ARG B 285 -9.94 2.83 -26.51
CA ARG B 285 -9.19 3.52 -27.57
C ARG B 285 -7.85 4.06 -27.09
N ASP B 286 -7.69 4.22 -25.79
CA ASP B 286 -6.38 4.56 -25.23
C ASP B 286 -5.42 3.40 -25.49
N ILE B 287 -5.99 2.20 -25.49
CA ILE B 287 -5.22 0.98 -25.75
C ILE B 287 -5.02 0.77 -27.25
N GLU B 288 -6.07 0.97 -28.03
CA GLU B 288 -5.98 0.91 -29.48
C GLU B 288 -4.84 1.80 -29.97
N GLU B 289 -4.83 3.06 -29.50
CA GLU B 289 -3.77 4.03 -29.83
C GLU B 289 -2.38 3.49 -29.49
N ALA B 290 -2.22 2.96 -28.27
CA ALA B 290 -0.94 2.45 -27.80
C ALA B 290 -0.52 1.17 -28.53
N ALA B 291 -1.48 0.33 -28.90
CA ALA B 291 -1.20 -0.89 -29.67
C ALA B 291 -0.67 -0.59 -31.08
N LEU B 292 -1.31 0.39 -31.73
CA LEU B 292 -0.87 0.85 -33.04
C LEU B 292 0.50 1.51 -32.95
N LYS B 293 0.88 2.00 -31.78
CA LYS B 293 2.20 2.60 -31.63
C LYS B 293 3.30 1.58 -31.38
N GLY B 294 2.93 0.30 -31.39
CA GLY B 294 3.91 -0.76 -31.24
C GLY B 294 4.02 -1.38 -29.85
N ASP B 295 3.29 -0.84 -28.88
CA ASP B 295 3.27 -1.41 -27.55
C ASP B 295 2.72 -2.84 -27.60
N GLU B 296 3.60 -3.79 -27.33
CA GLU B 296 3.27 -5.21 -27.36
C GLU B 296 2.11 -5.58 -26.43
N TRP B 297 2.10 -4.97 -25.23
CA TRP B 297 1.17 -5.37 -24.18
C TRP B 297 -0.27 -5.03 -24.52
N CYS B 298 -0.48 -3.86 -25.12
CA CYS B 298 -1.81 -3.43 -25.51
C CYS B 298 -2.40 -4.28 -26.63
N LYS B 299 -1.57 -4.66 -27.60
CA LYS B 299 -1.99 -5.58 -28.65
C LYS B 299 -2.66 -6.79 -28.03
N LEU B 300 -2.14 -7.23 -26.89
CA LEU B 300 -2.71 -8.38 -26.18
C LEU B 300 -4.06 -8.06 -25.55
N VAL B 301 -4.15 -6.94 -24.84
CA VAL B 301 -5.40 -6.52 -24.18
C VAL B 301 -6.49 -6.48 -25.25
N LEU B 302 -6.16 -5.81 -26.36
CA LEU B 302 -7.02 -5.74 -27.54
C LEU B 302 -7.47 -7.11 -28.00
N GLU B 303 -6.53 -8.03 -28.23
CA GLU B 303 -6.84 -9.42 -28.62
C GLU B 303 -7.75 -10.16 -27.63
N ILE B 304 -7.53 -9.95 -26.34
CA ILE B 304 -8.31 -10.58 -25.29
C ILE B 304 -9.73 -10.08 -25.39
N TYR B 305 -9.86 -8.75 -25.45
CA TYR B 305 -11.13 -8.03 -25.56
C TYR B 305 -11.92 -8.59 -26.73
N ASP B 306 -11.35 -8.47 -27.93
CA ASP B 306 -11.98 -8.93 -29.16
C ASP B 306 -12.37 -10.41 -29.10
N TYR B 307 -11.42 -11.26 -28.73
CA TYR B 307 -11.64 -12.70 -28.65
C TYR B 307 -12.97 -13.07 -28.00
N ARG B 308 -13.23 -12.51 -26.81
CA ARG B 308 -14.41 -12.90 -26.04
C ARG B 308 -15.70 -12.48 -26.73
N ILE B 309 -15.67 -11.33 -27.41
CA ILE B 309 -16.78 -10.88 -28.22
C ILE B 309 -17.03 -11.92 -29.30
N ALA B 310 -15.98 -12.31 -30.00
CA ALA B 310 -16.10 -13.27 -31.08
C ALA B 310 -16.74 -14.57 -30.60
N LYS B 311 -16.36 -15.01 -29.41
CA LYS B 311 -16.87 -16.26 -28.83
C LYS B 311 -18.37 -16.15 -28.54
N TYR B 312 -18.78 -14.98 -28.08
CA TYR B 312 -20.18 -14.74 -27.82
C TYR B 312 -21.02 -14.76 -29.08
N ILE B 313 -20.53 -14.15 -30.14
CA ILE B 313 -21.21 -14.23 -31.42
C ILE B 313 -21.40 -15.70 -31.80
N GLY B 314 -20.32 -16.47 -31.70
CA GLY B 314 -20.38 -17.90 -31.99
C GLY B 314 -21.39 -18.61 -31.12
N ALA B 315 -21.34 -18.32 -29.82
CA ALA B 315 -22.23 -18.95 -28.85
C ALA B 315 -23.70 -18.67 -29.15
N TYR B 316 -23.99 -17.41 -29.48
CA TYR B 316 -25.37 -16.98 -29.68
C TYR B 316 -25.91 -17.44 -31.02
N ALA B 317 -25.01 -17.50 -32.01
CA ALA B 317 -25.33 -18.12 -33.29
C ALA B 317 -25.87 -19.53 -33.09
N ALA B 318 -25.23 -20.26 -32.16
CA ALA B 318 -25.64 -21.60 -31.82
C ALA B 318 -26.99 -21.56 -31.12
N ALA B 319 -27.16 -20.57 -30.24
CA ALA B 319 -28.40 -20.43 -29.48
C ALA B 319 -29.60 -20.27 -30.40
N MET B 320 -29.46 -19.50 -31.47
CA MET B 320 -30.59 -19.26 -32.40
C MET B 320 -30.67 -20.27 -33.54
N ASN B 321 -29.65 -21.13 -33.61
CA ASN B 321 -29.49 -22.04 -34.72
C ASN B 321 -29.36 -21.27 -36.04
N GLY B 322 -28.60 -20.17 -36.00
CA GLY B 322 -28.32 -19.37 -37.18
C GLY B 322 -28.03 -17.93 -36.89
N VAL B 323 -27.33 -17.27 -37.80
CA VAL B 323 -27.17 -15.82 -37.76
C VAL B 323 -27.49 -15.33 -39.12
N ASP B 324 -28.28 -14.27 -39.17
CA ASP B 324 -28.57 -13.61 -40.43
C ASP B 324 -27.78 -12.31 -40.53
N ALA B 325 -27.58 -11.67 -39.38
CA ALA B 325 -26.84 -10.41 -39.30
C ALA B 325 -26.19 -10.15 -37.93
N ILE B 326 -25.10 -9.40 -37.95
CA ILE B 326 -24.39 -9.01 -36.74
C ILE B 326 -24.29 -7.50 -36.73
N VAL B 327 -24.63 -6.90 -35.61
CA VAL B 327 -24.63 -5.45 -35.47
C VAL B 327 -23.64 -4.99 -34.40
N PHE B 328 -22.78 -4.06 -34.76
CA PHE B 328 -21.88 -3.41 -33.82
C PHE B 328 -22.42 -2.04 -33.46
N THR B 329 -22.37 -1.70 -32.17
CA THR B 329 -22.85 -0.39 -31.71
C THR B 329 -22.20 0.05 -30.39
N ALA B 330 -22.51 1.26 -29.94
CA ALA B 330 -21.95 1.89 -28.72
C ALA B 330 -20.53 2.43 -28.95
N GLY B 331 -19.99 3.12 -27.95
CA GLY B 331 -18.67 3.75 -28.04
C GLY B 331 -17.63 3.09 -28.92
N VAL B 332 -17.37 1.80 -28.69
CA VAL B 332 -16.31 1.07 -29.40
C VAL B 332 -16.83 0.43 -30.68
N GLY B 333 -18.00 -0.20 -30.61
CA GLY B 333 -18.61 -0.84 -31.77
C GLY B 333 -18.77 0.09 -32.96
N GLU B 334 -18.99 1.37 -32.65
CA GLU B 334 -19.22 2.42 -33.65
C GLU B 334 -17.93 3.02 -34.17
N ASN B 335 -16.85 2.91 -33.41
CA ASN B 335 -15.63 3.70 -33.66
C ASN B 335 -14.30 2.95 -33.78
N SER B 336 -14.33 1.63 -33.67
CA SER B 336 -13.13 0.83 -33.79
C SER B 336 -13.24 -0.14 -34.97
N PRO B 337 -12.76 0.29 -36.16
CA PRO B 337 -12.77 -0.60 -37.31
C PRO B 337 -11.83 -1.79 -37.05
N ILE B 338 -10.82 -1.57 -36.22
CA ILE B 338 -9.86 -2.62 -35.87
C ILE B 338 -10.50 -3.73 -35.04
N THR B 339 -11.27 -3.36 -34.03
CA THR B 339 -11.98 -4.32 -33.17
C THR B 339 -12.99 -5.11 -33.99
N ARG B 340 -13.72 -4.40 -34.84
CA ARG B 340 -14.71 -5.01 -35.71
C ARG B 340 -14.07 -6.02 -36.65
N GLU B 341 -12.90 -5.68 -37.15
CA GLU B 341 -12.14 -6.55 -38.07
C GLU B 341 -11.59 -7.78 -37.35
N ASP B 342 -10.99 -7.57 -36.17
CA ASP B 342 -10.40 -8.66 -35.38
C ASP B 342 -11.47 -9.65 -35.03
N VAL B 343 -12.61 -9.14 -34.56
CA VAL B 343 -13.71 -9.99 -34.11
C VAL B 343 -14.22 -10.83 -35.26
N CYS B 344 -14.30 -10.23 -36.46
CA CYS B 344 -14.86 -10.91 -37.60
C CYS B 344 -13.93 -11.93 -38.23
N SER B 345 -12.63 -11.81 -37.95
CA SER B 345 -11.66 -12.77 -38.49
C SER B 345 -11.93 -14.19 -37.99
N TYR B 346 -12.54 -14.28 -36.80
CA TYR B 346 -12.91 -15.56 -36.20
C TYR B 346 -14.16 -16.14 -36.83
N LEU B 347 -14.79 -15.39 -37.73
CA LEU B 347 -16.14 -15.73 -38.18
C LEU B 347 -16.34 -16.06 -39.66
N GLU B 348 -15.25 -16.21 -40.42
CA GLU B 348 -15.40 -16.54 -41.82
C GLU B 348 -15.93 -17.95 -42.05
N PHE B 349 -15.78 -18.83 -41.07
CA PHE B 349 -16.38 -20.16 -41.12
C PHE B 349 -17.90 -20.09 -41.20
N LEU B 350 -18.46 -18.94 -40.78
CA LEU B 350 -19.91 -18.71 -40.86
C LEU B 350 -20.32 -18.04 -42.15
N GLY B 351 -19.32 -17.64 -42.93
CA GLY B 351 -19.55 -16.92 -44.19
C GLY B 351 -19.50 -15.41 -44.03
N VAL B 352 -18.80 -14.94 -43.00
CA VAL B 352 -18.65 -13.51 -42.75
C VAL B 352 -17.37 -12.96 -43.41
N LYS B 353 -17.55 -11.99 -44.29
CA LYS B 353 -16.43 -11.29 -44.92
C LYS B 353 -16.69 -9.80 -44.80
N LEU B 354 -15.68 -9.05 -44.37
CA LEU B 354 -15.80 -7.61 -44.27
C LEU B 354 -15.30 -6.92 -45.52
N ASP B 355 -15.81 -5.73 -45.81
CA ASP B 355 -15.25 -4.89 -46.85
C ASP B 355 -14.35 -3.87 -46.16
N LYS B 356 -13.04 -4.11 -46.22
CA LYS B 356 -12.04 -3.26 -45.55
C LYS B 356 -12.31 -1.76 -45.76
N GLN B 357 -12.62 -1.39 -47.00
CA GLN B 357 -12.94 0.00 -47.35
C GLN B 357 -14.11 0.51 -46.52
N LYS B 358 -15.25 -0.19 -46.59
CA LYS B 358 -16.46 0.18 -45.86
C LYS B 358 -16.25 0.17 -44.33
N ASN B 359 -15.42 -0.75 -43.85
CA ASN B 359 -15.18 -0.88 -42.43
C ASN B 359 -14.46 0.33 -41.88
N GLU B 360 -13.46 0.80 -42.61
CA GLU B 360 -12.67 1.91 -42.12
C GLU B 360 -13.42 3.24 -42.25
N GLU B 361 -14.34 3.30 -43.21
CA GLU B 361 -15.17 4.48 -43.49
C GLU B 361 -16.22 4.77 -42.43
N THR B 362 -16.87 3.71 -41.94
CA THR B 362 -18.00 3.82 -41.00
C THR B 362 -17.58 3.99 -39.52
N ILE B 363 -17.19 5.22 -39.21
CA ILE B 363 -16.44 5.59 -38.02
C ILE B 363 -17.21 6.80 -37.43
N ARG B 364 -16.97 7.14 -36.16
CA ARG B 364 -17.40 8.43 -35.59
C ARG B 364 -18.85 8.82 -35.84
N GLY B 365 -19.75 7.85 -35.79
CA GLY B 365 -21.18 8.15 -35.86
C GLY B 365 -21.91 7.78 -37.15
N LYS B 366 -21.16 7.46 -38.20
CA LYS B 366 -21.77 7.00 -39.46
C LYS B 366 -22.40 5.63 -39.28
N GLU B 367 -23.31 5.28 -40.18
CA GLU B 367 -23.97 3.98 -40.14
C GLU B 367 -24.07 3.34 -41.51
N GLY B 368 -23.98 2.02 -41.56
CA GLY B 368 -24.12 1.27 -42.81
C GLY B 368 -23.78 -0.20 -42.69
N ILE B 369 -23.79 -0.88 -43.83
CA ILE B 369 -23.43 -2.29 -43.92
C ILE B 369 -21.93 -2.36 -44.14
N ILE B 370 -21.27 -3.32 -43.49
CA ILE B 370 -19.83 -3.55 -43.72
C ILE B 370 -19.48 -4.88 -44.37
N SER B 371 -20.40 -5.84 -44.33
CA SER B 371 -20.18 -7.11 -45.05
C SER B 371 -20.10 -6.91 -46.57
N THR B 372 -19.32 -7.75 -47.25
CA THR B 372 -19.26 -7.71 -48.70
C THR B 372 -20.60 -8.19 -49.27
N PRO B 373 -20.98 -7.67 -50.45
CA PRO B 373 -22.13 -8.17 -51.19
C PRO B 373 -22.35 -9.69 -51.07
N ASP B 374 -21.29 -10.48 -51.27
CA ASP B 374 -21.38 -11.94 -51.30
C ASP B 374 -21.41 -12.60 -49.92
N SER B 375 -21.11 -11.83 -48.88
CA SER B 375 -21.08 -12.33 -47.49
C SER B 375 -22.40 -12.95 -47.04
N ARG B 376 -22.31 -14.17 -46.52
CA ARG B 376 -23.49 -14.97 -46.17
C ARG B 376 -24.18 -14.49 -44.89
N VAL B 377 -23.43 -13.84 -44.01
CA VAL B 377 -23.99 -13.18 -42.82
C VAL B 377 -23.69 -11.68 -42.93
N LYS B 378 -24.71 -10.85 -42.79
CA LYS B 378 -24.55 -9.42 -42.99
C LYS B 378 -24.02 -8.78 -41.72
N VAL B 379 -23.10 -7.84 -41.87
CA VAL B 379 -22.52 -7.14 -40.70
C VAL B 379 -22.76 -5.64 -40.83
N LEU B 380 -23.32 -5.03 -39.79
CA LEU B 380 -23.72 -3.64 -39.84
C LEU B 380 -23.18 -2.84 -38.67
N VAL B 381 -22.89 -1.57 -38.91
CA VAL B 381 -22.58 -0.62 -37.84
C VAL B 381 -23.78 0.29 -37.69
N VAL B 382 -24.46 0.21 -36.55
CA VAL B 382 -25.65 1.00 -36.34
C VAL B 382 -25.47 1.80 -35.06
N PRO B 383 -25.01 3.06 -35.18
CA PRO B 383 -24.83 3.88 -33.99
C PRO B 383 -26.09 3.91 -33.16
N THR B 384 -25.94 3.66 -31.88
CA THR B 384 -27.07 3.56 -30.97
C THR B 384 -27.56 4.96 -30.60
N ASN B 385 -28.86 5.05 -30.37
CA ASN B 385 -29.51 6.27 -29.97
C ASN B 385 -30.61 5.90 -28.98
N GLU B 386 -30.20 5.56 -27.76
CA GLU B 386 -31.12 5.08 -26.74
C GLU B 386 -32.19 6.10 -26.37
N GLU B 387 -31.83 7.38 -26.45
CA GLU B 387 -32.73 8.48 -26.11
C GLU B 387 -33.90 8.55 -27.09
N LEU B 388 -33.58 8.55 -28.38
CA LEU B 388 -34.59 8.53 -29.41
C LEU B 388 -35.54 7.36 -29.23
N MET B 389 -34.98 6.21 -28.89
CA MET B 389 -35.78 5.03 -28.62
C MET B 389 -36.79 5.31 -27.50
N ILE B 390 -36.35 5.99 -26.45
CA ILE B 390 -37.25 6.36 -25.34
C ILE B 390 -38.33 7.32 -25.84
N ALA B 391 -37.91 8.36 -26.53
CA ALA B 391 -38.83 9.35 -27.08
C ALA B 391 -39.93 8.68 -27.92
N ARG B 392 -39.56 7.68 -28.70
CA ARG B 392 -40.48 6.92 -29.53
C ARG B 392 -41.47 6.06 -28.76
N ASP B 393 -41.05 5.45 -27.66
CA ASP B 393 -41.98 4.70 -26.82
C ASP B 393 -42.91 5.65 -26.09
N THR B 394 -42.36 6.77 -25.62
CA THR B 394 -43.14 7.81 -24.97
C THR B 394 -44.22 8.31 -25.92
N LYS B 395 -43.82 8.66 -27.14
CA LYS B 395 -44.73 9.11 -28.20
C LYS B 395 -45.90 8.17 -28.40
N GLU B 396 -45.61 6.89 -28.61
CA GLU B 396 -46.64 5.89 -28.85
C GLU B 396 -47.64 5.80 -27.69
N ILE B 397 -47.12 5.62 -26.48
CA ILE B 397 -47.97 5.51 -25.28
C ILE B 397 -48.82 6.77 -25.11
N VAL B 398 -48.18 7.94 -25.16
CA VAL B 398 -48.85 9.21 -24.90
C VAL B 398 -50.00 9.48 -25.89
N GLU B 399 -49.79 9.15 -27.16
CA GLU B 399 -50.89 9.18 -28.14
C GLU B 399 -51.93 8.15 -27.72
N LYS B 400 -52.92 8.59 -26.93
CA LYS B 400 -53.96 7.73 -26.35
C LYS B 400 -54.72 8.47 -25.25
N MET C 1 22.95 6.50 2.47
CA MET C 1 22.29 5.18 2.73
C MET C 1 23.11 4.33 3.71
N ARG C 2 22.43 3.59 4.59
CA ARG C 2 23.13 2.82 5.61
C ARG C 2 22.99 1.32 5.47
N VAL C 3 24.10 0.67 5.10
CA VAL C 3 24.15 -0.78 4.94
C VAL C 3 24.79 -1.46 6.15
N LEU C 4 24.13 -2.49 6.63
CA LEU C 4 24.66 -3.36 7.65
C LEU C 4 25.20 -4.58 6.96
N VAL C 5 26.52 -4.77 7.09
CA VAL C 5 27.23 -5.88 6.44
C VAL C 5 27.46 -7.02 7.42
N ILE C 6 27.01 -8.19 7.05
CA ILE C 6 27.07 -9.34 7.94
C ILE C 6 27.90 -10.48 7.36
N ASN C 7 28.65 -11.17 8.22
CA ASN C 7 29.38 -12.35 7.81
C ASN C 7 29.24 -13.40 8.91
N SER C 8 28.31 -14.32 8.71
CA SER C 8 28.01 -15.32 9.74
C SER C 8 28.69 -16.65 9.42
N GLY C 9 29.65 -17.00 10.27
CA GLY C 9 30.26 -18.31 10.26
C GLY C 9 29.59 -19.18 11.32
N SER C 10 29.93 -20.45 11.33
CA SER C 10 29.31 -21.42 12.20
C SER C 10 29.33 -21.04 13.69
N SER C 11 30.36 -20.33 14.10
CA SER C 11 30.52 -20.04 15.49
C SER C 11 30.28 -18.56 15.84
N SER C 12 30.11 -17.73 14.84
CA SER C 12 30.06 -16.30 15.09
C SER C 12 29.46 -15.44 13.97
N ILE C 13 28.88 -14.29 14.32
CA ILE C 13 28.46 -13.29 13.36
C ILE C 13 29.38 -12.09 13.53
N LYS C 14 29.89 -11.59 12.44
CA LYS C 14 30.69 -10.37 12.52
C LYS C 14 30.12 -9.34 11.56
N TYR C 15 29.94 -8.16 12.09
CA TYR C 15 29.24 -7.10 11.38
C TYR C 15 29.99 -5.77 11.24
N GLN C 16 29.59 -5.02 10.17
CA GLN C 16 30.00 -3.63 10.02
C GLN C 16 28.76 -2.82 9.63
N LEU C 17 28.62 -1.59 10.12
CA LEU C 17 27.55 -0.71 9.74
C LEU C 17 28.18 0.44 9.00
N ILE C 18 28.08 0.40 7.68
CA ILE C 18 28.74 1.40 6.82
C ILE C 18 27.85 2.50 6.24
N GLU C 19 28.34 3.73 6.27
CA GLU C 19 27.59 4.80 5.68
C GLU C 19 28.12 5.08 4.29
N MET C 20 27.42 4.46 3.34
CA MET C 20 27.69 4.50 1.93
C MET C 20 28.16 5.89 1.46
N GLU C 21 27.38 6.93 1.75
CA GLU C 21 27.77 8.29 1.36
C GLU C 21 29.18 8.62 1.77
N GLY C 22 29.51 8.44 3.04
CA GLY C 22 30.87 8.73 3.40
C GLY C 22 31.70 7.48 3.23
N GLU C 23 31.01 6.35 3.07
CA GLU C 23 31.65 5.06 2.96
C GLU C 23 32.49 4.93 4.23
N LYS C 24 31.87 5.34 5.36
CA LYS C 24 32.46 5.32 6.70
C LYS C 24 31.91 4.20 7.56
N VAL C 25 32.81 3.48 8.22
CA VAL C 25 32.39 2.46 9.15
C VAL C 25 31.94 3.17 10.43
N LEU C 26 30.64 3.11 10.69
CA LEU C 26 30.06 3.74 11.87
C LEU C 26 30.41 2.95 13.11
N CYS C 27 30.41 1.64 12.95
CA CYS C 27 30.86 0.75 14.00
C CYS C 27 31.02 -0.62 13.39
N LYS C 28 31.82 -1.46 14.05
CA LYS C 28 31.94 -2.87 13.66
C LYS C 28 32.14 -3.72 14.90
N GLY C 29 32.00 -5.03 14.73
CA GLY C 29 32.20 -5.96 15.83
C GLY C 29 31.98 -7.41 15.47
N ILE C 30 31.90 -8.23 16.51
CA ILE C 30 31.73 -9.67 16.36
C ILE C 30 30.98 -10.25 17.55
N ALA C 31 30.00 -11.10 17.25
CA ALA C 31 29.33 -11.90 18.27
C ALA C 31 30.01 -13.25 18.25
N GLU C 32 30.70 -13.58 19.33
CA GLU C 32 31.56 -14.76 19.36
C GLU C 32 30.98 -15.92 20.14
N ARG C 33 31.45 -17.12 19.80
CA ARG C 33 31.16 -18.33 20.58
C ARG C 33 29.68 -18.61 20.72
N ILE C 34 28.94 -18.42 19.62
CA ILE C 34 27.54 -18.75 19.56
C ILE C 34 27.38 -20.26 19.71
N GLY C 35 26.52 -20.67 20.63
CA GLY C 35 26.28 -22.08 20.87
C GLY C 35 27.14 -22.65 21.97
N ILE C 36 28.37 -22.13 22.08
CA ILE C 36 29.31 -22.54 23.14
C ILE C 36 29.18 -21.66 24.39
N GLU C 37 29.83 -22.09 25.48
CA GLU C 37 29.76 -21.35 26.73
C GLU C 37 30.56 -20.05 26.70
N GLY C 38 30.10 -19.06 27.47
CA GLY C 38 30.72 -17.74 27.52
C GLY C 38 30.73 -17.05 26.16
N SER C 39 29.61 -17.15 25.45
CA SER C 39 29.41 -16.40 24.21
C SER C 39 29.36 -14.92 24.58
N ARG C 40 29.78 -14.06 23.65
CA ARG C 40 29.88 -12.64 23.92
C ARG C 40 29.93 -11.81 22.66
N LEU C 41 29.67 -10.52 22.82
CA LEU C 41 29.71 -9.57 21.73
C LEU C 41 30.84 -8.60 22.00
N VAL C 42 31.78 -8.52 21.06
CA VAL C 42 32.81 -7.48 21.07
C VAL C 42 32.41 -6.39 20.08
N HIS C 43 32.21 -5.18 20.58
CA HIS C 43 31.64 -4.09 19.79
C HIS C 43 32.57 -2.88 19.79
N ARG C 44 32.97 -2.45 18.59
CA ARG C 44 33.90 -1.31 18.44
C ARG C 44 33.22 -0.10 17.80
N VAL C 45 33.33 1.03 18.49
CA VAL C 45 32.80 2.30 18.01
C VAL C 45 33.96 3.29 18.08
N GLY C 46 34.74 3.34 17.01
CA GLY C 46 35.96 4.14 16.99
C GLY C 46 37.00 3.51 17.90
N ASP C 47 37.47 4.29 18.87
CA ASP C 47 38.53 3.88 19.79
C ASP C 47 38.08 2.84 20.82
N GLU C 48 36.80 2.92 21.18
CA GLU C 48 36.25 2.14 22.29
C GLU C 48 35.96 0.71 21.85
N LYS C 49 36.27 -0.23 22.74
CA LYS C 49 35.96 -1.64 22.55
C LYS C 49 35.11 -2.12 23.73
N HIS C 50 33.84 -2.42 23.48
CA HIS C 50 32.93 -2.86 24.53
C HIS C 50 32.67 -4.37 24.46
N VAL C 51 32.79 -5.03 25.61
CA VAL C 51 32.55 -6.46 25.74
C VAL C 51 31.24 -6.71 26.49
N ILE C 52 30.29 -7.38 25.83
CA ILE C 52 29.05 -7.80 26.50
C ILE C 52 28.97 -9.31 26.64
N GLU C 53 28.93 -9.78 27.88
CA GLU C 53 28.77 -11.19 28.21
C GLU C 53 27.29 -11.56 28.19
N ARG C 54 26.96 -12.65 27.50
CA ARG C 54 25.60 -13.18 27.50
C ARG C 54 25.53 -14.50 26.76
N GLU C 55 24.58 -15.34 27.17
CA GLU C 55 24.23 -16.56 26.45
C GLU C 55 23.65 -16.22 25.09
N LEU C 56 24.28 -16.76 24.04
CA LEU C 56 23.74 -16.68 22.70
C LEU C 56 23.62 -18.11 22.15
N PRO C 57 22.42 -18.74 22.27
CA PRO C 57 22.27 -20.14 21.85
C PRO C 57 22.33 -20.35 20.32
N ASP C 58 21.89 -19.36 19.55
CA ASP C 58 21.98 -19.42 18.09
C ASP C 58 22.22 -18.05 17.48
N HIS C 59 22.26 -18.01 16.15
CA HIS C 59 22.56 -16.77 15.42
C HIS C 59 21.48 -15.70 15.53
N GLU C 60 20.21 -16.11 15.65
CA GLU C 60 19.13 -15.17 15.81
C GLU C 60 19.31 -14.38 17.10
N GLU C 61 19.37 -15.09 18.23
CA GLU C 61 19.51 -14.41 19.52
C GLU C 61 20.79 -13.57 19.56
N ALA C 62 21.79 -14.00 18.78
CA ALA C 62 23.05 -13.27 18.60
C ALA C 62 22.87 -11.99 17.79
N LEU C 63 22.17 -12.07 16.66
CA LEU C 63 21.92 -10.88 15.84
C LEU C 63 21.04 -9.87 16.60
N LYS C 64 20.12 -10.38 17.41
CA LYS C 64 19.28 -9.53 18.23
C LYS C 64 20.17 -8.66 19.09
N LEU C 65 21.09 -9.29 19.84
CA LEU C 65 22.03 -8.56 20.69
C LEU C 65 22.85 -7.51 19.94
N ILE C 66 23.22 -7.83 18.71
CA ILE C 66 23.91 -6.88 17.84
C ILE C 66 23.01 -5.68 17.52
N LEU C 67 21.81 -5.98 17.04
CA LEU C 67 20.87 -4.95 16.67
C LEU C 67 20.54 -4.05 17.87
N ASN C 68 20.25 -4.65 19.02
CA ASN C 68 19.95 -3.89 20.25
C ASN C 68 21.02 -2.88 20.58
N THR C 69 22.28 -3.32 20.47
CA THR C 69 23.39 -2.47 20.86
C THR C 69 23.78 -1.45 19.79
N LEU C 70 23.34 -1.68 18.55
CA LEU C 70 23.45 -0.64 17.51
C LEU C 70 22.63 0.61 17.87
N VAL C 71 21.62 0.39 18.72
CA VAL C 71 20.61 1.39 19.06
C VAL C 71 20.78 1.90 20.50
N ASP C 72 21.20 1.01 21.39
CA ASP C 72 21.47 1.38 22.80
C ASP C 72 22.23 2.70 22.79
N GLU C 73 21.70 3.72 23.45
CA GLU C 73 22.28 5.05 23.32
C GLU C 73 23.47 5.35 24.24
N LYS C 74 24.13 4.31 24.73
CA LYS C 74 25.45 4.44 25.34
C LYS C 74 26.54 3.90 24.43
N LEU C 75 26.30 2.73 23.87
CA LEU C 75 27.25 2.05 22.98
C LEU C 75 26.73 2.08 21.53
N GLY C 76 25.69 2.86 21.26
CA GLY C 76 25.02 2.82 19.97
C GLY C 76 25.57 3.79 18.95
N VAL C 77 24.94 3.78 17.78
CA VAL C 77 25.42 4.53 16.63
C VAL C 77 24.28 5.08 15.76
N ILE C 78 23.08 4.55 15.96
CA ILE C 78 21.89 4.99 15.23
C ILE C 78 20.69 5.12 16.18
N LYS C 79 19.82 6.11 15.93
CA LYS C 79 18.64 6.35 16.76
C LYS C 79 17.61 5.22 16.77
N ASP C 80 17.21 4.81 15.56
CA ASP C 80 16.19 3.80 15.32
C ASP C 80 16.84 2.56 14.79
N LEU C 81 16.06 1.49 14.61
CA LEU C 81 16.48 0.39 13.73
C LEU C 81 16.03 0.68 12.30
N LYS C 82 15.14 1.66 12.14
CA LYS C 82 14.68 2.11 10.82
C LYS C 82 15.82 2.75 10.03
N GLU C 83 16.88 3.10 10.75
CA GLU C 83 18.08 3.75 10.19
C GLU C 83 18.83 2.85 9.24
N ILE C 84 18.82 1.55 9.53
CA ILE C 84 19.41 0.51 8.66
C ILE C 84 18.61 0.41 7.36
N ASP C 85 19.20 0.90 6.27
CA ASP C 85 18.50 0.97 5.00
C ASP C 85 18.52 -0.36 4.24
N ALA C 86 19.54 -1.18 4.47
CA ALA C 86 19.68 -2.49 3.79
C ALA C 86 20.67 -3.39 4.53
N VAL C 87 20.61 -4.69 4.28
CA VAL C 87 21.56 -5.64 4.89
C VAL C 87 22.30 -6.52 3.86
N GLY C 88 23.63 -6.50 3.89
CA GLY C 88 24.40 -7.30 2.96
C GLY C 88 25.09 -8.48 3.61
N HIS C 89 24.87 -9.67 3.06
CA HIS C 89 25.40 -10.92 3.62
C HIS C 89 26.47 -11.54 2.76
N ARG C 90 27.54 -12.03 3.40
CA ARG C 90 28.53 -12.86 2.75
C ARG C 90 28.07 -14.31 2.74
N VAL C 91 27.83 -14.84 1.55
CA VAL C 91 27.48 -16.25 1.39
C VAL C 91 28.65 -16.93 0.66
N VAL C 92 29.28 -17.91 1.31
CA VAL C 92 30.48 -18.57 0.78
C VAL C 92 30.26 -19.16 -0.60
N HIS C 93 29.26 -20.03 -0.75
CA HIS C 93 29.12 -20.78 -2.00
C HIS C 93 27.86 -20.47 -2.76
N GLY C 94 28.03 -20.08 -4.00
CA GLY C 94 26.90 -19.72 -4.85
C GLY C 94 26.67 -20.74 -5.92
N GLY C 95 27.66 -21.60 -6.15
CA GLY C 95 27.55 -22.64 -7.17
C GLY C 95 27.55 -22.01 -8.53
N GLU C 96 26.99 -22.74 -9.50
CA GLU C 96 26.88 -22.26 -10.88
C GLU C 96 25.71 -21.30 -11.12
N ARG C 97 24.70 -21.33 -10.25
CA ARG C 97 23.50 -20.45 -10.40
C ARG C 97 23.85 -18.97 -10.29
N PHE C 98 24.45 -18.59 -9.18
CA PHE C 98 24.61 -17.20 -8.85
C PHE C 98 25.86 -16.59 -9.43
N LYS C 99 25.70 -15.82 -10.50
CA LYS C 99 26.83 -15.19 -11.20
C LYS C 99 27.26 -13.87 -10.55
N GLU C 100 26.34 -13.22 -9.86
CA GLU C 100 26.60 -11.93 -9.20
C GLU C 100 25.66 -11.77 -8.00
N SER C 101 25.93 -10.78 -7.13
CA SER C 101 25.08 -10.54 -5.96
C SER C 101 23.60 -10.41 -6.32
N VAL C 102 22.72 -10.88 -5.41
CA VAL C 102 21.26 -10.88 -5.65
C VAL C 102 20.49 -10.35 -4.45
N LEU C 103 19.36 -9.69 -4.71
CA LEU C 103 18.38 -9.36 -3.67
C LEU C 103 17.68 -10.64 -3.22
N VAL C 104 17.69 -10.91 -1.92
CA VAL C 104 17.14 -12.15 -1.38
C VAL C 104 15.61 -12.12 -1.26
N ASP C 105 14.95 -13.06 -1.95
CA ASP C 105 13.54 -13.37 -1.72
C ASP C 105 13.41 -14.86 -1.42
N GLU C 106 12.20 -15.39 -1.36
CA GLU C 106 12.03 -16.82 -1.05
C GLU C 106 12.73 -17.69 -2.07
N GLU C 107 12.61 -17.31 -3.34
CA GLU C 107 13.23 -18.02 -4.46
C GLU C 107 14.71 -18.17 -4.25
N VAL C 108 15.38 -17.04 -4.03
CA VAL C 108 16.82 -16.99 -3.83
C VAL C 108 17.22 -17.84 -2.63
N LEU C 109 16.46 -17.70 -1.54
CA LEU C 109 16.69 -18.40 -0.28
C LEU C 109 16.68 -19.91 -0.44
N LYS C 110 15.68 -20.41 -1.15
CA LYS C 110 15.55 -21.82 -1.49
C LYS C 110 16.72 -22.25 -2.36
N ALA C 111 17.08 -21.38 -3.31
CA ALA C 111 18.14 -21.66 -4.27
C ALA C 111 19.50 -21.70 -3.60
N ILE C 112 19.63 -21.01 -2.48
CA ILE C 112 20.89 -21.02 -1.75
C ILE C 112 21.01 -22.33 -0.98
N GLU C 113 19.91 -22.77 -0.36
CA GLU C 113 19.91 -24.04 0.36
C GLU C 113 20.32 -25.17 -0.56
N GLU C 114 19.80 -25.13 -1.79
CA GLU C 114 20.09 -26.17 -2.78
C GLU C 114 21.57 -26.25 -3.10
N VAL C 115 22.29 -25.14 -2.97
CA VAL C 115 23.72 -25.08 -3.23
C VAL C 115 24.54 -25.42 -1.98
N SER C 116 23.90 -25.30 -0.82
CA SER C 116 24.55 -25.53 0.48
C SER C 116 25.37 -26.81 0.65
N PRO C 117 24.95 -27.96 0.05
CA PRO C 117 25.78 -29.16 0.15
C PRO C 117 27.17 -29.06 -0.51
N LEU C 118 27.40 -28.03 -1.32
CA LEU C 118 28.73 -27.81 -1.90
C LEU C 118 29.67 -27.07 -0.97
N ALA C 119 29.19 -26.66 0.20
CA ALA C 119 30.01 -26.01 1.23
C ALA C 119 29.35 -26.17 2.59
N PRO C 120 29.14 -27.44 3.01
CA PRO C 120 28.33 -27.79 4.15
C PRO C 120 28.77 -27.10 5.42
N LEU C 121 30.04 -26.69 5.45
CA LEU C 121 30.57 -26.09 6.67
C LEU C 121 30.35 -24.57 6.76
N HIS C 122 29.88 -23.97 5.66
CA HIS C 122 29.75 -22.52 5.59
C HIS C 122 28.35 -21.99 5.27
N ASN C 123 27.80 -22.45 4.14
CA ASN C 123 26.50 -21.96 3.70
C ASN C 123 25.39 -21.99 4.77
N PRO C 124 25.22 -23.15 5.46
CA PRO C 124 24.19 -23.19 6.50
C PRO C 124 24.20 -21.99 7.43
N ALA C 125 25.37 -21.65 7.95
CA ALA C 125 25.48 -20.52 8.85
C ALA C 125 25.24 -19.19 8.15
N ASN C 126 25.50 -19.11 6.86
CA ASN C 126 25.21 -17.88 6.14
C ASN C 126 23.71 -17.63 6.11
N LEU C 127 22.98 -18.66 5.66
CA LEU C 127 21.54 -18.65 5.64
C LEU C 127 20.95 -18.29 6.98
N MET C 128 21.52 -18.87 8.04
CA MET C 128 21.10 -18.58 9.40
C MET C 128 21.11 -17.08 9.66
N GLY C 129 22.12 -16.43 9.11
CA GLY C 129 22.29 -14.99 9.23
C GLY C 129 21.28 -14.23 8.41
N ILE C 130 21.03 -14.69 7.19
CA ILE C 130 20.00 -14.10 6.35
C ILE C 130 18.60 -14.23 6.99
N LYS C 131 18.21 -15.44 7.34
CA LYS C 131 16.89 -15.68 7.89
C LYS C 131 16.64 -14.92 9.19
N ALA C 132 17.67 -14.81 10.01
CA ALA C 132 17.61 -14.04 11.23
C ALA C 132 17.46 -12.57 10.92
N ALA C 133 18.17 -12.09 9.90
CA ALA C 133 18.10 -10.69 9.53
C ALA C 133 16.73 -10.29 8.97
N MET C 134 16.17 -11.15 8.12
CA MET C 134 14.86 -10.87 7.55
C MET C 134 13.79 -10.89 8.62
N LYS C 135 13.97 -11.74 9.63
CA LYS C 135 13.02 -11.88 10.74
C LYS C 135 13.01 -10.64 11.63
N LEU C 136 14.19 -10.21 12.04
CA LEU C 136 14.32 -9.13 13.00
C LEU C 136 14.24 -7.74 12.37
N LEU C 137 14.41 -7.69 11.05
CA LEU C 137 14.27 -6.45 10.31
C LEU C 137 13.31 -6.63 9.14
N PRO C 138 12.02 -6.90 9.44
CA PRO C 138 11.04 -7.11 8.37
C PRO C 138 11.01 -5.92 7.43
N GLY C 139 10.94 -6.21 6.14
CA GLY C 139 10.76 -5.15 5.16
C GLY C 139 12.07 -4.62 4.63
N VAL C 140 13.11 -4.67 5.45
CA VAL C 140 14.44 -4.24 5.04
C VAL C 140 15.00 -5.27 4.07
N PRO C 141 15.42 -4.82 2.87
CA PRO C 141 15.97 -5.71 1.87
C PRO C 141 17.30 -6.35 2.31
N ASN C 142 17.49 -7.64 1.97
CA ASN C 142 18.76 -8.31 2.17
C ASN C 142 19.39 -8.68 0.84
N VAL C 143 20.69 -8.43 0.72
CA VAL C 143 21.45 -8.81 -0.47
C VAL C 143 22.49 -9.86 -0.11
N ALA C 144 22.57 -10.91 -0.93
CA ALA C 144 23.58 -11.94 -0.80
C ALA C 144 24.72 -11.70 -1.78
N VAL C 145 25.95 -11.72 -1.28
CA VAL C 145 27.13 -11.56 -2.13
C VAL C 145 27.97 -12.83 -2.03
N PHE C 146 28.25 -13.46 -3.18
CA PHE C 146 28.81 -14.82 -3.22
C PHE C 146 30.32 -14.92 -3.45
N ASP C 147 30.99 -15.57 -2.51
CA ASP C 147 32.41 -15.83 -2.59
C ASP C 147 32.85 -16.48 -3.90
N THR C 148 31.95 -17.21 -4.54
CA THR C 148 32.30 -17.98 -5.74
C THR C 148 31.95 -17.26 -7.03
N ALA C 149 31.16 -16.19 -6.92
CA ALA C 149 30.50 -15.58 -8.08
C ALA C 149 31.48 -14.93 -9.04
N PHE C 150 32.43 -14.18 -8.52
CA PHE C 150 33.40 -13.52 -9.38
C PHE C 150 34.04 -14.50 -10.34
N HIS C 151 34.15 -15.76 -9.90
CA HIS C 151 34.88 -16.81 -10.58
C HIS C 151 34.02 -17.53 -11.59
N GLN C 152 32.75 -17.21 -11.66
CA GLN C 152 31.87 -17.89 -12.61
C GLN C 152 32.17 -17.63 -14.10
N THR C 153 33.10 -16.70 -14.38
CA THR C 153 33.45 -16.38 -15.75
C THR C 153 34.56 -17.26 -16.29
N ILE C 154 35.15 -18.07 -15.39
CA ILE C 154 36.18 -19.06 -15.74
C ILE C 154 35.65 -20.02 -16.80
N PRO C 155 36.38 -20.15 -17.94
CA PRO C 155 36.02 -21.01 -19.06
C PRO C 155 36.09 -22.49 -18.70
N GLN C 156 35.53 -23.35 -19.55
CA GLN C 156 35.51 -24.80 -19.31
C GLN C 156 36.89 -25.40 -19.21
N LYS C 157 37.79 -24.97 -20.11
CA LYS C 157 39.14 -25.50 -20.13
C LYS C 157 39.83 -25.40 -18.76
N ALA C 158 39.30 -24.55 -17.89
CA ALA C 158 39.96 -24.21 -16.63
C ALA C 158 39.27 -24.76 -15.38
N TYR C 159 37.97 -25.08 -15.50
CA TYR C 159 37.20 -25.52 -14.34
C TYR C 159 36.87 -27.01 -14.29
N LEU C 160 37.15 -27.74 -15.36
CA LEU C 160 36.92 -29.18 -15.35
C LEU C 160 38.18 -29.95 -14.96
N TYR C 161 38.06 -30.83 -13.99
CA TYR C 161 39.21 -31.63 -13.61
C TYR C 161 39.34 -32.80 -14.54
N ALA C 162 40.54 -33.34 -14.67
CA ALA C 162 40.81 -34.47 -15.56
C ALA C 162 40.34 -35.78 -14.91
N ILE C 163 39.08 -35.80 -14.50
CA ILE C 163 38.46 -36.96 -13.88
C ILE C 163 37.22 -37.32 -14.66
N PRO C 164 36.66 -38.52 -14.43
CA PRO C 164 35.48 -38.88 -15.20
C PRO C 164 34.48 -37.75 -15.22
N TYR C 165 33.97 -37.42 -16.42
CA TYR C 165 33.03 -36.30 -16.57
C TYR C 165 31.70 -36.54 -15.86
N GLU C 166 31.32 -37.81 -15.76
CA GLU C 166 30.21 -38.26 -14.90
C GLU C 166 30.20 -37.54 -13.56
N TYR C 167 31.38 -37.31 -12.97
CA TYR C 167 31.48 -36.67 -11.65
C TYR C 167 31.00 -35.22 -11.67
N TYR C 168 31.15 -34.56 -12.82
CA TYR C 168 30.63 -33.21 -12.98
C TYR C 168 29.14 -33.26 -13.26
N GLU C 169 28.74 -34.15 -14.16
CA GLU C 169 27.32 -34.32 -14.50
C GLU C 169 26.51 -34.61 -13.25
N LYS C 170 26.99 -35.55 -12.44
CA LYS C 170 26.24 -36.05 -11.31
C LYS C 170 26.36 -35.17 -10.07
N TYR C 171 27.55 -34.71 -9.72
CA TYR C 171 27.73 -33.96 -8.46
C TYR C 171 28.14 -32.50 -8.63
N LYS C 172 28.24 -32.04 -9.87
CA LYS C 172 28.77 -30.70 -10.18
C LYS C 172 30.19 -30.46 -9.60
N ILE C 173 31.09 -31.43 -9.78
CA ILE C 173 32.45 -31.29 -9.31
C ILE C 173 33.26 -30.51 -10.34
N ARG C 174 33.56 -29.27 -10.01
CA ARG C 174 34.36 -28.41 -10.86
C ARG C 174 35.16 -27.46 -9.98
N ARG C 175 35.96 -26.62 -10.60
CA ARG C 175 36.63 -25.58 -9.85
C ARG C 175 35.61 -24.49 -9.63
N TYR C 176 35.38 -24.11 -8.38
CA TYR C 176 34.54 -22.93 -8.11
C TYR C 176 35.35 -21.71 -7.76
N GLY C 177 36.37 -21.88 -6.93
CA GLY C 177 37.20 -20.76 -6.48
C GLY C 177 36.57 -20.03 -5.32
N PHE C 178 37.37 -19.36 -4.50
CA PHE C 178 36.85 -18.62 -3.37
C PHE C 178 37.65 -17.36 -3.20
N HIS C 179 37.33 -16.57 -2.18
CA HIS C 179 37.87 -15.20 -2.06
C HIS C 179 37.43 -14.35 -3.23
N GLY C 180 36.30 -14.73 -3.82
CA GLY C 180 35.79 -14.08 -5.02
C GLY C 180 35.65 -12.59 -4.81
N THR C 181 34.94 -12.19 -3.78
CA THR C 181 34.60 -10.79 -3.69
C THR C 181 35.80 -9.98 -3.22
N SER C 182 36.88 -10.66 -2.83
CA SER C 182 38.14 -9.98 -2.52
C SER C 182 38.98 -9.78 -3.77
N HIS C 183 39.07 -10.82 -4.60
CA HIS C 183 39.77 -10.73 -5.88
C HIS C 183 39.09 -9.71 -6.75
N ARG C 184 37.77 -9.67 -6.66
CA ARG C 184 37.00 -8.69 -7.40
C ARG C 184 37.26 -7.28 -6.90
N TYR C 185 37.29 -7.10 -5.58
CA TYR C 185 37.54 -5.79 -5.01
C TYR C 185 38.91 -5.22 -5.38
N VAL C 186 39.96 -6.02 -5.22
CA VAL C 186 41.29 -5.49 -5.35
C VAL C 186 41.68 -5.29 -6.81
N SER C 187 41.20 -6.18 -7.68
CA SER C 187 41.50 -6.05 -9.11
C SER C 187 40.90 -4.77 -9.66
N LYS C 188 39.70 -4.45 -9.19
CA LYS C 188 39.01 -3.23 -9.59
C LYS C 188 39.74 -2.01 -9.02
N ARG C 189 40.09 -2.10 -7.73
CA ARG C 189 40.77 -0.99 -7.03
C ARG C 189 42.11 -0.67 -7.66
N ALA C 190 42.82 -1.73 -8.05
CA ALA C 190 44.13 -1.59 -8.68
C ALA C 190 44.03 -0.85 -10.00
N ALA C 191 43.07 -1.23 -10.83
CA ALA C 191 42.84 -0.54 -12.09
C ALA C 191 42.58 0.97 -11.91
N GLU C 192 41.80 1.33 -10.89
CA GLU C 192 41.54 2.73 -10.56
C GLU C 192 42.85 3.44 -10.21
N ILE C 193 43.71 2.79 -9.43
CA ILE C 193 45.00 3.37 -9.01
C ILE C 193 45.93 3.60 -10.19
N LEU C 194 45.83 2.76 -11.20
CA LEU C 194 46.67 2.87 -12.38
C LEU C 194 46.11 3.84 -13.40
N GLY C 195 44.91 4.35 -13.12
CA GLY C 195 44.23 5.28 -14.03
C GLY C 195 43.87 4.66 -15.36
N LYS C 196 43.50 3.39 -15.33
CA LYS C 196 43.16 2.65 -16.54
C LYS C 196 41.89 1.83 -16.38
N LYS C 197 41.17 1.65 -17.48
CA LYS C 197 39.98 0.80 -17.50
C LYS C 197 40.33 -0.65 -17.25
N LEU C 198 39.49 -1.31 -16.44
CA LEU C 198 39.73 -2.68 -16.05
C LEU C 198 39.71 -3.63 -17.25
N GLU C 199 38.94 -3.29 -18.28
CA GLU C 199 38.73 -4.15 -19.45
C GLU C 199 39.91 -4.17 -20.40
N GLU C 200 40.97 -3.43 -20.08
CA GLU C 200 42.20 -3.45 -20.87
C GLU C 200 43.43 -3.73 -20.01
N LEU C 201 43.22 -4.50 -18.94
CA LEU C 201 44.30 -4.91 -18.06
C LEU C 201 44.22 -6.39 -17.77
N LYS C 202 45.40 -7.01 -17.76
CA LYS C 202 45.57 -8.36 -17.30
C LYS C 202 46.16 -8.33 -15.88
N ILE C 203 45.34 -8.61 -14.88
CA ILE C 203 45.79 -8.51 -13.50
C ILE C 203 45.80 -9.87 -12.85
N ILE C 204 46.88 -10.16 -12.12
CA ILE C 204 46.96 -11.33 -11.26
C ILE C 204 46.85 -10.84 -9.83
N THR C 205 45.82 -11.31 -9.13
CA THR C 205 45.57 -10.90 -7.75
C THR C 205 45.90 -11.99 -6.75
N CYS C 206 46.69 -11.61 -5.75
CA CYS C 206 47.16 -12.55 -4.74
C CYS C 206 46.55 -12.28 -3.37
N HIS C 207 45.47 -12.98 -3.05
CA HIS C 207 44.85 -12.88 -1.72
C HIS C 207 45.57 -13.87 -0.84
N ILE C 208 46.50 -13.35 -0.06
CA ILE C 208 47.42 -14.19 0.70
C ILE C 208 47.26 -13.92 2.19
N GLY C 209 46.43 -14.74 2.82
CA GLY C 209 46.18 -14.65 4.25
C GLY C 209 46.14 -16.03 4.88
N ASN C 210 45.33 -16.17 5.93
CA ASN C 210 45.21 -17.46 6.61
C ASN C 210 44.67 -18.52 5.67
N GLY C 211 43.80 -18.09 4.75
CA GLY C 211 43.55 -18.82 3.51
C GLY C 211 44.21 -18.01 2.41
N ALA C 212 44.58 -18.65 1.30
CA ALA C 212 45.22 -17.91 0.23
C ALA C 212 44.84 -18.45 -1.14
N SER C 213 44.49 -17.54 -2.03
CA SER C 213 44.28 -17.95 -3.40
C SER C 213 44.79 -16.88 -4.34
N VAL C 214 45.05 -17.30 -5.58
CA VAL C 214 45.43 -16.38 -6.66
C VAL C 214 44.32 -16.34 -7.69
N ALA C 215 44.06 -15.16 -8.26
CA ALA C 215 43.11 -15.09 -9.36
C ALA C 215 43.74 -14.45 -10.58
N ALA C 216 43.39 -14.97 -11.76
CA ALA C 216 43.85 -14.42 -13.02
C ALA C 216 42.69 -13.65 -13.58
N VAL C 217 42.79 -12.32 -13.60
CA VAL C 217 41.68 -11.44 -13.96
C VAL C 217 41.96 -10.77 -15.30
N LYS C 218 41.53 -11.44 -16.36
CA LYS C 218 41.79 -11.01 -17.72
C LYS C 218 40.69 -10.09 -18.27
N TYR C 219 41.04 -8.81 -18.45
CA TYR C 219 40.13 -7.80 -18.99
C TYR C 219 38.85 -7.66 -18.15
N GLY C 220 39.00 -7.77 -16.84
CA GLY C 220 37.88 -7.62 -15.91
C GLY C 220 37.14 -8.90 -15.56
N LYS C 221 37.38 -9.98 -16.29
CA LYS C 221 36.77 -11.29 -16.01
C LYS C 221 37.80 -12.27 -15.49
N CYS C 222 37.44 -13.05 -14.48
CA CYS C 222 38.36 -14.03 -13.92
C CYS C 222 38.46 -15.21 -14.84
N VAL C 223 39.67 -15.64 -15.14
CA VAL C 223 39.89 -16.74 -16.07
C VAL C 223 40.42 -18.00 -15.39
N ASP C 224 40.95 -17.86 -14.17
CA ASP C 224 41.45 -18.97 -13.40
C ASP C 224 41.66 -18.53 -11.95
N THR C 225 41.51 -19.45 -11.01
CA THR C 225 41.84 -19.19 -9.62
C THR C 225 42.46 -20.44 -8.95
N SER C 226 43.27 -20.22 -7.93
CA SER C 226 44.03 -21.26 -7.25
C SER C 226 43.17 -22.29 -6.50
N MET C 227 42.15 -21.83 -5.77
CA MET C 227 41.31 -22.74 -5.01
C MET C 227 40.39 -23.49 -5.95
N GLY C 228 39.87 -24.64 -5.55
CA GLY C 228 39.15 -25.51 -6.47
C GLY C 228 37.69 -25.71 -6.13
N PHE C 229 37.27 -26.97 -6.13
CA PHE C 229 35.98 -27.37 -5.67
C PHE C 229 35.83 -26.94 -4.22
N THR C 230 36.93 -26.90 -3.49
CA THR C 230 36.96 -26.53 -2.08
C THR C 230 38.12 -25.54 -1.87
N PRO C 231 38.26 -24.98 -0.66
CA PRO C 231 39.42 -24.15 -0.38
C PRO C 231 40.74 -24.88 -0.12
N LEU C 232 40.84 -26.18 -0.42
CA LEU C 232 42.10 -26.91 -0.22
C LEU C 232 43.15 -26.70 -1.30
N GLU C 233 42.72 -26.47 -2.53
CA GLU C 233 43.62 -26.39 -3.66
C GLU C 233 44.50 -25.14 -3.68
N GLY C 234 45.68 -25.28 -4.28
CA GLY C 234 46.52 -24.13 -4.58
C GLY C 234 47.57 -23.80 -3.53
N LEU C 235 47.64 -22.54 -3.16
CA LEU C 235 48.74 -22.01 -2.34
C LEU C 235 48.87 -22.67 -0.98
N VAL C 236 50.06 -22.57 -0.40
CA VAL C 236 50.26 -23.01 0.98
C VAL C 236 49.41 -22.09 1.82
N MET C 237 48.60 -22.66 2.70
CA MET C 237 47.82 -21.87 3.66
C MET C 237 48.21 -22.13 5.12
N GLY C 238 47.52 -21.46 6.05
CA GLY C 238 47.85 -21.55 7.47
C GLY C 238 47.87 -22.98 7.97
N THR C 239 46.79 -23.72 7.70
CA THR C 239 46.64 -25.09 8.19
C THR C 239 46.24 -26.01 7.08
N ARG C 240 46.02 -25.46 5.88
CA ARG C 240 45.67 -26.28 4.71
C ARG C 240 46.87 -26.58 3.81
N SER C 241 46.86 -27.77 3.24
CA SER C 241 47.99 -28.34 2.56
C SER C 241 48.26 -27.71 1.21
N GLY C 242 47.26 -27.03 0.66
CA GLY C 242 47.35 -26.54 -0.72
C GLY C 242 47.45 -27.70 -1.70
N ASP C 243 47.92 -27.45 -2.92
CA ASP C 243 48.21 -28.53 -3.86
C ASP C 243 49.04 -29.67 -3.26
N LEU C 244 48.59 -30.92 -3.46
CA LEU C 244 49.51 -32.06 -3.40
C LEU C 244 49.21 -33.22 -4.33
N ASP C 245 50.23 -34.05 -4.58
CA ASP C 245 50.14 -35.32 -5.28
C ASP C 245 48.90 -36.08 -4.84
N PRO C 246 47.91 -36.21 -5.74
CA PRO C 246 46.67 -36.94 -5.48
C PRO C 246 46.87 -38.26 -4.72
N ALA C 247 48.00 -38.92 -4.95
CA ALA C 247 48.23 -40.25 -4.38
C ALA C 247 48.62 -40.21 -2.93
N ILE C 248 49.27 -39.15 -2.48
CA ILE C 248 49.80 -39.10 -1.09
C ILE C 248 48.78 -39.47 -0.01
N PRO C 249 47.60 -38.83 0.01
CA PRO C 249 46.63 -39.18 1.06
C PRO C 249 46.34 -40.67 1.16
N PHE C 250 46.23 -41.35 0.02
CA PHE C 250 45.89 -42.78 -0.04
C PHE C 250 47.00 -43.59 0.55
N PHE C 251 48.23 -43.17 0.28
CA PHE C 251 49.42 -43.81 0.84
C PHE C 251 49.45 -43.64 2.35
N ILE C 252 49.21 -42.42 2.79
CA ILE C 252 49.27 -42.14 4.20
C ILE C 252 48.20 -42.87 4.99
N MET C 253 46.98 -42.89 4.44
CA MET C 253 45.86 -43.60 5.06
C MET C 253 46.19 -45.05 5.24
N GLU C 254 46.71 -45.66 4.18
CA GLU C 254 46.97 -47.08 4.17
C GLU C 254 48.15 -47.46 5.03
N LYS C 255 49.22 -46.67 5.04
CA LYS C 255 50.39 -46.98 5.87
C LYS C 255 50.12 -46.73 7.34
N GLU C 256 49.09 -45.94 7.63
CA GLU C 256 48.84 -45.53 9.03
C GLU C 256 47.53 -45.97 9.68
N GLY C 257 46.62 -46.55 8.91
CA GLY C 257 45.34 -47.03 9.46
C GLY C 257 44.47 -45.86 9.90
N ILE C 258 44.09 -45.04 8.93
CA ILE C 258 43.42 -43.77 9.13
C ILE C 258 42.24 -43.69 8.16
N SER C 259 41.05 -43.37 8.67
CA SER C 259 39.85 -43.25 7.82
C SER C 259 39.96 -42.00 6.96
N PRO C 260 39.14 -41.90 5.89
CA PRO C 260 39.27 -40.73 5.02
C PRO C 260 38.98 -39.45 5.77
N GLN C 261 38.07 -39.52 6.73
CA GLN C 261 37.81 -38.39 7.59
C GLN C 261 39.10 -37.96 8.32
N GLU C 262 39.71 -38.89 9.06
CA GLU C 262 40.94 -38.59 9.78
C GLU C 262 42.00 -37.96 8.86
N MET C 263 42.07 -38.43 7.60
CA MET C 263 43.08 -37.95 6.63
C MET C 263 42.74 -36.55 6.13
N TYR C 264 41.47 -36.36 5.80
CA TYR C 264 40.97 -35.07 5.31
C TYR C 264 41.20 -33.99 6.32
N ASP C 265 40.90 -34.30 7.59
CA ASP C 265 41.19 -33.43 8.72
C ASP C 265 42.66 -33.05 8.80
N ILE C 266 43.55 -34.03 8.68
CA ILE C 266 45.00 -33.78 8.76
C ILE C 266 45.43 -32.79 7.67
N LEU C 267 44.89 -32.97 6.46
CA LEU C 267 45.16 -32.08 5.32
C LEU C 267 44.63 -30.66 5.53
N ASN C 268 43.67 -30.54 6.43
CA ASN C 268 42.85 -29.34 6.50
C ASN C 268 43.08 -28.52 7.75
N LYS C 269 43.42 -29.19 8.86
CA LYS C 269 43.67 -28.55 10.15
C LYS C 269 45.14 -28.57 10.64
N LYS C 270 45.93 -29.57 10.23
CA LYS C 270 47.27 -29.78 10.75
C LYS C 270 48.35 -29.57 9.70
N SER C 271 47.96 -29.21 8.47
CA SER C 271 48.91 -29.10 7.38
C SER C 271 49.35 -27.67 7.10
N GLY C 272 49.69 -27.39 5.84
CA GLY C 272 50.15 -26.06 5.47
C GLY C 272 51.28 -25.54 6.33
N VAL C 273 51.20 -24.27 6.70
CA VAL C 273 52.27 -23.62 7.46
C VAL C 273 52.52 -24.35 8.77
N TYR C 274 51.43 -24.71 9.44
CA TYR C 274 51.49 -25.46 10.69
C TYR C 274 52.22 -26.78 10.52
N GLY C 275 51.84 -27.52 9.48
CA GLY C 275 52.45 -28.81 9.16
C GLY C 275 53.93 -28.72 8.92
N LEU C 276 54.33 -27.78 8.07
CA LEU C 276 55.72 -27.57 7.70
C LEU C 276 56.59 -27.25 8.91
N SER C 277 56.04 -26.48 9.84
CA SER C 277 56.81 -26.06 11.00
C SER C 277 56.66 -27.00 12.21
N LYS C 278 56.33 -28.27 11.94
CA LYS C 278 56.28 -29.32 12.99
C LYS C 278 55.38 -28.94 14.19
N GLY C 279 54.47 -27.98 13.96
CA GLY C 279 53.49 -27.57 14.95
C GLY C 279 53.89 -26.31 15.70
N PHE C 280 54.77 -25.51 15.10
CA PHE C 280 55.28 -24.30 15.75
C PHE C 280 54.18 -23.25 15.73
N SER C 281 53.72 -22.89 14.53
CA SER C 281 52.60 -21.98 14.37
C SER C 281 52.00 -22.11 12.97
N SER C 282 50.80 -21.57 12.82
CA SER C 282 50.13 -21.52 11.51
C SER C 282 50.04 -20.08 11.01
N ASP C 283 50.42 -19.16 11.90
CA ASP C 283 50.47 -17.74 11.58
C ASP C 283 51.80 -17.42 10.90
N MET C 284 51.74 -17.00 9.64
CA MET C 284 52.95 -16.79 8.82
C MET C 284 53.94 -15.80 9.39
N ARG C 285 53.45 -14.78 10.10
CA ARG C 285 54.34 -13.79 10.70
C ARG C 285 55.03 -14.31 11.95
N ASP C 286 54.48 -15.35 12.57
CA ASP C 286 55.18 -16.06 13.64
C ASP C 286 56.45 -16.70 13.07
N ILE C 287 56.37 -17.12 11.82
CA ILE C 287 57.51 -17.71 11.12
C ILE C 287 58.48 -16.64 10.62
N GLU C 288 57.91 -15.58 10.04
CA GLU C 288 58.71 -14.45 9.56
C GLU C 288 59.61 -13.95 10.70
N GLU C 289 59.01 -13.71 11.87
CA GLU C 289 59.72 -13.28 13.05
C GLU C 289 60.86 -14.24 13.40
N ALA C 290 60.55 -15.53 13.43
CA ALA C 290 61.55 -16.54 13.79
C ALA C 290 62.64 -16.69 12.73
N ALA C 291 62.27 -16.52 11.46
CA ALA C 291 63.24 -16.58 10.38
C ALA C 291 64.25 -15.42 10.45
N LEU C 292 63.75 -14.24 10.78
CA LEU C 292 64.60 -13.06 10.94
C LEU C 292 65.48 -13.19 12.17
N LYS C 293 65.10 -14.04 13.11
CA LYS C 293 65.91 -14.25 14.30
C LYS C 293 66.99 -15.31 14.10
N GLY C 294 67.11 -15.83 12.88
CA GLY C 294 68.19 -16.74 12.53
C GLY C 294 67.81 -18.20 12.50
N ASP C 295 66.57 -18.52 12.89
CA ASP C 295 66.07 -19.89 12.83
C ASP C 295 66.09 -20.42 11.39
N GLU C 296 66.98 -21.39 11.15
CA GLU C 296 67.18 -21.94 9.82
C GLU C 296 65.92 -22.56 9.22
N TRP C 297 65.14 -23.23 10.07
CA TRP C 297 63.97 -23.98 9.61
C TRP C 297 62.83 -23.12 9.08
N CYS C 298 62.60 -21.99 9.74
CA CYS C 298 61.57 -21.07 9.30
C CYS C 298 61.91 -20.40 7.98
N LYS C 299 63.18 -20.01 7.80
CA LYS C 299 63.62 -19.49 6.51
C LYS C 299 63.13 -20.40 5.39
N LEU C 300 63.15 -21.71 5.64
CA LEU C 300 62.70 -22.68 4.66
C LEU C 300 61.19 -22.65 4.45
N VAL C 301 60.43 -22.68 5.54
CA VAL C 301 58.96 -22.63 5.46
C VAL C 301 58.57 -21.41 4.62
N LEU C 302 59.14 -20.27 4.98
CA LEU C 302 58.98 -19.02 4.26
C LEU C 302 59.27 -19.22 2.77
N GLU C 303 60.45 -19.72 2.42
CA GLU C 303 60.82 -19.97 1.01
C GLU C 303 59.81 -20.86 0.28
N ILE C 304 59.30 -21.88 0.98
CA ILE C 304 58.36 -22.83 0.42
C ILE C 304 57.08 -22.13 0.08
N TYR C 305 56.58 -21.40 1.07
CA TYR C 305 55.39 -20.55 0.97
C TYR C 305 55.49 -19.61 -0.23
N ASP C 306 56.47 -18.72 -0.19
CA ASP C 306 56.72 -17.78 -1.28
C ASP C 306 56.85 -18.46 -2.66
N TYR C 307 57.71 -19.48 -2.75
CA TYR C 307 57.95 -20.19 -4.02
C TYR C 307 56.65 -20.48 -4.79
N ARG C 308 55.68 -21.08 -4.08
CA ARG C 308 54.49 -21.59 -4.74
C ARG C 308 53.62 -20.44 -5.23
N ILE C 309 53.62 -19.33 -4.48
CA ILE C 309 52.96 -18.10 -4.95
C ILE C 309 53.60 -17.63 -6.27
N ALA C 310 54.92 -17.56 -6.28
CA ALA C 310 55.66 -17.15 -7.48
C ALA C 310 55.34 -18.02 -8.70
N LYS C 311 55.19 -19.32 -8.48
CA LYS C 311 54.87 -20.22 -9.57
C LYS C 311 53.48 -19.98 -10.12
N TYR C 312 52.56 -19.64 -9.22
CA TYR C 312 51.20 -19.34 -9.63
C TYR C 312 51.12 -18.05 -10.43
N ILE C 313 51.83 -17.03 -10.01
CA ILE C 313 51.90 -15.83 -10.82
C ILE C 313 52.40 -16.17 -12.24
N GLY C 314 53.46 -16.98 -12.31
CA GLY C 314 54.02 -17.45 -13.59
C GLY C 314 52.99 -18.19 -14.41
N ALA C 315 52.28 -19.10 -13.75
CA ALA C 315 51.30 -19.94 -14.41
C ALA C 315 50.17 -19.11 -15.01
N TYR C 316 49.69 -18.15 -14.23
CA TYR C 316 48.52 -17.39 -14.62
C TYR C 316 48.89 -16.36 -15.66
N ALA C 317 50.11 -15.85 -15.58
CA ALA C 317 50.68 -15.00 -16.62
C ALA C 317 50.57 -15.68 -17.98
N ALA C 318 50.93 -16.97 -18.01
CA ALA C 318 50.80 -17.81 -19.20
C ALA C 318 49.33 -18.00 -19.59
N ALA C 319 48.47 -18.17 -18.60
CA ALA C 319 47.06 -18.37 -18.85
C ALA C 319 46.43 -17.17 -19.57
N MET C 320 46.85 -15.95 -19.23
CA MET C 320 46.28 -14.76 -19.86
C MET C 320 47.10 -14.30 -21.07
N ASN C 321 48.23 -14.96 -21.29
CA ASN C 321 49.19 -14.55 -22.31
C ASN C 321 49.70 -13.14 -22.03
N GLY C 322 49.97 -12.87 -20.77
CA GLY C 322 50.53 -11.59 -20.33
C GLY C 322 50.14 -11.20 -18.91
N VAL C 323 50.94 -10.34 -18.30
CA VAL C 323 50.56 -9.71 -17.05
C VAL C 323 50.75 -8.23 -17.22
N ASP C 324 49.79 -7.44 -16.77
CA ASP C 324 49.96 -6.00 -16.75
C ASP C 324 50.26 -5.50 -15.35
N ALA C 325 49.71 -6.21 -14.36
CA ALA C 325 49.87 -5.86 -12.97
C ALA C 325 49.67 -7.04 -12.02
N ILE C 326 50.34 -6.98 -10.88
CA ILE C 326 50.21 -7.99 -9.83
C ILE C 326 49.80 -7.27 -8.53
N VAL C 327 48.77 -7.80 -7.87
CA VAL C 327 48.26 -7.19 -6.65
C VAL C 327 48.42 -8.15 -5.47
N PHE C 328 49.02 -7.63 -4.40
CA PHE C 328 49.11 -8.35 -3.12
C PHE C 328 48.06 -7.81 -2.17
N THR C 329 47.36 -8.73 -1.49
CA THR C 329 46.32 -8.34 -0.51
C THR C 329 46.08 -9.41 0.56
N ALA C 330 45.25 -9.07 1.56
CA ALA C 330 44.94 -9.92 2.73
C ALA C 330 46.04 -9.88 3.79
N GLY C 331 45.79 -10.54 4.92
CA GLY C 331 46.73 -10.53 6.06
C GLY C 331 48.24 -10.44 5.77
N VAL C 332 48.74 -11.36 4.94
CA VAL C 332 50.17 -11.45 4.65
C VAL C 332 50.56 -10.53 3.49
N GLY C 333 49.76 -10.55 2.42
CA GLY C 333 50.01 -9.75 1.23
C GLY C 333 50.13 -8.26 1.53
N GLU C 334 49.40 -7.82 2.55
CA GLU C 334 49.37 -6.42 2.95
C GLU C 334 50.50 -6.05 3.93
N ASN C 335 51.06 -7.07 4.60
CA ASN C 335 51.92 -6.81 5.76
C ASN C 335 53.30 -7.48 5.79
N SER C 336 53.65 -8.23 4.74
CA SER C 336 54.96 -8.86 4.64
C SER C 336 55.73 -8.32 3.44
N PRO C 337 56.54 -7.27 3.64
CA PRO C 337 57.34 -6.76 2.54
C PRO C 337 58.36 -7.82 2.10
N ILE C 338 58.76 -8.69 3.04
CA ILE C 338 59.69 -9.79 2.79
C ILE C 338 59.10 -10.83 1.82
N THR C 339 57.87 -11.25 2.08
CA THR C 339 57.18 -12.21 1.21
C THR C 339 57.01 -11.62 -0.18
N ARG C 340 56.58 -10.37 -0.23
CA ARG C 340 56.39 -9.66 -1.50
C ARG C 340 57.69 -9.59 -2.30
N GLU C 341 58.79 -9.32 -1.60
CA GLU C 341 60.11 -9.23 -2.21
C GLU C 341 60.62 -10.59 -2.70
N ASP C 342 60.45 -11.63 -1.88
CA ASP C 342 60.91 -12.97 -2.23
C ASP C 342 60.17 -13.45 -3.46
N VAL C 343 58.85 -13.25 -3.44
CA VAL C 343 58.00 -13.73 -4.53
C VAL C 343 58.41 -13.05 -5.83
N CYS C 344 58.72 -11.76 -5.74
CA CYS C 344 59.05 -10.97 -6.93
C CYS C 344 60.44 -11.22 -7.49
N SER C 345 61.33 -11.82 -6.70
CA SER C 345 62.68 -12.11 -7.16
C SER C 345 62.65 -13.14 -8.28
N TYR C 346 61.63 -14.00 -8.26
CA TYR C 346 61.41 -14.99 -9.31
C TYR C 346 60.87 -14.39 -10.60
N LEU C 347 60.56 -13.09 -10.59
CA LEU C 347 59.76 -12.49 -11.66
C LEU C 347 60.43 -11.38 -12.49
N GLU C 348 61.74 -11.21 -12.35
CA GLU C 348 62.40 -10.15 -13.10
C GLU C 348 62.50 -10.48 -14.59
N PHE C 349 62.45 -11.76 -14.93
CA PHE C 349 62.41 -12.20 -16.32
C PHE C 349 61.16 -11.65 -17.04
N LEU C 350 60.14 -11.28 -16.27
CA LEU C 350 58.93 -10.66 -16.80
C LEU C 350 59.04 -9.15 -16.84
N GLY C 351 60.09 -8.61 -16.24
CA GLY C 351 60.30 -7.18 -16.16
C GLY C 351 59.78 -6.57 -14.87
N VAL C 352 59.71 -7.38 -13.82
CA VAL C 352 59.24 -6.94 -12.51
C VAL C 352 60.41 -6.49 -11.64
N LYS C 353 60.38 -5.23 -11.23
CA LYS C 353 61.38 -4.70 -10.28
C LYS C 353 60.64 -3.97 -9.17
N LEU C 354 61.04 -4.25 -7.93
CA LEU C 354 60.44 -3.60 -6.78
C LEU C 354 61.24 -2.39 -6.36
N ASP C 355 60.58 -1.42 -5.74
CA ASP C 355 61.28 -0.32 -5.10
C ASP C 355 61.34 -0.66 -3.62
N LYS C 356 62.52 -1.11 -3.18
CA LYS C 356 62.77 -1.51 -1.80
C LYS C 356 62.17 -0.54 -0.78
N GLN C 357 62.38 0.76 -1.03
CA GLN C 357 61.85 1.78 -0.17
C GLN C 357 60.32 1.71 -0.09
N LYS C 358 59.65 1.76 -1.23
CA LYS C 358 58.19 1.70 -1.27
C LYS C 358 57.61 0.38 -0.70
N ASN C 359 58.35 -0.71 -0.88
CA ASN C 359 57.90 -2.01 -0.43
C ASN C 359 57.85 -2.08 1.07
N GLU C 360 58.86 -1.53 1.71
CA GLU C 360 58.95 -1.63 3.15
C GLU C 360 57.97 -0.66 3.84
N GLU C 361 57.63 0.41 3.13
CA GLU C 361 56.72 1.46 3.62
C GLU C 361 55.25 1.04 3.66
N THR C 362 54.82 0.34 2.62
CA THR C 362 53.41 -0.05 2.44
C THR C 362 53.01 -1.31 3.23
N ILE C 363 52.75 -1.08 4.50
CA ILE C 363 52.69 -2.10 5.52
C ILE C 363 51.45 -1.75 6.36
N ARG C 364 50.93 -2.70 7.13
CA ARG C 364 49.90 -2.40 8.16
C ARG C 364 48.70 -1.56 7.69
N GLY C 365 48.22 -1.81 6.48
CA GLY C 365 46.98 -1.17 6.06
C GLY C 365 47.12 -0.12 4.97
N LYS C 366 48.34 0.35 4.74
CA LYS C 366 48.61 1.32 3.66
C LYS C 366 48.47 0.67 2.28
N GLU C 367 48.25 1.51 1.26
CA GLU C 367 48.11 1.02 -0.10
C GLU C 367 48.87 1.88 -1.09
N GLY C 368 49.37 1.24 -2.14
CA GLY C 368 50.11 1.94 -3.20
C GLY C 368 50.78 1.04 -4.21
N ILE C 369 51.54 1.65 -5.11
CA ILE C 369 52.33 0.94 -6.10
C ILE C 369 53.71 0.64 -5.50
N ILE C 370 54.23 -0.56 -5.75
CA ILE C 370 55.58 -0.89 -5.30
C ILE C 370 56.61 -1.11 -6.40
N SER C 371 56.15 -1.34 -7.62
CA SER C 371 57.06 -1.46 -8.76
C SER C 371 57.78 -0.15 -9.04
N THR C 372 59.00 -0.23 -9.56
CA THR C 372 59.73 0.99 -9.94
C THR C 372 59.08 1.61 -11.18
N PRO C 373 59.14 2.95 -11.31
CA PRO C 373 58.70 3.67 -12.51
C PRO C 373 58.96 2.91 -13.82
N ASP C 374 60.16 2.37 -13.99
CA ASP C 374 60.57 1.68 -15.22
C ASP C 374 60.09 0.22 -15.35
N SER C 375 59.58 -0.34 -14.26
CA SER C 375 59.13 -1.74 -14.21
C SER C 375 58.02 -2.04 -15.22
N ARG C 376 58.23 -3.08 -16.02
CA ARG C 376 57.32 -3.43 -17.13
C ARG C 376 56.01 -4.07 -16.68
N VAL C 377 56.02 -4.69 -15.51
CA VAL C 377 54.79 -5.13 -14.88
C VAL C 377 54.62 -4.40 -13.55
N LYS C 378 53.46 -3.79 -13.35
CA LYS C 378 53.23 -2.97 -12.17
C LYS C 378 52.86 -3.87 -11.00
N VAL C 379 53.38 -3.56 -9.81
CA VAL C 379 53.06 -4.35 -8.61
C VAL C 379 52.43 -3.45 -7.56
N LEU C 380 51.28 -3.83 -7.04
CA LEU C 380 50.55 -2.98 -6.10
C LEU C 380 50.20 -3.71 -4.82
N VAL C 381 50.15 -2.96 -3.72
CA VAL C 381 49.59 -3.48 -2.48
C VAL C 381 48.25 -2.80 -2.30
N VAL C 382 47.17 -3.57 -2.37
CA VAL C 382 45.81 -3.02 -2.21
C VAL C 382 45.09 -3.72 -1.05
N PRO C 383 45.14 -3.13 0.16
CA PRO C 383 44.46 -3.76 1.29
C PRO C 383 43.01 -4.08 0.96
N THR C 384 42.62 -5.32 1.20
CA THR C 384 41.30 -5.76 0.84
C THR C 384 40.28 -5.25 1.86
N ASN C 385 39.07 -5.05 1.37
CA ASN C 385 37.95 -4.58 2.16
C ASN C 385 36.69 -5.27 1.62
N GLU C 386 36.55 -6.55 1.92
CA GLU C 386 35.47 -7.34 1.38
C GLU C 386 34.09 -6.84 1.84
N GLU C 387 34.02 -6.26 3.03
CA GLU C 387 32.78 -5.74 3.59
C GLU C 387 32.29 -4.58 2.76
N LEU C 388 33.17 -3.60 2.51
CA LEU C 388 32.81 -2.44 1.70
C LEU C 388 32.32 -2.88 0.34
N MET C 389 32.96 -3.89 -0.22
CA MET C 389 32.55 -4.44 -1.50
C MET C 389 31.09 -4.92 -1.43
N ILE C 390 30.73 -5.61 -0.35
CA ILE C 390 29.36 -6.08 -0.15
C ILE C 390 28.41 -4.89 -0.04
N ALA C 391 28.74 -3.93 0.81
CA ALA C 391 27.94 -2.74 1.00
C ALA C 391 27.66 -2.07 -0.34
N ARG C 392 28.67 -2.01 -1.20
CA ARG C 392 28.55 -1.41 -2.52
C ARG C 392 27.63 -2.14 -3.48
N ASP C 393 27.63 -3.47 -3.44
CA ASP C 393 26.70 -4.28 -4.25
C ASP C 393 25.28 -4.16 -3.72
N THR C 394 25.16 -4.13 -2.39
CA THR C 394 23.87 -3.94 -1.73
C THR C 394 23.29 -2.57 -2.12
N LYS C 395 24.10 -1.53 -2.00
CA LYS C 395 23.71 -0.19 -2.40
C LYS C 395 23.16 -0.17 -3.82
N GLU C 396 23.91 -0.72 -4.78
CA GLU C 396 23.50 -0.69 -6.17
C GLU C 396 22.16 -1.39 -6.38
N ILE C 397 22.05 -2.63 -5.91
CA ILE C 397 20.81 -3.39 -6.06
C ILE C 397 19.63 -2.71 -5.38
N VAL C 398 19.82 -2.27 -4.14
CA VAL C 398 18.75 -1.64 -3.36
C VAL C 398 18.21 -0.36 -3.99
N GLU C 399 19.08 0.48 -4.55
CA GLU C 399 18.64 1.62 -5.37
C GLU C 399 17.89 1.07 -6.60
N LYS C 400 16.57 0.91 -6.47
CA LYS C 400 15.72 0.31 -7.51
C LYS C 400 14.34 -0.02 -6.95
N MET D 1 82.37 -50.76 -27.81
CA MET D 1 81.83 -51.50 -26.64
C MET D 1 80.34 -51.80 -26.83
N ARG D 2 79.87 -52.93 -26.31
CA ARG D 2 78.49 -53.33 -26.55
C ARG D 2 77.65 -53.40 -25.29
N VAL D 3 76.69 -52.48 -25.16
CA VAL D 3 75.83 -52.46 -24.01
C VAL D 3 74.48 -53.06 -24.37
N LEU D 4 74.00 -53.92 -23.48
CA LEU D 4 72.65 -54.44 -23.55
C LEU D 4 71.82 -53.61 -22.57
N VAL D 5 70.80 -52.93 -23.09
CA VAL D 5 69.96 -52.06 -22.29
C VAL D 5 68.66 -52.75 -22.00
N ILE D 6 68.30 -52.81 -20.73
CA ILE D 6 67.13 -53.55 -20.29
C ILE D 6 66.11 -52.67 -19.57
N ASN D 7 64.84 -52.95 -19.80
CA ASN D 7 63.79 -52.26 -19.08
C ASN D 7 62.75 -53.29 -18.70
N SER D 8 62.85 -53.80 -17.48
CA SER D 8 61.90 -54.82 -17.01
C SER D 8 60.76 -54.28 -16.13
N GLY D 9 59.55 -54.38 -16.69
CA GLY D 9 58.33 -54.05 -15.99
C GLY D 9 57.72 -55.34 -15.50
N SER D 10 56.63 -55.20 -14.75
CA SER D 10 56.00 -56.34 -14.08
C SER D 10 55.63 -57.47 -15.05
N SER D 11 55.27 -57.11 -16.28
CA SER D 11 54.72 -58.08 -17.23
C SER D 11 55.66 -58.40 -18.38
N SER D 12 56.75 -57.65 -18.51
CA SER D 12 57.63 -57.71 -19.70
C SER D 12 59.06 -57.21 -19.49
N ILE D 13 59.99 -57.77 -20.25
CA ILE D 13 61.33 -57.19 -20.39
C ILE D 13 61.48 -56.67 -21.81
N LYS D 14 61.91 -55.43 -21.96
CA LYS D 14 62.24 -54.93 -23.29
C LYS D 14 63.70 -54.49 -23.36
N TYR D 15 64.35 -54.82 -24.47
CA TYR D 15 65.80 -54.73 -24.57
C TYR D 15 66.25 -54.05 -25.85
N GLN D 16 67.43 -53.45 -25.78
CA GLN D 16 68.13 -52.96 -26.96
C GLN D 16 69.58 -53.38 -26.79
N LEU D 17 70.22 -53.74 -27.89
CA LEU D 17 71.64 -54.05 -27.87
C LEU D 17 72.36 -53.00 -28.68
N ILE D 18 72.96 -52.05 -27.97
CA ILE D 18 73.59 -50.90 -28.61
C ILE D 18 75.09 -51.08 -28.64
N GLU D 19 75.66 -50.81 -29.81
CA GLU D 19 77.09 -50.79 -29.99
C GLU D 19 77.60 -49.36 -29.95
N MET D 20 78.33 -49.04 -28.88
CA MET D 20 78.57 -47.67 -28.41
C MET D 20 79.50 -46.78 -29.23
N GLU D 21 80.14 -47.33 -30.24
CA GLU D 21 81.04 -46.52 -31.05
C GLU D 21 80.30 -45.87 -32.20
N GLY D 22 79.47 -46.64 -32.90
CA GLY D 22 78.54 -46.07 -33.86
C GLY D 22 77.31 -45.54 -33.14
N GLU D 23 77.13 -45.99 -31.90
CA GLU D 23 75.88 -45.82 -31.16
C GLU D 23 74.71 -46.34 -32.01
N LYS D 24 74.89 -47.56 -32.51
CA LYS D 24 73.89 -48.20 -33.35
C LYS D 24 73.11 -49.25 -32.61
N VAL D 25 71.79 -49.24 -32.79
CA VAL D 25 70.95 -50.33 -32.29
C VAL D 25 71.15 -51.53 -33.19
N LEU D 26 71.81 -52.56 -32.65
CA LEU D 26 72.06 -53.81 -33.38
C LEU D 26 70.78 -54.63 -33.47
N CYS D 27 70.01 -54.62 -32.40
CA CYS D 27 68.69 -55.20 -32.40
C CYS D 27 67.96 -54.70 -31.17
N LYS D 28 66.64 -54.81 -31.19
CA LYS D 28 65.82 -54.53 -30.02
C LYS D 28 64.62 -55.44 -30.03
N GLY D 29 63.92 -55.50 -28.89
CA GLY D 29 62.72 -56.29 -28.79
C GLY D 29 62.06 -56.24 -27.44
N ILE D 30 61.09 -57.13 -27.25
CA ILE D 30 60.33 -57.22 -26.02
C ILE D 30 59.94 -58.68 -25.78
N ALA D 31 60.14 -59.14 -24.55
CA ALA D 31 59.58 -60.39 -24.08
C ALA D 31 58.26 -60.08 -23.36
N GLU D 32 57.15 -60.51 -23.95
CA GLU D 32 55.84 -60.08 -23.51
C GLU D 32 55.09 -61.10 -22.68
N ARG D 33 54.15 -60.65 -21.86
CA ARG D 33 53.21 -61.54 -21.17
C ARG D 33 53.92 -62.60 -20.33
N ILE D 34 54.99 -62.22 -19.67
CA ILE D 34 55.64 -63.08 -18.71
C ILE D 34 54.70 -63.37 -17.54
N GLY D 35 54.54 -64.64 -17.24
CA GLY D 35 53.67 -65.08 -16.15
C GLY D 35 52.28 -65.43 -16.64
N ILE D 36 51.79 -64.70 -17.64
CA ILE D 36 50.47 -64.92 -18.23
C ILE D 36 50.60 -65.94 -19.37
N GLU D 37 49.46 -66.42 -19.85
CA GLU D 37 49.40 -67.36 -20.95
C GLU D 37 49.77 -66.70 -22.28
N GLY D 38 50.33 -67.51 -23.18
CA GLY D 38 50.76 -67.06 -24.50
C GLY D 38 51.82 -65.99 -24.42
N SER D 39 52.77 -66.16 -23.50
CA SER D 39 53.93 -65.28 -23.43
C SER D 39 54.78 -65.50 -24.67
N ARG D 40 55.52 -64.47 -25.07
CA ARG D 40 56.24 -64.48 -26.33
C ARG D 40 57.33 -63.40 -26.38
N LEU D 41 58.25 -63.60 -27.32
CA LEU D 41 59.31 -62.64 -27.60
C LEU D 41 59.17 -62.07 -28.99
N VAL D 42 59.03 -60.74 -29.08
CA VAL D 42 59.03 -60.05 -30.35
C VAL D 42 60.43 -59.47 -30.52
N HIS D 43 61.11 -59.88 -31.57
CA HIS D 43 62.51 -59.55 -31.77
C HIS D 43 62.76 -58.88 -33.13
N ARG D 44 63.29 -57.65 -33.10
CA ARG D 44 63.51 -56.87 -34.31
C ARG D 44 64.98 -56.76 -34.60
N VAL D 45 65.36 -57.15 -35.83
CA VAL D 45 66.71 -56.98 -36.36
C VAL D 45 66.61 -56.24 -37.69
N GLY D 46 66.61 -54.92 -37.60
CA GLY D 46 66.40 -54.07 -38.76
C GLY D 46 64.95 -54.15 -39.17
N ASP D 47 64.72 -54.55 -40.42
CA ASP D 47 63.38 -54.64 -41.05
C ASP D 47 62.54 -55.80 -40.54
N GLU D 48 63.22 -56.88 -40.17
CA GLU D 48 62.59 -58.13 -39.78
C GLU D 48 62.05 -58.10 -38.35
N LYS D 49 60.86 -58.66 -38.18
CA LYS D 49 60.20 -58.80 -36.89
C LYS D 49 59.93 -60.28 -36.68
N HIS D 50 60.62 -60.90 -35.73
CA HIS D 50 60.42 -62.33 -35.43
C HIS D 50 59.68 -62.55 -34.14
N VAL D 51 58.63 -63.36 -34.23
CA VAL D 51 57.78 -63.73 -33.10
C VAL D 51 58.15 -65.16 -32.65
N ILE D 52 58.58 -65.30 -31.39
CA ILE D 52 58.77 -66.63 -30.79
C ILE D 52 57.77 -66.91 -29.65
N GLU D 53 56.97 -67.96 -29.84
CA GLU D 53 55.97 -68.40 -28.87
C GLU D 53 56.65 -69.32 -27.87
N ARG D 54 56.40 -69.09 -26.58
CA ARG D 54 56.92 -69.94 -25.51
C ARG D 54 56.47 -69.51 -24.12
N GLU D 55 56.40 -70.49 -23.22
CA GLU D 55 56.10 -70.26 -21.83
C GLU D 55 57.25 -69.53 -21.18
N LEU D 56 56.98 -68.37 -20.60
CA LEU D 56 57.97 -67.66 -19.81
C LEU D 56 57.38 -67.38 -18.43
N PRO D 57 57.62 -68.26 -17.47
CA PRO D 57 56.98 -68.14 -16.16
C PRO D 57 57.46 -66.93 -15.35
N ASP D 58 58.73 -66.55 -15.52
CA ASP D 58 59.29 -65.39 -14.86
C ASP D 58 60.36 -64.67 -15.70
N HIS D 59 60.91 -63.60 -15.13
CA HIS D 59 61.85 -62.73 -15.84
C HIS D 59 63.14 -63.39 -16.20
N GLU D 60 63.61 -64.31 -15.37
CA GLU D 60 64.82 -65.09 -15.68
C GLU D 60 64.69 -65.96 -16.94
N GLU D 61 63.72 -66.85 -16.95
CA GLU D 61 63.48 -67.68 -18.14
C GLU D 61 63.24 -66.82 -19.37
N ALA D 62 62.67 -65.63 -19.16
CA ALA D 62 62.43 -64.68 -20.23
C ALA D 62 63.73 -64.09 -20.73
N LEU D 63 64.60 -63.68 -19.81
CA LEU D 63 65.86 -63.07 -20.21
C LEU D 63 66.74 -64.09 -20.90
N LYS D 64 66.64 -65.34 -20.44
CA LYS D 64 67.32 -66.45 -21.09
C LYS D 64 66.96 -66.54 -22.57
N LEU D 65 65.67 -66.63 -22.90
CA LEU D 65 65.21 -66.63 -24.29
C LEU D 65 65.75 -65.44 -25.08
N ILE D 66 65.82 -64.27 -24.45
CA ILE D 66 66.34 -63.07 -25.10
C ILE D 66 67.79 -63.27 -25.44
N LEU D 67 68.56 -63.69 -24.45
CA LEU D 67 70.00 -63.93 -24.63
C LEU D 67 70.29 -65.01 -25.68
N ASN D 68 69.60 -66.15 -25.59
CA ASN D 68 69.74 -67.21 -26.59
C ASN D 68 69.54 -66.68 -27.99
N THR D 69 68.50 -65.88 -28.22
CA THR D 69 68.20 -65.42 -29.57
C THR D 69 69.08 -64.25 -30.02
N LEU D 70 69.80 -63.60 -29.09
CA LEU D 70 70.83 -62.63 -29.44
C LEU D 70 71.99 -63.32 -30.15
N VAL D 71 72.09 -64.63 -29.92
CA VAL D 71 73.21 -65.46 -30.38
C VAL D 71 72.81 -66.44 -31.48
N ASP D 72 71.58 -66.96 -31.42
CA ASP D 72 71.05 -67.85 -32.45
C ASP D 72 71.43 -67.27 -33.80
N GLU D 73 72.14 -68.04 -34.63
CA GLU D 73 72.68 -67.44 -35.84
C GLU D 73 71.72 -67.40 -37.03
N LYS D 74 70.43 -67.41 -36.76
CA LYS D 74 69.43 -67.06 -37.78
C LYS D 74 68.83 -65.72 -37.45
N LEU D 75 68.46 -65.55 -36.19
CA LEU D 75 67.80 -64.35 -35.73
C LEU D 75 68.78 -63.54 -34.88
N GLY D 76 70.06 -63.92 -34.90
CA GLY D 76 71.06 -63.36 -33.98
C GLY D 76 71.85 -62.19 -34.51
N VAL D 77 72.72 -61.65 -33.66
CA VAL D 77 73.37 -60.37 -33.93
C VAL D 77 74.81 -60.34 -33.42
N ILE D 78 75.12 -61.29 -32.53
CA ILE D 78 76.47 -61.42 -31.96
C ILE D 78 76.86 -62.89 -31.91
N LYS D 79 78.15 -63.18 -32.15
CA LYS D 79 78.67 -64.57 -32.15
C LYS D 79 78.60 -65.30 -30.81
N ASP D 80 79.09 -64.64 -29.76
CA ASP D 80 79.15 -65.16 -28.40
C ASP D 80 78.18 -64.42 -27.50
N LEU D 81 78.10 -64.86 -26.24
CA LEU D 81 77.50 -64.02 -25.21
C LEU D 81 78.58 -63.17 -24.57
N LYS D 82 79.82 -63.48 -24.90
CA LYS D 82 80.96 -62.75 -24.37
C LYS D 82 81.02 -61.38 -25.03
N GLU D 83 80.29 -61.26 -26.14
CA GLU D 83 80.22 -60.03 -26.93
C GLU D 83 79.58 -58.85 -26.18
N ILE D 84 78.61 -59.17 -25.32
CA ILE D 84 77.96 -58.22 -24.43
C ILE D 84 78.98 -57.74 -23.40
N ASP D 85 79.42 -56.50 -23.54
CA ASP D 85 80.45 -55.93 -22.67
C ASP D 85 79.91 -55.41 -21.33
N ALA D 86 78.64 -54.97 -21.30
CA ALA D 86 77.99 -54.48 -20.07
C ALA D 86 76.45 -54.51 -20.21
N VAL D 87 75.73 -54.44 -19.09
CA VAL D 87 74.27 -54.40 -19.12
C VAL D 87 73.73 -53.20 -18.33
N GLY D 88 72.89 -52.39 -18.98
CA GLY D 88 72.29 -51.22 -18.32
C GLY D 88 70.81 -51.38 -18.05
N HIS D 89 70.42 -51.19 -16.79
CA HIS D 89 69.03 -51.37 -16.34
C HIS D 89 68.30 -50.09 -15.98
N ARG D 90 67.06 -49.99 -16.41
CA ARG D 90 66.21 -48.90 -15.95
C ARG D 90 65.61 -49.29 -14.63
N VAL D 91 65.92 -48.54 -13.57
CA VAL D 91 65.25 -48.72 -12.29
C VAL D 91 64.38 -47.49 -11.99
N VAL D 92 63.08 -47.70 -11.85
CA VAL D 92 62.15 -46.58 -11.68
C VAL D 92 62.53 -45.68 -10.51
N HIS D 93 62.65 -46.24 -9.32
CA HIS D 93 62.79 -45.40 -8.14
C HIS D 93 64.14 -45.57 -7.44
N GLY D 94 64.85 -44.45 -7.27
CA GLY D 94 66.14 -44.45 -6.60
C GLY D 94 66.09 -43.83 -5.22
N GLY D 95 64.99 -43.14 -4.92
CA GLY D 95 64.82 -42.48 -3.63
C GLY D 95 65.86 -41.39 -3.45
N GLU D 96 66.14 -41.05 -2.20
CA GLU D 96 67.10 -40.01 -1.89
C GLU D 96 68.55 -40.48 -1.95
N ARG D 97 68.77 -41.80 -1.86
CA ARG D 97 70.14 -42.39 -1.90
C ARG D 97 70.85 -42.13 -3.21
N PHE D 98 70.23 -42.58 -4.29
CA PHE D 98 70.89 -42.63 -5.57
C PHE D 98 70.76 -41.34 -6.35
N LYS D 99 71.84 -40.56 -6.41
CA LYS D 99 71.84 -39.27 -7.10
C LYS D 99 72.15 -39.41 -8.61
N GLU D 100 72.83 -40.48 -8.97
CA GLU D 100 73.25 -40.72 -10.37
C GLU D 100 73.41 -42.23 -10.58
N SER D 101 73.55 -42.67 -11.83
CA SER D 101 73.72 -44.10 -12.14
C SER D 101 74.88 -44.75 -11.38
N VAL D 102 74.72 -46.03 -11.03
CA VAL D 102 75.71 -46.76 -10.23
C VAL D 102 76.01 -48.15 -10.80
N LEU D 103 77.26 -48.61 -10.63
CA LEU D 103 77.60 -50.01 -10.90
C LEU D 103 76.98 -50.87 -9.81
N VAL D 104 76.26 -51.92 -10.20
CA VAL D 104 75.55 -52.78 -9.24
C VAL D 104 76.48 -53.81 -8.59
N ASP D 105 76.57 -53.77 -7.27
CA ASP D 105 77.16 -54.84 -6.47
C ASP D 105 76.12 -55.25 -5.41
N GLU D 106 76.51 -56.07 -4.43
CA GLU D 106 75.56 -56.55 -3.41
C GLU D 106 74.99 -55.39 -2.61
N GLU D 107 75.86 -54.43 -2.30
CA GLU D 107 75.51 -53.23 -1.57
C GLU D 107 74.42 -52.46 -2.26
N VAL D 108 74.65 -52.14 -3.52
CA VAL D 108 73.69 -51.39 -4.32
C VAL D 108 72.39 -52.16 -4.42
N LEU D 109 72.48 -53.47 -4.62
CA LEU D 109 71.32 -54.34 -4.79
C LEU D 109 70.39 -54.33 -3.58
N LYS D 110 71.01 -54.40 -2.40
CA LYS D 110 70.31 -54.33 -1.12
C LYS D 110 69.68 -52.94 -0.95
N ALA D 111 70.44 -51.91 -1.34
CA ALA D 111 70.01 -50.52 -1.22
C ALA D 111 68.85 -50.20 -2.13
N ILE D 112 68.73 -50.97 -3.22
CA ILE D 112 67.62 -50.77 -4.15
C ILE D 112 66.36 -51.38 -3.55
N GLU D 113 66.47 -52.59 -3.02
CA GLU D 113 65.33 -53.22 -2.34
C GLU D 113 64.77 -52.32 -1.26
N GLU D 114 65.65 -51.69 -0.50
CA GLU D 114 65.25 -50.80 0.58
C GLU D 114 64.42 -49.63 0.11
N VAL D 115 64.64 -49.22 -1.14
CA VAL D 115 63.90 -48.11 -1.74
C VAL D 115 62.61 -48.62 -2.42
N SER D 116 62.57 -49.90 -2.73
CA SER D 116 61.44 -50.51 -3.44
C SER D 116 60.03 -50.20 -2.95
N PRO D 117 59.81 -50.11 -1.62
CA PRO D 117 58.47 -49.74 -1.17
C PRO D 117 57.99 -48.35 -1.62
N LEU D 118 58.88 -47.52 -2.16
CA LEU D 118 58.49 -46.20 -2.68
C LEU D 118 58.01 -46.27 -4.12
N ALA D 119 58.04 -47.47 -4.71
CA ALA D 119 57.46 -47.70 -6.06
C ALA D 119 57.14 -49.21 -6.25
N PRO D 120 56.24 -49.74 -5.37
CA PRO D 120 56.05 -51.17 -5.21
C PRO D 120 55.66 -51.82 -6.52
N LEU D 121 55.12 -51.05 -7.45
CA LEU D 121 54.64 -51.64 -8.67
C LEU D 121 55.73 -51.74 -9.76
N HIS D 122 56.90 -51.17 -9.49
CA HIS D 122 57.94 -51.09 -10.51
C HIS D 122 59.27 -51.66 -10.05
N ASN D 123 59.83 -51.13 -8.97
CA ASN D 123 61.16 -51.55 -8.53
C ASN D 123 61.36 -53.06 -8.47
N PRO D 124 60.43 -53.81 -7.80
CA PRO D 124 60.57 -55.26 -7.73
C PRO D 124 60.94 -55.91 -9.07
N ALA D 125 60.20 -55.58 -10.14
CA ALA D 125 60.45 -56.15 -11.45
C ALA D 125 61.76 -55.65 -12.07
N ASN D 126 62.23 -54.47 -11.66
CA ASN D 126 63.53 -53.98 -12.13
C ASN D 126 64.63 -54.89 -11.59
N LEU D 127 64.65 -55.04 -10.26
CA LEU D 127 65.58 -55.92 -9.58
C LEU D 127 65.56 -57.31 -10.18
N MET D 128 64.37 -57.86 -10.43
CA MET D 128 64.23 -59.17 -11.07
C MET D 128 65.08 -59.22 -12.31
N GLY D 129 65.07 -58.12 -13.07
CA GLY D 129 65.85 -57.97 -14.30
C GLY D 129 67.35 -57.93 -14.05
N ILE D 130 67.76 -57.14 -13.07
CA ILE D 130 69.15 -57.10 -12.64
C ILE D 130 69.63 -58.47 -12.17
N LYS D 131 68.96 -59.05 -11.17
CA LYS D 131 69.39 -60.34 -10.61
C LYS D 131 69.46 -61.42 -11.68
N ALA D 132 68.51 -61.43 -12.60
CA ALA D 132 68.52 -62.37 -13.73
C ALA D 132 69.69 -62.14 -14.66
N ALA D 133 70.03 -60.88 -14.88
CA ALA D 133 71.12 -60.55 -15.79
C ALA D 133 72.45 -60.91 -15.17
N MET D 134 72.62 -60.67 -13.87
CA MET D 134 73.88 -61.03 -13.19
C MET D 134 74.09 -62.55 -13.16
N LYS D 135 72.99 -63.30 -13.02
CA LYS D 135 73.03 -64.75 -12.95
C LYS D 135 73.41 -65.35 -14.30
N LEU D 136 72.76 -64.90 -15.38
CA LEU D 136 72.96 -65.51 -16.69
C LEU D 136 74.19 -64.96 -17.42
N LEU D 137 74.68 -63.81 -16.97
CA LEU D 137 75.90 -63.23 -17.51
C LEU D 137 76.91 -62.94 -16.39
N PRO D 138 77.44 -64.00 -15.75
CA PRO D 138 78.37 -63.83 -14.62
C PRO D 138 79.59 -63.05 -15.06
N GLY D 139 80.03 -62.11 -14.23
CA GLY D 139 81.24 -61.34 -14.51
C GLY D 139 80.97 -60.07 -15.28
N VAL D 140 79.92 -60.06 -16.10
CA VAL D 140 79.54 -58.87 -16.85
C VAL D 140 78.98 -57.86 -15.86
N PRO D 141 79.53 -56.62 -15.87
CA PRO D 141 79.04 -55.54 -15.01
C PRO D 141 77.61 -55.09 -15.36
N ASN D 142 76.81 -54.81 -14.34
CA ASN D 142 75.49 -54.22 -14.54
C ASN D 142 75.45 -52.81 -13.97
N VAL D 143 74.85 -51.89 -14.71
CA VAL D 143 74.64 -50.52 -14.24
C VAL D 143 73.16 -50.22 -14.08
N ALA D 144 72.81 -49.60 -12.94
CA ALA D 144 71.46 -49.15 -12.66
C ALA D 144 71.34 -47.66 -12.95
N VAL D 145 70.36 -47.29 -13.79
CA VAL D 145 70.09 -45.88 -14.09
C VAL D 145 68.71 -45.51 -13.56
N PHE D 146 68.65 -44.50 -12.68
CA PHE D 146 67.40 -44.23 -11.92
C PHE D 146 66.49 -43.12 -12.47
N ASP D 147 65.24 -43.48 -12.77
CA ASP D 147 64.21 -42.51 -13.16
C ASP D 147 64.08 -41.27 -12.25
N THR D 148 64.45 -41.40 -10.98
CA THR D 148 64.30 -40.32 -10.01
C THR D 148 65.55 -39.48 -9.82
N ALA D 149 66.68 -40.00 -10.29
CA ALA D 149 68.00 -39.45 -9.96
C ALA D 149 68.25 -38.04 -10.46
N PHE D 150 67.87 -37.77 -11.72
CA PHE D 150 68.07 -36.45 -12.28
C PHE D 150 67.44 -35.35 -11.40
N HIS D 151 66.36 -35.73 -10.71
CA HIS D 151 65.53 -34.84 -9.93
C HIS D 151 66.06 -34.63 -8.52
N GLN D 152 67.12 -35.34 -8.15
CA GLN D 152 67.61 -35.23 -6.78
C GLN D 152 68.25 -33.88 -6.44
N THR D 153 68.47 -33.03 -7.45
CA THR D 153 69.04 -31.71 -7.25
C THR D 153 68.00 -30.66 -6.84
N ILE D 154 66.72 -31.03 -6.91
CA ILE D 154 65.59 -30.19 -6.50
C ILE D 154 65.76 -29.74 -5.05
N PRO D 155 65.72 -28.41 -4.81
CA PRO D 155 65.89 -27.82 -3.47
C PRO D 155 64.74 -28.18 -2.54
N GLN D 156 64.89 -27.90 -1.24
CA GLN D 156 63.87 -28.23 -0.25
C GLN D 156 62.58 -27.50 -0.51
N LYS D 157 62.69 -26.21 -0.85
CA LYS D 157 61.52 -25.38 -1.07
C LYS D 157 60.54 -26.02 -2.05
N ALA D 158 61.05 -26.95 -2.85
CA ALA D 158 60.32 -27.49 -3.99
C ALA D 158 59.85 -28.92 -3.83
N TYR D 159 60.47 -29.67 -2.94
CA TYR D 159 60.13 -31.08 -2.78
C TYR D 159 59.32 -31.42 -1.53
N LEU D 160 59.18 -30.47 -0.60
CA LEU D 160 58.40 -30.72 0.60
C LEU D 160 56.95 -30.30 0.41
N TYR D 161 56.02 -31.21 0.68
CA TYR D 161 54.61 -30.84 0.61
C TYR D 161 54.19 -30.09 1.88
N ALA D 162 53.15 -29.27 1.76
CA ALA D 162 52.66 -28.50 2.90
C ALA D 162 51.80 -29.36 3.80
N ILE D 163 52.36 -30.49 4.22
CA ILE D 163 51.69 -31.43 5.10
C ILE D 163 52.58 -31.63 6.33
N PRO D 164 52.03 -32.20 7.42
CA PRO D 164 52.89 -32.40 8.59
C PRO D 164 54.27 -32.96 8.22
N TYR D 165 55.32 -32.33 8.74
CA TYR D 165 56.69 -32.70 8.36
C TYR D 165 57.01 -34.11 8.83
N GLU D 166 56.34 -34.53 9.90
CA GLU D 166 56.40 -35.90 10.41
C GLU D 166 56.28 -36.91 9.27
N TYR D 167 55.45 -36.60 8.28
CA TYR D 167 55.23 -37.53 7.17
C TYR D 167 56.47 -37.71 6.30
N TYR D 168 57.31 -36.69 6.23
CA TYR D 168 58.59 -36.82 5.53
C TYR D 168 59.59 -37.54 6.43
N GLU D 169 59.64 -37.13 7.70
CA GLU D 169 60.53 -37.75 8.66
C GLU D 169 60.30 -39.26 8.67
N LYS D 170 59.04 -39.66 8.79
CA LYS D 170 58.69 -41.05 9.02
C LYS D 170 58.66 -41.89 7.76
N TYR D 171 58.06 -41.37 6.68
CA TYR D 171 57.87 -42.16 5.44
C TYR D 171 58.62 -41.65 4.24
N LYS D 172 59.41 -40.59 4.39
CA LYS D 172 60.12 -39.93 3.27
C LYS D 172 59.18 -39.49 2.14
N ILE D 173 58.06 -38.87 2.52
CA ILE D 173 57.08 -38.39 1.56
C ILE D 173 57.51 -37.02 1.06
N ARG D 174 58.00 -36.98 -0.17
CA ARG D 174 58.49 -35.75 -0.80
C ARG D 174 58.22 -35.86 -2.30
N ARG D 175 58.51 -34.82 -3.05
CA ARG D 175 58.42 -34.92 -4.48
C ARG D 175 59.67 -35.66 -4.92
N TYR D 176 59.51 -36.74 -5.67
CA TYR D 176 60.68 -37.40 -6.27
C TYR D 176 60.84 -37.11 -7.75
N GLY D 177 59.71 -37.12 -8.46
CA GLY D 177 59.69 -36.86 -9.88
C GLY D 177 60.08 -38.09 -10.66
N PHE D 178 59.65 -38.17 -11.92
CA PHE D 178 59.94 -39.33 -12.77
C PHE D 178 60.24 -38.88 -14.18
N HIS D 179 60.51 -39.82 -15.09
CA HIS D 179 61.02 -39.46 -16.42
C HIS D 179 62.37 -38.76 -16.33
N GLY D 180 63.07 -39.03 -15.24
CA GLY D 180 64.32 -38.36 -14.93
C GLY D 180 65.30 -38.52 -16.05
N THR D 181 65.52 -39.74 -16.50
CA THR D 181 66.58 -39.95 -17.46
C THR D 181 66.17 -39.48 -18.87
N SER D 182 64.88 -39.19 -19.03
CA SER D 182 64.40 -38.54 -20.27
C SER D 182 64.56 -37.02 -20.28
N HIS D 183 64.12 -36.36 -19.21
CA HIS D 183 64.39 -34.95 -19.00
C HIS D 183 65.88 -34.64 -19.04
N ARG D 184 66.69 -35.51 -18.45
CA ARG D 184 68.15 -35.38 -18.51
C ARG D 184 68.65 -35.48 -19.97
N TYR D 185 68.14 -36.44 -20.71
CA TYR D 185 68.62 -36.68 -22.05
C TYR D 185 68.33 -35.52 -22.98
N VAL D 186 67.09 -35.04 -22.95
CA VAL D 186 66.66 -34.03 -23.91
C VAL D 186 67.18 -32.63 -23.61
N SER D 187 67.27 -32.31 -22.32
CA SER D 187 67.84 -31.04 -21.89
C SER D 187 69.28 -30.91 -22.35
N LYS D 188 70.05 -32.00 -22.18
CA LYS D 188 71.43 -32.04 -22.62
C LYS D 188 71.51 -31.95 -24.12
N ARG D 189 70.65 -32.70 -24.82
CA ARG D 189 70.66 -32.76 -26.29
C ARG D 189 70.29 -31.42 -26.91
N ALA D 190 69.35 -30.74 -26.27
CA ALA D 190 68.92 -29.41 -26.70
C ALA D 190 70.05 -28.40 -26.62
N ALA D 191 70.79 -28.43 -25.53
CA ALA D 191 71.95 -27.55 -25.33
C ALA D 191 72.98 -27.74 -26.43
N GLU D 192 73.23 -28.99 -26.81
CA GLU D 192 74.14 -29.30 -27.90
C GLU D 192 73.67 -28.70 -29.21
N ILE D 193 72.38 -28.83 -29.49
CA ILE D 193 71.78 -28.29 -30.71
C ILE D 193 71.90 -26.77 -30.79
N LEU D 194 71.83 -26.12 -29.64
CA LEU D 194 71.90 -24.66 -29.57
C LEU D 194 73.32 -24.14 -29.56
N GLY D 195 74.29 -25.07 -29.53
CA GLY D 195 75.72 -24.72 -29.53
C GLY D 195 76.13 -23.98 -28.28
N LYS D 196 75.51 -24.33 -27.16
CA LYS D 196 75.76 -23.66 -25.89
C LYS D 196 75.93 -24.64 -24.72
N LYS D 197 76.78 -24.26 -23.76
CA LYS D 197 76.98 -25.07 -22.56
C LYS D 197 75.68 -25.16 -21.76
N LEU D 198 75.43 -26.34 -21.21
CA LEU D 198 74.22 -26.59 -20.44
C LEU D 198 74.15 -25.72 -19.18
N GLU D 199 75.30 -25.40 -18.60
CA GLU D 199 75.35 -24.65 -17.33
C GLU D 199 75.03 -23.17 -17.46
N GLU D 200 74.71 -22.71 -18.67
CA GLU D 200 74.29 -21.32 -18.88
C GLU D 200 72.97 -21.25 -19.64
N LEU D 201 72.16 -22.27 -19.45
CA LEU D 201 70.82 -22.32 -20.01
C LEU D 201 69.77 -22.70 -18.99
N LYS D 202 68.64 -22.00 -19.08
CA LYS D 202 67.47 -22.33 -18.33
C LYS D 202 66.53 -23.03 -19.30
N ILE D 203 66.40 -24.35 -19.17
CA ILE D 203 65.55 -25.12 -20.07
C ILE D 203 64.36 -25.74 -19.33
N ILE D 204 63.19 -25.68 -19.96
CA ILE D 204 61.98 -26.34 -19.49
C ILE D 204 61.72 -27.49 -20.45
N THR D 205 61.74 -28.71 -19.93
CA THR D 205 61.56 -29.88 -20.77
C THR D 205 60.22 -30.52 -20.51
N CYS D 206 59.50 -30.78 -21.60
CA CYS D 206 58.16 -31.34 -21.56
C CYS D 206 58.08 -32.76 -22.11
N HIS D 207 58.21 -33.74 -21.21
CA HIS D 207 58.04 -35.14 -21.59
C HIS D 207 56.54 -35.41 -21.59
N ILE D 208 55.96 -35.38 -22.78
CA ILE D 208 54.52 -35.47 -22.93
C ILE D 208 54.13 -36.70 -23.75
N GLY D 209 53.75 -37.75 -23.02
CA GLY D 209 53.33 -39.02 -23.64
C GLY D 209 52.20 -39.66 -22.86
N ASN D 210 52.12 -40.99 -22.88
CA ASN D 210 51.08 -41.65 -22.12
C ASN D 210 51.15 -41.30 -20.63
N GLY D 211 52.37 -41.12 -20.12
CA GLY D 211 52.61 -40.39 -18.89
C GLY D 211 53.22 -39.09 -19.31
N ALA D 212 53.10 -38.06 -18.49
CA ALA D 212 53.68 -36.77 -18.86
C ALA D 212 54.15 -35.98 -17.67
N SER D 213 55.36 -35.45 -17.76
CA SER D 213 55.83 -34.56 -16.71
C SER D 213 56.63 -33.45 -17.31
N VAL D 214 56.72 -32.34 -16.59
CA VAL D 214 57.59 -31.24 -16.99
C VAL D 214 58.80 -31.17 -16.02
N ALA D 215 59.97 -30.81 -16.54
CA ALA D 215 61.11 -30.51 -15.68
C ALA D 215 61.63 -29.11 -15.92
N ALA D 216 62.04 -28.47 -14.84
CA ALA D 216 62.68 -27.17 -14.89
C ALA D 216 64.16 -27.40 -14.69
N VAL D 217 64.94 -27.23 -15.75
CA VAL D 217 66.36 -27.56 -15.72
C VAL D 217 67.26 -26.32 -15.72
N LYS D 218 67.55 -25.80 -14.53
CA LYS D 218 68.27 -24.53 -14.38
C LYS D 218 69.77 -24.72 -14.30
N TYR D 219 70.45 -24.29 -15.37
CA TYR D 219 71.92 -24.37 -15.47
C TYR D 219 72.43 -25.80 -15.37
N GLY D 220 71.69 -26.75 -15.94
CA GLY D 220 72.09 -28.14 -15.91
C GLY D 220 71.54 -28.98 -14.77
N LYS D 221 71.01 -28.34 -13.72
CA LYS D 221 70.42 -29.06 -12.59
C LYS D 221 68.92 -28.90 -12.57
N CYS D 222 68.19 -29.97 -12.26
CA CYS D 222 66.74 -29.88 -12.17
C CYS D 222 66.32 -29.16 -10.89
N VAL D 223 65.43 -28.19 -11.03
CA VAL D 223 64.97 -27.40 -9.88
C VAL D 223 63.52 -27.70 -9.48
N ASP D 224 62.75 -28.28 -10.40
CA ASP D 224 61.37 -28.67 -10.12
C ASP D 224 60.89 -29.62 -11.21
N THR D 225 59.93 -30.48 -10.88
CA THR D 225 59.30 -31.35 -11.87
C THR D 225 57.84 -31.59 -11.50
N SER D 226 57.01 -31.84 -12.50
CA SER D 226 55.55 -31.94 -12.37
C SER D 226 55.08 -33.12 -11.52
N MET D 227 55.65 -34.30 -11.73
CA MET D 227 55.24 -35.50 -10.99
C MET D 227 55.77 -35.41 -9.57
N GLY D 228 55.18 -36.17 -8.66
CA GLY D 228 55.45 -35.96 -7.25
C GLY D 228 56.04 -37.17 -6.58
N PHE D 229 55.49 -37.48 -5.41
CA PHE D 229 55.82 -38.68 -4.67
C PHE D 229 55.54 -39.87 -5.56
N THR D 230 54.55 -39.72 -6.45
CA THR D 230 54.17 -40.76 -7.40
C THR D 230 53.95 -40.13 -8.79
N PRO D 231 53.72 -40.96 -9.82
CA PRO D 231 53.44 -40.41 -11.15
C PRO D 231 52.03 -39.84 -11.34
N LEU D 232 51.27 -39.63 -10.26
CA LEU D 232 49.93 -39.02 -10.41
C LEU D 232 49.88 -37.50 -10.57
N GLU D 233 50.85 -36.80 -10.00
CA GLU D 233 50.84 -35.35 -9.96
C GLU D 233 51.15 -34.68 -11.30
N GLY D 234 50.59 -33.50 -11.48
CA GLY D 234 50.96 -32.66 -12.62
C GLY D 234 50.07 -32.76 -13.84
N LEU D 235 50.69 -32.85 -15.02
CA LEU D 235 49.97 -32.79 -16.29
C LEU D 235 48.84 -33.81 -16.44
N VAL D 236 47.90 -33.53 -17.34
CA VAL D 236 46.90 -34.53 -17.73
C VAL D 236 47.66 -35.66 -18.43
N MET D 237 47.39 -36.89 -18.01
CA MET D 237 47.97 -38.07 -18.63
C MET D 237 46.91 -38.96 -19.30
N GLY D 238 47.35 -40.06 -19.91
CA GLY D 238 46.43 -40.92 -20.65
C GLY D 238 45.27 -41.38 -19.77
N THR D 239 45.59 -41.91 -18.59
CA THR D 239 44.58 -42.52 -17.72
C THR D 239 44.72 -42.00 -16.33
N ARG D 240 45.73 -41.13 -16.11
CA ARG D 240 45.99 -40.55 -14.78
C ARG D 240 45.48 -39.13 -14.70
N SER D 241 44.99 -38.77 -13.52
CA SER D 241 44.21 -37.57 -13.31
C SER D 241 45.03 -36.30 -13.34
N GLY D 242 46.34 -36.42 -13.17
CA GLY D 242 47.19 -35.26 -12.93
C GLY D 242 46.77 -34.58 -11.65
N ASP D 243 47.17 -33.32 -11.49
CA ASP D 243 46.75 -32.45 -10.37
C ASP D 243 45.25 -32.41 -10.18
N LEU D 244 44.79 -32.62 -8.94
CA LEU D 244 43.42 -32.18 -8.56
C LEU D 244 43.27 -31.79 -7.11
N ASP D 245 42.22 -31.03 -6.85
CA ASP D 245 41.78 -30.64 -5.52
C ASP D 245 41.84 -31.80 -4.52
N PRO D 246 42.77 -31.72 -3.56
CA PRO D 246 42.94 -32.73 -2.54
C PRO D 246 41.61 -33.28 -2.03
N ALA D 247 40.58 -32.45 -2.02
CA ALA D 247 39.33 -32.83 -1.36
C ALA D 247 38.43 -33.71 -2.21
N ILE D 248 38.55 -33.61 -3.53
CA ILE D 248 37.65 -34.34 -4.44
C ILE D 248 37.58 -35.84 -4.15
N PRO D 249 38.73 -36.54 -4.06
CA PRO D 249 38.64 -37.97 -3.80
C PRO D 249 37.79 -38.31 -2.59
N PHE D 250 37.94 -37.56 -1.51
CA PHE D 250 37.22 -37.79 -0.24
C PHE D 250 35.73 -37.61 -0.38
N PHE D 251 35.35 -36.62 -1.18
CA PHE D 251 33.95 -36.39 -1.52
C PHE D 251 33.40 -37.55 -2.34
N ILE D 252 34.12 -37.94 -3.39
CA ILE D 252 33.62 -38.95 -4.28
C ILE D 252 33.47 -40.28 -3.52
N MET D 253 34.42 -40.57 -2.65
CA MET D 253 34.45 -41.84 -1.92
C MET D 253 33.21 -41.89 -1.08
N GLU D 254 32.97 -40.80 -0.38
CA GLU D 254 31.89 -40.74 0.55
C GLU D 254 30.50 -40.69 -0.07
N LYS D 255 30.33 -39.97 -1.17
CA LYS D 255 29.05 -39.95 -1.88
C LYS D 255 28.73 -41.23 -2.63
N GLU D 256 29.72 -42.10 -2.84
CA GLU D 256 29.49 -43.27 -3.65
C GLU D 256 29.76 -44.60 -2.98
N GLY D 257 30.31 -44.61 -1.77
CA GLY D 257 30.61 -45.88 -1.06
C GLY D 257 31.74 -46.67 -1.70
N ILE D 258 32.93 -46.06 -1.69
CA ILE D 258 34.05 -46.52 -2.45
C ILE D 258 35.28 -46.54 -1.53
N SER D 259 35.96 -47.66 -1.43
CA SER D 259 37.16 -47.76 -0.58
C SER D 259 38.26 -46.91 -1.19
N PRO D 260 39.29 -46.56 -0.39
CA PRO D 260 40.39 -45.77 -0.97
C PRO D 260 41.03 -46.48 -2.18
N GLN D 261 41.12 -47.82 -2.13
CA GLN D 261 41.67 -48.58 -3.23
C GLN D 261 40.84 -48.28 -4.47
N GLU D 262 39.53 -48.49 -4.37
CA GLU D 262 38.62 -48.25 -5.49
C GLU D 262 38.74 -46.84 -6.06
N MET D 263 38.94 -45.86 -5.19
CA MET D 263 39.10 -44.48 -5.63
C MET D 263 40.48 -44.19 -6.27
N TYR D 264 41.55 -44.66 -5.62
CA TYR D 264 42.91 -44.55 -6.17
C TYR D 264 42.94 -45.12 -7.59
N ASP D 265 42.34 -46.30 -7.75
CA ASP D 265 42.27 -46.96 -9.02
C ASP D 265 41.58 -46.08 -10.05
N ILE D 266 40.49 -45.43 -9.64
CA ILE D 266 39.74 -44.59 -10.57
C ILE D 266 40.60 -43.44 -11.05
N LEU D 267 41.35 -42.84 -10.14
CA LEU D 267 42.21 -41.72 -10.44
C LEU D 267 43.39 -42.11 -11.31
N ASN D 268 43.68 -43.40 -11.36
CA ASN D 268 44.91 -43.88 -11.92
C ASN D 268 44.70 -44.62 -13.24
N LYS D 269 43.55 -45.28 -13.37
CA LYS D 269 43.24 -46.16 -14.50
C LYS D 269 42.19 -45.58 -15.42
N LYS D 270 41.24 -44.84 -14.85
CA LYS D 270 40.03 -44.40 -15.55
C LYS D 270 39.92 -42.89 -15.73
N SER D 271 40.93 -42.14 -15.31
CA SER D 271 40.85 -40.70 -15.41
C SER D 271 41.64 -40.12 -16.58
N GLY D 272 42.19 -38.93 -16.39
CA GLY D 272 42.99 -38.27 -17.42
C GLY D 272 42.24 -38.18 -18.73
N VAL D 273 42.96 -38.28 -19.83
CA VAL D 273 42.36 -38.23 -21.15
C VAL D 273 41.16 -39.20 -21.31
N TYR D 274 41.31 -40.44 -20.84
CA TYR D 274 40.24 -41.44 -20.90
C TYR D 274 39.03 -40.90 -20.16
N GLY D 275 39.28 -40.40 -18.95
CA GLY D 275 38.22 -39.89 -18.07
C GLY D 275 37.41 -38.76 -18.70
N LEU D 276 38.15 -37.75 -19.18
CA LEU D 276 37.56 -36.60 -19.87
C LEU D 276 36.72 -36.96 -21.08
N SER D 277 37.16 -37.94 -21.88
CA SER D 277 36.43 -38.31 -23.09
C SER D 277 35.36 -39.40 -22.86
N LYS D 278 34.92 -39.56 -21.61
CA LYS D 278 33.82 -40.49 -21.25
C LYS D 278 34.07 -41.97 -21.65
N GLY D 279 35.35 -42.31 -21.83
CA GLY D 279 35.75 -43.67 -22.18
C GLY D 279 35.97 -43.88 -23.67
N PHE D 280 36.25 -42.78 -24.37
CA PHE D 280 36.48 -42.85 -25.79
C PHE D 280 37.85 -43.43 -26.05
N SER D 281 38.89 -42.73 -25.61
CA SER D 281 40.25 -43.24 -25.69
C SER D 281 41.16 -42.59 -24.68
N SER D 282 42.31 -43.21 -24.44
CA SER D 282 43.33 -42.63 -23.56
C SER D 282 44.52 -42.19 -24.41
N ASP D 283 44.49 -42.60 -25.67
CA ASP D 283 45.51 -42.25 -26.64
C ASP D 283 45.18 -40.85 -27.14
N MET D 284 46.02 -39.87 -26.81
CA MET D 284 45.82 -38.48 -27.21
C MET D 284 45.66 -38.24 -28.71
N ARG D 285 46.33 -39.01 -29.55
CA ARG D 285 46.14 -38.85 -30.98
C ARG D 285 44.80 -39.40 -31.46
N ASP D 286 44.19 -40.32 -30.73
CA ASP D 286 42.82 -40.77 -31.02
C ASP D 286 41.86 -39.59 -30.91
N ILE D 287 42.18 -38.71 -29.97
CA ILE D 287 41.41 -37.49 -29.76
C ILE D 287 41.74 -36.41 -30.80
N GLU D 288 43.03 -36.22 -31.06
CA GLU D 288 43.48 -35.28 -32.08
C GLU D 288 42.76 -35.56 -33.40
N GLU D 289 42.76 -36.83 -33.83
CA GLU D 289 42.05 -37.27 -35.06
C GLU D 289 40.58 -36.90 -35.04
N ALA D 290 39.92 -37.19 -33.91
CA ALA D 290 38.49 -36.92 -33.76
C ALA D 290 38.19 -35.42 -33.71
N ALA D 291 39.08 -34.65 -33.09
CA ALA D 291 38.93 -33.18 -33.02
C ALA D 291 39.01 -32.57 -34.41
N LEU D 292 39.98 -33.01 -35.19
CA LEU D 292 40.15 -32.53 -36.55
C LEU D 292 38.98 -32.94 -37.45
N LYS D 293 38.25 -33.97 -37.04
CA LYS D 293 37.09 -34.41 -37.82
C LYS D 293 35.82 -33.63 -37.44
N GLY D 294 35.97 -32.65 -36.55
CA GLY D 294 34.86 -31.78 -36.20
C GLY D 294 34.15 -32.12 -34.90
N ASP D 295 34.57 -33.19 -34.23
CA ASP D 295 33.98 -33.56 -32.94
C ASP D 295 34.28 -32.47 -31.91
N GLU D 296 33.21 -31.81 -31.47
CA GLU D 296 33.31 -30.67 -30.55
C GLU D 296 33.93 -31.04 -29.21
N TRP D 297 33.59 -32.23 -28.71
CA TRP D 297 34.01 -32.65 -27.39
C TRP D 297 35.52 -32.88 -27.28
N CYS D 298 36.11 -33.50 -28.30
CA CYS D 298 37.54 -33.76 -28.32
C CYS D 298 38.33 -32.48 -28.37
N LYS D 299 37.86 -31.50 -29.16
CA LYS D 299 38.51 -30.18 -29.22
C LYS D 299 38.72 -29.64 -27.84
N LEU D 300 37.76 -29.93 -26.95
CA LEU D 300 37.86 -29.51 -25.55
C LEU D 300 38.88 -30.31 -24.76
N VAL D 301 38.87 -31.64 -24.87
CA VAL D 301 39.85 -32.50 -24.18
C VAL D 301 41.25 -32.03 -24.55
N LEU D 302 41.47 -31.83 -25.84
CA LEU D 302 42.69 -31.32 -26.38
C LEU D 302 43.06 -30.00 -25.67
N GLU D 303 42.12 -29.05 -25.66
CA GLU D 303 42.37 -27.73 -25.03
C GLU D 303 42.72 -27.80 -23.57
N ILE D 304 42.05 -28.71 -22.85
CA ILE D 304 42.30 -28.94 -21.43
C ILE D 304 43.70 -29.48 -21.23
N TYR D 305 44.04 -30.49 -22.02
CA TYR D 305 45.36 -31.14 -22.02
C TYR D 305 46.43 -30.09 -22.22
N ASP D 306 46.37 -29.39 -23.37
CA ASP D 306 47.33 -28.35 -23.73
C ASP D 306 47.45 -27.24 -22.68
N TYR D 307 46.31 -26.71 -22.23
CA TYR D 307 46.26 -25.64 -21.25
C TYR D 307 47.16 -25.86 -20.05
N ARG D 308 47.05 -27.04 -19.45
CA ARG D 308 47.79 -27.34 -18.23
C ARG D 308 49.30 -27.43 -18.46
N ILE D 309 49.71 -27.94 -19.63
CA ILE D 309 51.11 -27.91 -20.05
C ILE D 309 51.59 -26.48 -20.10
N ALA D 310 50.85 -25.64 -20.81
CA ALA D 310 51.18 -24.22 -20.91
C ALA D 310 51.37 -23.54 -19.55
N LYS D 311 50.49 -23.82 -18.60
CA LYS D 311 50.58 -23.22 -17.26
C LYS D 311 51.84 -23.67 -16.51
N TYR D 312 52.24 -24.94 -16.74
CA TYR D 312 53.45 -25.47 -16.14
C TYR D 312 54.68 -24.80 -16.70
N ILE D 313 54.73 -24.63 -18.01
CA ILE D 313 55.83 -23.87 -18.61
C ILE D 313 55.92 -22.49 -17.95
N GLY D 314 54.79 -21.83 -17.81
CA GLY D 314 54.74 -20.53 -17.15
C GLY D 314 55.22 -20.60 -15.72
N ALA D 315 54.76 -21.62 -14.99
CA ALA D 315 55.08 -21.78 -13.57
C ALA D 315 56.58 -21.97 -13.39
N TYR D 316 57.17 -22.78 -14.27
CA TYR D 316 58.57 -23.16 -14.13
C TYR D 316 59.49 -22.06 -14.63
N ALA D 317 59.03 -21.31 -15.62
CA ALA D 317 59.69 -20.09 -16.05
C ALA D 317 59.89 -19.17 -14.86
N ALA D 318 58.85 -19.05 -14.03
CA ALA D 318 58.91 -18.27 -12.80
C ALA D 318 59.89 -18.89 -11.82
N ALA D 319 59.86 -20.22 -11.72
CA ALA D 319 60.73 -20.94 -10.78
C ALA D 319 62.21 -20.69 -11.06
N MET D 320 62.58 -20.59 -12.33
CA MET D 320 63.98 -20.33 -12.68
C MET D 320 64.30 -18.86 -12.87
N ASN D 321 63.29 -18.01 -12.79
CA ASN D 321 63.43 -16.60 -13.11
C ASN D 321 63.93 -16.39 -14.55
N GLY D 322 63.39 -17.21 -15.47
CA GLY D 322 63.70 -17.09 -16.89
C GLY D 322 63.55 -18.41 -17.64
N VAL D 323 63.31 -18.31 -18.94
CA VAL D 323 63.40 -19.47 -19.82
C VAL D 323 64.28 -19.09 -20.97
N ASP D 324 65.19 -20.00 -21.32
CA ASP D 324 66.04 -19.81 -22.47
C ASP D 324 65.56 -20.70 -23.61
N ALA D 325 65.03 -21.86 -23.26
CA ALA D 325 64.53 -22.82 -24.26
C ALA D 325 63.47 -23.78 -23.70
N ILE D 326 62.57 -24.23 -24.59
CA ILE D 326 61.52 -25.16 -24.22
C ILE D 326 61.65 -26.35 -25.13
N VAL D 327 61.66 -27.55 -24.54
CA VAL D 327 61.82 -28.78 -25.31
C VAL D 327 60.59 -29.66 -25.18
N PHE D 328 60.05 -30.08 -26.32
CA PHE D 328 58.97 -31.06 -26.37
C PHE D 328 59.53 -32.45 -26.73
N THR D 329 59.08 -33.48 -26.03
CA THR D 329 59.54 -34.83 -26.29
C THR D 329 58.52 -35.89 -25.86
N ALA D 330 58.83 -37.16 -26.14
CA ALA D 330 57.93 -38.31 -25.88
C ALA D 330 56.79 -38.42 -26.88
N GLY D 331 56.02 -39.50 -26.77
CA GLY D 331 54.96 -39.84 -27.76
C GLY D 331 54.24 -38.66 -28.44
N VAL D 332 53.72 -37.75 -27.62
CA VAL D 332 52.91 -36.62 -28.09
C VAL D 332 53.77 -35.41 -28.43
N GLY D 333 54.72 -35.08 -27.55
CA GLY D 333 55.63 -33.96 -27.76
C GLY D 333 56.38 -34.04 -29.08
N GLU D 334 56.64 -35.26 -29.53
CA GLU D 334 57.40 -35.49 -30.75
C GLU D 334 56.50 -35.50 -31.99
N ASN D 335 55.21 -35.73 -31.80
CA ASN D 335 54.31 -36.06 -32.94
C ASN D 335 53.02 -35.27 -33.10
N SER D 336 52.79 -34.29 -32.24
CA SER D 336 51.61 -33.44 -32.33
C SER D 336 51.97 -31.98 -32.53
N PRO D 337 52.09 -31.56 -33.79
CA PRO D 337 52.42 -30.18 -34.06
C PRO D 337 51.30 -29.28 -33.57
N ILE D 338 50.09 -29.84 -33.50
CA ILE D 338 48.91 -29.11 -33.04
C ILE D 338 49.01 -28.79 -31.56
N THR D 339 49.39 -29.78 -30.76
CA THR D 339 49.56 -29.62 -29.30
C THR D 339 50.67 -28.62 -29.01
N ARG D 340 51.79 -28.76 -29.73
CA ARG D 340 52.93 -27.85 -29.62
C ARG D 340 52.51 -26.41 -29.94
N GLU D 341 51.69 -26.25 -30.97
CA GLU D 341 51.22 -24.94 -31.39
C GLU D 341 50.26 -24.33 -30.37
N ASP D 342 49.30 -25.12 -29.90
CA ASP D 342 48.30 -24.65 -28.93
C ASP D 342 48.99 -24.21 -27.67
N VAL D 343 49.92 -25.02 -27.19
CA VAL D 343 50.63 -24.74 -25.94
C VAL D 343 51.38 -23.41 -26.08
N CYS D 344 52.01 -23.21 -27.22
CA CYS D 344 52.83 -22.04 -27.41
C CYS D 344 52.06 -20.76 -27.65
N SER D 345 50.79 -20.85 -28.01
CA SER D 345 49.97 -19.67 -28.20
C SER D 345 49.81 -18.89 -26.90
N TYR D 346 49.85 -19.61 -25.78
CA TYR D 346 49.81 -19.00 -24.45
C TYR D 346 51.11 -18.31 -24.07
N LEU D 347 52.13 -18.41 -24.92
CA LEU D 347 53.50 -18.05 -24.51
C LEU D 347 54.16 -16.92 -25.27
N GLU D 348 53.42 -16.20 -26.11
CA GLU D 348 54.05 -15.12 -26.86
C GLU D 348 54.42 -13.91 -26.00
N PHE D 349 53.76 -13.76 -24.84
CA PHE D 349 54.12 -12.76 -23.86
C PHE D 349 55.56 -12.92 -23.36
N LEU D 350 56.10 -14.13 -23.54
CA LEU D 350 57.48 -14.45 -23.16
C LEU D 350 58.42 -14.28 -24.34
N GLY D 351 57.85 -14.02 -25.51
CA GLY D 351 58.63 -13.87 -26.75
C GLY D 351 58.80 -15.15 -27.54
N VAL D 352 57.86 -16.09 -27.36
CA VAL D 352 57.86 -17.35 -28.08
C VAL D 352 57.04 -17.25 -29.36
N LYS D 353 57.69 -17.49 -30.50
CA LYS D 353 57.00 -17.56 -31.78
C LYS D 353 57.43 -18.83 -32.47
N LEU D 354 56.45 -19.57 -33.00
CA LEU D 354 56.73 -20.81 -33.71
C LEU D 354 56.83 -20.54 -35.20
N ASP D 355 57.58 -21.38 -35.92
CA ASP D 355 57.59 -21.36 -37.37
C ASP D 355 56.67 -22.47 -37.83
N LYS D 356 55.46 -22.09 -38.23
CA LYS D 356 54.43 -23.05 -38.67
C LYS D 356 54.99 -24.15 -39.57
N GLN D 357 55.81 -23.74 -40.54
CA GLN D 357 56.43 -24.68 -41.49
C GLN D 357 57.30 -25.70 -40.76
N LYS D 358 58.22 -25.21 -39.92
CA LYS D 358 59.11 -26.11 -39.17
C LYS D 358 58.37 -26.97 -38.16
N ASN D 359 57.28 -26.44 -37.61
CA ASN D 359 56.50 -27.16 -36.61
C ASN D 359 55.81 -28.37 -37.21
N GLU D 360 55.27 -28.19 -38.41
CA GLU D 360 54.52 -29.26 -39.02
C GLU D 360 55.45 -30.33 -39.59
N GLU D 361 56.65 -29.93 -39.98
CA GLU D 361 57.68 -30.82 -40.54
C GLU D 361 58.29 -31.78 -39.52
N THR D 362 58.59 -31.32 -38.30
CA THR D 362 59.27 -32.12 -37.27
C THR D 362 58.31 -33.03 -36.52
N ILE D 363 57.92 -34.06 -37.25
CA ILE D 363 57.00 -35.07 -36.79
C ILE D 363 57.65 -36.43 -36.86
N ARG D 364 56.92 -37.44 -36.41
CA ARG D 364 57.34 -38.83 -36.45
C ARG D 364 58.82 -39.11 -36.18
N GLY D 365 59.50 -38.52 -35.22
CA GLY D 365 60.88 -38.95 -34.98
C GLY D 365 61.96 -37.95 -35.34
N LYS D 366 61.62 -36.97 -36.19
CA LYS D 366 62.59 -35.95 -36.58
C LYS D 366 62.89 -35.04 -35.41
N GLU D 367 63.98 -34.30 -35.47
CA GLU D 367 64.40 -33.38 -34.42
C GLU D 367 64.89 -32.06 -34.98
N GLY D 368 64.61 -30.98 -34.25
CA GLY D 368 65.10 -29.69 -34.66
C GLY D 368 64.54 -28.54 -33.83
N ILE D 369 64.87 -27.32 -34.25
CA ILE D 369 64.37 -26.11 -33.62
C ILE D 369 63.04 -25.76 -34.33
N ILE D 370 62.05 -25.24 -33.59
CA ILE D 370 60.79 -24.80 -34.20
C ILE D 370 60.51 -23.32 -33.96
N SER D 371 61.24 -22.66 -33.08
CA SER D 371 61.08 -21.22 -32.89
C SER D 371 61.62 -20.48 -34.10
N THR D 372 61.04 -19.32 -34.38
CA THR D 372 61.53 -18.47 -35.46
C THR D 372 62.89 -17.89 -35.05
N PRO D 373 63.78 -17.66 -36.03
CA PRO D 373 65.03 -16.92 -35.82
C PRO D 373 64.96 -15.80 -34.78
N ASP D 374 63.92 -14.94 -34.88
CA ASP D 374 63.78 -13.77 -33.98
C ASP D 374 63.20 -14.08 -32.58
N SER D 375 62.67 -15.28 -32.41
CA SER D 375 62.05 -15.71 -31.15
C SER D 375 62.99 -15.62 -29.95
N ARG D 376 62.53 -14.96 -28.91
CA ARG D 376 63.35 -14.70 -27.73
C ARG D 376 63.55 -15.93 -26.85
N VAL D 377 62.62 -16.88 -26.90
CA VAL D 377 62.78 -18.18 -26.23
C VAL D 377 62.78 -19.27 -27.30
N LYS D 378 63.78 -20.13 -27.28
CA LYS D 378 63.94 -21.12 -28.33
C LYS D 378 63.08 -22.33 -28.03
N VAL D 379 62.42 -22.87 -29.04
CA VAL D 379 61.57 -24.06 -28.85
C VAL D 379 62.07 -25.21 -29.72
N LEU D 380 62.29 -26.37 -29.11
CA LEU D 380 62.88 -27.51 -29.80
C LEU D 380 62.06 -28.78 -29.67
N VAL D 381 62.07 -29.60 -30.71
CA VAL D 381 61.56 -30.95 -30.64
C VAL D 381 62.76 -31.87 -30.60
N VAL D 382 62.93 -32.58 -29.49
CA VAL D 382 64.06 -33.49 -29.32
C VAL D 382 63.52 -34.87 -28.96
N PRO D 383 63.35 -35.75 -29.97
CA PRO D 383 62.86 -37.10 -29.69
C PRO D 383 63.71 -37.76 -28.62
N THR D 384 63.05 -38.29 -27.61
CA THR D 384 63.74 -38.90 -26.50
C THR D 384 64.27 -40.28 -26.86
N ASN D 385 65.34 -40.67 -26.18
CA ASN D 385 66.00 -41.94 -26.40
C ASN D 385 66.59 -42.33 -25.06
N GLU D 386 65.71 -42.75 -24.17
CA GLU D 386 66.09 -43.07 -22.80
C GLU D 386 67.07 -44.23 -22.74
N GLU D 387 66.96 -45.16 -23.68
CA GLU D 387 67.83 -46.33 -23.73
C GLU D 387 69.27 -45.94 -23.99
N LEU D 388 69.47 -45.12 -25.04
CA LEU D 388 70.80 -44.60 -25.38
C LEU D 388 71.41 -43.89 -24.20
N MET D 389 70.60 -43.13 -23.48
CA MET D 389 71.05 -42.44 -22.30
C MET D 389 71.62 -43.43 -21.28
N ILE D 390 70.92 -44.56 -21.10
CA ILE D 390 71.38 -45.63 -20.18
C ILE D 390 72.70 -46.23 -20.67
N ALA D 391 72.74 -46.61 -21.94
CA ALA D 391 73.93 -47.15 -22.55
C ALA D 391 75.13 -46.23 -22.31
N ARG D 392 74.92 -44.92 -22.42
CA ARG D 392 75.98 -43.92 -22.22
C ARG D 392 76.49 -43.83 -20.79
N ASP D 393 75.58 -43.93 -19.82
CA ASP D 393 75.99 -43.96 -18.42
C ASP D 393 76.73 -45.25 -18.09
N THR D 394 76.24 -46.35 -18.65
CA THR D 394 76.86 -47.66 -18.47
C THR D 394 78.27 -47.60 -19.03
N LYS D 395 78.40 -47.10 -20.25
CA LYS D 395 79.70 -46.96 -20.90
C LYS D 395 80.69 -46.20 -20.02
N GLU D 396 80.28 -45.05 -19.51
CA GLU D 396 81.17 -44.22 -18.72
C GLU D 396 81.64 -44.96 -17.47
N ILE D 397 80.68 -45.47 -16.70
CA ILE D 397 81.01 -46.18 -15.49
C ILE D 397 81.91 -47.39 -15.76
N VAL D 398 81.50 -48.22 -16.73
CA VAL D 398 82.23 -49.45 -17.04
C VAL D 398 83.69 -49.20 -17.44
N GLU D 399 83.94 -48.17 -18.25
CA GLU D 399 85.31 -47.72 -18.51
C GLU D 399 85.95 -47.25 -17.19
N LYS D 400 86.65 -48.19 -16.53
CA LYS D 400 87.25 -48.00 -15.20
C LYS D 400 87.65 -49.33 -14.57
N MET E 1 -40.69 78.29 -38.70
CA MET E 1 -39.93 79.38 -38.06
C MET E 1 -38.54 79.50 -38.68
N ARG E 2 -38.03 80.72 -38.79
CA ARG E 2 -36.78 80.93 -39.49
C ARG E 2 -35.67 81.44 -38.60
N VAL E 3 -34.68 80.60 -38.33
CA VAL E 3 -33.54 80.98 -37.52
C VAL E 3 -32.36 81.35 -38.40
N LEU E 4 -31.71 82.46 -38.05
CA LEU E 4 -30.44 82.84 -38.62
C LEU E 4 -29.36 82.41 -37.65
N VAL E 5 -28.48 81.52 -38.10
CA VAL E 5 -27.40 80.98 -37.26
C VAL E 5 -26.09 81.68 -37.59
N ILE E 6 -25.45 82.22 -36.56
CA ILE E 6 -24.26 83.01 -36.75
C ILE E 6 -23.06 82.42 -36.02
N ASN E 7 -21.88 82.51 -36.62
CA ASN E 7 -20.67 82.13 -35.94
C ASN E 7 -19.63 83.17 -36.27
N SER E 8 -19.43 84.12 -35.36
CA SER E 8 -18.46 85.20 -35.58
C SER E 8 -17.11 84.99 -34.88
N GLY E 9 -16.09 84.78 -35.71
CA GLY E 9 -14.72 84.72 -35.23
C GLY E 9 -14.07 86.06 -35.42
N SER E 10 -12.84 86.19 -34.93
CA SER E 10 -12.13 87.46 -34.95
C SER E 10 -12.07 88.11 -36.34
N SER E 11 -12.01 87.30 -37.40
CA SER E 11 -11.74 87.80 -38.75
C SER E 11 -12.94 87.67 -39.68
N SER E 12 -13.98 86.97 -39.24
CA SER E 12 -15.12 86.61 -40.13
C SER E 12 -16.42 86.29 -39.39
N ILE E 13 -17.55 86.56 -40.05
CA ILE E 13 -18.85 86.04 -39.62
C ILE E 13 -19.33 85.03 -40.66
N LYS E 14 -19.72 83.83 -40.21
CA LYS E 14 -20.31 82.87 -41.14
C LYS E 14 -21.71 82.51 -40.66
N TYR E 15 -22.62 82.46 -41.63
CA TYR E 15 -24.03 82.34 -41.32
C TYR E 15 -24.76 81.26 -42.08
N GLN E 16 -25.85 80.82 -41.48
CA GLN E 16 -26.81 79.97 -42.16
C GLN E 16 -28.21 80.48 -41.85
N LEU E 17 -29.09 80.38 -42.82
CA LEU E 17 -30.47 80.73 -42.58
C LEU E 17 -31.30 79.47 -42.71
N ILE E 18 -31.62 78.89 -41.57
CA ILE E 18 -32.39 77.64 -41.55
C ILE E 18 -33.89 77.84 -41.31
N GLU E 19 -34.70 77.20 -42.17
CA GLU E 19 -36.16 77.22 -42.05
C GLU E 19 -36.49 76.01 -41.18
N MET E 20 -36.65 76.30 -39.87
CA MET E 20 -36.88 75.32 -38.82
C MET E 20 -37.95 74.28 -39.10
N GLU E 21 -38.92 74.60 -39.92
CA GLU E 21 -39.94 73.63 -40.22
C GLU E 21 -39.49 72.60 -41.21
N GLY E 22 -38.76 73.00 -42.20
CA GLY E 22 -38.32 72.00 -43.16
C GLY E 22 -36.93 71.53 -42.76
N GLU E 23 -36.35 72.25 -41.76
CA GLU E 23 -34.97 72.10 -41.27
C GLU E 23 -34.08 72.16 -42.53
N LYS E 24 -34.42 73.11 -43.41
CA LYS E 24 -33.69 73.32 -44.65
C LYS E 24 -32.81 74.54 -44.60
N VAL E 25 -31.59 74.42 -45.12
CA VAL E 25 -30.72 75.54 -45.21
C VAL E 25 -31.16 76.32 -46.44
N LEU E 26 -31.72 77.51 -46.22
CA LEU E 26 -32.20 78.38 -47.29
C LEU E 26 -31.03 79.03 -48.01
N CYS E 27 -30.03 79.43 -47.24
CA CYS E 27 -28.77 79.88 -47.78
C CYS E 27 -27.74 79.87 -46.67
N LYS E 28 -26.47 79.90 -47.05
CA LYS E 28 -25.38 80.05 -46.09
C LYS E 28 -24.25 80.82 -46.75
N GLY E 29 -23.29 81.26 -45.93
CA GLY E 29 -22.16 82.01 -46.44
C GLY E 29 -21.20 82.47 -45.37
N ILE E 30 -20.25 83.31 -45.78
CA ILE E 30 -19.23 83.82 -44.90
C ILE E 30 -18.85 85.23 -45.33
N ALA E 31 -18.77 86.13 -44.36
CA ALA E 31 -18.18 87.45 -44.58
C ALA E 31 -16.72 87.40 -44.14
N GLU E 32 -15.80 87.50 -45.10
CA GLU E 32 -14.41 87.19 -44.85
C GLU E 32 -13.54 88.42 -44.70
N ARG E 33 -12.41 88.27 -44.00
CA ARG E 33 -11.37 89.30 -43.97
C ARG E 33 -11.89 90.65 -43.45
N ILE E 34 -12.78 90.61 -42.46
CA ILE E 34 -13.21 91.81 -41.79
C ILE E 34 -12.03 92.49 -41.11
N GLY E 35 -11.86 93.78 -41.40
CA GLY E 35 -10.79 94.56 -40.81
C GLY E 35 -9.58 94.62 -41.69
N ILE E 36 -9.33 93.54 -42.43
CA ILE E 36 -8.19 93.45 -43.34
C ILE E 36 -8.64 93.95 -44.72
N GLU E 37 -7.68 94.14 -45.61
CA GLU E 37 -7.95 94.58 -46.96
C GLU E 37 -8.58 93.46 -47.79
N GLY E 38 -9.38 93.89 -48.77
CA GLY E 38 -10.09 93.00 -49.68
C GLY E 38 -11.03 92.09 -48.94
N SER E 39 -11.72 92.63 -47.95
CA SER E 39 -12.79 91.90 -47.25
C SER E 39 -13.93 91.66 -48.23
N ARG E 40 -14.69 90.60 -48.00
CA ARG E 40 -15.69 90.15 -48.96
C ARG E 40 -16.70 89.22 -48.33
N LEU E 41 -17.83 89.04 -49.04
CA LEU E 41 -18.88 88.12 -48.64
C LEU E 41 -19.06 87.05 -49.71
N VAL E 42 -18.89 85.80 -49.32
CA VAL E 42 -19.16 84.66 -50.18
C VAL E 42 -20.51 84.12 -49.76
N HIS E 43 -21.45 84.12 -50.70
CA HIS E 43 -22.84 83.81 -50.41
C HIS E 43 -23.34 82.67 -51.30
N ARG E 44 -23.81 81.60 -50.67
CA ARG E 44 -24.29 80.41 -51.37
C ARG E 44 -25.79 80.25 -51.24
N VAL E 45 -26.46 80.17 -52.38
CA VAL E 45 -27.89 79.88 -52.46
C VAL E 45 -28.06 78.68 -53.38
N GLY E 46 -27.99 77.49 -52.79
CA GLY E 46 -28.02 76.24 -53.55
C GLY E 46 -26.72 76.11 -54.29
N ASP E 47 -26.83 75.96 -55.62
CA ASP E 47 -25.68 75.74 -56.52
C ASP E 47 -24.79 76.95 -56.72
N GLU E 48 -25.41 78.13 -56.65
CA GLU E 48 -24.77 79.39 -56.96
C GLU E 48 -23.89 79.88 -55.80
N LYS E 49 -22.73 80.41 -56.16
CA LYS E 49 -21.79 81.02 -55.20
C LYS E 49 -21.56 82.45 -55.67
N HIS E 50 -22.00 83.43 -54.88
CA HIS E 50 -21.82 84.84 -55.23
C HIS E 50 -20.80 85.51 -54.36
N VAL E 51 -19.85 86.18 -55.01
CA VAL E 51 -18.78 86.91 -54.34
C VAL E 51 -19.08 88.43 -54.40
N ILE E 52 -19.20 89.06 -53.24
CA ILE E 52 -19.32 90.53 -53.17
C ILE E 52 -18.09 91.18 -52.51
N GLU E 53 -17.41 92.02 -53.28
CA GLU E 53 -16.22 92.76 -52.82
C GLU E 53 -16.70 94.03 -52.14
N ARG E 54 -16.17 94.29 -50.94
CA ARG E 54 -16.45 95.54 -50.22
C ARG E 54 -15.64 95.67 -48.94
N GLU E 55 -15.42 96.92 -48.53
CA GLU E 55 -14.77 97.22 -47.26
C GLU E 55 -15.71 96.86 -46.14
N LEU E 56 -15.25 96.01 -45.23
CA LEU E 56 -15.97 95.71 -44.00
C LEU E 56 -15.06 95.97 -42.82
N PRO E 57 -15.11 97.18 -42.24
CA PRO E 57 -14.15 97.53 -41.19
C PRO E 57 -14.38 96.78 -39.88
N ASP E 58 -15.63 96.43 -39.59
CA ASP E 58 -15.96 95.63 -38.40
C ASP E 58 -17.16 94.71 -38.61
N HIS E 59 -17.52 94.00 -37.54
CA HIS E 59 -18.52 92.95 -37.60
C HIS E 59 -19.90 93.47 -37.88
N GLU E 60 -20.19 94.67 -37.39
CA GLU E 60 -21.49 95.31 -37.66
C GLU E 60 -21.70 95.59 -39.15
N GLU E 61 -20.81 96.39 -39.75
CA GLU E 61 -20.90 96.66 -41.18
C GLU E 61 -20.93 95.38 -42.03
N ALA E 62 -20.26 94.34 -41.52
CA ALA E 62 -20.23 93.02 -42.15
C ALA E 62 -21.59 92.35 -42.04
N LEU E 63 -22.20 92.37 -40.86
CA LEU E 63 -23.50 91.73 -40.68
C LEU E 63 -24.57 92.44 -41.46
N LYS E 64 -24.43 93.76 -41.57
CA LYS E 64 -25.30 94.57 -42.43
C LYS E 64 -25.31 94.03 -43.87
N LEU E 65 -24.14 93.95 -44.50
CA LEU E 65 -24.01 93.38 -45.86
C LEU E 65 -24.65 92.00 -46.00
N ILE E 66 -24.50 91.16 -44.96
CA ILE E 66 -25.13 89.84 -44.93
C ILE E 66 -26.64 89.99 -44.95
N LEU E 67 -27.15 90.79 -44.03
CA LEU E 67 -28.59 91.02 -43.94
C LEU E 67 -29.18 91.60 -45.23
N ASN E 68 -28.54 92.64 -45.76
CA ASN E 68 -28.96 93.23 -47.02
C ASN E 68 -29.09 92.21 -48.12
N THR E 69 -28.11 91.32 -48.23
CA THR E 69 -28.11 90.34 -49.34
C THR E 69 -29.02 89.13 -49.08
N LEU E 70 -29.46 88.95 -47.83
CA LEU E 70 -30.50 87.96 -47.51
C LEU E 70 -31.82 88.37 -48.13
N VAL E 71 -31.93 89.66 -48.44
CA VAL E 71 -33.18 90.31 -48.90
C VAL E 71 -33.09 90.78 -50.36
N ASP E 72 -31.89 91.19 -50.80
CA ASP E 72 -31.69 91.59 -52.18
C ASP E 72 -32.36 90.56 -53.07
N GLU E 73 -33.27 90.98 -53.92
CA GLU E 73 -34.08 90.00 -54.65
C GLU E 73 -33.44 89.43 -55.93
N LYS E 74 -32.11 89.48 -56.01
CA LYS E 74 -31.38 88.71 -57.01
C LYS E 74 -30.64 87.57 -56.34
N LEU E 75 -29.98 87.89 -55.25
CA LEU E 75 -29.16 86.94 -54.53
C LEU E 75 -29.87 86.56 -53.23
N GLY E 76 -31.14 86.95 -53.10
CA GLY E 76 -31.85 86.87 -51.82
C GLY E 76 -32.68 85.62 -51.64
N VAL E 77 -33.30 85.49 -50.45
CA VAL E 77 -33.93 84.26 -50.02
C VAL E 77 -35.19 84.52 -49.20
N ILE E 78 -35.33 85.75 -48.72
CA ILE E 78 -36.51 86.15 -47.94
C ILE E 78 -36.95 87.56 -48.37
N LYS E 79 -38.27 87.79 -48.41
CA LYS E 79 -38.85 89.09 -48.82
C LYS E 79 -38.49 90.28 -47.91
N ASP E 80 -38.67 90.09 -46.61
CA ASP E 80 -38.44 91.10 -45.58
C ASP E 80 -37.24 90.73 -44.73
N LEU E 81 -36.87 91.62 -43.80
CA LEU E 81 -36.00 91.23 -42.69
C LEU E 81 -36.86 90.77 -41.52
N LYS E 82 -38.16 91.01 -41.62
CA LYS E 82 -39.10 90.57 -40.61
C LYS E 82 -39.24 89.04 -40.65
N GLU E 83 -38.82 88.46 -41.77
CA GLU E 83 -38.87 87.01 -42.01
C GLU E 83 -38.02 86.21 -41.04
N ILE E 84 -36.89 86.79 -40.63
CA ILE E 84 -35.99 86.21 -39.64
C ILE E 84 -36.69 86.20 -38.28
N ASP E 85 -37.09 85.03 -37.84
CA ASP E 85 -37.86 84.90 -36.58
C ASP E 85 -36.99 84.93 -35.31
N ALA E 86 -35.73 84.50 -35.41
CA ALA E 86 -34.78 84.47 -34.29
C ALA E 86 -33.35 84.36 -34.81
N VAL E 87 -32.37 84.70 -33.96
CA VAL E 87 -30.93 84.58 -34.31
C VAL E 87 -30.17 83.76 -33.27
N GLY E 88 -29.48 82.71 -33.72
CA GLY E 88 -28.68 81.86 -32.83
C GLY E 88 -27.19 82.04 -33.02
N HIS E 89 -26.49 82.36 -31.93
CA HIS E 89 -25.06 82.63 -31.93
C HIS E 89 -24.22 81.54 -31.29
N ARG E 90 -23.09 81.23 -31.91
CA ARG E 90 -22.09 80.38 -31.29
C ARG E 90 -21.20 81.21 -30.40
N VAL E 91 -21.21 80.95 -29.11
CA VAL E 91 -20.28 81.59 -28.20
C VAL E 91 -19.31 80.53 -27.68
N VAL E 92 -18.02 80.70 -27.93
CA VAL E 92 -17.01 79.72 -27.55
C VAL E 92 -17.02 79.36 -26.07
N HIS E 93 -16.89 80.35 -25.20
CA HIS E 93 -16.71 80.05 -23.79
C HIS E 93 -17.87 80.53 -22.94
N GLY E 94 -18.46 79.61 -22.19
CA GLY E 94 -19.53 79.96 -21.25
C GLY E 94 -19.10 79.91 -19.78
N GLY E 95 -17.93 79.33 -19.52
CA GLY E 95 -17.46 79.22 -18.15
C GLY E 95 -18.38 78.34 -17.31
N GLU E 96 -18.35 78.54 -16.00
CA GLU E 96 -19.15 77.75 -15.09
C GLU E 96 -20.59 78.23 -14.96
N ARG E 97 -20.85 79.48 -15.37
CA ARG E 97 -22.21 80.07 -15.32
C ARG E 97 -23.18 79.34 -16.21
N PHE E 98 -22.87 79.31 -17.49
CA PHE E 98 -23.83 78.88 -18.47
C PHE E 98 -23.83 77.39 -18.72
N LYS E 99 -24.83 76.70 -18.18
CA LYS E 99 -24.94 75.24 -18.31
C LYS E 99 -25.61 74.82 -19.62
N GLU E 100 -26.41 75.70 -20.21
CA GLU E 100 -27.17 75.40 -21.43
C GLU E 100 -27.46 76.72 -22.18
N SER E 101 -27.91 76.63 -23.42
CA SER E 101 -28.24 77.83 -24.23
C SER E 101 -29.22 78.77 -23.52
N VAL E 102 -29.05 80.08 -23.74
CA VAL E 102 -29.84 81.10 -23.07
C VAL E 102 -30.34 82.17 -24.05
N LEU E 103 -31.54 82.72 -23.79
CA LEU E 103 -31.99 83.91 -24.48
C LEU E 103 -31.18 85.11 -23.99
N VAL E 104 -30.60 85.88 -24.92
CA VAL E 104 -29.74 87.02 -24.58
C VAL E 104 -30.53 88.27 -24.18
N ASP E 105 -30.30 88.74 -22.95
CA ASP E 105 -30.73 90.08 -22.52
C ASP E 105 -29.50 90.81 -21.96
N GLU E 106 -29.69 91.98 -21.35
CA GLU E 106 -28.54 92.76 -20.88
C GLU E 106 -27.76 91.96 -19.87
N GLU E 107 -28.49 91.26 -19.02
CA GLU E 107 -27.90 90.43 -17.96
C GLU E 107 -26.95 89.41 -18.54
N VAL E 108 -27.46 88.64 -19.49
CA VAL E 108 -26.70 87.59 -20.14
C VAL E 108 -25.48 88.18 -20.86
N LEU E 109 -25.68 89.30 -21.54
CA LEU E 109 -24.63 89.98 -22.29
C LEU E 109 -23.44 90.40 -21.41
N LYS E 110 -23.77 90.97 -20.25
CA LYS E 110 -22.79 91.37 -19.25
C LYS E 110 -22.06 90.12 -18.70
N ALA E 111 -22.84 89.08 -18.42
CA ALA E 111 -22.32 87.84 -17.89
C ALA E 111 -21.40 87.13 -18.89
N ILE E 112 -21.57 87.43 -20.17
CA ILE E 112 -20.73 86.82 -21.18
C ILE E 112 -19.39 87.54 -21.19
N GLU E 113 -19.42 88.85 -21.11
CA GLU E 113 -18.19 89.63 -21.08
C GLU E 113 -17.32 89.21 -19.91
N GLU E 114 -17.97 88.96 -18.77
CA GLU E 114 -17.26 88.55 -17.55
C GLU E 114 -16.52 87.24 -17.70
N VAL E 115 -16.99 86.39 -18.61
CA VAL E 115 -16.38 85.10 -18.88
C VAL E 115 -15.34 85.24 -20.00
N SER E 116 -15.43 86.31 -20.78
CA SER E 116 -14.56 86.51 -21.94
C SER E 116 -13.07 86.32 -21.73
N PRO E 117 -12.51 86.76 -20.57
CA PRO E 117 -11.08 86.53 -20.34
C PRO E 117 -10.64 85.06 -20.32
N LEU E 118 -11.60 84.12 -20.27
CA LEU E 118 -11.27 82.68 -20.33
C LEU E 118 -11.19 82.15 -21.75
N ALA E 119 -11.43 83.02 -22.73
CA ALA E 119 -11.19 82.69 -24.15
C ALA E 119 -11.00 84.00 -24.95
N PRO E 120 -9.97 84.80 -24.59
CA PRO E 120 -9.81 86.16 -25.07
C PRO E 120 -9.75 86.26 -26.57
N LEU E 121 -9.42 85.15 -27.23
CA LEU E 121 -9.26 85.20 -28.67
C LEU E 121 -10.56 84.91 -29.42
N HIS E 122 -11.61 84.53 -28.67
CA HIS E 122 -12.88 84.09 -29.29
C HIS E 122 -14.10 84.86 -28.81
N ASN E 123 -14.37 84.83 -27.50
CA ASN E 123 -15.57 85.46 -26.95
C ASN E 123 -15.81 86.91 -27.40
N PRO E 124 -14.80 87.79 -27.34
CA PRO E 124 -15.00 89.16 -27.82
C PRO E 124 -15.70 89.23 -29.19
N ALA E 125 -15.19 88.51 -30.17
CA ALA E 125 -15.79 88.51 -31.48
C ALA E 125 -17.19 87.88 -31.52
N ASN E 126 -17.48 86.98 -30.59
CA ASN E 126 -18.82 86.40 -30.51
C ASN E 126 -19.80 87.52 -30.12
N LEU E 127 -19.51 88.18 -29.00
CA LEU E 127 -20.28 89.32 -28.50
C LEU E 127 -20.50 90.35 -29.59
N MET E 128 -19.43 90.69 -30.31
CA MET E 128 -19.51 91.64 -31.42
C MET E 128 -20.64 91.24 -32.32
N GLY E 129 -20.77 89.93 -32.55
CA GLY E 129 -21.79 89.37 -33.42
C GLY E 129 -23.17 89.51 -32.83
N ILE E 130 -23.29 89.21 -31.54
CA ILE E 130 -24.55 89.36 -30.82
C ILE E 130 -24.98 90.84 -30.81
N LYS E 131 -24.11 91.72 -30.33
CA LYS E 131 -24.45 93.14 -30.23
C LYS E 131 -24.84 93.72 -31.60
N ALA E 132 -24.14 93.31 -32.65
CA ALA E 132 -24.45 93.74 -34.01
C ALA E 132 -25.80 93.22 -34.44
N ALA E 133 -26.13 91.99 -34.08
CA ALA E 133 -27.41 91.39 -34.47
C ALA E 133 -28.57 92.05 -33.75
N MET E 134 -28.39 92.34 -32.47
CA MET E 134 -29.46 93.01 -31.72
C MET E 134 -29.73 94.41 -32.22
N LYS E 135 -28.67 95.08 -32.66
CA LYS E 135 -28.76 96.45 -33.17
C LYS E 135 -29.50 96.49 -34.51
N LEU E 136 -29.10 95.65 -35.44
CA LEU E 136 -29.63 95.69 -36.79
C LEU E 136 -30.98 94.97 -36.92
N LEU E 137 -31.30 94.12 -35.95
CA LEU E 137 -32.58 93.43 -35.93
C LEU E 137 -33.28 93.64 -34.58
N PRO E 138 -33.67 94.90 -34.29
CA PRO E 138 -34.30 95.22 -33.01
C PRO E 138 -35.56 94.39 -32.78
N GLY E 139 -35.73 93.86 -31.58
CA GLY E 139 -36.94 93.13 -31.26
C GLY E 139 -36.81 91.65 -31.52
N VAL E 140 -35.97 91.26 -32.48
CA VAL E 140 -35.73 89.86 -32.76
C VAL E 140 -34.91 89.28 -31.62
N PRO E 141 -35.38 88.17 -31.01
CA PRO E 141 -34.64 87.49 -29.94
C PRO E 141 -33.31 86.87 -30.41
N ASN E 142 -32.28 86.96 -29.57
CA ASN E 142 -31.03 86.28 -29.84
C ASN E 142 -30.78 85.22 -28.80
N VAL E 143 -30.34 84.04 -29.25
CA VAL E 143 -29.95 82.94 -28.35
C VAL E 143 -28.46 82.67 -28.44
N ALA E 144 -27.81 82.53 -27.29
CA ALA E 144 -26.40 82.16 -27.21
C ALA E 144 -26.27 80.66 -26.93
N VAL E 145 -25.51 79.95 -27.76
CA VAL E 145 -25.24 78.53 -27.53
C VAL E 145 -23.75 78.33 -27.23
N PHE E 146 -23.43 77.75 -26.07
CA PHE E 146 -22.04 77.72 -25.59
C PHE E 146 -21.23 76.44 -25.86
N ASP E 147 -20.11 76.60 -26.55
CA ASP E 147 -19.16 75.53 -26.77
C ASP E 147 -18.75 74.74 -25.52
N THR E 148 -18.83 75.37 -24.35
CA THR E 148 -18.39 74.73 -23.12
C THR E 148 -19.53 74.11 -22.32
N ALA E 149 -20.76 74.44 -22.70
CA ALA E 149 -21.92 74.13 -21.87
C ALA E 149 -22.19 72.63 -21.72
N PHE E 150 -22.11 71.89 -22.81
CA PHE E 150 -22.38 70.46 -22.74
C PHE E 150 -21.51 69.76 -21.69
N HIS E 151 -20.33 70.33 -21.47
CA HIS E 151 -19.31 69.75 -20.62
C HIS E 151 -19.46 70.14 -19.15
N GLN E 152 -20.41 71.01 -18.84
CA GLN E 152 -20.57 71.45 -17.46
C GLN E 152 -21.06 70.38 -16.50
N THR E 153 -21.41 69.21 -17.01
CA THR E 153 -21.89 68.11 -16.18
C THR E 153 -20.73 67.25 -15.68
N ILE E 154 -19.53 67.52 -16.18
CA ILE E 154 -18.31 66.83 -15.75
C ILE E 154 -18.08 67.00 -14.25
N PRO E 155 -17.92 65.89 -13.51
CA PRO E 155 -17.74 65.88 -12.05
C PRO E 155 -16.42 66.50 -11.64
N GLN E 156 -16.25 66.76 -10.35
CA GLN E 156 -15.04 67.39 -9.85
C GLN E 156 -13.80 66.54 -10.09
N LYS E 157 -13.92 65.23 -9.85
CA LYS E 157 -12.79 64.33 -10.03
C LYS E 157 -12.11 64.46 -11.38
N ALA E 158 -12.84 65.04 -12.34
CA ALA E 158 -12.44 65.04 -13.72
C ALA E 158 -12.02 66.40 -14.26
N TYR E 159 -12.44 67.47 -13.60
CA TYR E 159 -12.15 68.83 -14.10
C TYR E 159 -11.07 69.60 -13.30
N LEU E 160 -10.68 69.10 -12.13
CA LEU E 160 -9.65 69.76 -11.36
C LEU E 160 -8.28 69.24 -11.72
N TYR E 161 -7.34 70.12 -12.04
CA TYR E 161 -5.98 69.66 -12.30
C TYR E 161 -5.22 69.47 -11.00
N ALA E 162 -4.19 68.63 -11.03
CA ALA E 162 -3.41 68.31 -9.84
C ALA E 162 -2.40 69.40 -9.58
N ILE E 163 -2.90 70.63 -9.54
CA ILE E 163 -2.10 71.82 -9.27
C ILE E 163 -2.67 72.51 -8.03
N PRO E 164 -1.92 73.45 -7.42
CA PRO E 164 -2.46 74.12 -6.25
C PRO E 164 -3.92 74.55 -6.47
N TYR E 165 -4.79 74.23 -5.50
CA TYR E 165 -6.22 74.50 -5.63
C TYR E 165 -6.49 76.00 -5.70
N GLU E 166 -5.61 76.77 -5.05
CA GLU E 166 -5.60 78.21 -5.13
C GLU E 166 -5.82 78.68 -6.57
N TYR E 167 -5.24 77.98 -7.53
CA TYR E 167 -5.34 78.39 -8.93
C TYR E 167 -6.75 78.27 -9.48
N TYR E 168 -7.54 77.34 -8.92
CA TYR E 168 -8.93 77.26 -9.30
C TYR E 168 -9.71 78.34 -8.55
N GLU E 169 -9.45 78.46 -7.25
CA GLU E 169 -10.13 79.45 -6.43
C GLU E 169 -9.98 80.83 -7.03
N LYS E 170 -8.77 81.18 -7.42
CA LYS E 170 -8.44 82.52 -7.84
C LYS E 170 -8.73 82.81 -9.31
N TYR E 171 -8.40 81.87 -10.20
CA TYR E 171 -8.54 82.11 -11.65
C TYR E 171 -9.54 81.21 -12.35
N LYS E 172 -10.21 80.33 -11.60
CA LYS E 172 -11.14 79.34 -12.19
C LYS E 172 -10.46 78.45 -13.25
N ILE E 173 -9.26 77.96 -12.92
CA ILE E 173 -8.53 77.09 -13.81
C ILE E 173 -8.98 75.65 -13.63
N ARG E 174 -9.77 75.17 -14.58
CA ARG E 174 -10.31 73.82 -14.55
C ARG E 174 -10.40 73.33 -16.00
N ARG E 175 -10.82 72.09 -16.17
CA ARG E 175 -11.13 71.60 -17.49
C ARG E 175 -12.48 72.18 -17.89
N TYR E 176 -12.55 72.86 -19.03
CA TYR E 176 -13.84 73.30 -19.52
C TYR E 176 -14.32 72.47 -20.67
N GLY E 177 -13.39 72.14 -21.57
CA GLY E 177 -13.69 71.34 -22.76
C GLY E 177 -14.31 72.18 -23.84
N PHE E 178 -14.18 71.74 -25.09
CA PHE E 178 -14.76 72.47 -26.23
C PHE E 178 -15.38 71.52 -27.25
N HIS E 179 -15.91 72.06 -28.35
CA HIS E 179 -16.70 71.25 -29.28
C HIS E 179 -17.96 70.71 -28.60
N GLY E 180 -18.40 71.43 -27.58
CA GLY E 180 -19.50 71.01 -26.75
C GLY E 180 -20.71 70.74 -27.59
N THR E 181 -21.09 71.71 -28.40
CA THR E 181 -22.38 71.58 -29.06
C THR E 181 -22.30 70.58 -30.22
N SER E 182 -21.08 70.16 -30.55
CA SER E 182 -20.87 69.08 -31.52
C SER E 182 -20.94 67.68 -30.89
N HIS E 183 -20.24 67.50 -29.78
CA HIS E 183 -20.36 66.28 -29.01
C HIS E 183 -21.80 66.05 -28.59
N ARG E 184 -22.49 67.13 -28.22
CA ARG E 184 -23.90 67.04 -27.85
C ARG E 184 -24.75 66.59 -29.03
N TYR E 185 -24.51 67.18 -30.19
CA TYR E 185 -25.29 66.87 -31.38
C TYR E 185 -25.18 65.43 -31.83
N VAL E 186 -23.95 64.94 -31.91
CA VAL E 186 -23.71 63.61 -32.46
C VAL E 186 -24.06 62.48 -31.50
N SER E 187 -23.81 62.69 -30.21
CA SER E 187 -24.19 61.71 -29.20
C SER E 187 -25.71 61.50 -29.22
N LYS E 188 -26.45 62.60 -29.31
CA LYS E 188 -27.91 62.55 -29.40
C LYS E 188 -28.35 61.89 -30.69
N ARG E 189 -27.73 62.26 -31.81
CA ARG E 189 -28.09 61.73 -33.12
C ARG E 189 -27.82 60.23 -33.24
N ALA E 190 -26.72 59.81 -32.63
CA ALA E 190 -26.32 58.40 -32.59
C ALA E 190 -27.35 57.55 -31.88
N ALA E 191 -27.79 58.03 -30.70
CA ALA E 191 -28.83 57.36 -29.93
C ALA E 191 -30.10 57.15 -30.75
N GLU E 192 -30.49 58.17 -31.51
CA GLU E 192 -31.67 58.09 -32.37
C GLU E 192 -31.51 57.01 -33.42
N ILE E 193 -30.32 56.94 -34.02
CA ILE E 193 -30.02 55.95 -35.06
C ILE E 193 -30.08 54.52 -34.50
N LEU E 194 -29.68 54.36 -33.24
CA LEU E 194 -29.68 53.05 -32.60
C LEU E 194 -31.03 52.65 -32.05
N GLY E 195 -32.01 53.57 -32.15
CA GLY E 195 -33.37 53.33 -31.66
C GLY E 195 -33.43 53.14 -30.17
N LYS E 196 -32.57 53.87 -29.45
CA LYS E 196 -32.48 53.75 -27.99
C LYS E 196 -32.40 55.12 -27.30
N LYS E 197 -32.97 55.19 -26.09
CA LYS E 197 -32.92 56.40 -25.29
C LYS E 197 -31.48 56.73 -24.91
N LEU E 198 -31.16 58.01 -24.95
CA LEU E 198 -29.82 58.49 -24.66
C LEU E 198 -29.39 58.21 -23.22
N GLU E 199 -30.36 58.19 -22.29
CA GLU E 199 -30.08 57.99 -20.85
C GLU E 199 -29.74 56.55 -20.47
N GLU E 200 -29.69 55.65 -21.45
CA GLU E 200 -29.27 54.26 -21.19
C GLU E 200 -28.15 53.84 -22.16
N LEU E 201 -27.37 54.83 -22.57
CA LEU E 201 -26.24 54.55 -23.43
C LEU E 201 -24.97 55.27 -22.96
N LYS E 202 -23.86 54.54 -23.04
CA LYS E 202 -22.56 55.10 -22.75
C LYS E 202 -21.95 55.32 -24.11
N ILE E 203 -21.83 56.57 -24.53
CA ILE E 203 -21.24 56.85 -25.83
C ILE E 203 -19.97 57.69 -25.71
N ILE E 204 -18.97 57.30 -26.51
CA ILE E 204 -17.71 58.05 -26.65
C ILE E 204 -17.74 58.72 -28.00
N THR E 205 -17.73 60.05 -28.01
CA THR E 205 -17.79 60.79 -29.26
C THR E 205 -16.45 61.39 -29.64
N CYS E 206 -16.05 61.17 -30.88
CA CYS E 206 -14.76 61.65 -31.37
C CYS E 206 -14.92 62.75 -32.45
N HIS E 207 -14.81 63.99 -32.00
CA HIS E 207 -14.84 65.13 -32.91
C HIS E 207 -13.41 65.29 -33.38
N ILE E 208 -13.11 64.74 -34.55
CA ILE E 208 -11.77 64.77 -35.09
C ILE E 208 -11.65 65.60 -36.39
N GLY E 209 -11.14 66.86 -36.26
CA GLY E 209 -10.97 67.87 -37.37
C GLY E 209 -9.69 68.77 -37.25
N ASN E 210 -9.55 69.91 -38.00
CA ASN E 210 -8.26 70.67 -37.82
C ASN E 210 -8.06 70.83 -36.32
N GLY E 211 -9.15 70.65 -35.56
CA GLY E 211 -9.10 70.70 -34.08
C GLY E 211 -9.79 69.41 -33.61
N ALA E 212 -9.34 68.77 -32.52
CA ALA E 212 -9.99 67.50 -32.14
C ALA E 212 -10.13 67.24 -30.66
N SER E 213 -11.27 66.75 -30.28
CA SER E 213 -11.46 66.41 -28.90
C SER E 213 -12.35 65.17 -28.79
N VAL E 214 -12.24 64.47 -27.67
CA VAL E 214 -13.10 63.30 -27.42
C VAL E 214 -13.97 63.64 -26.20
N ALA E 215 -15.21 63.14 -26.22
CA ALA E 215 -16.11 63.33 -25.11
C ALA E 215 -16.64 61.98 -24.63
N ALA E 216 -16.72 61.79 -23.32
CA ALA E 216 -17.30 60.61 -22.72
C ALA E 216 -18.70 60.99 -22.28
N VAL E 217 -19.72 60.47 -22.95
CA VAL E 217 -21.11 60.87 -22.71
C VAL E 217 -21.93 59.77 -22.01
N LYS E 218 -21.90 59.78 -20.69
CA LYS E 218 -22.49 58.72 -19.89
C LYS E 218 -23.95 58.96 -19.54
N TYR E 219 -24.85 58.19 -20.17
CA TYR E 219 -26.28 58.29 -19.93
C TYR E 219 -26.83 59.69 -20.26
N GLY E 220 -26.29 60.30 -21.32
CA GLY E 220 -26.74 61.62 -21.75
C GLY E 220 -25.98 62.80 -21.20
N LYS E 221 -25.20 62.60 -20.14
CA LYS E 221 -24.39 63.67 -19.55
C LYS E 221 -22.91 63.44 -19.85
N CYS E 222 -22.18 64.50 -20.16
CA CYS E 222 -20.74 64.38 -20.40
C CYS E 222 -19.98 64.21 -19.10
N VAL E 223 -19.11 63.21 -19.05
CA VAL E 223 -18.34 62.90 -17.83
C VAL E 223 -16.85 63.27 -17.93
N ASP E 224 -16.35 63.41 -19.15
CA ASP E 224 -14.97 63.81 -19.39
C ASP E 224 -14.81 64.22 -20.84
N THR E 225 -13.85 65.11 -21.10
CA THR E 225 -13.53 65.51 -22.48
C THR E 225 -12.03 65.80 -22.58
N SER E 226 -11.49 65.63 -23.80
CA SER E 226 -10.06 65.67 -24.07
C SER E 226 -9.45 67.04 -23.88
N MET E 227 -10.12 68.08 -24.39
CA MET E 227 -9.62 69.46 -24.28
C MET E 227 -9.80 69.98 -22.86
N GLY E 228 -9.03 71.01 -22.51
CA GLY E 228 -8.90 71.36 -21.12
C GLY E 228 -9.36 72.75 -20.84
N PHE E 229 -8.58 73.46 -20.05
CA PHE E 229 -8.78 74.86 -19.79
C PHE E 229 -8.78 75.59 -21.11
N THR E 230 -8.05 75.04 -22.06
CA THR E 230 -7.95 75.62 -23.40
C THR E 230 -8.05 74.51 -24.44
N PRO E 231 -8.11 74.86 -25.74
CA PRO E 231 -8.14 73.82 -26.76
C PRO E 231 -6.79 73.15 -27.05
N LEU E 232 -5.80 73.31 -26.17
CA LEU E 232 -4.50 72.66 -26.40
C LEU E 232 -4.40 71.21 -25.95
N GLU E 233 -5.17 70.83 -24.96
CA GLU E 233 -5.07 69.50 -24.37
C GLU E 233 -5.67 68.39 -25.23
N GLY E 234 -5.11 67.20 -25.07
CA GLY E 234 -5.71 66.02 -25.68
C GLY E 234 -5.14 65.57 -27.01
N LEU E 235 -6.01 65.24 -27.93
CA LEU E 235 -5.61 64.65 -29.21
C LEU E 235 -4.62 65.47 -30.02
N VAL E 236 -3.90 64.82 -30.92
CA VAL E 236 -3.09 65.54 -31.90
C VAL E 236 -4.03 66.33 -32.76
N MET E 237 -3.74 67.61 -32.94
CA MET E 237 -4.52 68.48 -33.82
C MET E 237 -3.71 68.99 -35.03
N GLY E 238 -4.32 69.83 -35.84
CA GLY E 238 -3.67 70.28 -37.07
C GLY E 238 -2.36 70.97 -36.77
N THR E 239 -2.39 71.94 -35.87
CA THR E 239 -1.23 72.78 -35.58
C THR E 239 -1.01 72.85 -34.09
N ARG E 240 -1.88 72.20 -33.31
CA ARG E 240 -1.78 72.18 -31.84
C ARG E 240 -1.18 70.87 -31.36
N SER E 241 -0.43 70.96 -30.28
CA SER E 241 0.43 69.87 -29.81
C SER E 241 -0.27 68.74 -29.12
N GLY E 242 -1.52 68.97 -28.76
CA GLY E 242 -2.23 68.03 -27.89
C GLY E 242 -1.49 67.88 -26.57
N ASP E 243 -1.78 66.79 -25.85
CA ASP E 243 -1.07 66.46 -24.62
C ASP E 243 0.44 66.44 -24.78
N LEU E 244 1.17 67.05 -23.85
CA LEU E 244 2.61 66.75 -23.69
C LEU E 244 3.12 66.93 -22.27
N ASP E 245 4.26 66.30 -22.01
CA ASP E 245 5.02 66.44 -20.77
C ASP E 245 5.13 67.90 -20.35
N PRO E 246 4.45 68.26 -19.25
CA PRO E 246 4.47 69.61 -18.70
C PRO E 246 5.86 70.26 -18.73
N ALA E 247 6.91 69.44 -18.61
CA ALA E 247 8.26 69.98 -18.50
C ALA E 247 8.88 70.42 -19.83
N ILE E 248 8.45 69.82 -20.94
CA ILE E 248 9.07 70.07 -22.24
C ILE E 248 9.16 71.56 -22.59
N PRO E 249 8.03 72.30 -22.51
CA PRO E 249 8.11 73.70 -22.87
C PRO E 249 9.23 74.45 -22.12
N PHE E 250 9.36 74.18 -20.82
CA PHE E 250 10.34 74.86 -19.96
C PHE E 250 11.75 74.57 -20.39
N PHE E 251 11.97 73.33 -20.81
CA PHE E 251 13.26 72.91 -21.34
C PHE E 251 13.55 73.63 -22.65
N ILE E 252 12.59 73.60 -23.57
CA ILE E 252 12.80 74.20 -24.87
C ILE E 252 13.06 75.70 -24.76
N MET E 253 12.31 76.36 -23.86
CA MET E 253 12.42 77.79 -23.68
C MET E 253 13.82 78.10 -23.24
N GLU E 254 14.27 77.34 -22.27
CA GLU E 254 15.56 77.60 -21.67
C GLU E 254 16.74 77.25 -22.55
N LYS E 255 16.68 76.15 -23.28
CA LYS E 255 17.74 75.80 -24.22
C LYS E 255 17.81 76.69 -25.45
N GLU E 256 16.75 77.44 -25.75
CA GLU E 256 16.73 78.21 -26.98
C GLU E 256 16.54 79.70 -26.86
N GLY E 257 16.32 80.21 -25.66
CA GLY E 257 16.14 81.66 -25.46
C GLY E 257 14.85 82.17 -26.07
N ILE E 258 13.74 81.71 -25.52
CA ILE E 258 12.44 81.89 -26.08
C ILE E 258 11.46 82.32 -24.97
N SER E 259 10.77 83.43 -25.17
CA SER E 259 9.82 83.91 -24.17
C SER E 259 8.66 82.94 -24.11
N PRO E 260 7.86 82.98 -23.02
CA PRO E 260 6.71 82.06 -22.97
C PRO E 260 5.76 82.29 -24.15
N GLN E 261 5.63 83.54 -24.61
CA GLN E 261 4.77 83.83 -25.75
C GLN E 261 5.27 83.04 -26.94
N GLU E 262 6.56 83.20 -27.25
CA GLU E 262 7.19 82.51 -28.38
C GLU E 262 7.01 80.99 -28.31
N MET E 263 7.06 80.42 -27.11
CA MET E 263 6.87 78.99 -26.91
C MET E 263 5.40 78.54 -27.02
N TYR E 264 4.49 79.31 -26.42
CA TYR E 264 3.06 79.04 -26.51
C TYR E 264 2.63 79.02 -27.96
N ASP E 265 3.12 80.00 -28.72
CA ASP E 265 2.88 80.11 -30.14
C ASP E 265 3.32 78.87 -30.88
N ILE E 266 4.53 78.42 -30.57
CA ILE E 266 5.08 77.22 -31.21
C ILE E 266 4.21 76.00 -30.98
N LEU E 267 3.72 75.85 -29.74
CA LEU E 267 2.84 74.76 -29.36
C LEU E 267 1.47 74.82 -30.02
N ASN E 268 1.10 76.00 -30.50
CA ASN E 268 -0.24 76.28 -30.90
C ASN E 268 -0.38 76.43 -32.40
N LYS E 269 0.68 76.95 -33.03
CA LYS E 269 0.66 77.29 -34.45
C LYS E 269 1.51 76.35 -35.29
N LYS E 270 2.60 75.87 -34.70
CA LYS E 270 3.62 75.12 -35.44
C LYS E 270 3.75 73.64 -35.05
N SER E 271 2.92 73.16 -34.15
CA SER E 271 3.05 71.79 -33.70
C SER E 271 2.03 70.84 -34.34
N GLY E 272 1.58 69.85 -33.56
CA GLY E 272 0.60 68.87 -34.03
C GLY E 272 1.01 68.24 -35.33
N VAL E 273 0.05 68.01 -36.20
CA VAL E 273 0.30 67.38 -37.49
C VAL E 273 1.39 68.15 -38.28
N TYR E 274 1.28 69.47 -38.33
CA TYR E 274 2.25 70.30 -39.03
C TYR E 274 3.63 70.04 -38.45
N GLY E 275 3.73 70.07 -37.13
CA GLY E 275 5.00 69.91 -36.42
C GLY E 275 5.69 68.58 -36.69
N LEU E 276 4.91 67.51 -36.60
CA LEU E 276 5.35 66.15 -36.89
C LEU E 276 5.86 65.95 -38.31
N SER E 277 5.20 66.57 -39.30
CA SER E 277 5.61 66.39 -40.68
C SER E 277 6.62 67.44 -41.16
N LYS E 278 7.35 68.05 -40.23
CA LYS E 278 8.45 68.99 -40.54
C LYS E 278 8.03 70.21 -41.40
N GLY E 279 6.73 70.50 -41.37
CA GLY E 279 6.17 71.64 -42.09
C GLY E 279 5.61 71.26 -43.45
N PHE E 280 5.23 69.99 -43.58
CA PHE E 280 4.68 69.51 -44.82
C PHE E 280 3.25 70.01 -44.97
N SER E 281 2.39 69.62 -44.03
CA SER E 281 1.02 70.09 -43.99
C SER E 281 0.40 69.95 -42.61
N SER E 282 -0.68 70.67 -42.34
CA SER E 282 -1.41 70.52 -41.10
C SER E 282 -2.74 69.85 -41.40
N ASP E 283 -3.03 69.70 -42.69
CA ASP E 283 -4.26 69.08 -43.17
C ASP E 283 -4.00 67.58 -43.18
N MET E 284 -4.71 66.86 -42.30
CA MET E 284 -4.52 65.42 -42.14
C MET E 284 -4.70 64.62 -43.42
N ARG E 285 -5.57 65.05 -44.32
CA ARG E 285 -5.74 64.31 -45.57
C ARG E 285 -4.59 64.56 -46.52
N ASP E 286 -3.87 65.67 -46.37
CA ASP E 286 -2.64 65.90 -47.14
C ASP E 286 -1.63 64.81 -46.82
N ILE E 287 -1.64 64.38 -45.57
CA ILE E 287 -0.79 63.30 -45.09
C ILE E 287 -1.31 61.92 -45.51
N GLU E 288 -2.62 61.69 -45.37
CA GLU E 288 -3.26 60.44 -45.81
C GLU E 288 -2.90 60.16 -47.26
N GLU E 289 -3.04 61.16 -48.13
CA GLU E 289 -2.68 61.06 -49.54
C GLU E 289 -1.22 60.65 -49.72
N ALA E 290 -0.34 61.33 -48.99
CA ALA E 290 1.10 61.08 -49.09
C ALA E 290 1.48 59.71 -48.54
N ALA E 291 0.79 59.26 -47.49
CA ALA E 291 1.02 57.94 -46.89
C ALA E 291 0.63 56.80 -47.83
N LEU E 292 -0.52 56.96 -48.48
CA LEU E 292 -0.96 56.02 -49.49
C LEU E 292 -0.06 56.00 -50.71
N LYS E 293 0.69 57.07 -50.93
CA LYS E 293 1.61 57.11 -52.07
C LYS E 293 2.96 56.50 -51.73
N GLY E 294 3.09 55.96 -50.53
CA GLY E 294 4.29 55.22 -50.16
C GLY E 294 5.28 55.99 -49.32
N ASP E 295 4.97 57.26 -49.02
CA ASP E 295 5.82 58.07 -48.16
C ASP E 295 5.84 57.47 -46.76
N GLU E 296 7.01 56.97 -46.36
CA GLU E 296 7.20 56.31 -45.07
C GLU E 296 6.88 57.21 -43.89
N TRP E 297 7.29 58.48 -43.98
CA TRP E 297 7.19 59.41 -42.86
C TRP E 297 5.75 59.73 -42.50
N CYS E 298 4.90 59.92 -43.51
CA CYS E 298 3.50 60.22 -43.27
C CYS E 298 2.77 59.06 -42.64
N LYS E 299 3.08 57.83 -43.05
CA LYS E 299 2.51 56.64 -42.44
C LYS E 299 2.66 56.71 -40.95
N LEU E 300 3.79 57.28 -40.51
CA LEU E 300 4.04 57.43 -39.08
C LEU E 300 3.20 58.53 -38.43
N VAL E 301 3.12 59.70 -39.06
CA VAL E 301 2.32 60.80 -38.55
C VAL E 301 0.90 60.30 -38.34
N LEU E 302 0.39 59.63 -39.37
CA LEU E 302 -0.91 58.97 -39.35
C LEU E 302 -1.04 58.04 -38.15
N GLU E 303 -0.10 57.13 -37.98
CA GLU E 303 -0.11 56.20 -36.86
C GLU E 303 -0.11 56.87 -35.49
N ILE E 304 0.67 57.96 -35.37
CA ILE E 304 0.77 58.72 -34.13
C ILE E 304 -0.56 59.34 -33.82
N TYR E 305 -1.14 59.99 -34.83
CA TYR E 305 -2.46 60.65 -34.78
C TYR E 305 -3.49 59.67 -34.28
N ASP E 306 -3.67 58.58 -35.05
CA ASP E 306 -4.64 57.53 -34.73
C ASP E 306 -4.42 56.94 -33.33
N TYR E 307 -3.18 56.59 -33.01
CA TYR E 307 -2.85 55.96 -31.74
C TYR E 307 -3.47 56.66 -30.54
N ARG E 308 -3.29 57.97 -30.49
CA ARG E 308 -3.71 58.75 -29.33
C ARG E 308 -5.25 58.82 -29.22
N ILE E 309 -5.92 58.86 -30.37
CA ILE E 309 -7.38 58.77 -30.38
C ILE E 309 -7.78 57.44 -29.73
N ALA E 310 -7.18 56.35 -30.21
CA ALA E 310 -7.48 55.01 -29.67
C ALA E 310 -7.31 54.90 -28.14
N LYS E 311 -6.26 55.54 -27.62
CA LYS E 311 -5.98 55.52 -26.19
C LYS E 311 -7.04 56.27 -25.40
N TYR E 312 -7.55 57.35 -26.00
CA TYR E 312 -8.61 58.14 -25.39
C TYR E 312 -9.90 57.37 -25.31
N ILE E 313 -10.25 56.68 -26.40
CA ILE E 313 -11.41 55.81 -26.38
C ILE E 313 -11.27 54.82 -25.24
N GLY E 314 -10.10 54.19 -25.14
CA GLY E 314 -9.83 53.25 -24.07
C GLY E 314 -9.95 53.90 -22.72
N ALA E 315 -9.39 55.10 -22.59
CA ALA E 315 -9.38 55.82 -21.32
C ALA E 315 -10.79 56.14 -20.85
N TYR E 316 -11.62 56.59 -21.78
CA TYR E 316 -12.97 57.05 -21.47
C TYR E 316 -13.92 55.89 -21.26
N ALA E 317 -13.71 54.80 -22.00
CA ALA E 317 -14.36 53.52 -21.73
C ALA E 317 -14.22 53.16 -20.25
N ALA E 318 -13.01 53.32 -19.71
CA ALA E 318 -12.72 53.08 -18.30
C ALA E 318 -13.49 54.07 -17.42
N ALA E 319 -13.52 55.33 -17.84
CA ALA E 319 -14.14 56.39 -17.08
C ALA E 319 -15.64 56.12 -16.86
N MET E 320 -16.29 55.56 -17.88
CA MET E 320 -17.72 55.27 -17.79
C MET E 320 -18.01 53.86 -17.29
N ASN E 321 -16.96 53.06 -17.12
CA ASN E 321 -17.11 51.64 -16.84
C ASN E 321 -17.92 50.91 -17.93
N GLY E 322 -17.69 51.30 -19.18
CA GLY E 322 -18.30 50.65 -20.32
C GLY E 322 -18.39 51.57 -21.53
N VAL E 323 -18.46 50.95 -22.71
CA VAL E 323 -18.81 51.65 -23.94
C VAL E 323 -19.96 50.89 -24.59
N ASP E 324 -20.95 51.64 -25.04
CA ASP E 324 -22.03 51.07 -25.80
C ASP E 324 -21.89 51.42 -27.28
N ALA E 325 -21.33 52.60 -27.54
CA ALA E 325 -21.14 53.06 -28.92
C ALA E 325 -20.04 54.11 -29.05
N ILE E 326 -19.41 54.14 -30.22
CA ILE E 326 -18.36 55.09 -30.51
C ILE E 326 -18.77 55.86 -31.75
N VAL E 327 -18.71 57.18 -31.68
CA VAL E 327 -19.10 58.02 -32.81
C VAL E 327 -17.90 58.81 -33.35
N PHE E 328 -17.70 58.73 -34.66
CA PHE E 328 -16.72 59.55 -35.36
C PHE E 328 -17.41 60.72 -36.06
N THR E 329 -16.85 61.91 -35.96
CA THR E 329 -17.43 63.07 -36.63
C THR E 329 -16.38 64.16 -36.91
N ALA E 330 -16.80 65.23 -37.58
CA ALA E 330 -15.93 66.35 -38.00
C ALA E 330 -15.10 66.03 -39.23
N GLY E 331 -14.37 67.02 -39.73
CA GLY E 331 -13.58 66.88 -40.96
C GLY E 331 -12.98 65.51 -41.28
N VAL E 332 -12.23 64.97 -40.33
CA VAL E 332 -11.49 63.71 -40.51
C VAL E 332 -12.34 62.49 -40.14
N GLY E 333 -13.02 62.57 -38.99
CA GLY E 333 -13.89 61.49 -38.53
C GLY E 333 -14.97 61.09 -39.51
N GLU E 334 -15.41 62.05 -40.32
CA GLU E 334 -16.44 61.84 -41.33
C GLU E 334 -15.87 61.31 -42.65
N ASN E 335 -14.58 61.56 -42.90
CA ASN E 335 -14.01 61.39 -44.24
C ASN E 335 -12.76 60.52 -44.39
N SER E 336 -12.28 59.93 -43.30
CA SER E 336 -11.11 59.06 -43.33
C SER E 336 -11.45 57.65 -42.86
N PRO E 337 -11.83 56.77 -43.80
CA PRO E 337 -12.13 55.41 -43.43
C PRO E 337 -10.88 54.74 -42.89
N ILE E 338 -9.72 55.20 -43.35
CA ILE E 338 -8.44 54.65 -42.92
C ILE E 338 -8.16 54.95 -41.45
N THR E 339 -8.40 56.20 -41.04
CA THR E 339 -8.21 56.61 -39.64
C THR E 339 -9.16 55.86 -38.72
N ARG E 340 -10.41 55.75 -39.16
CA ARG E 340 -11.45 55.03 -38.42
C ARG E 340 -11.06 53.57 -38.24
N GLU E 341 -10.51 52.97 -39.30
CA GLU E 341 -10.09 51.58 -39.28
C GLU E 341 -8.87 51.36 -38.39
N ASP E 342 -7.86 52.23 -38.51
CA ASP E 342 -6.64 52.15 -37.68
C ASP E 342 -6.97 52.25 -36.19
N VAL E 343 -7.81 53.23 -35.87
CA VAL E 343 -8.18 53.48 -34.49
C VAL E 343 -8.88 52.27 -33.90
N CYS E 344 -9.75 51.65 -34.71
CA CYS E 344 -10.54 50.56 -34.21
C CYS E 344 -9.79 49.25 -34.09
N SER E 345 -8.64 49.14 -34.76
CA SER E 345 -7.83 47.92 -34.68
C SER E 345 -7.34 47.70 -33.25
N TYR E 346 -7.16 48.80 -32.51
CA TYR E 346 -6.75 48.77 -31.13
C TYR E 346 -7.89 48.35 -30.21
N LEU E 347 -9.08 48.16 -30.76
CA LEU E 347 -10.28 48.06 -29.92
C LEU E 347 -11.06 46.76 -30.02
N GLU E 348 -10.49 45.73 -30.66
CA GLU E 348 -11.23 44.48 -30.75
C GLU E 348 -11.31 43.73 -29.41
N PHE E 349 -10.39 44.04 -28.49
CA PHE E 349 -10.46 43.48 -27.14
C PHE E 349 -11.75 43.90 -26.42
N LEU E 350 -12.38 44.96 -26.90
CA LEU E 350 -13.66 45.47 -26.36
C LEU E 350 -14.84 44.91 -27.10
N GLY E 351 -14.57 44.17 -28.17
CA GLY E 351 -15.59 43.58 -29.03
C GLY E 351 -15.99 44.46 -30.21
N VAL E 352 -15.08 45.35 -30.62
CA VAL E 352 -15.30 46.23 -31.76
C VAL E 352 -14.81 45.58 -33.07
N LYS E 353 -15.72 45.41 -34.01
CA LYS E 353 -15.37 44.95 -35.35
C LYS E 353 -16.01 45.87 -36.35
N LEU E 354 -15.25 46.27 -37.36
CA LEU E 354 -15.75 47.14 -38.42
C LEU E 354 -16.20 46.33 -39.64
N ASP E 355 -17.15 46.86 -40.40
CA ASP E 355 -17.51 46.28 -41.68
C ASP E 355 -16.79 47.08 -42.74
N LYS E 356 -15.69 46.52 -43.23
CA LYS E 356 -14.85 47.17 -44.23
C LYS E 356 -15.65 47.85 -45.32
N GLN E 357 -16.66 47.15 -45.84
CA GLN E 357 -17.53 47.67 -46.89
C GLN E 357 -18.24 48.94 -46.43
N LYS E 358 -18.91 48.87 -45.28
CA LYS E 358 -19.65 50.01 -44.76
C LYS E 358 -18.73 51.16 -44.39
N ASN E 359 -17.51 50.83 -43.94
CA ASN E 359 -16.57 51.85 -43.53
C ASN E 359 -16.09 52.69 -44.69
N GLU E 360 -15.81 52.04 -45.80
CA GLU E 360 -15.28 52.77 -46.97
C GLU E 360 -16.39 53.56 -47.65
N GLU E 361 -17.64 53.10 -47.55
CA GLU E 361 -18.80 53.74 -48.15
C GLU E 361 -19.21 55.06 -47.48
N THR E 362 -19.23 55.13 -46.14
CA THR E 362 -19.67 56.31 -45.36
C THR E 362 -18.58 57.38 -45.26
N ILE E 363 -18.47 58.06 -46.40
CA ILE E 363 -17.51 59.09 -46.68
C ILE E 363 -18.20 60.39 -47.13
N ARG E 364 -17.46 61.47 -47.20
CA ARG E 364 -17.93 62.77 -47.69
C ARG E 364 -19.35 63.22 -47.33
N GLY E 365 -19.74 63.02 -46.08
CA GLY E 365 -21.04 63.57 -45.65
C GLY E 365 -22.10 62.54 -45.31
N LYS E 366 -21.93 61.30 -45.76
CA LYS E 366 -22.89 60.24 -45.46
C LYS E 366 -22.86 59.89 -43.98
N GLU E 367 -23.92 59.22 -43.50
CA GLU E 367 -23.99 58.81 -42.09
C GLU E 367 -24.56 57.41 -41.94
N GLY E 368 -24.07 56.69 -40.94
CA GLY E 368 -24.58 55.35 -40.70
C GLY E 368 -23.76 54.58 -39.66
N ILE E 369 -24.12 53.33 -39.46
CA ILE E 369 -23.42 52.44 -38.56
C ILE E 369 -22.31 51.78 -39.36
N ILE E 370 -21.13 51.57 -38.73
CA ILE E 370 -20.03 50.87 -39.40
C ILE E 370 -19.62 49.56 -38.69
N SER E 371 -20.03 49.36 -37.45
CA SER E 371 -19.78 48.09 -36.78
C SER E 371 -20.56 46.96 -37.43
N THR E 372 -20.02 45.75 -37.38
CA THR E 372 -20.71 44.56 -37.88
C THR E 372 -21.92 44.26 -36.98
N PRO E 373 -23.00 43.69 -37.54
CA PRO E 373 -24.12 43.17 -36.78
C PRO E 373 -23.75 42.55 -35.43
N ASP E 374 -22.73 41.68 -35.42
CA ASP E 374 -22.31 40.95 -34.21
C ASP E 374 -21.45 41.73 -33.23
N SER E 375 -20.94 42.88 -33.66
CA SER E 375 -20.05 43.73 -32.87
C SER E 375 -20.66 44.17 -31.55
N ARG E 376 -19.92 43.95 -30.46
CA ARG E 376 -20.42 44.19 -29.11
C ARG E 376 -20.46 45.67 -28.77
N VAL E 377 -19.62 46.48 -29.42
CA VAL E 377 -19.69 47.95 -29.30
C VAL E 377 -20.00 48.53 -30.68
N LYS E 378 -21.02 49.38 -30.75
CA LYS E 378 -21.47 49.89 -32.03
C LYS E 378 -20.62 51.08 -32.43
N VAL E 379 -20.27 51.16 -33.70
CA VAL E 379 -19.47 52.28 -34.20
C VAL E 379 -20.20 53.02 -35.30
N LEU E 380 -20.33 54.33 -35.15
CA LEU E 380 -21.14 55.14 -36.06
C LEU E 380 -20.37 56.33 -36.64
N VAL E 381 -20.68 56.69 -37.87
CA VAL E 381 -20.22 57.94 -38.46
C VAL E 381 -21.43 58.87 -38.50
N VAL E 382 -21.37 59.94 -37.73
CA VAL E 382 -22.46 60.88 -37.69
C VAL E 382 -21.93 62.27 -38.03
N PRO E 383 -22.04 62.68 -39.31
CA PRO E 383 -21.57 64.01 -39.69
C PRO E 383 -22.18 65.08 -38.81
N THR E 384 -21.32 65.93 -38.27
CA THR E 384 -21.74 66.96 -37.35
C THR E 384 -22.38 68.13 -38.08
N ASN E 385 -23.29 68.79 -37.39
CA ASN E 385 -24.04 69.91 -37.94
C ASN E 385 -24.32 70.84 -36.77
N GLU E 386 -23.27 71.54 -36.34
CA GLU E 386 -23.33 72.36 -35.14
C GLU E 386 -24.30 73.52 -35.28
N GLU E 387 -24.51 73.96 -36.52
CA GLU E 387 -25.41 75.07 -36.81
C GLU E 387 -26.85 74.66 -36.57
N LEU E 388 -27.25 73.51 -37.12
CA LEU E 388 -28.58 72.98 -36.92
C LEU E 388 -28.86 72.81 -35.43
N MET E 389 -27.86 72.37 -34.68
CA MET E 389 -27.98 72.20 -33.25
C MET E 389 -28.35 73.54 -32.60
N ILE E 390 -27.68 74.62 -33.03
CA ILE E 390 -27.97 75.97 -32.54
C ILE E 390 -29.39 76.38 -32.89
N ALA E 391 -29.75 76.24 -34.15
CA ALA E 391 -31.08 76.56 -34.61
C ALA E 391 -32.15 75.88 -33.76
N ARG E 392 -31.90 74.63 -33.39
CA ARG E 392 -32.84 73.85 -32.59
C ARG E 392 -32.98 74.35 -31.17
N ASP E 393 -31.87 74.79 -30.56
CA ASP E 393 -31.92 75.36 -29.21
C ASP E 393 -32.62 76.71 -29.25
N THR E 394 -32.34 77.48 -30.30
CA THR E 394 -32.96 78.78 -30.50
C THR E 394 -34.47 78.58 -30.64
N LYS E 395 -34.86 77.66 -31.52
CA LYS E 395 -36.25 77.32 -31.71
C LYS E 395 -36.96 77.04 -30.40
N GLU E 396 -36.40 76.13 -29.60
CA GLU E 396 -37.04 75.74 -28.35
C GLU E 396 -37.23 76.93 -27.42
N ILE E 397 -36.16 77.66 -27.16
CA ILE E 397 -36.21 78.80 -26.26
C ILE E 397 -37.20 79.84 -26.77
N VAL E 398 -37.08 80.20 -28.05
CA VAL E 398 -37.92 81.24 -28.64
C VAL E 398 -39.41 80.92 -28.55
N GLU E 399 -39.80 79.67 -28.78
CA GLU E 399 -41.16 79.22 -28.53
C GLU E 399 -41.47 79.34 -27.02
N LYS E 400 -42.03 80.49 -26.63
CA LYS E 400 -42.28 80.86 -25.21
C LYS E 400 -42.57 82.35 -25.07
N MET F 1 27.06 34.53 -3.61
CA MET F 1 27.69 35.82 -4.06
C MET F 1 27.06 37.01 -3.33
N ARG F 2 27.88 38.02 -3.01
CA ARG F 2 27.41 39.16 -2.23
C ARG F 2 27.42 40.49 -2.98
N VAL F 3 26.23 40.99 -3.29
CA VAL F 3 26.06 42.26 -3.98
C VAL F 3 25.69 43.38 -3.01
N LEU F 4 26.42 44.48 -3.13
CA LEU F 4 26.11 45.72 -2.45
C LEU F 4 25.33 46.59 -3.43
N VAL F 5 24.09 46.90 -3.07
CA VAL F 5 23.18 47.68 -3.91
C VAL F 5 23.11 49.11 -3.43
N ILE F 6 23.42 50.03 -4.33
CA ILE F 6 23.53 51.44 -3.98
C ILE F 6 22.52 52.31 -4.74
N ASN F 7 21.98 53.31 -4.07
CA ASN F 7 21.10 54.27 -4.71
C ASN F 7 21.44 55.64 -4.16
N SER F 8 22.24 56.38 -4.92
CA SER F 8 22.71 57.69 -4.46
C SER F 8 21.92 58.82 -5.10
N GLY F 9 21.17 59.51 -4.25
CA GLY F 9 20.51 60.74 -4.64
C GLY F 9 21.37 61.91 -4.19
N SER F 10 20.94 63.11 -4.57
CA SER F 10 21.73 64.33 -4.37
C SER F 10 22.14 64.56 -2.92
N SER F 11 21.29 64.10 -2.01
CA SER F 11 21.46 64.39 -0.60
C SER F 11 21.82 63.17 0.25
N SER F 12 21.75 61.98 -0.34
CA SER F 12 21.93 60.74 0.41
C SER F 12 22.36 59.53 -0.42
N ILE F 13 23.09 58.60 0.20
CA ILE F 13 23.28 57.26 -0.37
C ILE F 13 22.45 56.30 0.48
N LYS F 14 21.68 55.43 -0.17
CA LYS F 14 21.06 54.33 0.57
C LYS F 14 21.44 52.97 0.00
N TYR F 15 21.76 52.06 0.90
CA TYR F 15 22.34 50.80 0.49
C TYR F 15 21.65 49.56 1.05
N GLN F 16 21.82 48.46 0.31
CA GLN F 16 21.47 47.13 0.82
C GLN F 16 22.62 46.18 0.49
N LEU F 17 22.89 45.24 1.41
CA LEU F 17 23.90 44.23 1.17
C LEU F 17 23.17 42.91 1.07
N ILE F 18 22.96 42.42 -0.15
CA ILE F 18 22.18 41.21 -0.34
C ILE F 18 22.93 39.94 -0.68
N GLU F 19 22.52 38.84 -0.04
CA GLU F 19 23.21 37.59 -0.33
C GLU F 19 22.36 36.80 -1.31
N MET F 20 22.79 36.97 -2.56
CA MET F 20 22.19 36.38 -3.77
C MET F 20 21.71 34.95 -3.53
N GLU F 21 22.58 34.07 -3.05
CA GLU F 21 22.15 32.70 -2.81
C GLU F 21 20.93 32.64 -1.92
N GLY F 22 20.91 33.35 -0.83
CA GLY F 22 19.70 33.22 -0.07
C GLY F 22 18.77 34.33 -0.50
N GLU F 23 19.37 35.25 -1.21
CA GLU F 23 18.67 36.44 -1.63
C GLU F 23 18.17 37.11 -0.35
N LYS F 24 19.05 37.16 0.64
CA LYS F 24 18.74 37.74 1.94
C LYS F 24 19.43 39.09 2.13
N VAL F 25 18.69 40.05 2.65
CA VAL F 25 19.25 41.32 2.98
C VAL F 25 20.03 41.13 4.28
N LEU F 26 21.34 41.22 4.19
CA LEU F 26 22.21 41.07 5.34
C LEU F 26 22.12 42.31 6.22
N CYS F 27 22.02 43.47 5.57
CA CYS F 27 21.80 44.71 6.27
C CYS F 27 21.44 45.73 5.23
N LYS F 28 20.78 46.79 5.66
CA LYS F 28 20.51 47.95 4.81
C LYS F 28 20.56 49.23 5.62
N GLY F 29 20.57 50.37 4.93
CA GLY F 29 20.56 51.66 5.61
C GLY F 29 20.61 52.84 4.68
N ILE F 30 20.90 54.01 5.24
CA ILE F 30 20.97 55.27 4.51
C ILE F 30 21.97 56.22 5.16
N ALA F 31 22.82 56.82 4.33
CA ALA F 31 23.67 57.91 4.77
C ALA F 31 22.94 59.18 4.39
N GLU F 32 22.53 59.95 5.39
CA GLU F 32 21.65 61.09 5.16
C GLU F 32 22.32 62.43 5.26
N ARG F 33 21.71 63.43 4.62
CA ARG F 33 22.12 64.83 4.77
C ARG F 33 23.58 65.08 4.43
N ILE F 34 24.02 64.44 3.34
CA ILE F 34 25.36 64.64 2.81
C ILE F 34 25.46 66.08 2.32
N GLY F 35 26.50 66.79 2.77
CA GLY F 35 26.74 68.17 2.38
C GLY F 35 26.13 69.14 3.36
N ILE F 36 24.99 68.77 3.94
CA ILE F 36 24.31 69.58 4.95
C ILE F 36 24.78 69.27 6.38
N GLU F 37 24.38 70.11 7.34
CA GLU F 37 24.78 69.95 8.72
C GLU F 37 24.06 68.78 9.38
N GLY F 38 24.76 68.14 10.33
CA GLY F 38 24.25 66.97 11.02
C GLY F 38 23.93 65.82 10.08
N SER F 39 24.84 65.57 9.15
CA SER F 39 24.76 64.38 8.31
C SER F 39 24.95 63.18 9.22
N ARG F 40 24.39 62.05 8.81
CA ARG F 40 24.43 60.84 9.61
C ARG F 40 24.12 59.58 8.83
N LEU F 41 24.50 58.45 9.40
CA LEU F 41 24.23 57.14 8.82
C LEU F 41 23.24 56.42 9.72
N VAL F 42 22.12 56.01 9.14
CA VAL F 42 21.18 55.11 9.81
C VAL F 42 21.38 53.71 9.25
N HIS F 43 21.73 52.79 10.14
CA HIS F 43 22.16 51.46 9.73
C HIS F 43 21.33 50.39 10.42
N ARG F 44 20.69 49.54 9.62
CA ARG F 44 19.82 48.47 10.11
C ARG F 44 20.39 47.08 9.87
N VAL F 45 20.50 46.31 10.94
CA VAL F 45 20.96 44.93 10.89
C VAL F 45 19.89 44.13 11.61
N GLY F 46 18.89 43.70 10.86
CA GLY F 46 17.74 43.01 11.44
C GLY F 46 16.94 44.00 12.25
N ASP F 47 16.76 43.69 13.54
CA ASP F 47 15.92 44.47 14.47
C ASP F 47 16.54 45.79 14.89
N GLU F 48 17.87 45.79 14.95
CA GLU F 48 18.60 46.93 15.48
C GLU F 48 18.72 48.05 14.45
N LYS F 49 18.59 49.29 14.93
CA LYS F 49 18.78 50.49 14.14
C LYS F 49 19.85 51.35 14.78
N HIS F 50 21.01 51.47 14.14
CA HIS F 50 22.11 52.24 14.70
C HIS F 50 22.28 53.58 14.00
N VAL F 51 22.39 54.65 14.80
CA VAL F 51 22.58 56.00 14.29
C VAL F 51 24.02 56.47 14.54
N ILE F 52 24.75 56.78 13.47
CA ILE F 52 26.09 57.35 13.60
C ILE F 52 26.12 58.80 13.12
N GLU F 53 26.46 59.71 14.03
CA GLU F 53 26.61 61.13 13.74
C GLU F 53 28.02 61.38 13.20
N ARG F 54 28.12 62.11 12.09
CA ARG F 54 29.41 62.52 11.56
C ARG F 54 29.26 63.44 10.38
N GLU F 55 30.22 64.34 10.19
CA GLU F 55 30.32 65.17 9.00
C GLU F 55 30.58 64.30 7.78
N LEU F 56 29.70 64.43 6.78
CA LEU F 56 29.90 63.78 5.49
C LEU F 56 29.82 64.88 4.43
N PRO F 57 30.98 65.44 4.01
CA PRO F 57 30.94 66.56 3.08
C PRO F 57 30.50 66.17 1.65
N ASP F 58 30.80 64.95 1.23
CA ASP F 58 30.37 64.43 -0.09
C ASP F 58 30.04 62.93 -0.05
N HIS F 59 29.68 62.39 -1.20
CA HIS F 59 29.32 60.99 -1.31
C HIS F 59 30.45 60.01 -1.02
N GLU F 60 31.68 60.37 -1.38
CA GLU F 60 32.82 59.51 -1.13
C GLU F 60 32.98 59.29 0.37
N GLU F 61 33.13 60.37 1.13
CA GLU F 61 33.37 60.24 2.57
C GLU F 61 32.19 59.54 3.23
N ALA F 62 31.00 59.71 2.64
CA ALA F 62 29.77 59.01 3.05
C ALA F 62 29.82 57.52 2.77
N LEU F 63 30.21 57.13 1.55
CA LEU F 63 30.32 55.71 1.22
C LEU F 63 31.41 55.01 2.08
N LYS F 64 32.47 55.75 2.39
CA LYS F 64 33.53 55.26 3.26
C LYS F 64 32.92 54.83 4.58
N LEU F 65 32.19 55.74 5.23
CA LEU F 65 31.51 55.44 6.50
C LEU F 65 30.57 54.23 6.42
N ILE F 66 29.88 54.08 5.29
CA ILE F 66 29.06 52.90 5.05
C ILE F 66 29.93 51.63 5.03
N LEU F 67 30.97 51.65 4.19
CA LEU F 67 31.84 50.51 4.05
C LEU F 67 32.51 50.13 5.38
N ASN F 68 33.02 51.12 6.11
CA ASN F 68 33.64 50.89 7.42
C ASN F 68 32.72 50.14 8.36
N THR F 69 31.46 50.55 8.38
CA THR F 69 30.52 49.96 9.33
C THR F 69 29.93 48.63 8.85
N LEU F 70 30.06 48.33 7.56
CA LEU F 70 29.73 46.99 7.07
C LEU F 70 30.67 45.96 7.68
N VAL F 71 31.84 46.43 8.11
CA VAL F 71 32.96 45.60 8.57
C VAL F 71 33.20 45.71 10.09
N ASP F 72 32.92 46.89 10.65
CA ASP F 72 33.03 47.10 12.11
C ASP F 72 32.35 45.94 12.79
N GLU F 73 33.07 45.23 13.65
CA GLU F 73 32.55 43.97 14.19
C GLU F 73 31.63 44.12 15.40
N LYS F 74 31.06 45.32 15.59
CA LYS F 74 29.94 45.47 16.50
C LYS F 74 28.65 45.66 15.73
N LEU F 75 28.69 46.52 14.72
CA LEU F 75 27.52 46.83 13.92
C LEU F 75 27.66 46.22 12.52
N GLY F 76 28.65 45.35 12.34
CA GLY F 76 28.99 44.84 11.00
C GLY F 76 28.26 43.58 10.59
N VAL F 77 28.60 43.10 9.39
CA VAL F 77 27.89 41.99 8.80
C VAL F 77 28.81 41.09 7.97
N ILE F 78 29.99 41.60 7.63
CA ILE F 78 31.00 40.84 6.87
C ILE F 78 32.41 41.04 7.48
N LYS F 79 33.24 39.99 7.43
CA LYS F 79 34.59 40.03 8.00
C LYS F 79 35.54 41.02 7.32
N ASP F 80 35.62 40.91 6.00
CA ASP F 80 36.50 41.70 5.14
C ASP F 80 35.68 42.66 4.32
N LEU F 81 36.35 43.52 3.57
CA LEU F 81 35.70 44.22 2.46
C LEU F 81 35.79 43.39 1.18
N LYS F 82 36.66 42.38 1.21
CA LYS F 82 36.82 41.44 0.09
C LYS F 82 35.53 40.62 -0.08
N GLU F 83 34.68 40.62 0.96
CA GLU F 83 33.45 39.86 1.01
C GLU F 83 32.43 40.35 0.00
N ILE F 84 32.44 41.65 -0.26
CA ILE F 84 31.61 42.29 -1.29
C ILE F 84 32.08 41.83 -2.67
N ASP F 85 31.28 40.98 -3.32
CA ASP F 85 31.65 40.38 -4.60
C ASP F 85 31.39 41.31 -5.79
N ALA F 86 30.40 42.19 -5.66
CA ALA F 86 30.04 43.15 -6.73
C ALA F 86 29.20 44.31 -6.18
N VAL F 87 29.12 45.41 -6.92
CA VAL F 87 28.30 46.58 -6.50
C VAL F 87 27.31 47.03 -7.58
N GLY F 88 26.04 47.08 -7.24
CA GLY F 88 25.03 47.49 -8.21
C GLY F 88 24.45 48.87 -7.92
N HIS F 89 24.50 49.75 -8.93
CA HIS F 89 24.05 51.14 -8.81
C HIS F 89 22.77 51.45 -9.55
N ARG F 90 21.88 52.19 -8.92
CA ARG F 90 20.71 52.72 -9.60
C ARG F 90 21.10 54.01 -10.28
N VAL F 91 21.00 54.02 -11.61
CA VAL F 91 21.21 55.25 -12.39
C VAL F 91 19.88 55.66 -13.03
N VAL F 92 19.37 56.85 -12.68
CA VAL F 92 18.06 57.31 -13.11
C VAL F 92 17.92 57.32 -14.60
N HIS F 93 18.79 58.01 -15.32
CA HIS F 93 18.58 58.18 -16.76
C HIS F 93 19.63 57.50 -17.61
N GLY F 94 19.18 56.65 -18.51
CA GLY F 94 20.11 55.97 -19.42
C GLY F 94 20.06 56.50 -20.85
N GLY F 95 19.02 57.26 -21.15
CA GLY F 95 18.81 57.79 -22.48
C GLY F 95 18.52 56.65 -23.45
N GLU F 96 18.78 56.91 -24.73
CA GLU F 96 18.59 55.94 -25.80
C GLU F 96 19.73 54.93 -25.91
N ARG F 97 20.91 55.25 -25.37
CA ARG F 97 22.08 54.34 -25.44
C ARG F 97 21.84 53.04 -24.69
N PHE F 98 21.54 53.14 -23.41
CA PHE F 98 21.52 51.99 -22.54
C PHE F 98 20.19 51.25 -22.52
N LYS F 99 20.14 50.13 -23.22
CA LYS F 99 18.91 49.33 -23.32
C LYS F 99 18.72 48.39 -22.13
N GLU F 100 19.82 48.05 -21.48
CA GLU F 100 19.80 47.12 -20.35
C GLU F 100 21.01 47.38 -19.44
N SER F 101 21.01 46.82 -18.23
CA SER F 101 22.11 47.01 -17.27
C SER F 101 23.46 46.67 -17.88
N VAL F 102 24.50 47.41 -17.47
CA VAL F 102 25.86 47.27 -18.01
C VAL F 102 26.92 47.23 -16.94
N LEU F 103 27.99 46.47 -17.18
CA LEU F 103 29.20 46.53 -16.36
C LEU F 103 29.92 47.84 -16.63
N VAL F 104 30.22 48.58 -15.58
CA VAL F 104 30.80 49.91 -15.73
C VAL F 104 32.30 49.86 -15.97
N ASP F 105 32.73 50.41 -17.09
CA ASP F 105 34.14 50.70 -17.36
C ASP F 105 34.26 52.18 -17.72
N GLU F 106 35.44 52.65 -18.16
CA GLU F 106 35.62 54.07 -18.47
C GLU F 106 34.63 54.51 -19.55
N GLU F 107 34.47 53.64 -20.55
CA GLU F 107 33.57 53.88 -21.67
C GLU F 107 32.18 54.18 -21.20
N VAL F 108 31.65 53.28 -20.38
CA VAL F 108 30.29 53.38 -19.87
C VAL F 108 30.14 54.64 -19.02
N LEU F 109 31.16 54.91 -18.21
CA LEU F 109 31.20 56.05 -17.28
C LEU F 109 31.09 57.38 -18.02
N LYS F 110 31.86 57.51 -19.09
CA LYS F 110 31.84 58.66 -19.96
C LYS F 110 30.49 58.78 -20.65
N ALA F 111 29.96 57.63 -21.08
CA ALA F 111 28.68 57.56 -21.79
C ALA F 111 27.51 57.92 -20.88
N ILE F 112 27.69 57.71 -19.57
CA ILE F 112 26.64 58.09 -18.62
C ILE F 112 26.64 59.60 -18.44
N GLU F 113 27.83 60.20 -18.32
CA GLU F 113 27.94 61.65 -18.16
C GLU F 113 27.29 62.34 -19.32
N GLU F 114 27.48 61.78 -20.51
CA GLU F 114 26.92 62.37 -21.73
C GLU F 114 25.39 62.41 -21.70
N VAL F 115 24.78 61.48 -20.99
CA VAL F 115 23.34 61.40 -20.86
C VAL F 115 22.83 62.25 -19.69
N SER F 116 23.72 62.54 -18.75
CA SER F 116 23.37 63.28 -17.53
C SER F 116 22.57 64.56 -17.69
N PRO F 117 22.78 65.37 -18.76
CA PRO F 117 21.95 66.56 -18.93
C PRO F 117 20.46 66.28 -19.13
N LEU F 118 20.09 65.02 -19.40
CA LEU F 118 18.67 64.65 -19.52
C LEU F 118 17.99 64.36 -18.17
N ALA F 119 18.75 64.43 -17.08
CA ALA F 119 18.23 64.27 -15.72
C ALA F 119 19.18 64.92 -14.73
N PRO F 120 19.42 66.24 -14.89
CA PRO F 120 20.48 66.96 -14.23
C PRO F 120 20.38 66.84 -12.73
N LEU F 121 19.18 66.55 -12.24
CA LEU F 121 18.99 66.50 -10.81
C LEU F 121 19.32 65.13 -10.19
N HIS F 122 19.53 64.12 -11.05
CA HIS F 122 19.72 62.76 -10.56
C HIS F 122 21.00 62.07 -10.98
N ASN F 123 21.24 62.01 -12.28
CA ASN F 123 22.45 61.35 -12.79
C ASN F 123 23.76 61.76 -12.09
N PRO F 124 24.04 63.07 -11.96
CA PRO F 124 25.27 63.49 -11.31
C PRO F 124 25.57 62.74 -10.02
N ALA F 125 24.57 62.67 -9.15
CA ALA F 125 24.74 62.00 -7.88
C ALA F 125 24.87 60.49 -8.04
N ASN F 126 24.34 59.93 -9.10
CA ASN F 126 24.50 58.49 -9.33
C ASN F 126 25.95 58.19 -9.62
N LEU F 127 26.50 58.90 -10.59
CA LEU F 127 27.90 58.82 -10.95
C LEU F 127 28.81 58.99 -9.74
N MET F 128 28.49 59.98 -8.90
CA MET F 128 29.22 60.22 -7.68
C MET F 128 29.32 58.96 -6.83
N GLY F 129 28.24 58.19 -6.81
CA GLY F 129 28.19 56.91 -6.12
C GLY F 129 29.02 55.85 -6.80
N ILE F 130 28.95 55.78 -8.12
CA ILE F 130 29.77 54.85 -8.91
C ILE F 130 31.27 55.16 -8.72
N LYS F 131 31.67 56.40 -8.96
CA LYS F 131 33.07 56.77 -8.89
C LYS F 131 33.68 56.54 -7.51
N ALA F 132 32.89 56.83 -6.49
CA ALA F 132 33.28 56.59 -5.12
C ALA F 132 33.41 55.10 -4.85
N ALA F 133 32.49 54.30 -5.38
CA ALA F 133 32.54 52.86 -5.19
C ALA F 133 33.76 52.21 -5.87
N MET F 134 34.06 52.65 -7.08
CA MET F 134 35.20 52.11 -7.80
C MET F 134 36.49 52.48 -7.12
N LYS F 135 36.51 53.68 -6.50
CA LYS F 135 37.70 54.18 -5.82
C LYS F 135 38.00 53.39 -4.53
N LEU F 136 36.97 53.23 -3.71
CA LEU F 136 37.13 52.61 -2.41
C LEU F 136 37.12 51.09 -2.46
N LEU F 137 36.59 50.53 -3.55
CA LEU F 137 36.64 49.09 -3.77
C LEU F 137 37.30 48.75 -5.11
N PRO F 138 38.61 49.03 -5.25
CA PRO F 138 39.30 48.78 -6.51
C PRO F 138 39.18 47.32 -6.92
N GLY F 139 38.91 47.08 -8.20
CA GLY F 139 38.89 45.73 -8.70
C GLY F 139 37.53 45.09 -8.64
N VAL F 140 36.72 45.50 -7.67
CA VAL F 140 35.35 45.02 -7.55
C VAL F 140 34.52 45.61 -8.70
N PRO F 141 33.86 44.74 -9.49
CA PRO F 141 33.05 45.21 -10.60
C PRO F 141 31.84 46.02 -10.15
N ASN F 142 31.51 47.08 -10.89
CA ASN F 142 30.27 47.83 -10.65
C ASN F 142 29.33 47.68 -11.83
N VAL F 143 28.06 47.46 -11.53
CA VAL F 143 27.01 47.38 -12.57
C VAL F 143 26.04 48.56 -12.43
N ALA F 144 25.72 49.19 -13.56
CA ALA F 144 24.71 50.26 -13.58
C ALA F 144 23.38 49.72 -14.08
N VAL F 145 22.32 49.97 -13.33
CA VAL F 145 20.98 49.56 -13.75
C VAL F 145 20.10 50.81 -13.97
N PHE F 146 19.54 50.95 -15.17
CA PHE F 146 18.92 52.21 -15.60
C PHE F 146 17.39 52.28 -15.48
N ASP F 147 16.94 53.30 -14.75
CA ASP F 147 15.52 53.56 -14.58
C ASP F 147 14.77 53.68 -15.90
N THR F 148 15.46 54.04 -16.98
CA THR F 148 14.81 54.30 -18.25
C THR F 148 14.87 53.12 -19.21
N ALA F 149 15.70 52.14 -18.88
CA ALA F 149 16.09 51.09 -19.81
C ALA F 149 14.96 50.16 -20.20
N PHE F 150 14.19 49.71 -19.22
CA PHE F 150 13.06 48.82 -19.50
C PHE F 150 12.14 49.40 -20.60
N HIS F 151 12.08 50.73 -20.65
CA HIS F 151 11.15 51.47 -21.50
C HIS F 151 11.71 51.70 -22.90
N GLN F 152 12.96 51.31 -23.13
CA GLN F 152 13.56 51.52 -24.44
C GLN F 152 12.95 50.68 -25.57
N THR F 153 12.02 49.78 -25.24
CA THR F 153 11.36 48.97 -26.24
C THR F 153 10.11 49.62 -26.80
N ILE F 154 9.71 50.75 -26.19
CA ILE F 154 8.59 51.57 -26.64
C ILE F 154 8.80 51.99 -28.10
N PRO F 155 7.81 51.70 -28.98
CA PRO F 155 7.84 52.06 -30.39
C PRO F 155 7.80 53.57 -30.63
N GLN F 156 8.11 54.00 -31.85
CA GLN F 156 8.10 55.42 -32.21
C GLN F 156 6.74 56.08 -32.01
N LYS F 157 5.69 55.39 -32.43
CA LYS F 157 4.33 55.92 -32.34
C LYS F 157 3.98 56.39 -30.92
N ALA F 158 4.76 55.91 -29.94
CA ALA F 158 4.45 56.13 -28.54
C ALA F 158 5.40 57.08 -27.82
N TYR F 159 6.60 57.28 -28.38
CA TYR F 159 7.60 58.10 -27.69
C TYR F 159 7.86 59.49 -28.29
N LEU F 160 7.32 59.74 -29.47
CA LEU F 160 7.46 61.05 -30.09
C LEU F 160 6.30 61.98 -29.72
N TYR F 161 6.61 63.16 -29.22
CA TYR F 161 5.54 64.10 -28.94
C TYR F 161 5.11 64.83 -30.21
N ALA F 162 3.88 65.33 -30.23
CA ALA F 162 3.36 66.04 -31.38
C ALA F 162 3.90 67.48 -31.43
N ILE F 163 5.21 67.59 -31.37
CA ILE F 163 5.91 68.86 -31.42
C ILE F 163 6.92 68.84 -32.57
N PRO F 164 7.45 70.00 -32.97
CA PRO F 164 8.40 69.98 -34.08
C PRO F 164 9.42 68.88 -33.89
N TYR F 165 9.63 68.08 -34.94
CA TYR F 165 10.55 66.94 -34.86
C TYR F 165 11.99 67.37 -34.64
N GLU F 166 12.33 68.57 -35.12
CA GLU F 166 13.61 69.26 -34.81
C GLU F 166 13.98 69.14 -33.33
N TYR F 167 12.99 69.19 -32.44
CA TYR F 167 13.24 69.13 -31.01
C TYR F 167 13.74 67.77 -30.58
N TYR F 168 13.38 66.72 -31.31
CA TYR F 168 13.92 65.39 -31.04
C TYR F 168 15.29 65.22 -31.66
N GLU F 169 15.43 65.67 -32.90
CA GLU F 169 16.72 65.65 -33.61
C GLU F 169 17.78 66.37 -32.80
N LYS F 170 17.46 67.57 -32.34
CA LYS F 170 18.43 68.45 -31.71
C LYS F 170 18.66 68.10 -30.23
N TYR F 171 17.60 67.88 -29.46
CA TYR F 171 17.74 67.69 -28.00
C TYR F 171 17.36 66.31 -27.49
N LYS F 172 17.00 65.40 -28.39
CA LYS F 172 16.49 64.07 -28.02
C LYS F 172 15.28 64.13 -27.08
N ILE F 173 14.31 65.01 -27.39
CA ILE F 173 13.10 65.14 -26.59
C ILE F 173 12.08 64.08 -27.00
N ARG F 174 11.90 63.08 -26.16
CA ARG F 174 10.98 62.01 -26.43
C ARG F 174 10.48 61.51 -25.09
N ARG F 175 9.61 60.52 -25.12
CA ARG F 175 9.21 59.86 -23.87
C ARG F 175 10.31 58.90 -23.49
N TYR F 176 10.84 59.02 -22.27
CA TYR F 176 11.80 58.01 -21.78
C TYR F 176 11.15 57.07 -20.79
N GLY F 177 10.36 57.63 -19.88
CA GLY F 177 9.71 56.83 -18.83
C GLY F 177 10.64 56.56 -17.67
N PHE F 178 10.06 56.30 -16.50
CA PHE F 178 10.88 56.02 -15.32
C PHE F 178 10.21 54.96 -14.48
N HIS F 179 10.80 54.63 -13.33
CA HIS F 179 10.39 53.45 -12.58
C HIS F 179 10.58 52.18 -13.38
N GLY F 180 11.50 52.25 -14.33
CA GLY F 180 11.75 51.16 -15.26
C GLY F 180 12.00 49.87 -14.56
N THR F 181 12.96 49.87 -13.64
CA THR F 181 13.39 48.60 -13.05
C THR F 181 12.37 48.08 -12.03
N SER F 182 11.38 48.90 -11.72
CA SER F 182 10.25 48.47 -10.87
C SER F 182 9.16 47.83 -11.71
N HIS F 183 8.81 48.48 -12.82
CA HIS F 183 7.84 47.95 -13.77
C HIS F 183 8.34 46.62 -14.29
N ARG F 184 9.64 46.56 -14.55
CA ARG F 184 10.27 45.33 -15.00
C ARG F 184 10.20 44.24 -13.94
N TYR F 185 10.48 44.60 -12.69
CA TYR F 185 10.47 43.62 -11.60
C TYR F 185 9.10 43.02 -11.38
N VAL F 186 8.10 43.88 -11.27
CA VAL F 186 6.79 43.41 -10.89
C VAL F 186 6.07 42.68 -12.03
N SER F 187 6.28 43.12 -13.27
CA SER F 187 5.67 42.46 -14.41
C SER F 187 6.16 41.01 -14.52
N LYS F 188 7.45 40.83 -14.30
CA LYS F 188 8.06 39.53 -14.34
C LYS F 188 7.53 38.70 -13.19
N ARG F 189 7.52 39.28 -11.99
CA ARG F 189 7.10 38.57 -10.77
C ARG F 189 5.67 38.09 -10.87
N ALA F 190 4.82 38.93 -11.47
CA ALA F 190 3.41 38.65 -11.66
C ALA F 190 3.22 37.46 -12.56
N ALA F 191 3.95 37.41 -13.66
CA ALA F 191 3.90 36.27 -14.59
C ALA F 191 4.26 34.96 -13.89
N GLU F 192 5.29 35.00 -13.04
CA GLU F 192 5.69 33.82 -12.26
C GLU F 192 4.55 33.36 -11.38
N ILE F 193 3.87 34.30 -10.71
CA ILE F 193 2.75 34.00 -9.81
C ILE F 193 1.57 33.37 -10.54
N LEU F 194 1.38 33.77 -11.79
CA LEU F 194 0.30 33.24 -12.61
C LEU F 194 0.66 31.90 -13.26
N GLY F 195 1.91 31.48 -13.11
CA GLY F 195 2.39 30.25 -13.71
C GLY F 195 2.41 30.28 -15.23
N LYS F 196 2.72 31.44 -15.78
CA LYS F 196 2.71 31.62 -17.23
C LYS F 196 3.92 32.40 -17.70
N LYS F 197 4.36 32.09 -18.93
CA LYS F 197 5.47 32.79 -19.55
C LYS F 197 5.12 34.25 -19.80
N LEU F 198 6.08 35.12 -19.54
CA LEU F 198 5.89 36.56 -19.69
C LEU F 198 5.58 36.96 -21.13
N GLU F 199 6.08 36.19 -22.10
CA GLU F 199 5.97 36.53 -23.52
C GLU F 199 4.59 36.25 -24.10
N GLU F 200 3.68 35.74 -23.27
CA GLU F 200 2.29 35.51 -23.68
C GLU F 200 1.28 36.17 -22.73
N LEU F 201 1.69 37.29 -22.14
CA LEU F 201 0.84 38.05 -21.25
C LEU F 201 0.91 39.52 -21.58
N LYS F 202 -0.26 40.14 -21.54
CA LYS F 202 -0.38 41.58 -21.62
C LYS F 202 -0.61 42.12 -20.21
N ILE F 203 0.41 42.73 -19.63
CA ILE F 203 0.32 43.21 -18.26
C ILE F 203 0.40 44.73 -18.20
N ILE F 204 -0.49 45.32 -17.41
CA ILE F 204 -0.43 46.74 -17.09
C ILE F 204 0.08 46.85 -15.65
N THR F 205 1.22 47.51 -15.47
CA THR F 205 1.79 47.65 -14.14
C THR F 205 1.63 49.06 -13.58
N CYS F 206 1.14 49.13 -12.35
CA CYS F 206 0.89 50.40 -11.70
C CYS F 206 1.80 50.67 -10.51
N HIS F 207 2.91 51.38 -10.76
CA HIS F 207 3.82 51.80 -9.70
C HIS F 207 3.28 53.09 -9.13
N ILE F 208 2.58 52.95 -8.01
CA ILE F 208 1.84 54.06 -7.44
C ILE F 208 2.37 54.36 -6.06
N GLY F 209 3.28 55.32 -6.01
CA GLY F 209 3.87 55.80 -4.76
C GLY F 209 3.98 57.31 -4.74
N ASN F 210 5.01 57.83 -4.06
CA ASN F 210 5.20 59.27 -4.00
C ASN F 210 5.45 59.87 -5.39
N GLY F 211 6.10 59.07 -6.23
CA GLY F 211 6.03 59.23 -7.68
C GLY F 211 5.17 58.09 -8.18
N ALA F 212 4.49 58.26 -9.32
CA ALA F 212 3.68 57.19 -9.86
C ALA F 212 3.70 57.15 -11.37
N SER F 213 3.82 55.96 -11.91
CA SER F 213 3.70 55.80 -13.34
C SER F 213 3.01 54.46 -13.66
N VAL F 214 2.43 54.36 -14.84
CA VAL F 214 1.88 53.11 -15.32
C VAL F 214 2.73 52.62 -16.50
N ALA F 215 2.93 51.31 -16.60
CA ALA F 215 3.57 50.75 -17.77
C ALA F 215 2.67 49.71 -18.45
N ALA F 216 2.69 49.71 -19.78
CA ALA F 216 1.99 48.73 -20.58
C ALA F 216 3.02 47.74 -21.08
N VAL F 217 2.99 46.53 -20.54
CA VAL F 217 4.03 45.53 -20.79
C VAL F 217 3.50 44.40 -21.65
N LYS F 218 3.63 44.58 -22.96
CA LYS F 218 3.08 43.66 -23.95
C LYS F 218 4.05 42.56 -24.34
N TYR F 219 3.73 41.35 -23.91
CA TYR F 219 4.53 40.14 -24.19
C TYR F 219 5.96 40.28 -23.71
N GLY F 220 6.12 40.89 -22.54
CA GLY F 220 7.44 41.06 -21.95
C GLY F 220 8.16 42.35 -22.29
N LYS F 221 7.71 43.07 -23.32
CA LYS F 221 8.31 44.34 -23.71
C LYS F 221 7.38 45.50 -23.39
N CYS F 222 7.94 46.59 -22.89
CA CYS F 222 7.14 47.76 -22.54
C CYS F 222 6.75 48.48 -23.80
N VAL F 223 5.48 48.82 -23.94
CA VAL F 223 4.99 49.47 -25.15
C VAL F 223 4.58 50.94 -24.93
N ASP F 224 4.34 51.30 -23.67
CA ASP F 224 4.00 52.68 -23.29
C ASP F 224 4.17 52.84 -21.79
N THR F 225 4.49 54.05 -21.35
CA THR F 225 4.54 54.37 -19.92
C THR F 225 4.03 55.80 -19.67
N SER F 226 3.50 56.03 -18.47
CA SER F 226 2.86 57.28 -18.11
C SER F 226 3.82 58.49 -18.06
N MET F 227 5.01 58.32 -17.47
CA MET F 227 5.98 59.42 -17.33
C MET F 227 6.59 59.69 -18.67
N GLY F 228 7.16 60.87 -18.87
CA GLY F 228 7.58 61.26 -20.21
C GLY F 228 9.07 61.49 -20.34
N PHE F 229 9.41 62.61 -20.98
CA PHE F 229 10.77 63.14 -21.01
C PHE F 229 11.30 63.32 -19.57
N THR F 230 10.38 63.58 -18.63
CA THR F 230 10.70 63.79 -17.23
C THR F 230 9.68 63.03 -16.40
N PRO F 231 9.86 62.99 -15.07
CA PRO F 231 8.83 62.39 -14.21
C PRO F 231 7.58 63.25 -13.95
N LEU F 232 7.34 64.33 -14.70
CA LEU F 232 6.13 65.14 -14.49
C LEU F 232 4.88 64.58 -15.11
N GLU F 233 5.01 63.89 -16.23
CA GLU F 233 3.88 63.40 -16.99
C GLU F 233 3.07 62.28 -16.30
N GLY F 234 1.79 62.20 -16.62
CA GLY F 234 0.96 61.08 -16.22
C GLY F 234 0.22 61.24 -14.91
N LEU F 235 0.29 60.21 -14.07
CA LEU F 235 -0.55 60.13 -12.89
C LEU F 235 -0.39 61.27 -11.91
N VAL F 236 -1.41 61.48 -11.08
CA VAL F 236 -1.29 62.43 -9.97
C VAL F 236 -0.22 61.87 -9.06
N MET F 237 0.73 62.71 -8.68
CA MET F 237 1.75 62.29 -7.73
C MET F 237 1.70 63.11 -6.43
N GLY F 238 2.61 62.82 -5.51
CA GLY F 238 2.64 63.47 -4.20
C GLY F 238 2.70 64.98 -4.29
N THR F 239 3.65 65.50 -5.06
CA THR F 239 3.83 66.94 -5.21
C THR F 239 3.87 67.38 -6.66
N ARG F 240 3.82 66.41 -7.58
CA ARG F 240 3.87 66.68 -9.04
C ARG F 240 2.49 66.63 -9.68
N SER F 241 2.30 67.51 -10.66
CA SER F 241 1.01 67.81 -11.21
C SER F 241 0.47 66.71 -12.09
N GLY F 242 1.34 65.82 -12.54
CA GLY F 242 0.93 64.85 -13.54
C GLY F 242 0.57 65.54 -14.85
N ASP F 243 -0.19 64.88 -15.71
CA ASP F 243 -0.74 65.49 -16.91
C ASP F 243 -1.47 66.81 -16.65
N LEU F 244 -1.14 67.86 -17.41
CA LEU F 244 -2.08 68.98 -17.58
C LEU F 244 -2.05 69.70 -18.92
N ASP F 245 -3.16 70.41 -19.21
CA ASP F 245 -3.28 71.32 -20.36
C ASP F 245 -2.01 72.13 -20.58
N PRO F 246 -1.27 71.81 -21.67
CA PRO F 246 -0.06 72.52 -22.03
C PRO F 246 -0.13 74.03 -21.81
N ALA F 247 -1.32 74.60 -21.96
CA ALA F 247 -1.50 76.05 -21.94
C ALA F 247 -1.50 76.63 -20.54
N ILE F 248 -1.96 75.85 -19.56
CA ILE F 248 -2.14 76.35 -18.18
C ILE F 248 -0.93 77.07 -17.60
N PRO F 249 0.27 76.43 -17.65
CA PRO F 249 1.46 77.12 -17.10
C PRO F 249 1.67 78.51 -17.67
N PHE F 250 1.51 78.67 -18.98
CA PHE F 250 1.70 79.95 -19.64
C PHE F 250 0.74 81.00 -19.13
N PHE F 251 -0.51 80.58 -18.92
CA PHE F 251 -1.56 81.46 -18.39
C PHE F 251 -1.19 81.91 -17.00
N ILE F 252 -0.77 80.95 -16.18
CA ILE F 252 -0.51 81.23 -14.78
C ILE F 252 0.68 82.14 -14.61
N MET F 253 1.73 81.87 -15.38
CA MET F 253 2.92 82.72 -15.40
C MET F 253 2.58 84.15 -15.74
N GLU F 254 1.83 84.32 -16.83
CA GLU F 254 1.47 85.64 -17.30
C GLU F 254 0.50 86.37 -16.38
N LYS F 255 -0.51 85.70 -15.83
CA LYS F 255 -1.46 86.38 -14.95
C LYS F 255 -0.83 86.73 -13.61
N GLU F 256 0.26 86.04 -13.27
CA GLU F 256 0.87 86.21 -11.95
C GLU F 256 2.28 86.79 -11.88
N GLY F 257 2.95 86.99 -13.03
CA GLY F 257 4.29 87.55 -13.03
C GLY F 257 5.30 86.62 -12.36
N ILE F 258 5.49 85.47 -13.00
CA ILE F 258 6.25 84.35 -12.46
C ILE F 258 7.17 83.84 -13.57
N SER F 259 8.46 83.71 -13.27
CA SER F 259 9.42 83.21 -14.26
C SER F 259 9.17 81.73 -14.52
N PRO F 260 9.71 81.16 -15.63
CA PRO F 260 9.45 79.75 -15.93
C PRO F 260 9.97 78.83 -14.83
N GLN F 261 11.07 79.22 -14.20
CA GLN F 261 11.59 78.51 -13.04
C GLN F 261 10.54 78.47 -11.92
N GLU F 262 10.06 79.63 -11.49
CA GLU F 262 9.05 79.69 -10.42
C GLU F 262 7.83 78.80 -10.76
N MET F 263 7.45 78.75 -12.04
CA MET F 263 6.28 77.98 -12.47
C MET F 263 6.57 76.50 -12.46
N TYR F 264 7.72 76.15 -13.01
CA TYR F 264 8.14 74.75 -13.04
C TYR F 264 8.19 74.17 -11.64
N ASP F 265 8.77 74.95 -10.72
CA ASP F 265 8.83 74.59 -9.32
C ASP F 265 7.44 74.32 -8.76
N ILE F 266 6.49 75.23 -9.03
CA ILE F 266 5.12 75.09 -8.52
C ILE F 266 4.50 73.76 -8.99
N LEU F 267 4.75 73.43 -10.26
CA LEU F 267 4.23 72.20 -10.86
C LEU F 267 4.87 70.95 -10.26
N ASN F 268 6.03 71.15 -9.65
CA ASN F 268 6.90 70.03 -9.29
C ASN F 268 7.02 69.78 -7.77
N LYS F 269 6.89 70.83 -6.98
CA LYS F 269 7.01 70.78 -5.54
C LYS F 269 5.70 71.07 -4.78
N LYS F 270 4.79 71.85 -5.35
CA LYS F 270 3.59 72.32 -4.66
C LYS F 270 2.29 71.77 -5.24
N SER F 271 2.39 70.95 -6.29
CA SER F 271 1.21 70.45 -6.99
C SER F 271 0.79 69.05 -6.57
N GLY F 272 0.17 68.32 -7.48
CA GLY F 272 -0.31 66.97 -7.18
C GLY F 272 -1.19 66.88 -5.94
N VAL F 273 -0.98 65.84 -5.15
CA VAL F 273 -1.77 65.62 -3.96
C VAL F 273 -1.71 66.80 -3.01
N TYR F 274 -0.50 67.34 -2.81
CA TYR F 274 -0.30 68.52 -1.97
C TYR F 274 -1.12 69.70 -2.48
N GLY F 275 -1.03 69.95 -3.78
CA GLY F 275 -1.75 71.04 -4.44
C GLY F 275 -3.24 70.93 -4.24
N LEU F 276 -3.76 69.74 -4.53
CA LEU F 276 -5.18 69.48 -4.46
C LEU F 276 -5.73 69.72 -3.06
N SER F 277 -4.94 69.35 -2.06
CA SER F 277 -5.41 69.45 -0.68
C SER F 277 -5.05 70.78 -0.01
N LYS F 278 -4.84 71.83 -0.81
CA LYS F 278 -4.60 73.21 -0.32
C LYS F 278 -3.42 73.28 0.69
N GLY F 279 -2.55 72.28 0.63
CA GLY F 279 -1.35 72.24 1.46
C GLY F 279 -1.50 71.38 2.69
N PHE F 280 -2.45 70.45 2.66
CA PHE F 280 -2.72 69.60 3.83
C PHE F 280 -1.62 68.56 3.97
N SER F 281 -1.43 67.76 2.94
CA SER F 281 -0.35 66.79 2.89
C SER F 281 -0.08 66.35 1.45
N SER F 282 1.07 65.73 1.24
CA SER F 282 1.42 65.14 -0.05
C SER F 282 1.46 63.63 0.05
N ASP F 283 1.36 63.14 1.29
CA ASP F 283 1.29 61.72 1.57
C ASP F 283 -0.16 61.23 1.39
N MET F 284 -0.36 60.36 0.41
CA MET F 284 -1.71 59.89 0.06
C MET F 284 -2.49 59.24 1.19
N ARG F 285 -1.79 58.57 2.11
CA ARG F 285 -2.47 57.95 3.24
C ARG F 285 -2.87 58.93 4.32
N ASP F 286 -2.23 60.10 4.33
CA ASP F 286 -2.69 61.19 5.18
C ASP F 286 -4.11 61.62 4.74
N ILE F 287 -4.36 61.52 3.45
CA ILE F 287 -5.64 61.87 2.87
C ILE F 287 -6.63 60.73 3.07
N GLU F 288 -6.18 59.50 2.84
CA GLU F 288 -7.01 58.31 3.04
C GLU F 288 -7.59 58.33 4.45
N GLU F 289 -6.72 58.56 5.45
CA GLU F 289 -7.12 58.65 6.84
C GLU F 289 -8.18 59.73 7.05
N ALA F 290 -7.95 60.90 6.49
CA ALA F 290 -8.88 62.02 6.66
C ALA F 290 -10.20 61.80 5.91
N ALA F 291 -10.14 61.15 4.75
CA ALA F 291 -11.35 60.81 4.00
C ALA F 291 -12.24 59.81 4.76
N LEU F 292 -11.62 58.82 5.39
CA LEU F 292 -12.33 57.85 6.20
C LEU F 292 -12.90 58.48 7.45
N LYS F 293 -12.35 59.61 7.85
CA LYS F 293 -12.87 60.33 9.02
C LYS F 293 -14.03 61.27 8.69
N GLY F 294 -14.44 61.28 7.42
CA GLY F 294 -15.62 62.04 7.00
C GLY F 294 -15.33 63.35 6.30
N ASP F 295 -14.06 63.72 6.24
CA ASP F 295 -13.65 64.94 5.54
C ASP F 295 -14.02 64.86 4.06
N GLU F 296 -15.00 65.69 3.68
CA GLU F 296 -15.54 65.70 2.32
C GLU F 296 -14.50 65.99 1.26
N TRP F 297 -13.58 66.89 1.58
CA TRP F 297 -12.58 67.35 0.61
C TRP F 297 -11.57 66.29 0.21
N CYS F 298 -11.09 65.51 1.17
CA CYS F 298 -10.17 64.42 0.89
C CYS F 298 -10.77 63.31 0.03
N LYS F 299 -12.03 62.94 0.31
CA LYS F 299 -12.75 61.96 -0.50
C LYS F 299 -12.59 62.33 -1.95
N LEU F 300 -12.61 63.64 -2.24
CA LEU F 300 -12.47 64.14 -3.61
C LEU F 300 -11.05 63.98 -4.15
N VAL F 301 -10.05 64.36 -3.35
CA VAL F 301 -8.65 64.21 -3.75
C VAL F 301 -8.38 62.76 -4.11
N LEU F 302 -8.80 61.87 -3.22
CA LEU F 302 -8.76 60.44 -3.43
C LEU F 302 -9.40 60.06 -4.77
N GLU F 303 -10.67 60.42 -4.99
CA GLU F 303 -11.36 60.11 -6.25
C GLU F 303 -10.59 60.61 -7.46
N ILE F 304 -10.02 61.81 -7.35
CA ILE F 304 -9.29 62.43 -8.45
C ILE F 304 -8.09 61.59 -8.77
N TYR F 305 -7.33 61.29 -7.72
CA TYR F 305 -6.17 60.40 -7.78
C TYR F 305 -6.50 59.07 -8.44
N ASP F 306 -7.42 58.32 -7.85
CA ASP F 306 -7.85 57.03 -8.39
C ASP F 306 -8.32 57.13 -9.85
N TYR F 307 -9.22 58.08 -10.14
CA TYR F 307 -9.80 58.23 -11.49
C TYR F 307 -8.75 58.15 -12.60
N ARG F 308 -7.67 58.91 -12.44
CA ARG F 308 -6.69 59.07 -13.51
C ARG F 308 -5.88 57.79 -13.70
N ILE F 309 -5.65 57.07 -12.60
CA ILE F 309 -5.08 55.72 -12.68
C ILE F 309 -5.98 54.81 -13.53
N ALA F 310 -7.26 54.77 -13.18
CA ALA F 310 -8.25 53.97 -13.93
C ALA F 310 -8.29 54.29 -15.44
N LYS F 311 -8.17 55.56 -15.78
CA LYS F 311 -8.16 55.96 -17.18
C LYS F 311 -6.92 55.46 -17.91
N TYR F 312 -5.80 55.45 -17.21
CA TYR F 312 -4.54 54.93 -17.77
C TYR F 312 -4.62 53.44 -18.02
N ILE F 313 -5.14 52.70 -17.06
CA ILE F 313 -5.33 51.28 -17.28
C ILE F 313 -6.16 51.07 -18.55
N GLY F 314 -7.26 51.81 -18.67
CA GLY F 314 -8.12 51.75 -19.86
C GLY F 314 -7.37 52.10 -21.14
N ALA F 315 -6.58 53.16 -21.09
CA ALA F 315 -5.82 53.65 -22.24
C ALA F 315 -4.82 52.61 -22.69
N TYR F 316 -4.12 52.00 -21.74
CA TYR F 316 -3.04 51.09 -22.07
C TYR F 316 -3.59 49.75 -22.52
N ALA F 317 -4.72 49.34 -21.94
CA ALA F 317 -5.48 48.18 -22.42
C ALA F 317 -5.74 48.29 -23.92
N ALA F 318 -6.14 49.49 -24.35
CA ALA F 318 -6.35 49.78 -25.76
C ALA F 318 -5.05 49.73 -26.53
N ALA F 319 -3.98 50.23 -25.92
CA ALA F 319 -2.68 50.23 -26.57
C ALA F 319 -2.19 48.82 -26.92
N MET F 320 -2.44 47.87 -26.03
CA MET F 320 -1.98 46.49 -26.25
C MET F 320 -3.04 45.63 -26.93
N ASN F 321 -4.23 46.21 -27.11
CA ASN F 321 -5.39 45.49 -27.62
C ASN F 321 -5.77 44.34 -26.70
N GLY F 322 -5.70 44.60 -25.39
CA GLY F 322 -6.07 43.62 -24.38
C GLY F 322 -5.31 43.78 -23.06
N VAL F 323 -5.91 43.28 -22.00
CA VAL F 323 -5.23 43.15 -20.72
C VAL F 323 -5.40 41.73 -20.26
N ASP F 324 -4.32 41.14 -19.78
CA ASP F 324 -4.41 39.83 -19.17
C ASP F 324 -4.32 39.96 -17.65
N ALA F 325 -3.58 40.96 -17.20
CA ALA F 325 -3.38 41.19 -15.77
C ALA F 325 -3.02 42.64 -15.45
N ILE F 326 -3.39 43.05 -14.23
CA ILE F 326 -3.07 44.38 -13.72
C ILE F 326 -2.33 44.20 -12.41
N VAL F 327 -1.21 44.91 -12.26
CA VAL F 327 -0.41 44.80 -11.05
C VAL F 327 -0.34 46.17 -10.36
N PHE F 328 -0.62 46.13 -9.05
CA PHE F 328 -0.42 47.29 -8.17
C PHE F 328 0.84 47.11 -7.34
N THR F 329 1.64 48.18 -7.25
CA THR F 329 2.89 48.13 -6.47
C THR F 329 3.32 49.52 -5.97
N ALA F 330 4.38 49.54 -5.15
CA ALA F 330 4.93 50.78 -4.55
C ALA F 330 4.11 51.24 -3.35
N GLY F 331 4.61 52.25 -2.64
CA GLY F 331 3.95 52.78 -1.43
C GLY F 331 2.43 52.66 -1.30
N VAL F 332 1.71 53.17 -2.29
CA VAL F 332 0.26 53.21 -2.25
C VAL F 332 -0.36 51.93 -2.82
N GLY F 333 0.17 51.49 -3.96
CA GLY F 333 -0.32 50.28 -4.64
C GLY F 333 -0.28 49.06 -3.75
N GLU F 334 0.67 49.02 -2.83
CA GLU F 334 0.86 47.89 -1.95
C GLU F 334 0.03 48.00 -0.68
N ASN F 335 -0.41 49.22 -0.34
CA ASN F 335 -0.96 49.50 1.00
C ASN F 335 -2.34 50.16 1.10
N SER F 336 -2.95 50.43 -0.05
CA SER F 336 -4.28 51.05 -0.08
C SER F 336 -5.28 50.12 -0.77
N PRO F 337 -5.97 49.28 0.02
CA PRO F 337 -6.99 48.43 -0.55
C PRO F 337 -8.13 49.30 -1.10
N ILE F 338 -8.34 50.47 -0.49
CA ILE F 338 -9.36 51.43 -0.93
C ILE F 338 -9.09 51.95 -2.34
N THR F 339 -7.84 52.37 -2.57
CA THR F 339 -7.41 52.89 -3.88
C THR F 339 -7.51 51.81 -4.95
N ARG F 340 -7.08 50.62 -4.59
CA ARG F 340 -7.17 49.47 -5.49
C ARG F 340 -8.62 49.15 -5.83
N GLU F 341 -9.52 49.27 -4.86
CA GLU F 341 -10.92 48.98 -5.07
C GLU F 341 -11.58 50.06 -5.93
N ASP F 342 -11.27 51.33 -5.64
CA ASP F 342 -11.87 52.45 -6.35
C ASP F 342 -11.48 52.37 -7.81
N VAL F 343 -10.19 52.16 -8.04
CA VAL F 343 -9.64 52.11 -9.40
C VAL F 343 -10.33 51.01 -10.20
N CYS F 344 -10.55 49.86 -9.56
CA CYS F 344 -11.11 48.70 -10.23
C CYS F 344 -12.60 48.78 -10.50
N SER F 345 -13.29 49.69 -9.83
CA SER F 345 -14.73 49.83 -10.00
C SER F 345 -15.02 50.34 -11.39
N TYR F 346 -14.07 51.08 -11.95
CA TYR F 346 -14.15 51.56 -13.32
C TYR F 346 -13.91 50.48 -14.35
N LEU F 347 -13.54 49.28 -13.91
CA LEU F 347 -13.00 48.27 -14.82
C LEU F 347 -13.81 46.98 -14.97
N GLU F 348 -15.04 46.95 -14.48
CA GLU F 348 -15.79 45.71 -14.58
C GLU F 348 -16.26 45.43 -16.00
N PHE F 349 -16.33 46.47 -16.82
CA PHE F 349 -16.66 46.31 -18.23
C PHE F 349 -15.62 45.47 -18.96
N LEU F 350 -14.42 45.37 -18.37
CA LEU F 350 -13.34 44.54 -18.90
C LEU F 350 -13.38 43.14 -18.33
N GLY F 351 -14.22 42.93 -17.32
CA GLY F 351 -14.35 41.65 -16.64
C GLY F 351 -13.52 41.56 -15.37
N VAL F 352 -13.23 42.72 -14.77
CA VAL F 352 -12.44 42.81 -13.54
C VAL F 352 -13.34 42.79 -12.31
N LYS F 353 -13.16 41.79 -11.45
CA LYS F 353 -13.87 41.71 -10.17
C LYS F 353 -12.86 41.45 -9.08
N LEU F 354 -12.95 42.21 -8.00
CA LEU F 354 -12.04 42.03 -6.89
C LEU F 354 -12.66 41.12 -5.84
N ASP F 355 -11.82 40.45 -5.06
CA ASP F 355 -12.28 39.72 -3.89
C ASP F 355 -12.03 40.62 -2.69
N LYS F 356 -13.08 41.28 -2.21
CA LYS F 356 -13.00 42.20 -1.08
C LYS F 356 -12.13 41.66 0.05
N GLN F 357 -12.34 40.39 0.39
CA GLN F 357 -11.59 39.74 1.45
C GLN F 357 -10.09 39.79 1.13
N LYS F 358 -9.70 39.27 -0.03
CA LYS F 358 -8.29 39.22 -0.45
C LYS F 358 -7.66 40.60 -0.59
N ASN F 359 -8.47 41.57 -1.00
CA ASN F 359 -7.99 42.93 -1.20
C ASN F 359 -7.60 43.59 0.09
N GLU F 360 -8.40 43.40 1.12
CA GLU F 360 -8.13 44.07 2.38
C GLU F 360 -6.97 43.39 3.11
N GLU F 361 -6.77 42.09 2.84
CA GLU F 361 -5.71 41.26 3.46
C GLU F 361 -4.30 41.61 3.00
N THR F 362 -4.16 41.81 1.68
CA THR F 362 -2.85 42.03 1.05
C THR F 362 -2.32 43.46 1.18
N ILE F 363 -1.78 43.72 2.35
CA ILE F 363 -1.53 45.07 2.81
C ILE F 363 -0.11 45.01 3.43
N ARG F 364 0.52 46.16 3.62
CA ARG F 364 1.78 46.24 4.40
C ARG F 364 2.89 45.24 4.02
N GLY F 365 3.04 44.95 2.75
CA GLY F 365 4.18 44.15 2.31
C GLY F 365 3.83 42.79 1.78
N LYS F 366 2.61 42.32 2.05
CA LYS F 366 2.13 41.04 1.52
C LYS F 366 1.94 41.08 0.00
N GLU F 367 1.92 39.90 -0.62
CA GLU F 367 1.71 39.80 -2.07
C GLU F 367 0.81 38.65 -2.43
N GLY F 368 0.03 38.86 -3.49
CA GLY F 368 -0.87 37.84 -4.00
C GLY F 368 -1.82 38.31 -5.09
N ILE F 369 -2.75 37.43 -5.45
CA ILE F 369 -3.80 37.73 -6.42
C ILE F 369 -4.99 38.32 -5.68
N ILE F 370 -5.62 39.34 -6.24
CA ILE F 370 -6.84 39.89 -5.65
C ILE F 370 -8.12 39.71 -6.48
N SER F 371 -7.97 39.43 -7.77
CA SER F 371 -9.13 39.12 -8.60
C SER F 371 -9.84 37.83 -8.14
N THR F 372 -11.15 37.77 -8.34
CA THR F 372 -11.90 36.54 -8.04
C THR F 372 -11.53 35.46 -9.05
N PRO F 373 -11.54 34.18 -8.63
CA PRO F 373 -11.36 33.05 -9.53
C PRO F 373 -11.96 33.25 -10.93
N ASP F 374 -13.21 33.74 -11.01
CA ASP F 374 -13.93 33.90 -12.29
C ASP F 374 -13.57 35.15 -13.08
N SER F 375 -12.86 36.08 -12.46
CA SER F 375 -12.46 37.36 -13.09
C SER F 375 -11.64 37.18 -14.36
N ARG F 376 -12.07 37.85 -15.43
CA ARG F 376 -11.48 37.68 -16.75
C ARG F 376 -10.14 38.38 -16.90
N VAL F 377 -9.89 39.39 -16.08
CA VAL F 377 -8.56 40.01 -16.01
C VAL F 377 -8.05 39.84 -14.59
N LYS F 378 -6.84 39.30 -14.45
CA LYS F 378 -6.30 39.01 -13.14
C LYS F 378 -5.71 40.27 -12.53
N VAL F 379 -5.93 40.49 -11.25
CA VAL F 379 -5.36 41.66 -10.55
C VAL F 379 -4.48 41.19 -9.39
N LEU F 380 -3.24 41.68 -9.34
CA LEU F 380 -2.26 41.22 -8.36
C LEU F 380 -1.66 42.38 -7.57
N VAL F 381 -1.32 42.12 -6.32
CA VAL F 381 -0.50 43.05 -5.55
C VAL F 381 0.89 42.45 -5.47
N VAL F 382 1.88 43.10 -6.07
CA VAL F 382 3.24 42.58 -6.05
C VAL F 382 4.18 43.64 -5.47
N PRO F 383 4.46 43.57 -4.16
CA PRO F 383 5.35 44.56 -3.56
C PRO F 383 6.65 44.66 -4.32
N THR F 384 7.05 45.87 -4.67
CA THR F 384 8.22 46.07 -5.49
C THR F 384 9.48 45.95 -4.63
N ASN F 385 10.56 45.54 -5.29
CA ASN F 385 11.85 45.36 -4.65
C ASN F 385 12.91 45.70 -5.70
N GLU F 386 13.03 46.99 -5.97
CA GLU F 386 13.92 47.45 -7.02
C GLU F 386 15.38 47.09 -6.76
N GLU F 387 15.75 47.02 -5.48
CA GLU F 387 17.13 46.71 -5.08
C GLU F 387 17.48 45.29 -5.45
N LEU F 388 16.63 44.33 -5.07
CA LEU F 388 16.83 42.93 -5.45
C LEU F 388 16.96 42.78 -6.97
N MET F 389 16.15 43.54 -7.70
CA MET F 389 16.21 43.53 -9.15
C MET F 389 17.62 43.91 -9.62
N ILE F 390 18.19 44.95 -9.02
CA ILE F 390 19.54 45.39 -9.35
C ILE F 390 20.56 44.30 -9.05
N ALA F 391 20.50 43.78 -7.82
CA ALA F 391 21.37 42.69 -7.38
C ALA F 391 21.36 41.53 -8.35
N ARG F 392 20.17 41.19 -8.85
CA ARG F 392 20.01 40.12 -9.83
C ARG F 392 20.65 40.39 -11.20
N ASP F 393 20.58 41.63 -11.68
CA ASP F 393 21.25 42.02 -12.91
C ASP F 393 22.75 42.04 -12.72
N THR F 394 23.19 42.56 -11.57
CA THR F 394 24.60 42.56 -11.20
C THR F 394 25.14 41.12 -11.19
N LYS F 395 24.44 40.24 -10.49
CA LYS F 395 24.78 38.83 -10.41
C LYS F 395 24.98 38.22 -11.79
N GLU F 396 23.99 38.39 -12.68
CA GLU F 396 24.07 37.80 -14.01
C GLU F 396 25.29 38.30 -14.76
N ILE F 397 25.45 39.61 -14.84
CA ILE F 397 26.55 40.20 -15.58
C ILE F 397 27.89 39.77 -15.00
N VAL F 398 28.03 39.87 -13.68
CA VAL F 398 29.30 39.55 -13.02
C VAL F 398 29.73 38.11 -13.22
N GLU F 399 28.79 37.16 -13.15
CA GLU F 399 29.08 35.77 -13.55
C GLU F 399 29.47 35.76 -15.03
N LYS F 400 30.78 35.90 -15.29
CA LYS F 400 31.34 36.00 -16.65
C LYS F 400 32.80 36.43 -16.61
N MET G 1 -70.62 37.29 38.76
CA MET G 1 -70.86 36.61 37.45
C MET G 1 -70.43 35.15 37.51
N ARG G 2 -71.14 34.27 36.82
CA ARG G 2 -70.85 32.82 36.90
C ARG G 2 -70.43 32.21 35.58
N VAL G 3 -69.15 31.85 35.49
CA VAL G 3 -68.60 31.23 34.30
C VAL G 3 -68.49 29.72 34.46
N LEU G 4 -68.93 29.01 33.43
CA LEU G 4 -68.74 27.60 33.33
C LEU G 4 -67.55 27.37 32.44
N VAL G 5 -66.51 26.75 33.00
CA VAL G 5 -65.26 26.49 32.28
C VAL G 5 -65.18 25.05 31.79
N ILE G 6 -65.01 24.87 30.49
CA ILE G 6 -65.05 23.57 29.87
C ILE G 6 -63.72 23.20 29.20
N ASN G 7 -63.36 21.94 29.29
CA ASN G 7 -62.19 21.43 28.60
C ASN G 7 -62.55 20.09 28.03
N SER G 8 -62.87 20.05 26.74
CA SER G 8 -63.32 18.81 26.11
C SER G 8 -62.23 18.19 25.30
N GLY G 9 -61.76 17.04 25.76
CA GLY G 9 -60.84 16.20 25.00
C GLY G 9 -61.64 15.12 24.29
N SER G 10 -60.95 14.31 23.49
CA SER G 10 -61.60 13.30 22.63
C SER G 10 -62.47 12.29 23.38
N SER G 11 -62.13 12.02 24.63
CA SER G 11 -62.79 10.99 25.39
C SER G 11 -63.63 11.54 26.56
N SER G 12 -63.47 12.82 26.87
CA SER G 12 -64.10 13.39 28.07
C SER G 12 -64.31 14.90 28.03
N ILE G 13 -65.31 15.37 28.78
CA ILE G 13 -65.43 16.80 29.07
C ILE G 13 -65.14 16.98 30.55
N LYS G 14 -64.31 17.96 30.90
CA LYS G 14 -64.18 18.27 32.31
C LYS G 14 -64.47 19.75 32.56
N TYR G 15 -65.25 19.95 33.61
CA TYR G 15 -65.79 21.28 33.89
C TYR G 15 -65.52 21.86 35.27
N GLN G 16 -65.54 23.20 35.31
CA GLN G 16 -65.59 23.90 36.58
C GLN G 16 -66.64 25.00 36.48
N LEU G 17 -67.38 25.24 37.58
CA LEU G 17 -68.33 26.32 37.61
C LEU G 17 -67.77 27.35 38.59
N ILE G 18 -67.20 28.44 38.06
CA ILE G 18 -66.57 29.40 38.97
C ILE G 18 -67.34 30.70 39.19
N GLU G 19 -67.36 31.17 40.43
CA GLU G 19 -67.98 32.45 40.78
C GLU G 19 -66.92 33.53 40.85
N MET G 20 -66.83 34.21 39.73
CA MET G 20 -65.89 35.26 39.48
C MET G 20 -65.74 36.22 40.62
N GLU G 21 -66.82 36.70 41.18
CA GLU G 21 -66.71 37.60 42.30
C GLU G 21 -65.95 36.98 43.45
N GLY G 22 -66.25 35.79 43.84
CA GLY G 22 -65.44 35.26 44.92
C GLY G 22 -64.30 34.47 44.27
N GLU G 23 -64.40 34.33 42.96
CA GLU G 23 -63.48 33.49 42.20
C GLU G 23 -63.45 32.12 42.91
N LYS G 24 -64.63 31.63 43.27
CA LYS G 24 -64.74 30.36 43.94
C LYS G 24 -65.25 29.29 43.03
N VAL G 25 -64.69 28.08 43.16
CA VAL G 25 -65.18 26.94 42.42
C VAL G 25 -66.41 26.40 43.17
N LEU G 26 -67.55 26.58 42.53
CA LEU G 26 -68.81 26.14 43.11
C LEU G 26 -68.88 24.62 43.04
N CYS G 27 -68.38 24.07 41.95
CA CYS G 27 -68.31 22.64 41.75
C CYS G 27 -67.44 22.39 40.55
N LYS G 28 -66.85 21.20 40.49
CA LYS G 28 -66.14 20.75 39.29
C LYS G 28 -66.33 19.25 39.09
N GLY G 29 -65.89 18.76 37.94
CA GLY G 29 -66.02 17.34 37.66
C GLY G 29 -65.53 16.96 36.29
N ILE G 30 -65.86 15.73 35.89
CA ILE G 30 -65.49 15.19 34.59
C ILE G 30 -66.52 14.20 34.09
N ALA G 31 -66.89 14.31 32.82
CA ALA G 31 -67.70 13.30 32.16
C ALA G 31 -66.73 12.41 31.39
N GLU G 32 -66.59 11.17 31.84
CA GLU G 32 -65.55 10.27 31.33
C GLU G 32 -66.04 9.22 30.36
N ARG G 33 -65.12 8.72 29.56
CA ARG G 33 -65.36 7.58 28.67
C ARG G 33 -66.51 7.78 27.71
N ILE G 34 -66.60 8.97 27.16
CA ILE G 34 -67.60 9.31 26.16
C ILE G 34 -67.35 8.47 24.92
N GLY G 35 -68.39 7.78 24.46
CA GLY G 35 -68.28 6.92 23.28
C GLY G 35 -67.96 5.47 23.59
N ILE G 36 -67.18 5.28 24.66
CA ILE G 36 -66.83 3.94 25.14
C ILE G 36 -67.86 3.43 26.15
N GLU G 37 -67.75 2.15 26.47
CA GLU G 37 -68.66 1.53 27.43
C GLU G 37 -68.40 1.97 28.87
N GLY G 38 -69.48 2.00 29.67
CA GLY G 38 -69.42 2.46 31.06
C GLY G 38 -68.94 3.91 31.17
N SER G 39 -69.43 4.78 30.30
CA SER G 39 -69.21 6.20 30.43
C SER G 39 -69.89 6.65 31.70
N ARG G 40 -69.36 7.69 32.31
CA ARG G 40 -69.88 8.20 33.56
C ARG G 40 -69.48 9.63 33.86
N LEU G 41 -70.17 10.24 34.82
CA LEU G 41 -69.85 11.58 35.28
C LEU G 41 -69.42 11.50 36.74
N VAL G 42 -68.22 12.02 37.00
CA VAL G 42 -67.72 12.21 38.35
C VAL G 42 -67.86 13.68 38.74
N HIS G 43 -68.68 13.94 39.75
CA HIS G 43 -69.07 15.31 40.08
C HIS G 43 -68.69 15.63 41.51
N ARG G 44 -67.89 16.68 41.67
CA ARG G 44 -67.45 17.12 43.01
C ARG G 44 -68.08 18.45 43.43
N VAL G 45 -68.74 18.43 44.60
CA VAL G 45 -69.31 19.62 45.23
C VAL G 45 -68.70 19.71 46.61
N GLY G 46 -67.53 20.34 46.69
CA GLY G 46 -66.80 20.39 47.95
C GLY G 46 -66.26 19.02 48.29
N ASP G 47 -66.63 18.51 49.46
CA ASP G 47 -66.14 17.22 49.99
C ASP G 47 -66.70 16.01 49.26
N GLU G 48 -67.90 16.16 48.75
CA GLU G 48 -68.65 15.05 48.19
C GLU G 48 -68.20 14.76 46.75
N LYS G 49 -68.12 13.47 46.43
CA LYS G 49 -67.83 13.01 45.08
C LYS G 49 -68.96 12.09 44.63
N HIS G 50 -69.73 12.53 43.64
CA HIS G 50 -70.83 11.73 43.16
C HIS G 50 -70.50 11.11 41.80
N VAL G 51 -70.78 9.82 41.67
CA VAL G 51 -70.61 9.06 40.43
C VAL G 51 -71.98 8.74 39.80
N ILE G 52 -72.19 9.23 38.58
CA ILE G 52 -73.39 8.86 37.83
C ILE G 52 -73.02 7.97 36.63
N GLU G 53 -73.57 6.76 36.61
CA GLU G 53 -73.42 5.83 35.50
C GLU G 53 -74.48 6.14 34.44
N ARG G 54 -74.04 6.23 33.18
CA ARG G 54 -74.95 6.41 32.05
C ARG G 54 -74.22 6.34 30.70
N GLU G 55 -74.92 5.86 29.68
CA GLU G 55 -74.44 5.91 28.31
C GLU G 55 -74.31 7.35 27.86
N LEU G 56 -73.12 7.72 27.42
CA LEU G 56 -72.88 9.01 26.81
C LEU G 56 -72.24 8.77 25.45
N PRO G 57 -73.06 8.72 24.38
CA PRO G 57 -72.51 8.37 23.08
C PRO G 57 -71.62 9.47 22.48
N ASP G 58 -71.89 10.73 22.80
CA ASP G 58 -71.09 11.88 22.34
C ASP G 58 -71.02 13.00 23.37
N HIS G 59 -70.34 14.07 23.00
CA HIS G 59 -70.12 15.21 23.90
C HIS G 59 -71.37 15.98 24.22
N GLU G 60 -72.31 16.08 23.28
CA GLU G 60 -73.57 16.76 23.54
C GLU G 60 -74.31 16.05 24.66
N GLU G 61 -74.59 14.76 24.49
CA GLU G 61 -75.37 14.02 25.49
C GLU G 61 -74.66 14.03 26.84
N ALA G 62 -73.32 14.16 26.78
CA ALA G 62 -72.47 14.28 27.96
C ALA G 62 -72.60 15.63 28.64
N LEU G 63 -72.54 16.71 27.85
CA LEU G 63 -72.69 18.04 28.41
C LEU G 63 -74.11 18.25 29.00
N LYS G 64 -75.11 17.66 28.33
CA LYS G 64 -76.46 17.63 28.86
C LYS G 64 -76.47 17.09 30.29
N LEU G 65 -75.92 15.89 30.49
CA LEU G 65 -75.83 15.28 31.84
C LEU G 65 -75.14 16.18 32.88
N ILE G 66 -74.10 16.88 32.45
CA ILE G 66 -73.41 17.84 33.30
C ILE G 66 -74.36 18.98 33.68
N LEU G 67 -74.97 19.59 32.67
CA LEU G 67 -75.85 20.70 32.89
C LEU G 67 -77.02 20.30 33.80
N ASN G 68 -77.65 19.16 33.53
CA ASN G 68 -78.75 18.63 34.36
C ASN G 68 -78.39 18.58 35.82
N THR G 69 -77.18 18.06 36.09
CA THR G 69 -76.76 17.84 37.45
C THR G 69 -76.19 19.10 38.14
N LEU G 70 -75.85 20.12 37.35
CA LEU G 70 -75.56 21.43 37.94
C LEU G 70 -76.81 22.02 38.62
N VAL G 71 -77.98 21.56 38.19
CA VAL G 71 -79.28 22.09 38.58
C VAL G 71 -80.05 21.13 39.49
N ASP G 72 -79.86 19.83 39.29
CA ASP G 72 -80.48 18.83 40.16
C ASP G 72 -80.29 19.26 41.61
N GLU G 73 -81.39 19.42 42.35
CA GLU G 73 -81.28 20.03 43.66
C GLU G 73 -80.87 19.09 44.77
N LYS G 74 -80.25 17.96 44.41
CA LYS G 74 -79.58 17.14 45.41
C LYS G 74 -78.07 17.25 45.29
N LEU G 75 -77.58 17.15 44.06
CA LEU G 75 -76.16 17.23 43.74
C LEU G 75 -75.83 18.56 43.07
N GLY G 76 -76.78 19.48 43.03
CA GLY G 76 -76.65 20.72 42.24
C GLY G 76 -76.00 21.88 42.97
N VAL G 77 -75.90 23.00 42.28
CA VAL G 77 -75.18 24.15 42.77
C VAL G 77 -75.81 25.50 42.35
N ILE G 78 -76.75 25.44 41.41
CA ILE G 78 -77.46 26.62 40.91
C ILE G 78 -78.95 26.31 40.68
N LYS G 79 -79.83 27.25 41.00
CA LYS G 79 -81.29 27.06 40.84
C LYS G 79 -81.74 26.79 39.37
N ASP G 80 -81.31 27.69 38.48
CA ASP G 80 -81.69 27.70 37.07
C ASP G 80 -80.48 27.28 36.24
N LEU G 81 -80.69 27.12 34.94
CA LEU G 81 -79.57 27.13 34.02
C LEU G 81 -79.27 28.57 33.60
N LYS G 82 -80.22 29.48 33.85
CA LYS G 82 -80.07 30.90 33.54
C LYS G 82 -78.93 31.48 34.39
N GLU G 83 -78.55 30.74 35.43
CA GLU G 83 -77.54 31.16 36.41
C GLU G 83 -76.16 31.25 35.80
N ILE G 84 -75.90 30.36 34.85
CA ILE G 84 -74.66 30.36 34.05
C ILE G 84 -74.60 31.60 33.15
N ASP G 85 -73.75 32.55 33.51
CA ASP G 85 -73.69 33.84 32.82
C ASP G 85 -72.86 33.77 31.52
N ALA G 86 -71.90 32.85 31.46
CA ALA G 86 -71.05 32.68 30.27
C ALA G 86 -70.35 31.32 30.31
N VAL G 87 -69.82 30.88 29.17
CA VAL G 87 -69.08 29.59 29.08
C VAL G 87 -67.71 29.75 28.43
N GLY G 88 -66.67 29.29 29.11
CA GLY G 88 -65.31 29.46 28.60
C GLY G 88 -64.71 28.14 28.20
N HIS G 89 -64.25 28.05 26.96
CA HIS G 89 -63.71 26.82 26.39
C HIS G 89 -62.19 26.83 26.19
N ARG G 90 -61.54 25.72 26.53
CA ARG G 90 -60.15 25.51 26.17
C ARG G 90 -60.06 24.91 24.80
N VAL G 91 -59.45 25.66 23.88
CA VAL G 91 -59.19 25.18 22.53
C VAL G 91 -57.69 25.06 22.34
N VAL G 92 -57.22 23.83 22.10
CA VAL G 92 -55.78 23.57 22.03
C VAL G 92 -55.05 24.46 21.01
N HIS G 93 -55.45 24.43 19.75
CA HIS G 93 -54.69 25.09 18.71
C HIS G 93 -55.42 26.26 18.09
N GLY G 94 -54.78 27.42 18.15
CA GLY G 94 -55.34 28.64 17.56
C GLY G 94 -54.66 29.05 16.27
N GLY G 95 -53.52 28.46 15.99
CA GLY G 95 -52.76 28.78 14.79
C GLY G 95 -52.27 30.20 14.88
N GLU G 96 -51.99 30.80 13.71
CA GLU G 96 -51.53 32.19 13.62
C GLU G 96 -52.67 33.22 13.72
N ARG G 97 -53.90 32.80 13.44
CA ARG G 97 -55.05 33.72 13.49
C ARG G 97 -55.26 34.27 14.86
N PHE G 98 -55.46 33.38 15.82
CA PHE G 98 -55.94 33.79 17.13
C PHE G 98 -54.82 34.21 18.07
N LYS G 99 -54.70 35.51 18.29
CA LYS G 99 -53.66 36.07 19.18
C LYS G 99 -54.07 36.10 20.66
N GLU G 100 -55.37 36.14 20.91
CA GLU G 100 -55.89 36.20 22.27
C GLU G 100 -57.30 35.59 22.29
N SER G 101 -57.85 35.33 23.47
CA SER G 101 -59.20 34.77 23.58
C SER G 101 -60.27 35.57 22.82
N VAL G 102 -61.29 34.89 22.31
CA VAL G 102 -62.32 35.52 21.48
C VAL G 102 -63.72 35.06 21.86
N LEU G 103 -64.70 35.96 21.74
CA LEU G 103 -66.11 35.59 21.82
C LEU G 103 -66.48 34.79 20.57
N VAL G 104 -67.07 33.62 20.75
CA VAL G 104 -67.38 32.72 19.63
C VAL G 104 -68.66 33.10 18.90
N ASP G 105 -68.55 33.38 17.61
CA ASP G 105 -69.70 33.50 16.71
C ASP G 105 -69.48 32.55 15.54
N GLU G 106 -70.31 32.59 14.52
CA GLU G 106 -70.14 31.67 13.38
C GLU G 106 -68.77 31.79 12.73
N GLU G 107 -68.36 33.06 12.53
CA GLU G 107 -67.06 33.42 11.96
C GLU G 107 -65.92 32.72 12.69
N VAL G 108 -65.88 32.90 14.01
CA VAL G 108 -64.85 32.33 14.85
C VAL G 108 -64.90 30.81 14.78
N LEU G 109 -66.11 30.26 14.82
CA LEU G 109 -66.32 28.81 14.79
C LEU G 109 -65.77 28.16 13.51
N LYS G 110 -66.04 28.80 12.38
CA LYS G 110 -65.52 28.39 11.07
C LYS G 110 -63.98 28.52 11.05
N ALA G 111 -63.49 29.60 11.65
CA ALA G 111 -62.07 29.90 11.66
C ALA G 111 -61.30 28.93 12.53
N ILE G 112 -62.00 28.32 13.48
CA ILE G 112 -61.37 27.33 14.34
C ILE G 112 -61.22 26.03 13.59
N GLU G 113 -62.28 25.63 12.87
CA GLU G 113 -62.26 24.41 12.07
C GLU G 113 -61.12 24.46 11.06
N GLU G 114 -60.91 25.63 10.47
CA GLU G 114 -59.85 25.85 9.49
C GLU G 114 -58.47 25.60 10.07
N VAL G 115 -58.31 25.82 11.36
CA VAL G 115 -57.06 25.62 12.05
C VAL G 115 -56.94 24.18 12.55
N SER G 116 -58.08 23.50 12.71
CA SER G 116 -58.15 22.13 13.28
C SER G 116 -57.15 21.09 12.75
N PRO G 117 -56.83 21.11 11.42
CA PRO G 117 -55.82 20.17 10.91
C PRO G 117 -54.41 20.33 11.49
N LEU G 118 -54.14 21.42 12.20
CA LEU G 118 -52.86 21.60 12.89
C LEU G 118 -52.83 20.96 14.30
N ALA G 119 -53.96 20.38 14.75
CA ALA G 119 -54.00 19.60 16.01
C ALA G 119 -55.16 18.62 15.95
N PRO G 120 -55.12 17.72 14.96
CA PRO G 120 -56.27 16.88 14.61
C PRO G 120 -56.78 16.05 15.78
N LEU G 121 -55.93 15.84 16.77
CA LEU G 121 -56.33 14.99 17.87
C LEU G 121 -57.03 15.79 19.00
N HIS G 122 -57.01 17.11 18.89
CA HIS G 122 -57.56 17.96 19.96
C HIS G 122 -58.65 18.94 19.53
N ASN G 123 -58.37 19.75 18.53
CA ASN G 123 -59.34 20.75 18.13
C ASN G 123 -60.75 20.19 17.92
N PRO G 124 -60.90 19.11 17.13
CA PRO G 124 -62.24 18.56 16.87
C PRO G 124 -63.10 18.41 18.11
N ALA G 125 -62.54 17.78 19.14
CA ALA G 125 -63.25 17.62 20.39
C ALA G 125 -63.46 18.92 21.16
N ASN G 126 -62.67 19.95 20.89
CA ASN G 126 -62.93 21.27 21.48
C ASN G 126 -64.20 21.89 20.91
N LEU G 127 -64.25 21.92 19.57
CA LEU G 127 -65.38 22.41 18.83
C LEU G 127 -66.64 21.68 19.23
N MET G 128 -66.53 20.37 19.36
CA MET G 128 -67.64 19.55 19.84
C MET G 128 -68.22 20.11 21.12
N GLY G 129 -67.34 20.56 22.01
CA GLY G 129 -67.72 21.16 23.28
C GLY G 129 -68.37 22.50 23.10
N ILE G 130 -67.80 23.32 22.21
CA ILE G 130 -68.38 24.61 21.90
C ILE G 130 -69.78 24.47 21.31
N LYS G 131 -69.90 23.69 20.24
CA LYS G 131 -71.15 23.54 19.54
C LYS G 131 -72.27 22.98 20.42
N ALA G 132 -71.92 22.03 21.28
CA ALA G 132 -72.83 21.48 22.27
C ALA G 132 -73.23 22.51 23.31
N ALA G 133 -72.31 23.38 23.71
CA ALA G 133 -72.63 24.42 24.69
C ALA G 133 -73.53 25.49 24.11
N MET G 134 -73.28 25.88 22.87
CA MET G 134 -74.14 26.87 22.23
C MET G 134 -75.55 26.35 22.01
N LYS G 135 -75.66 25.05 21.72
CA LYS G 135 -76.93 24.40 21.48
C LYS G 135 -77.77 24.33 22.75
N LEU G 136 -77.17 23.81 23.82
CA LEU G 136 -77.89 23.56 25.06
C LEU G 136 -78.04 24.80 25.93
N LEU G 137 -77.23 25.82 25.66
CA LEU G 137 -77.40 27.09 26.34
C LEU G 137 -77.53 28.25 25.33
N PRO G 138 -78.65 28.28 24.56
CA PRO G 138 -78.83 29.32 23.56
C PRO G 138 -78.75 30.70 24.19
N GLY G 139 -78.00 31.60 23.55
CA GLY G 139 -77.99 32.99 23.98
C GLY G 139 -76.87 33.28 24.94
N VAL G 140 -76.43 32.25 25.66
CA VAL G 140 -75.29 32.38 26.56
C VAL G 140 -74.03 32.50 25.71
N PRO G 141 -73.23 33.57 25.91
CA PRO G 141 -71.99 33.74 25.18
C PRO G 141 -70.96 32.65 25.49
N ASN G 142 -70.24 32.20 24.46
CA ASN G 142 -69.10 31.31 24.64
C ASN G 142 -67.78 31.99 24.26
N VAL G 143 -66.76 31.78 25.09
CA VAL G 143 -65.44 32.34 24.83
C VAL G 143 -64.45 31.21 24.63
N ALA G 144 -63.65 31.32 23.58
CA ALA G 144 -62.57 30.36 23.32
C ALA G 144 -61.23 30.93 23.80
N VAL G 145 -60.51 30.15 24.59
CA VAL G 145 -59.19 30.56 25.04
C VAL G 145 -58.15 29.56 24.48
N PHE G 146 -57.18 30.09 23.73
CA PHE G 146 -56.26 29.23 22.95
C PHE G 146 -54.91 28.87 23.58
N ASP G 147 -54.67 27.58 23.74
CA ASP G 147 -53.38 27.09 24.20
C ASP G 147 -52.16 27.70 23.49
N THR G 148 -52.31 28.12 22.23
CA THR G 148 -51.18 28.58 21.42
C THR G 148 -51.05 30.08 21.39
N ALA G 149 -52.08 30.76 21.89
CA ALA G 149 -52.19 32.22 21.73
C ALA G 149 -51.12 33.03 22.46
N PHE G 150 -50.83 32.67 23.70
CA PHE G 150 -49.83 33.39 24.45
C PHE G 150 -48.50 33.48 23.70
N HIS G 151 -48.23 32.44 22.91
CA HIS G 151 -46.97 32.25 22.22
C HIS G 151 -46.92 32.98 20.88
N GLN G 152 -48.03 33.57 20.47
CA GLN G 152 -48.04 34.25 19.17
C GLN G 152 -47.14 35.50 19.08
N THR G 153 -46.55 35.90 20.19
CA THR G 153 -45.66 37.06 20.21
C THR G 153 -44.23 36.69 19.91
N ILE G 154 -43.97 35.39 19.82
CA ILE G 154 -42.65 34.84 19.47
C ILE G 154 -42.21 35.36 18.10
N PRO G 155 -41.01 35.96 18.04
CA PRO G 155 -40.45 36.54 16.81
C PRO G 155 -40.10 35.49 15.77
N GLN G 156 -39.80 35.93 14.55
CA GLN G 156 -39.51 35.03 13.44
C GLN G 156 -38.29 34.20 13.73
N LYS G 157 -37.24 34.84 14.23
CA LYS G 157 -35.98 34.16 14.51
C LYS G 157 -36.16 32.88 15.36
N ALA G 158 -37.31 32.78 16.02
CA ALA G 158 -37.53 31.77 17.02
C ALA G 158 -38.56 30.74 16.63
N TYR G 159 -39.42 31.06 15.66
CA TYR G 159 -40.49 30.12 15.27
C TYR G 159 -40.29 29.39 13.93
N LEU G 160 -39.31 29.83 13.14
CA LEU G 160 -39.03 29.18 11.88
C LEU G 160 -37.99 28.07 12.03
N TYR G 161 -38.30 26.88 11.55
CA TYR G 161 -37.32 25.82 11.63
C TYR G 161 -36.34 25.93 10.49
N ALA G 162 -35.17 25.33 10.64
CA ALA G 162 -34.16 25.42 9.60
C ALA G 162 -34.40 24.41 8.49
N ILE G 163 -35.62 24.44 7.95
CA ILE G 163 -36.06 23.54 6.89
C ILE G 163 -36.53 24.38 5.71
N PRO G 164 -36.71 23.77 4.52
CA PRO G 164 -37.15 24.56 3.40
C PRO G 164 -38.30 25.47 3.79
N TYR G 165 -38.23 26.74 3.41
CA TYR G 165 -39.22 27.73 3.82
C TYR G 165 -40.58 27.44 3.17
N GLU G 166 -40.53 26.83 1.98
CA GLU G 166 -41.71 26.29 1.32
C GLU G 166 -42.65 25.58 2.30
N TYR G 167 -42.08 24.85 3.27
CA TYR G 167 -42.87 24.08 4.22
C TYR G 167 -43.68 24.98 5.15
N TYR G 168 -43.19 26.18 5.39
CA TYR G 168 -43.98 27.16 6.16
C TYR G 168 -45.01 27.83 5.25
N GLU G 169 -44.58 28.23 4.06
CA GLU G 169 -45.48 28.86 3.09
C GLU G 169 -46.68 27.94 2.84
N LYS G 170 -46.42 26.67 2.55
CA LYS G 170 -47.44 25.73 2.12
C LYS G 170 -48.28 25.14 3.28
N TYR G 171 -47.61 24.70 4.37
CA TYR G 171 -48.32 24.01 5.48
C TYR G 171 -48.38 24.80 6.80
N LYS G 172 -47.79 25.99 6.84
CA LYS G 172 -47.66 26.77 8.08
C LYS G 172 -46.93 26.00 9.16
N ILE G 173 -45.80 25.38 8.80
CA ILE G 173 -45.02 24.62 9.77
C ILE G 173 -44.08 25.58 10.47
N ARG G 174 -44.38 25.86 11.74
CA ARG G 174 -43.58 26.76 12.53
C ARG G 174 -43.70 26.31 13.97
N ARG G 175 -43.01 26.97 14.88
CA ARG G 175 -43.18 26.68 16.31
C ARG G 175 -44.44 27.36 16.75
N TYR G 176 -45.39 26.64 17.34
CA TYR G 176 -46.58 27.29 17.88
C TYR G 176 -46.51 27.37 19.38
N GLY G 177 -46.08 26.28 20.02
CA GLY G 177 -45.98 26.20 21.46
C GLY G 177 -47.31 25.81 22.06
N PHE G 178 -47.29 25.28 23.29
CA PHE G 178 -48.51 24.90 23.97
C PHE G 178 -48.37 25.19 25.45
N HIS G 179 -49.39 24.86 26.23
CA HIS G 179 -49.48 25.31 27.63
C HIS G 179 -49.51 26.83 27.72
N GLY G 180 -49.98 27.46 26.65
CA GLY G 180 -49.99 28.90 26.55
C GLY G 180 -50.68 29.54 27.71
N THR G 181 -51.91 29.13 27.99
CA THR G 181 -52.68 29.85 28.97
C THR G 181 -52.17 29.55 30.40
N SER G 182 -51.31 28.54 30.54
CA SER G 182 -50.68 28.24 31.84
C SER G 182 -49.44 29.09 32.05
N HIS G 183 -48.59 29.16 31.03
CA HIS G 183 -47.42 30.03 31.05
C HIS G 183 -47.83 31.47 31.25
N ARG G 184 -48.90 31.85 30.59
CA ARG G 184 -49.50 33.18 30.77
C ARG G 184 -49.98 33.40 32.20
N TYR G 185 -50.70 32.43 32.76
CA TYR G 185 -51.24 32.56 34.12
C TYR G 185 -50.16 32.71 35.18
N VAL G 186 -49.15 31.85 35.14
CA VAL G 186 -48.14 31.82 36.21
C VAL G 186 -47.14 32.97 36.11
N SER G 187 -46.77 33.36 34.88
CA SER G 187 -45.86 34.49 34.67
C SER G 187 -46.46 35.76 35.25
N LYS G 188 -47.76 35.96 34.99
CA LYS G 188 -48.51 37.10 35.51
C LYS G 188 -48.62 37.02 37.03
N ARG G 189 -48.96 35.84 37.55
CA ARG G 189 -49.15 35.64 38.98
C ARG G 189 -47.86 35.86 39.74
N ALA G 190 -46.75 35.43 39.14
CA ALA G 190 -45.42 35.59 39.71
C ALA G 190 -45.06 37.06 39.87
N ALA G 191 -45.28 37.84 38.81
CA ALA G 191 -45.06 39.27 38.84
C ALA G 191 -45.85 39.96 39.97
N GLU G 192 -47.09 39.56 40.16
CA GLU G 192 -47.90 40.08 41.26
C GLU G 192 -47.27 39.77 42.62
N ILE G 193 -46.79 38.54 42.79
CA ILE G 193 -46.16 38.10 44.05
C ILE G 193 -44.89 38.91 44.35
N LEU G 194 -44.18 39.29 43.31
CA LEU G 194 -42.93 40.04 43.46
C LEU G 194 -43.19 41.52 43.63
N GLY G 195 -44.44 41.93 43.50
CA GLY G 195 -44.82 43.35 43.63
C GLY G 195 -44.22 44.21 42.54
N LYS G 196 -44.13 43.66 41.34
CA LYS G 196 -43.53 44.35 40.21
C LYS G 196 -44.35 44.20 38.93
N LYS G 197 -44.32 45.22 38.09
CA LYS G 197 -45.00 45.18 36.80
C LYS G 197 -44.40 44.11 35.91
N LEU G 198 -45.27 43.41 35.19
CA LEU G 198 -44.85 42.31 34.32
C LEU G 198 -43.95 42.81 33.18
N GLU G 199 -44.15 44.06 32.75
CA GLU G 199 -43.43 44.63 31.60
C GLU G 199 -41.98 45.01 31.91
N GLU G 200 -41.55 44.78 33.15
CA GLU G 200 -40.16 45.04 33.50
C GLU G 200 -39.53 43.84 34.18
N LEU G 201 -40.02 42.65 33.82
CA LEU G 201 -39.46 41.41 34.29
C LEU G 201 -39.17 40.44 33.15
N LYS G 202 -38.04 39.76 33.26
CA LYS G 202 -37.71 38.65 32.39
C LYS G 202 -37.98 37.35 33.15
N ILE G 203 -39.06 36.67 32.81
CA ILE G 203 -39.46 35.45 33.53
C ILE G 203 -39.35 34.21 32.65
N ILE G 204 -38.75 33.16 33.21
CA ILE G 204 -38.74 31.84 32.61
C ILE G 204 -39.73 30.96 33.37
N THR G 205 -40.76 30.48 32.67
CA THR G 205 -41.78 29.66 33.32
C THR G 205 -41.67 28.20 32.91
N CYS G 206 -41.68 27.33 33.91
CA CYS G 206 -41.54 25.89 33.69
C CYS G 206 -42.82 25.13 34.05
N HIS G 207 -43.64 24.85 33.03
CA HIS G 207 -44.82 24.03 33.20
C HIS G 207 -44.37 22.61 33.05
N ILE G 208 -44.19 21.96 34.19
CA ILE G 208 -43.58 20.64 34.23
C ILE G 208 -44.57 19.64 34.83
N GLY G 209 -45.28 18.96 33.94
CA GLY G 209 -46.26 17.93 34.30
C GLY G 209 -46.14 16.76 33.34
N ASN G 210 -47.27 16.08 33.14
CA ASN G 210 -47.31 14.93 32.24
C ASN G 210 -46.92 15.30 30.79
N GLY G 211 -47.32 16.51 30.40
CA GLY G 211 -46.66 17.24 29.31
C GLY G 211 -45.82 18.32 29.99
N ALA G 212 -44.72 18.75 29.35
CA ALA G 212 -43.90 19.80 29.95
C ALA G 212 -43.33 20.72 28.90
N SER G 213 -43.40 22.02 29.18
CA SER G 213 -42.75 22.98 28.30
C SER G 213 -42.25 24.15 29.12
N VAL G 214 -41.26 24.84 28.57
CA VAL G 214 -40.74 26.03 29.20
C VAL G 214 -41.11 27.22 28.30
N ALA G 215 -41.42 28.35 28.93
CA ALA G 215 -41.60 29.58 28.17
C ALA G 215 -40.66 30.67 28.64
N ALA G 216 -40.16 31.46 27.69
CA ALA G 216 -39.34 32.64 27.96
C ALA G 216 -40.26 33.84 27.83
N VAL G 217 -40.57 34.49 28.95
CA VAL G 217 -41.56 35.57 28.97
C VAL G 217 -40.89 36.93 29.24
N LYS G 218 -40.48 37.58 28.15
CA LYS G 218 -39.69 38.82 28.21
C LYS G 218 -40.56 40.05 28.20
N TYR G 219 -40.62 40.71 29.36
CA TYR G 219 -41.39 41.95 29.56
C TYR G 219 -42.88 41.76 29.29
N GLY G 220 -43.40 40.60 29.68
CA GLY G 220 -44.81 40.29 29.47
C GLY G 220 -45.16 39.57 28.18
N LYS G 221 -44.24 39.52 27.23
CA LYS G 221 -44.48 38.83 25.96
C LYS G 221 -43.63 37.58 25.85
N CYS G 222 -44.20 36.50 25.31
CA CYS G 222 -43.45 35.27 25.16
C CYS G 222 -42.52 35.40 23.97
N VAL G 223 -41.25 35.05 24.16
CA VAL G 223 -40.22 35.16 23.11
C VAL G 223 -39.73 33.80 22.62
N ASP G 224 -39.95 32.75 23.41
CA ASP G 224 -39.62 31.39 23.01
C ASP G 224 -40.35 30.40 23.89
N THR G 225 -40.63 29.21 23.36
CA THR G 225 -41.18 28.12 24.16
C THR G 225 -40.63 26.76 23.67
N SER G 226 -40.55 25.79 24.60
CA SER G 226 -39.96 24.47 24.36
C SER G 226 -40.69 23.63 23.31
N MET G 227 -42.02 23.57 23.40
CA MET G 227 -42.82 22.76 22.47
C MET G 227 -42.83 23.42 21.10
N GLY G 228 -43.17 22.67 20.07
CA GLY G 228 -42.93 23.17 18.72
C GLY G 228 -44.19 23.28 17.92
N PHE G 229 -44.13 22.83 16.67
CA PHE G 229 -45.29 22.59 15.81
C PHE G 229 -46.29 21.69 16.51
N THR G 230 -45.80 20.80 17.36
CA THR G 230 -46.60 19.86 18.12
C THR G 230 -46.06 19.83 19.54
N PRO G 231 -46.73 19.09 20.45
CA PRO G 231 -46.23 18.91 21.82
C PRO G 231 -45.06 17.93 22.00
N LEU G 232 -44.42 17.47 20.92
CA LEU G 232 -43.30 16.54 21.07
C LEU G 232 -42.00 17.19 21.43
N GLU G 233 -41.79 18.44 20.99
CA GLU G 233 -40.51 19.12 21.15
C GLU G 233 -40.20 19.51 22.58
N GLY G 234 -38.90 19.53 22.90
CA GLY G 234 -38.45 20.07 24.17
C GLY G 234 -38.24 19.10 25.30
N LEU G 235 -38.75 19.43 26.48
CA LEU G 235 -38.46 18.69 27.71
C LEU G 235 -38.86 17.23 27.66
N VAL G 236 -38.25 16.43 28.53
CA VAL G 236 -38.65 15.03 28.70
C VAL G 236 -40.03 15.10 29.30
N MET G 237 -40.95 14.36 28.70
CA MET G 237 -42.32 14.24 29.21
C MET G 237 -42.68 12.81 29.63
N GLY G 238 -43.92 12.62 30.07
CA GLY G 238 -44.36 11.34 30.61
C GLY G 238 -44.15 10.19 29.65
N THR G 239 -44.63 10.37 28.43
CA THR G 239 -44.54 9.33 27.41
C THR G 239 -43.99 9.83 26.09
N ARG G 240 -43.74 11.15 26.04
CA ARG G 240 -43.19 11.79 24.85
C ARG G 240 -41.69 12.01 24.95
N SER G 241 -41.01 11.88 23.82
CA SER G 241 -39.58 11.80 23.76
C SER G 241 -38.87 13.14 23.97
N GLY G 242 -39.61 14.24 23.82
CA GLY G 242 -38.99 15.55 23.85
C GLY G 242 -38.04 15.69 22.66
N ASP G 243 -37.12 16.65 22.72
CA ASP G 243 -36.05 16.79 21.71
C ASP G 243 -35.30 15.50 21.42
N LEU G 244 -35.14 15.17 20.13
CA LEU G 244 -34.09 14.22 19.73
C LEU G 244 -33.51 14.43 18.34
N ASP G 245 -32.32 13.88 18.13
CA ASP G 245 -31.64 13.84 16.84
C ASP G 245 -32.64 13.49 15.73
N PRO G 246 -32.93 14.45 14.86
CA PRO G 246 -33.81 14.27 13.72
C PRO G 246 -33.59 12.93 13.03
N ALA G 247 -32.36 12.44 13.00
CA ALA G 247 -32.03 11.24 12.23
C ALA G 247 -32.49 9.95 12.91
N ILE G 248 -32.57 9.95 14.23
CA ILE G 248 -32.85 8.73 14.98
C ILE G 248 -34.07 7.97 14.45
N PRO G 249 -35.24 8.64 14.33
CA PRO G 249 -36.45 7.94 13.87
C PRO G 249 -36.27 7.18 12.55
N PHE G 250 -35.56 7.80 11.61
CA PHE G 250 -35.30 7.20 10.30
C PHE G 250 -34.45 5.95 10.42
N PHE G 251 -33.48 5.98 11.32
CA PHE G 251 -32.61 4.84 11.58
C PHE G 251 -33.43 3.71 12.16
N ILE G 252 -34.24 4.05 13.15
CA ILE G 252 -35.00 3.04 13.87
C ILE G 252 -36.04 2.36 12.98
N MET G 253 -36.72 3.17 12.16
CA MET G 253 -37.70 2.65 11.21
C MET G 253 -37.06 1.68 10.26
N GLU G 254 -35.92 2.07 9.71
CA GLU G 254 -35.26 1.26 8.71
C GLU G 254 -34.67 -0.01 9.30
N LYS G 255 -34.04 0.06 10.48
CA LYS G 255 -33.43 -1.12 11.09
C LYS G 255 -34.47 -2.09 11.60
N GLU G 256 -35.69 -1.62 11.81
CA GLU G 256 -36.73 -2.47 12.42
C GLU G 256 -37.97 -2.77 11.61
N GLY G 257 -38.10 -2.19 10.41
CA GLY G 257 -39.25 -2.44 9.54
C GLY G 257 -40.54 -1.95 10.16
N ILE G 258 -40.63 -0.63 10.29
CA ILE G 258 -41.66 0.06 11.05
C ILE G 258 -42.13 1.27 10.23
N SER G 259 -43.45 1.39 10.02
CA SER G 259 -44.02 2.50 9.26
C SER G 259 -43.90 3.78 10.05
N PRO G 260 -44.02 4.96 9.38
CA PRO G 260 -43.83 6.21 10.10
C PRO G 260 -44.85 6.35 11.22
N GLN G 261 -46.04 5.81 11.01
CA GLN G 261 -47.06 5.76 12.05
C GLN G 261 -46.55 5.01 13.29
N GLU G 262 -46.15 3.75 13.10
CA GLU G 262 -45.63 2.94 14.17
C GLU G 262 -44.50 3.68 14.94
N MET G 263 -43.64 4.41 14.21
CA MET G 263 -42.52 5.12 14.81
C MET G 263 -42.97 6.37 15.56
N TYR G 264 -43.88 7.13 14.96
CA TYR G 264 -44.45 8.31 15.59
C TYR G 264 -45.14 7.95 16.91
N ASP G 265 -45.91 6.87 16.88
CA ASP G 265 -46.53 6.35 18.08
C ASP G 265 -45.49 6.05 19.15
N ILE G 266 -44.41 5.37 18.79
CA ILE G 266 -43.38 4.97 19.75
C ILE G 266 -42.83 6.21 20.44
N LEU G 267 -42.59 7.25 19.63
CA LEU G 267 -42.04 8.54 20.12
C LEU G 267 -43.03 9.29 21.03
N ASN G 268 -44.29 8.92 20.92
CA ASN G 268 -45.38 9.66 21.51
C ASN G 268 -46.08 8.99 22.71
N LYS G 269 -46.11 7.67 22.69
CA LYS G 269 -46.79 6.88 23.69
C LYS G 269 -45.86 6.05 24.57
N LYS G 270 -44.74 5.59 24.04
CA LYS G 270 -43.85 4.67 24.74
C LYS G 270 -42.52 5.31 25.14
N SER G 271 -42.34 6.61 24.85
CA SER G 271 -41.07 7.25 25.09
C SER G 271 -41.04 8.06 26.40
N GLY G 272 -40.21 9.10 26.43
CA GLY G 272 -40.05 9.90 27.64
C GLY G 272 -39.72 9.11 28.88
N VAL G 273 -40.35 9.52 29.97
CA VAL G 273 -40.13 8.89 31.25
C VAL G 273 -40.38 7.37 31.19
N TYR G 274 -41.51 6.99 30.62
CA TYR G 274 -41.83 5.60 30.41
C TYR G 274 -40.69 4.87 29.66
N GLY G 275 -40.27 5.46 28.54
CA GLY G 275 -39.23 4.85 27.72
C GLY G 275 -37.95 4.63 28.48
N LEU G 276 -37.51 5.67 29.17
CA LEU G 276 -36.27 5.65 29.94
C LEU G 276 -36.28 4.57 31.00
N SER G 277 -37.44 4.37 31.61
CA SER G 277 -37.54 3.40 32.70
C SER G 277 -37.95 1.99 32.27
N LYS G 278 -37.70 1.67 31.00
CA LYS G 278 -37.93 0.30 30.46
C LYS G 278 -39.38 -0.21 30.66
N GLY G 279 -40.28 0.75 30.88
CA GLY G 279 -41.70 0.46 31.03
C GLY G 279 -42.17 0.39 32.47
N PHE G 280 -41.42 1.04 33.36
CA PHE G 280 -41.71 1.00 34.78
C PHE G 280 -42.92 1.89 35.08
N SER G 281 -42.79 3.17 34.75
CA SER G 281 -43.89 4.11 34.87
C SER G 281 -43.64 5.33 34.03
N SER G 282 -44.70 6.11 33.81
CA SER G 282 -44.59 7.38 33.10
C SER G 282 -44.87 8.53 34.05
N ASP G 283 -45.30 8.17 35.25
CA ASP G 283 -45.55 9.13 36.30
C ASP G 283 -44.25 9.45 37.03
N MET G 284 -43.80 10.71 36.93
CA MET G 284 -42.50 11.13 37.47
C MET G 284 -42.31 10.87 38.94
N ARG G 285 -43.40 10.94 39.72
CA ARG G 285 -43.27 10.65 41.14
C ARG G 285 -43.18 9.17 41.47
N ASP G 286 -43.60 8.31 40.55
CA ASP G 286 -43.36 6.89 40.69
C ASP G 286 -41.87 6.60 40.66
N ILE G 287 -41.14 7.39 39.87
CA ILE G 287 -39.69 7.33 39.78
C ILE G 287 -39.02 7.97 41.00
N GLU G 288 -39.51 9.15 41.39
CA GLU G 288 -38.98 9.85 42.54
C GLU G 288 -39.00 8.91 43.75
N GLU G 289 -40.15 8.29 43.98
CA GLU G 289 -40.31 7.34 45.08
C GLU G 289 -39.28 6.22 45.01
N ALA G 290 -39.14 5.63 43.83
CA ALA G 290 -38.21 4.53 43.64
C ALA G 290 -36.74 4.97 43.77
N ALA G 291 -36.42 6.20 43.33
CA ALA G 291 -35.07 6.74 43.44
C ALA G 291 -34.67 6.97 44.90
N LEU G 292 -35.61 7.47 45.69
CA LEU G 292 -35.40 7.66 47.12
C LEU G 292 -35.28 6.34 47.87
N LYS G 293 -35.79 5.26 47.27
CA LYS G 293 -35.68 3.94 47.86
C LYS G 293 -34.37 3.22 47.52
N GLY G 294 -33.51 3.91 46.77
CA GLY G 294 -32.17 3.41 46.48
C GLY G 294 -32.01 2.77 45.11
N ASP G 295 -33.09 2.70 44.35
CA ASP G 295 -33.02 2.22 42.97
C ASP G 295 -32.11 3.12 42.11
N GLU G 296 -30.96 2.56 41.75
CA GLU G 296 -29.95 3.28 40.99
C GLU G 296 -30.48 3.82 39.67
N TRP G 297 -31.32 3.04 39.00
CA TRP G 297 -31.79 3.37 37.65
C TRP G 297 -32.71 4.59 37.58
N CYS G 298 -33.60 4.71 38.55
CA CYS G 298 -34.48 5.87 38.62
C CYS G 298 -33.74 7.14 38.91
N LYS G 299 -32.75 7.10 39.83
CA LYS G 299 -31.91 8.25 40.09
C LYS G 299 -31.43 8.86 38.77
N LEU G 300 -31.13 7.98 37.81
CA LEU G 300 -30.67 8.42 36.49
C LEU G 300 -31.78 9.05 35.67
N VAL G 301 -32.95 8.42 35.66
CA VAL G 301 -34.10 8.95 34.90
C VAL G 301 -34.41 10.34 35.40
N LEU G 302 -34.47 10.47 36.72
CA LEU G 302 -34.61 11.74 37.40
C LEU G 302 -33.55 12.75 36.94
N GLU G 303 -32.27 12.40 37.04
CA GLU G 303 -31.19 13.30 36.59
C GLU G 303 -31.35 13.75 35.15
N ILE G 304 -31.75 12.82 34.28
CA ILE G 304 -31.93 13.07 32.84
C ILE G 304 -33.01 14.11 32.64
N TYR G 305 -34.14 13.85 33.28
CA TYR G 305 -35.30 14.72 33.29
C TYR G 305 -34.92 16.14 33.71
N ASP G 306 -34.43 16.27 34.94
CA ASP G 306 -34.00 17.53 35.51
C ASP G 306 -32.99 18.24 34.60
N TYR G 307 -31.91 17.53 34.21
CA TYR G 307 -30.84 18.11 33.37
C TYR G 307 -31.39 18.97 32.23
N ARG G 308 -32.31 18.40 31.45
CA ARG G 308 -32.77 19.06 30.25
C ARG G 308 -33.58 20.31 30.57
N ILE G 309 -34.33 20.29 31.67
CA ILE G 309 -35.02 21.49 32.17
C ILE G 309 -34.00 22.58 32.47
N ALA G 310 -32.95 22.22 33.20
CA ALA G 310 -31.93 23.17 33.57
C ALA G 310 -31.29 23.80 32.33
N LYS G 311 -31.08 23.01 31.28
CA LYS G 311 -30.45 23.53 30.07
C LYS G 311 -31.36 24.51 29.34
N TYR G 312 -32.66 24.25 29.40
CA TYR G 312 -33.65 25.15 28.84
C TYR G 312 -33.69 26.47 29.57
N ILE G 313 -33.70 26.45 30.90
CA ILE G 313 -33.61 27.69 31.65
C ILE G 313 -32.38 28.49 31.21
N GLY G 314 -31.23 27.83 31.11
CA GLY G 314 -30.00 28.45 30.63
C GLY G 314 -30.15 29.02 29.23
N ALA G 315 -30.70 28.21 28.33
CA ALA G 315 -30.90 28.63 26.94
C ALA G 315 -31.77 29.88 26.83
N TYR G 316 -32.85 29.91 27.61
CA TYR G 316 -33.85 30.97 27.51
C TYR G 316 -33.37 32.21 28.20
N ALA G 317 -32.61 32.04 29.27
CA ALA G 317 -31.89 33.15 29.90
C ALA G 317 -31.06 33.90 28.87
N ALA G 318 -30.38 33.14 28.01
CA ALA G 318 -29.59 33.71 26.93
C ALA G 318 -30.50 34.41 25.92
N ALA G 319 -31.64 33.78 25.64
CA ALA G 319 -32.59 34.33 24.68
C ALA G 319 -33.08 35.71 25.09
N MET G 320 -33.29 35.92 26.39
CA MET G 320 -33.79 37.19 26.88
C MET G 320 -32.69 38.15 27.29
N ASN G 321 -31.45 37.66 27.25
CA ASN G 321 -30.31 38.39 27.77
C ASN G 321 -30.51 38.73 29.25
N GLY G 322 -31.03 37.76 30.00
CA GLY G 322 -31.20 37.90 31.44
C GLY G 322 -32.35 37.09 31.99
N VAL G 323 -32.27 36.77 33.27
CA VAL G 323 -33.40 36.20 33.99
C VAL G 323 -33.61 37.03 35.24
N ASP G 324 -34.87 37.36 35.52
CA ASP G 324 -35.21 38.05 36.76
C ASP G 324 -35.86 37.06 37.73
N ALA G 325 -36.58 36.09 37.18
CA ALA G 325 -37.29 35.09 37.97
C ALA G 325 -37.56 33.81 37.19
N ILE G 326 -37.61 32.70 37.93
CA ILE G 326 -37.94 31.39 37.39
C ILE G 326 -39.15 30.86 38.11
N VAL G 327 -40.14 30.39 37.37
CA VAL G 327 -41.36 29.84 37.97
C VAL G 327 -41.55 28.33 37.68
N PHE G 328 -41.78 27.55 38.73
CA PHE G 328 -42.12 26.16 38.57
C PHE G 328 -43.61 25.97 38.74
N THR G 329 -44.23 25.15 37.89
CA THR G 329 -45.67 24.91 37.99
C THR G 329 -46.09 23.58 37.37
N ALA G 330 -47.37 23.23 37.48
CA ALA G 330 -47.92 21.96 36.99
C ALA G 330 -47.60 20.78 37.92
N GLY G 331 -48.19 19.63 37.63
CA GLY G 331 -48.03 18.44 38.46
C GLY G 331 -46.71 18.25 39.21
N VAL G 332 -45.59 18.28 38.48
CA VAL G 332 -44.25 18.03 39.04
C VAL G 332 -43.63 19.31 39.61
N GLY G 333 -43.70 20.41 38.84
CA GLY G 333 -43.16 21.70 39.26
C GLY G 333 -43.68 22.14 40.61
N GLU G 334 -44.93 21.78 40.91
CA GLU G 334 -45.61 22.16 42.15
C GLU G 334 -45.32 21.22 43.31
N ASN G 335 -44.90 19.99 43.00
CA ASN G 335 -44.88 18.89 43.99
C ASN G 335 -43.59 18.11 44.17
N SER G 336 -42.54 18.47 43.43
CA SER G 336 -41.23 17.82 43.57
C SER G 336 -40.17 18.82 44.01
N PRO G 337 -39.96 18.93 45.33
CA PRO G 337 -38.92 19.82 45.82
C PRO G 337 -37.55 19.31 45.38
N ILE G 338 -37.44 18.00 45.18
CA ILE G 338 -36.22 17.38 44.70
C ILE G 338 -35.87 17.80 43.28
N THR G 339 -36.86 17.80 42.39
CA THR G 339 -36.67 18.21 41.00
C THR G 339 -36.29 19.68 40.94
N ARG G 340 -36.99 20.49 41.73
CA ARG G 340 -36.71 21.92 41.79
C ARG G 340 -35.29 22.20 42.27
N GLU G 341 -34.84 21.42 43.26
CA GLU G 341 -33.49 21.56 43.80
C GLU G 341 -32.43 21.09 42.82
N ASP G 342 -32.65 19.95 42.18
CA ASP G 342 -31.68 19.40 41.20
C ASP G 342 -31.49 20.39 40.08
N VAL G 343 -32.61 20.88 39.55
CA VAL G 343 -32.59 21.81 38.42
C VAL G 343 -31.80 23.06 38.79
N CYS G 344 -32.00 23.56 40.00
CA CYS G 344 -31.39 24.81 40.39
C CYS G 344 -29.92 24.68 40.73
N SER G 345 -29.44 23.46 40.98
CA SER G 345 -28.03 23.26 41.31
C SER G 345 -27.15 23.66 40.12
N TYR G 346 -27.71 23.55 38.92
CA TYR G 346 -27.03 23.92 37.70
C TYR G 346 -27.00 25.42 37.49
N LEU G 347 -27.69 26.16 38.36
CA LEU G 347 -27.96 27.59 38.13
C LEU G 347 -27.33 28.61 39.10
N GLU G 348 -26.41 28.17 39.95
CA GLU G 348 -25.86 29.11 40.90
C GLU G 348 -24.92 30.10 40.23
N PHE G 349 -24.39 29.73 39.06
CA PHE G 349 -23.57 30.64 38.26
C PHE G 349 -24.37 31.89 37.83
N LEU G 350 -25.70 31.79 37.91
CA LEU G 350 -26.59 32.90 37.60
C LEU G 350 -26.98 33.69 38.83
N GLY G 351 -26.59 33.18 39.99
CA GLY G 351 -26.94 33.79 41.26
C GLY G 351 -28.18 33.21 41.91
N VAL G 352 -28.52 31.97 41.53
CA VAL G 352 -29.69 31.26 42.04
C VAL G 352 -29.33 30.44 43.28
N LYS G 353 -29.97 30.74 44.40
CA LYS G 353 -29.83 29.95 45.61
C LYS G 353 -31.21 29.66 46.16
N LEU G 354 -31.43 28.40 46.50
CA LEU G 354 -32.71 27.98 47.07
C LEU G 354 -32.68 28.01 48.59
N ASP G 355 -33.84 28.20 49.22
CA ASP G 355 -33.95 28.04 50.66
C ASP G 355 -34.54 26.66 50.89
N LYS G 356 -33.68 25.71 51.27
CA LYS G 356 -34.07 24.31 51.50
C LYS G 356 -35.38 24.17 52.29
N GLN G 357 -35.49 24.95 53.35
CA GLN G 357 -36.69 24.96 54.18
C GLN G 357 -37.93 25.31 53.35
N LYS G 358 -37.88 26.47 52.69
CA LYS G 358 -39.00 26.94 51.88
C LYS G 358 -39.32 26.01 50.70
N ASN G 359 -38.29 25.37 50.16
CA ASN G 359 -38.45 24.48 49.02
C ASN G 359 -39.25 23.25 49.40
N GLU G 360 -38.93 22.67 50.54
CA GLU G 360 -39.57 21.46 50.99
C GLU G 360 -41.00 21.69 51.45
N GLU G 361 -41.26 22.91 51.95
CA GLU G 361 -42.56 23.34 52.44
C GLU G 361 -43.63 23.57 51.38
N THR G 362 -43.24 24.25 50.29
CA THR G 362 -44.18 24.60 49.19
C THR G 362 -44.43 23.39 48.26
N ILE G 363 -45.38 22.56 48.68
CA ILE G 363 -45.66 21.23 48.15
C ILE G 363 -47.19 21.18 48.01
N ARG G 364 -47.70 20.23 47.23
CA ARG G 364 -49.13 19.87 47.22
C ARG G 364 -50.11 21.03 47.12
N GLY G 365 -49.78 22.04 46.32
CA GLY G 365 -50.71 23.11 46.06
C GLY G 365 -50.40 24.47 46.65
N LYS G 366 -49.47 24.52 47.59
CA LYS G 366 -49.04 25.79 48.18
C LYS G 366 -48.28 26.62 47.16
N GLU G 367 -48.19 27.91 47.41
CA GLU G 367 -47.46 28.81 46.53
C GLU G 367 -46.61 29.82 47.29
N GLY G 368 -45.46 30.18 46.73
CA GLY G 368 -44.60 31.19 47.34
C GLY G 368 -43.24 31.30 46.64
N ILE G 369 -42.36 32.09 47.25
CA ILE G 369 -41.00 32.26 46.77
C ILE G 369 -40.11 31.20 47.40
N ILE G 370 -39.15 30.66 46.63
CA ILE G 370 -38.23 29.69 47.24
C ILE G 370 -36.77 30.17 47.21
N SER G 371 -36.45 31.18 46.42
CA SER G 371 -35.11 31.74 46.44
C SER G 371 -34.80 32.40 47.80
N THR G 372 -33.54 32.37 48.22
CA THR G 372 -33.13 33.06 49.43
C THR G 372 -33.23 34.57 49.21
N PRO G 373 -33.52 35.33 50.28
CA PRO G 373 -33.48 36.81 50.25
C PRO G 373 -32.36 37.39 49.35
N ASP G 374 -31.14 36.87 49.50
CA ASP G 374 -29.97 37.39 48.79
C ASP G 374 -29.81 36.90 47.34
N SER G 375 -30.57 35.88 46.96
CA SER G 375 -30.54 35.30 45.61
C SER G 375 -30.83 36.29 44.48
N ARG G 376 -29.92 36.32 43.51
CA ARG G 376 -29.97 37.33 42.43
C ARG G 376 -31.06 37.08 41.40
N VAL G 377 -31.47 35.82 41.25
CA VAL G 377 -32.63 35.47 40.44
C VAL G 377 -33.66 34.83 41.35
N LYS G 378 -34.89 35.32 41.30
CA LYS G 378 -35.92 34.85 42.21
C LYS G 378 -36.53 33.56 41.66
N VAL G 379 -36.78 32.61 42.55
CA VAL G 379 -37.41 31.35 42.14
C VAL G 379 -38.74 31.17 42.88
N LEU G 380 -39.82 30.93 42.13
CA LEU G 380 -41.18 30.83 42.68
C LEU G 380 -41.89 29.52 42.33
N VAL G 381 -42.70 29.03 43.25
CA VAL G 381 -43.62 27.95 42.95
C VAL G 381 -44.99 28.59 42.83
N VAL G 382 -45.58 28.54 41.65
CA VAL G 382 -46.91 29.11 41.43
C VAL G 382 -47.86 28.05 40.85
N PRO G 383 -48.64 27.38 41.71
CA PRO G 383 -49.54 26.36 41.22
C PRO G 383 -50.41 26.93 40.15
N THR G 384 -50.48 26.24 39.02
CA THR G 384 -51.20 26.73 37.87
C THR G 384 -52.69 26.50 38.07
N ASN G 385 -53.48 27.36 37.44
CA ASN G 385 -54.92 27.29 37.50
C ASN G 385 -55.44 27.78 36.16
N GLU G 386 -55.31 26.92 35.16
CA GLU G 386 -55.65 27.27 33.77
C GLU G 386 -57.13 27.59 33.59
N GLU G 387 -57.98 26.94 34.40
CA GLU G 387 -59.42 27.14 34.34
C GLU G 387 -59.78 28.55 34.77
N LEU G 388 -59.24 28.99 35.90
CA LEU G 388 -59.49 30.34 36.42
C LEU G 388 -59.06 31.35 35.40
N MET G 389 -57.94 31.08 34.75
CA MET G 389 -57.45 31.96 33.70
C MET G 389 -58.49 32.12 32.60
N ILE G 390 -59.12 31.03 32.20
CA ILE G 390 -60.16 31.06 31.17
C ILE G 390 -61.36 31.86 31.66
N ALA G 391 -61.81 31.57 32.87
CA ALA G 391 -62.94 32.27 33.44
C ALA G 391 -62.69 33.77 33.42
N ARG G 392 -61.46 34.18 33.72
CA ARG G 392 -61.07 35.59 33.74
C ARG G 392 -61.07 36.27 32.37
N ASP G 393 -60.68 35.56 31.32
CA ASP G 393 -60.76 36.07 29.95
C ASP G 393 -62.21 36.13 29.51
N THR G 394 -62.99 35.12 29.86
CA THR G 394 -64.42 35.08 29.56
C THR G 394 -65.11 36.27 30.22
N LYS G 395 -64.84 36.48 31.50
CA LYS G 395 -65.39 37.59 32.27
C LYS G 395 -65.10 38.91 31.57
N GLU G 396 -63.84 39.16 31.22
CA GLU G 396 -63.47 40.43 30.58
C GLU G 396 -64.23 40.65 29.29
N ILE G 397 -64.16 39.68 28.40
CA ILE G 397 -64.82 39.78 27.10
C ILE G 397 -66.32 39.97 27.26
N VAL G 398 -66.94 39.12 28.09
CA VAL G 398 -68.39 39.14 28.28
C VAL G 398 -68.92 40.48 28.81
N GLU G 399 -68.22 41.09 29.77
CA GLU G 399 -68.52 42.47 30.19
C GLU G 399 -68.29 43.41 28.99
N LYS G 400 -69.36 43.63 28.22
CA LYS G 400 -69.33 44.41 26.98
C LYS G 400 -70.61 44.21 26.18
N MET H 1 10.34 13.95 13.67
CA MET H 1 9.49 12.82 13.18
C MET H 1 8.48 13.30 12.15
N ARG H 2 8.19 12.46 11.16
CA ARG H 2 7.31 12.88 10.06
C ARG H 2 6.03 12.11 9.98
N VAL H 3 4.91 12.76 10.28
CA VAL H 3 3.60 12.12 10.23
C VAL H 3 2.87 12.54 8.96
N LEU H 4 2.31 11.54 8.30
CA LEU H 4 1.40 11.75 7.20
C LEU H 4 -0.02 11.65 7.72
N VAL H 5 -0.76 12.74 7.59
CA VAL H 5 -2.13 12.84 8.10
C VAL H 5 -3.11 12.67 6.96
N ILE H 6 -4.00 11.72 7.12
CA ILE H 6 -4.95 11.34 6.08
C ILE H 6 -6.39 11.53 6.52
N ASN H 7 -7.22 11.99 5.61
CA ASN H 7 -8.65 12.09 5.85
C ASN H 7 -9.36 11.60 4.61
N SER H 8 -9.80 10.34 4.61
CA SER H 8 -10.45 9.76 3.43
C SER H 8 -11.97 9.71 3.54
N GLY H 9 -12.60 10.52 2.71
CA GLY H 9 -14.05 10.53 2.55
C GLY H 9 -14.42 9.66 1.36
N SER H 10 -15.70 9.42 1.18
CA SER H 10 -16.19 8.50 0.16
C SER H 10 -15.65 8.84 -1.24
N SER H 11 -15.41 10.12 -1.50
CA SER H 11 -15.08 10.55 -2.85
C SER H 11 -13.65 11.04 -3.01
N SER H 12 -12.94 11.18 -1.88
CA SER H 12 -11.61 11.83 -1.87
C SER H 12 -10.71 11.43 -0.71
N ILE H 13 -9.39 11.50 -0.92
CA ILE H 13 -8.45 11.47 0.19
C ILE H 13 -7.78 12.83 0.24
N LYS H 14 -7.74 13.43 1.42
CA LYS H 14 -6.96 14.65 1.58
C LYS H 14 -5.89 14.47 2.67
N TYR H 15 -4.70 14.97 2.36
CA TYR H 15 -3.52 14.69 3.15
C TYR H 15 -2.64 15.85 3.52
N GLN H 16 -1.99 15.71 4.66
CA GLN H 16 -0.95 16.65 5.05
C GLN H 16 0.27 15.86 5.49
N LEU H 17 1.45 16.39 5.15
CA LEU H 17 2.70 15.77 5.61
C LEU H 17 3.35 16.73 6.59
N ILE H 18 3.07 16.48 7.86
CA ILE H 18 3.59 17.36 8.91
C ILE H 18 4.87 16.86 9.55
N GLU H 19 5.87 17.70 9.65
CA GLU H 19 7.05 17.26 10.41
C GLU H 19 6.77 17.67 11.84
N MET H 20 6.95 16.74 12.79
CA MET H 20 6.58 17.01 14.18
C MET H 20 7.58 17.86 14.98
N GLU H 21 8.86 17.98 14.57
CA GLU H 21 9.82 18.79 15.34
C GLU H 21 9.61 20.25 15.12
N GLY H 22 9.21 20.64 13.94
CA GLY H 22 8.96 22.03 13.65
C GLY H 22 7.46 22.23 13.45
N GLU H 23 6.71 21.15 13.59
CA GLU H 23 5.26 21.12 13.42
C GLU H 23 4.92 21.92 12.17
N LYS H 24 5.65 21.64 11.12
CA LYS H 24 5.48 22.33 9.84
C LYS H 24 4.83 21.47 8.78
N VAL H 25 3.89 22.08 8.07
CA VAL H 25 3.24 21.38 6.97
C VAL H 25 4.23 21.45 5.81
N LEU H 26 4.80 20.29 5.47
CA LEU H 26 5.75 20.18 4.38
C LEU H 26 5.03 20.30 3.04
N CYS H 27 3.86 19.69 2.97
CA CYS H 27 2.98 19.82 1.83
C CYS H 27 1.61 19.32 2.26
N LYS H 28 0.60 19.72 1.49
CA LYS H 28 -0.73 19.16 1.66
C LYS H 28 -1.43 19.08 0.30
N GLY H 29 -2.54 18.35 0.26
CA GLY H 29 -3.31 18.25 -0.96
C GLY H 29 -4.55 17.41 -0.83
N ILE H 30 -5.14 17.09 -1.97
CA ILE H 30 -6.35 16.28 -2.05
C ILE H 30 -6.36 15.48 -3.34
N ALA H 31 -6.69 14.20 -3.22
CA ALA H 31 -7.01 13.36 -4.37
C ALA H 31 -8.53 13.36 -4.56
N GLU H 32 -9.00 13.98 -5.63
CA GLU H 32 -10.42 14.25 -5.81
C GLU H 32 -11.10 13.31 -6.78
N ARG H 33 -12.41 13.18 -6.63
CA ARG H 33 -13.25 12.51 -7.60
C ARG H 33 -12.80 11.07 -7.84
N ILE H 34 -12.42 10.38 -6.78
CA ILE H 34 -12.10 8.96 -6.85
C ILE H 34 -13.33 8.15 -7.24
N GLY H 35 -13.21 7.31 -8.24
CA GLY H 35 -14.35 6.53 -8.74
C GLY H 35 -15.12 7.19 -9.87
N ILE H 36 -15.24 8.52 -9.81
CA ILE H 36 -15.90 9.29 -10.84
C ILE H 36 -14.90 9.67 -11.96
N GLU H 37 -15.44 10.15 -13.07
CA GLU H 37 -14.61 10.57 -14.19
C GLU H 37 -13.84 11.85 -13.89
N GLY H 38 -12.67 11.96 -14.51
CA GLY H 38 -11.79 13.10 -14.33
C GLY H 38 -11.34 13.26 -12.89
N SER H 39 -11.00 12.14 -12.27
CA SER H 39 -10.37 12.17 -10.96
C SER H 39 -8.98 12.79 -11.11
N ARG H 40 -8.50 13.38 -10.02
CA ARG H 40 -7.27 14.17 -10.05
C ARG H 40 -6.69 14.40 -8.67
N LEU H 41 -5.41 14.78 -8.65
CA LEU H 41 -4.73 15.15 -7.43
C LEU H 41 -4.34 16.62 -7.48
N VAL H 42 -4.80 17.37 -6.49
CA VAL H 42 -4.36 18.75 -6.28
C VAL H 42 -3.33 18.73 -5.15
N HIS H 43 -2.12 19.19 -5.47
CA HIS H 43 -0.98 19.07 -4.57
C HIS H 43 -0.33 20.43 -4.34
N ARG H 44 -0.29 20.85 -3.07
CA ARG H 44 0.29 22.13 -2.70
C ARG H 44 1.61 21.98 -1.94
N VAL H 45 2.65 22.63 -2.45
CA VAL H 45 3.96 22.68 -1.79
C VAL H 45 4.32 24.14 -1.64
N GLY H 46 3.89 24.74 -0.53
CA GLY H 46 4.04 26.17 -0.32
C GLY H 46 3.14 26.93 -1.26
N ASP H 47 3.73 27.81 -2.06
CA ASP H 47 3.00 28.68 -3.01
C ASP H 47 2.41 27.94 -4.22
N GLU H 48 3.10 26.88 -4.63
CA GLU H 48 2.76 26.18 -5.85
C GLU H 48 1.57 25.22 -5.65
N LYS H 49 0.70 25.18 -6.66
CA LYS H 49 -0.44 24.26 -6.69
C LYS H 49 -0.34 23.45 -7.96
N HIS H 50 -0.09 22.15 -7.83
CA HIS H 50 0.06 21.29 -9.00
C HIS H 50 -1.15 20.40 -9.18
N VAL H 51 -1.65 20.33 -10.41
CA VAL H 51 -2.80 19.51 -10.76
C VAL H 51 -2.32 18.31 -11.61
N ILE H 52 -2.58 17.10 -11.11
CA ILE H 52 -2.33 15.88 -11.89
C ILE H 52 -3.62 15.17 -12.26
N GLU H 53 -3.85 15.03 -13.56
CA GLU H 53 -5.01 14.34 -14.13
C GLU H 53 -4.67 12.86 -14.24
N ARG H 54 -5.60 12.02 -13.76
CA ARG H 54 -5.47 10.56 -13.87
C ARG H 54 -6.69 9.83 -13.33
N GLU H 55 -6.92 8.65 -13.89
CA GLU H 55 -7.93 7.73 -13.41
C GLU H 55 -7.54 7.20 -12.05
N LEU H 56 -8.41 7.38 -11.07
CA LEU H 56 -8.23 6.79 -9.77
C LEU H 56 -9.50 6.03 -9.44
N PRO H 57 -9.51 4.71 -9.73
CA PRO H 57 -10.73 3.93 -9.54
C PRO H 57 -11.12 3.72 -8.07
N ASP H 58 -10.13 3.63 -7.18
CA ASP H 58 -10.39 3.53 -5.73
C ASP H 58 -9.34 4.25 -4.88
N HIS H 59 -9.50 4.15 -3.56
CA HIS H 59 -8.66 4.87 -2.62
C HIS H 59 -7.22 4.42 -2.62
N GLU H 60 -6.99 3.13 -2.87
CA GLU H 60 -5.63 2.58 -2.95
C GLU H 60 -4.86 3.21 -4.09
N GLU H 61 -5.37 3.09 -5.32
CA GLU H 61 -4.70 3.70 -6.48
C GLU H 61 -4.53 5.20 -6.31
N ALA H 62 -5.46 5.82 -5.59
CA ALA H 62 -5.39 7.24 -5.24
C ALA H 62 -4.28 7.54 -4.25
N LEU H 63 -4.17 6.74 -3.18
CA LEU H 63 -3.10 6.95 -2.21
C LEU H 63 -1.73 6.72 -2.82
N LYS H 64 -1.66 5.75 -3.74
CA LYS H 64 -0.44 5.47 -4.46
C LYS H 64 0.05 6.75 -5.14
N LEU H 65 -0.81 7.36 -5.94
CA LEU H 65 -0.48 8.62 -6.65
C LEU H 65 0.00 9.72 -5.69
N ILE H 66 -0.61 9.78 -4.51
CA ILE H 66 -0.20 10.72 -3.47
C ILE H 66 1.22 10.40 -3.02
N LEU H 67 1.44 9.15 -2.64
CA LEU H 67 2.74 8.72 -2.17
C LEU H 67 3.82 8.94 -3.23
N ASN H 68 3.56 8.53 -4.47
CA ASN H 68 4.52 8.75 -5.57
C ASN H 68 4.95 10.19 -5.66
N THR H 69 4.00 11.10 -5.59
CA THR H 69 4.30 12.51 -5.80
C THR H 69 4.90 13.18 -4.55
N LEU H 70 4.79 12.54 -3.40
CA LEU H 70 5.50 12.99 -2.20
C LEU H 70 7.01 12.86 -2.39
N VAL H 71 7.38 11.98 -3.32
CA VAL H 71 8.75 11.57 -3.55
C VAL H 71 9.28 12.08 -4.89
N ASP H 72 8.41 12.17 -5.90
CA ASP H 72 8.78 12.72 -7.21
C ASP H 72 9.60 13.97 -6.96
N GLU H 73 10.83 14.01 -7.46
CA GLU H 73 11.72 15.11 -7.11
C GLU H 73 11.54 16.39 -7.92
N LYS H 74 10.36 16.57 -8.51
CA LYS H 74 9.99 17.88 -9.04
C LYS H 74 8.92 18.48 -8.17
N LEU H 75 7.93 17.67 -7.82
CA LEU H 75 6.81 18.14 -7.02
C LEU H 75 6.90 17.55 -5.61
N GLY H 76 8.04 16.96 -5.29
CA GLY H 76 8.17 16.19 -4.04
C GLY H 76 8.66 16.97 -2.85
N VAL H 77 8.81 16.28 -1.72
CA VAL H 77 9.12 16.93 -0.45
C VAL H 77 10.02 16.06 0.45
N ILE H 78 10.14 14.79 0.10
CA ILE H 78 10.96 13.83 0.85
C ILE H 78 11.69 12.92 -0.12
N LYS H 79 12.91 12.53 0.21
CA LYS H 79 13.76 11.69 -0.64
C LYS H 79 13.22 10.26 -0.85
N ASP H 80 12.89 9.61 0.26
CA ASP H 80 12.42 8.23 0.31
C ASP H 80 10.95 8.21 0.68
N LEU H 81 10.35 7.01 0.65
CA LEU H 81 9.09 6.80 1.34
C LEU H 81 9.39 6.37 2.77
N LYS H 82 10.65 6.03 3.03
CA LYS H 82 11.09 5.64 4.36
C LYS H 82 11.02 6.86 5.30
N GLU H 83 10.96 8.03 4.69
CA GLU H 83 10.93 9.30 5.41
C GLU H 83 9.69 9.51 6.26
N ILE H 84 8.56 8.96 5.79
CA ILE H 84 7.28 8.95 6.53
C ILE H 84 7.41 8.03 7.74
N ASP H 85 7.46 8.63 8.93
CA ASP H 85 7.69 7.88 10.16
C ASP H 85 6.41 7.23 10.72
N ALA H 86 5.25 7.82 10.45
CA ALA H 86 3.95 7.28 10.88
C ALA H 86 2.80 7.86 10.05
N VAL H 87 1.64 7.21 10.08
CA VAL H 87 0.46 7.71 9.37
C VAL H 87 -0.76 7.86 10.29
N GLY H 88 -1.36 9.05 10.30
CA GLY H 88 -2.51 9.33 11.17
C GLY H 88 -3.81 9.51 10.41
N HIS H 89 -4.82 8.70 10.75
CA HIS H 89 -6.09 8.69 10.03
C HIS H 89 -7.23 9.26 10.82
N ARG H 90 -8.08 10.03 10.14
CA ARG H 90 -9.33 10.49 10.71
C ARG H 90 -10.38 9.41 10.47
N VAL H 91 -10.88 8.84 11.57
CA VAL H 91 -12.02 7.93 11.50
C VAL H 91 -13.23 8.58 12.15
N VAL H 92 -14.29 8.82 11.38
CA VAL H 92 -15.49 9.52 11.88
C VAL H 92 -16.08 8.90 13.15
N HIS H 93 -16.44 7.63 13.11
CA HIS H 93 -17.16 7.04 14.22
C HIS H 93 -16.34 6.00 14.96
N GLY H 94 -16.19 6.19 16.27
CA GLY H 94 -15.52 5.23 17.14
C GLY H 94 -16.47 4.43 18.03
N GLY H 95 -17.73 4.87 18.11
CA GLY H 95 -18.71 4.24 18.97
C GLY H 95 -18.27 4.35 20.43
N GLU H 96 -18.80 3.45 21.25
CA GLU H 96 -18.49 3.40 22.68
C GLU H 96 -17.17 2.74 23.02
N ARG H 97 -16.62 1.95 22.09
CA ARG H 97 -15.32 1.24 22.28
C ARG H 97 -14.16 2.20 22.43
N PHE H 98 -13.97 3.03 21.42
CA PHE H 98 -12.75 3.83 21.34
C PHE H 98 -12.85 5.15 22.08
N LYS H 99 -12.21 5.22 23.24
CA LYS H 99 -12.24 6.44 24.06
C LYS H 99 -11.18 7.47 23.64
N GLU H 100 -10.10 7.00 23.01
CA GLU H 100 -9.00 7.87 22.59
C GLU H 100 -8.30 7.23 21.39
N SER H 101 -7.44 7.97 20.70
CA SER H 101 -6.72 7.46 19.53
C SER H 101 -5.93 6.18 19.82
N VAL H 102 -5.84 5.30 18.82
CA VAL H 102 -5.23 3.97 18.98
C VAL H 102 -4.29 3.64 17.83
N LEU H 103 -3.24 2.88 18.13
CA LEU H 103 -2.41 2.25 17.11
C LEU H 103 -3.19 1.09 16.46
N VAL H 104 -3.27 1.12 15.13
CA VAL H 104 -4.07 0.16 14.36
C VAL H 104 -3.31 -1.14 14.20
N ASP H 105 -3.93 -2.22 14.68
CA ASP H 105 -3.53 -3.59 14.35
C ASP H 105 -4.79 -4.33 13.85
N GLU H 106 -4.71 -5.65 13.64
CA GLU H 106 -5.86 -6.39 13.09
C GLU H 106 -7.08 -6.28 13.97
N GLU H 107 -6.84 -6.33 15.28
CA GLU H 107 -7.87 -6.20 16.30
C GLU H 107 -8.64 -4.90 16.16
N VAL H 108 -7.90 -3.80 16.12
CA VAL H 108 -8.48 -2.47 16.01
C VAL H 108 -9.26 -2.34 14.70
N LEU H 109 -8.68 -2.86 13.63
CA LEU H 109 -9.24 -2.79 12.29
C LEU H 109 -10.60 -3.46 12.22
N LYS H 110 -10.69 -4.65 12.83
CA LYS H 110 -11.92 -5.43 12.93
C LYS H 110 -12.93 -4.71 13.81
N ALA H 111 -12.43 -4.13 14.90
CA ALA H 111 -13.27 -3.40 15.85
C ALA H 111 -13.84 -2.11 15.24
N ILE H 112 -13.16 -1.55 14.24
CA ILE H 112 -13.64 -0.36 13.57
C ILE H 112 -14.77 -0.72 12.62
N GLU H 113 -14.62 -1.85 11.91
CA GLU H 113 -15.65 -2.32 10.99
C GLU H 113 -16.92 -2.56 11.75
N GLU H 114 -16.77 -3.10 12.96
CA GLU H 114 -17.94 -3.42 13.80
C GLU H 114 -18.75 -2.17 14.18
N VAL H 115 -18.08 -1.04 14.25
CA VAL H 115 -18.69 0.23 14.58
C VAL H 115 -19.23 0.93 13.31
N SER H 116 -18.68 0.56 12.14
CA SER H 116 -19.04 1.18 10.84
C SER H 116 -20.52 1.39 10.54
N PRO H 117 -21.42 0.43 10.92
CA PRO H 117 -22.85 0.65 10.70
C PRO H 117 -23.45 1.87 11.43
N LEU H 118 -22.72 2.46 12.36
CA LEU H 118 -23.14 3.67 13.05
C LEU H 118 -22.76 4.94 12.31
N ALA H 119 -22.06 4.80 11.19
CA ALA H 119 -21.78 5.94 10.30
C ALA H 119 -21.48 5.41 8.90
N PRO H 120 -22.47 4.73 8.29
CA PRO H 120 -22.27 3.96 7.07
C PRO H 120 -21.72 4.80 5.93
N LEU H 121 -21.93 6.11 5.98
CA LEU H 121 -21.50 6.95 4.89
C LEU H 121 -20.05 7.43 5.07
N HIS H 122 -19.46 7.14 6.22
CA HIS H 122 -18.13 7.66 6.51
C HIS H 122 -17.08 6.61 6.84
N ASN H 123 -17.36 5.77 7.84
CA ASN H 123 -16.37 4.82 8.32
C ASN H 123 -15.79 3.94 7.22
N PRO H 124 -16.64 3.34 6.34
CA PRO H 124 -16.10 2.53 5.24
C PRO H 124 -14.93 3.15 4.51
N ALA H 125 -15.08 4.39 4.07
CA ALA H 125 -14.02 5.12 3.37
C ALA H 125 -12.81 5.45 4.25
N ASN H 126 -13.00 5.55 5.55
CA ASN H 126 -11.87 5.74 6.45
C ASN H 126 -10.97 4.51 6.45
N LEU H 127 -11.59 3.37 6.71
CA LEU H 127 -10.93 2.06 6.66
C LEU H 127 -10.21 1.85 5.35
N MET H 128 -10.88 2.17 4.24
CA MET H 128 -10.27 2.07 2.92
C MET H 128 -8.94 2.78 2.90
N GLY H 129 -8.88 3.94 3.56
CA GLY H 129 -7.66 4.73 3.69
C GLY H 129 -6.62 4.05 4.56
N ILE H 130 -7.05 3.53 5.70
CA ILE H 130 -6.17 2.78 6.59
C ILE H 130 -5.59 1.57 5.88
N LYS H 131 -6.44 0.69 5.34
CA LYS H 131 -5.99 -0.53 4.68
C LYS H 131 -5.04 -0.27 3.51
N ALA H 132 -5.32 0.77 2.75
CA ALA H 132 -4.47 1.21 1.66
C ALA H 132 -3.13 1.68 2.20
N ALA H 133 -3.14 2.44 3.29
CA ALA H 133 -1.92 2.96 3.85
C ALA H 133 -1.03 1.84 4.39
N MET H 134 -1.63 0.86 5.04
CA MET H 134 -0.88 -0.26 5.59
C MET H 134 -0.26 -1.10 4.49
N LYS H 135 -0.97 -1.19 3.37
CA LYS H 135 -0.54 -2.02 2.24
C LYS H 135 0.66 -1.40 1.55
N LEU H 136 0.55 -0.10 1.25
CA LEU H 136 1.57 0.61 0.47
C LEU H 136 2.76 1.08 1.32
N LEU H 137 2.57 1.16 2.63
CA LEU H 137 3.66 1.49 3.55
C LEU H 137 3.81 0.42 4.63
N PRO H 138 4.22 -0.82 4.24
CA PRO H 138 4.33 -1.92 5.19
C PRO H 138 5.31 -1.59 6.30
N GLY H 139 4.92 -1.90 7.53
CA GLY H 139 5.81 -1.69 8.66
C GLY H 139 5.61 -0.35 9.31
N VAL H 140 5.17 0.64 8.55
CA VAL H 140 4.91 1.96 9.08
C VAL H 140 3.65 1.88 9.94
N PRO H 141 3.73 2.34 11.20
CA PRO H 141 2.58 2.33 12.09
C PRO H 141 1.45 3.28 11.63
N ASN H 142 0.19 2.84 11.79
CA ASN H 142 -0.95 3.73 11.54
C ASN H 142 -1.71 4.03 12.83
N VAL H 143 -2.10 5.29 13.03
CA VAL H 143 -2.92 5.66 14.18
C VAL H 143 -4.29 6.17 13.73
N ALA H 144 -5.34 5.67 14.39
CA ALA H 144 -6.70 6.12 14.15
C ALA H 144 -7.12 7.12 15.21
N VAL H 145 -7.58 8.28 14.78
CA VAL H 145 -8.09 9.31 15.68
C VAL H 145 -9.59 9.50 15.41
N PHE H 146 -10.40 9.31 16.46
CA PHE H 146 -11.86 9.24 16.31
C PHE H 146 -12.67 10.51 16.60
N ASP H 147 -13.43 10.94 15.61
CA ASP H 147 -14.33 12.09 15.73
C ASP H 147 -15.27 12.06 16.92
N THR H 148 -15.59 10.86 17.41
CA THR H 148 -16.55 10.67 18.52
C THR H 148 -15.89 10.49 19.89
N ALA H 149 -14.58 10.25 19.91
CA ALA H 149 -13.86 9.85 21.11
C ALA H 149 -13.86 10.90 22.21
N PHE H 150 -13.57 12.15 21.86
CA PHE H 150 -13.50 13.22 22.86
C PHE H 150 -14.78 13.28 23.69
N HIS H 151 -15.89 12.87 23.06
CA HIS H 151 -17.23 12.96 23.60
C HIS H 151 -17.61 11.78 24.46
N GLN H 152 -16.74 10.77 24.51
CA GLN H 152 -17.07 9.58 25.28
C GLN H 152 -17.13 9.80 26.79
N THR H 153 -16.75 10.99 27.25
CA THR H 153 -16.77 11.30 28.67
C THR H 153 -18.14 11.83 29.11
N ILE H 154 -18.99 12.12 28.14
CA ILE H 154 -20.37 12.55 28.41
C ILE H 154 -21.10 11.53 29.31
N PRO H 155 -21.67 12.00 30.44
CA PRO H 155 -22.41 11.18 31.40
C PRO H 155 -23.70 10.62 30.81
N GLN H 156 -24.32 9.67 31.50
CA GLN H 156 -25.53 9.05 31.02
C GLN H 156 -26.68 10.04 30.89
N LYS H 157 -26.82 10.93 31.88
CA LYS H 157 -27.90 11.89 31.90
C LYS H 157 -27.99 12.69 30.59
N ALA H 158 -26.90 12.68 29.83
CA ALA H 158 -26.74 13.58 28.70
C ALA H 158 -26.73 12.88 27.36
N TYR H 159 -26.46 11.57 27.36
CA TYR H 159 -26.38 10.83 26.10
C TYR H 159 -27.55 9.89 25.80
N LEU H 160 -28.43 9.67 26.79
CA LEU H 160 -29.62 8.84 26.56
C LEU H 160 -30.83 9.65 26.10
N TYR H 161 -31.45 9.24 25.00
CA TYR H 161 -32.62 9.97 24.54
C TYR H 161 -33.83 9.49 25.32
N ALA H 162 -34.87 10.32 25.41
CA ALA H 162 -36.07 9.95 26.14
C ALA H 162 -36.96 9.08 25.27
N ILE H 163 -36.40 7.99 24.78
CA ILE H 163 -37.08 7.00 23.96
C ILE H 163 -36.93 5.65 24.63
N PRO H 164 -37.74 4.64 24.22
CA PRO H 164 -37.61 3.33 24.84
C PRO H 164 -36.15 2.94 24.99
N TYR H 165 -35.77 2.46 26.18
CA TYR H 165 -34.37 2.14 26.46
C TYR H 165 -33.90 0.96 25.63
N GLU H 166 -34.84 0.07 25.31
CA GLU H 166 -34.66 -1.02 24.34
C GLU H 166 -33.85 -0.59 23.12
N TYR H 167 -34.08 0.63 22.63
CA TYR H 167 -33.40 1.12 21.44
C TYR H 167 -31.93 1.35 21.68
N TYR H 168 -31.54 1.64 22.92
CA TYR H 168 -30.13 1.74 23.23
C TYR H 168 -29.55 0.35 23.43
N GLU H 169 -30.24 -0.48 24.19
CA GLU H 169 -29.83 -1.86 24.42
C GLU H 169 -29.55 -2.56 23.08
N LYS H 170 -30.52 -2.47 22.18
CA LYS H 170 -30.50 -3.23 20.93
C LYS H 170 -29.62 -2.61 19.83
N TYR H 171 -29.73 -1.29 19.62
CA TYR H 171 -29.01 -0.62 18.53
C TYR H 171 -27.94 0.38 18.95
N LYS H 172 -27.73 0.56 20.25
CA LYS H 172 -26.77 1.53 20.79
C LYS H 172 -27.09 2.93 20.30
N ILE H 173 -28.37 3.30 20.36
CA ILE H 173 -28.81 4.63 19.97
C ILE H 173 -28.63 5.56 21.15
N ARG H 174 -27.62 6.42 21.07
CA ARG H 174 -27.29 7.39 22.10
C ARG H 174 -26.72 8.63 21.41
N ARG H 175 -26.45 9.68 22.17
CA ARG H 175 -25.72 10.81 21.64
C ARG H 175 -24.26 10.38 21.54
N TYR H 176 -23.67 10.46 20.35
CA TYR H 176 -22.21 10.25 20.23
C TYR H 176 -21.43 11.56 20.10
N GLY H 177 -21.96 12.48 19.29
CA GLY H 177 -21.32 13.76 19.04
C GLY H 177 -20.27 13.63 17.96
N PHE H 178 -19.93 14.75 17.33
CA PHE H 178 -18.92 14.76 16.29
C PHE H 178 -18.12 16.04 16.37
N HIS H 179 -17.14 16.22 15.48
CA HIS H 179 -16.16 17.29 15.62
C HIS H 179 -15.34 17.13 16.89
N GLY H 180 -15.22 15.88 17.33
CA GLY H 180 -14.56 15.56 18.58
C GLY H 180 -13.17 16.11 18.62
N THR H 181 -12.37 15.78 17.61
CA THR H 181 -10.97 16.12 17.69
C THR H 181 -10.74 17.62 17.44
N SER H 182 -11.78 18.30 16.97
CA SER H 182 -11.71 19.75 16.85
C SER H 182 -12.03 20.46 18.18
N HIS H 183 -13.13 20.05 18.82
CA HIS H 183 -13.49 20.55 20.14
C HIS H 183 -12.37 20.28 21.11
N ARG H 184 -11.76 19.11 21.00
CA ARG H 184 -10.62 18.76 21.83
C ARG H 184 -9.43 19.70 21.58
N TYR H 185 -9.13 19.97 20.31
CA TYR H 185 -8.00 20.80 19.95
C TYR H 185 -8.10 22.22 20.46
N VAL H 186 -9.27 22.82 20.21
CA VAL H 186 -9.46 24.24 20.51
C VAL H 186 -9.65 24.53 22.00
N SER H 187 -10.28 23.61 22.72
CA SER H 187 -10.46 23.74 24.17
C SER H 187 -9.13 23.71 24.88
N LYS H 188 -8.25 22.80 24.44
CA LYS H 188 -6.89 22.70 24.95
C LYS H 188 -6.06 23.92 24.57
N ARG H 189 -6.13 24.35 23.31
CA ARG H 189 -5.39 25.52 22.83
C ARG H 189 -5.78 26.79 23.55
N ALA H 190 -7.09 26.92 23.80
CA ALA H 190 -7.65 28.05 24.52
C ALA H 190 -7.07 28.15 25.93
N ALA H 191 -7.05 27.03 26.65
CA ALA H 191 -6.50 26.99 27.99
C ALA H 191 -5.04 27.47 28.02
N GLU H 192 -4.28 27.06 27.01
CA GLU H 192 -2.88 27.47 26.88
C GLU H 192 -2.77 28.97 26.71
N ILE H 193 -3.64 29.53 25.89
CA ILE H 193 -3.65 30.97 25.63
C ILE H 193 -3.97 31.77 26.90
N LEU H 194 -4.81 31.19 27.75
CA LEU H 194 -5.23 31.84 28.99
C LEU H 194 -4.23 31.65 30.12
N GLY H 195 -3.20 30.85 29.87
CA GLY H 195 -2.17 30.56 30.86
C GLY H 195 -2.70 29.80 32.06
N LYS H 196 -3.69 28.93 31.82
CA LYS H 196 -4.35 28.16 32.88
C LYS H 196 -4.52 26.69 32.53
N LYS H 197 -4.47 25.85 33.56
CA LYS H 197 -4.66 24.41 33.37
C LYS H 197 -6.06 24.15 32.90
N LEU H 198 -6.18 23.22 31.96
CA LEU H 198 -7.48 22.82 31.40
C LEU H 198 -8.44 22.23 32.45
N GLU H 199 -7.90 21.57 33.47
CA GLU H 199 -8.71 20.91 34.49
C GLU H 199 -9.36 21.88 35.50
N GLU H 200 -9.13 23.18 35.33
CA GLU H 200 -9.79 24.17 36.17
C GLU H 200 -10.51 25.23 35.34
N LEU H 201 -10.95 24.83 34.16
CA LEU H 201 -11.71 25.72 33.30
C LEU H 201 -12.97 25.03 32.77
N LYS H 202 -14.05 25.80 32.74
CA LYS H 202 -15.26 25.37 32.08
C LYS H 202 -15.32 26.10 30.74
N ILE H 203 -15.09 25.36 29.66
CA ILE H 203 -15.05 25.97 28.33
C ILE H 203 -16.18 25.46 27.45
N ILE H 204 -16.85 26.39 26.76
CA ILE H 204 -17.83 26.07 25.73
C ILE H 204 -17.20 26.33 24.37
N THR H 205 -17.08 25.29 23.57
CA THR H 205 -16.44 25.41 22.25
C THR H 205 -17.46 25.36 21.11
N CYS H 206 -17.37 26.32 20.20
CA CYS H 206 -18.31 26.41 19.11
C CYS H 206 -17.65 26.18 17.76
N HIS H 207 -17.73 24.93 17.29
CA HIS H 207 -17.21 24.59 15.97
C HIS H 207 -18.31 24.92 14.98
N ILE H 208 -18.17 26.08 14.36
CA ILE H 208 -19.22 26.62 13.53
C ILE H 208 -18.75 26.76 12.10
N GLY H 209 -19.07 25.76 11.29
CA GLY H 209 -18.72 25.74 9.86
C GLY H 209 -19.85 25.16 9.02
N ASN H 210 -19.51 24.51 7.91
CA ASN H 210 -20.52 23.89 7.07
C ASN H 210 -21.32 22.81 7.82
N GLY H 211 -20.63 22.13 8.74
CA GLY H 211 -21.29 21.42 9.83
C GLY H 211 -21.02 22.26 11.05
N ALA H 212 -21.88 22.20 12.06
CA ALA H 212 -21.61 22.94 13.28
C ALA H 212 -22.07 22.20 14.53
N SER H 213 -21.21 22.19 15.54
CA SER H 213 -21.61 21.64 16.81
C SER H 213 -21.02 22.47 17.95
N VAL H 214 -21.65 22.37 19.12
CA VAL H 214 -21.11 23.00 20.33
C VAL H 214 -20.71 21.88 21.29
N ALA H 215 -19.62 22.08 22.02
CA ALA H 215 -19.23 21.16 23.08
C ALA H 215 -19.09 21.90 24.40
N ALA H 216 -19.55 21.23 25.47
CA ALA H 216 -19.39 21.71 26.83
C ALA H 216 -18.23 20.94 27.45
N VAL H 217 -17.11 21.61 27.67
CA VAL H 217 -15.87 20.98 28.10
C VAL H 217 -15.54 21.37 29.55
N LYS H 218 -16.07 20.57 30.48
CA LYS H 218 -15.95 20.84 31.93
C LYS H 218 -14.72 20.21 32.55
N TYR H 219 -13.77 21.06 32.91
CA TYR H 219 -12.50 20.65 33.55
C TYR H 219 -11.70 19.68 32.68
N GLY H 220 -11.72 19.90 31.37
CA GLY H 220 -10.99 19.05 30.45
C GLY H 220 -11.77 17.89 29.84
N LYS H 221 -12.91 17.55 30.41
CA LYS H 221 -13.74 16.45 29.90
C LYS H 221 -15.03 16.99 29.27
N CYS H 222 -15.44 16.41 28.14
CA CYS H 222 -16.66 16.84 27.50
C CYS H 222 -17.89 16.31 28.23
N VAL H 223 -18.86 17.19 28.50
CA VAL H 223 -20.04 16.84 29.29
C VAL H 223 -21.33 16.84 28.47
N ASP H 224 -21.28 17.50 27.32
CA ASP H 224 -22.42 17.54 26.40
C ASP H 224 -21.94 18.10 25.07
N THR H 225 -22.59 17.67 23.98
CA THR H 225 -22.33 18.23 22.65
C THR H 225 -23.63 18.31 21.84
N SER H 226 -23.68 19.24 20.89
CA SER H 226 -24.89 19.56 20.13
C SER H 226 -25.35 18.41 19.20
N MET H 227 -24.41 17.79 18.47
CA MET H 227 -24.77 16.74 17.52
C MET H 227 -25.10 15.50 18.30
N GLY H 228 -25.79 14.55 17.68
CA GLY H 228 -26.34 13.43 18.44
C GLY H 228 -25.84 12.08 18.01
N PHE H 229 -26.76 11.17 17.81
CA PHE H 229 -26.51 9.88 17.20
C PHE H 229 -25.92 10.10 15.81
N THR H 230 -26.31 11.19 15.17
CA THR H 230 -25.84 11.56 13.85
C THR H 230 -25.49 13.06 13.84
N PRO H 231 -24.88 13.56 12.74
CA PRO H 231 -24.60 14.99 12.64
C PRO H 231 -25.82 15.89 12.35
N LEU H 232 -27.06 15.39 12.49
CA LEU H 232 -28.25 16.21 12.21
C LEU H 232 -28.64 17.08 13.35
N GLU H 233 -28.38 16.65 14.57
CA GLU H 233 -28.83 17.37 15.75
C GLU H 233 -28.12 18.72 16.01
N GLY H 234 -28.84 19.64 16.66
CA GLY H 234 -28.22 20.84 17.19
C GLY H 234 -28.29 22.02 16.24
N LEU H 235 -27.17 22.71 16.07
CA LEU H 235 -27.12 24.02 15.42
C LEU H 235 -27.61 24.00 13.98
N VAL H 236 -28.01 25.16 13.47
CA VAL H 236 -28.31 25.31 12.03
C VAL H 236 -27.01 25.09 11.30
N MET H 237 -27.05 24.22 10.29
CA MET H 237 -25.88 23.95 9.46
C MET H 237 -26.11 24.35 8.00
N GLY H 238 -25.08 24.17 7.16
CA GLY H 238 -25.18 24.55 5.76
C GLY H 238 -26.40 23.99 5.03
N THR H 239 -26.60 22.67 5.14
CA THR H 239 -27.70 22.00 4.44
C THR H 239 -28.49 21.10 5.35
N ARG H 240 -28.05 21.02 6.61
CA ARG H 240 -28.72 20.20 7.61
C ARG H 240 -29.63 21.04 8.50
N SER H 241 -30.74 20.44 8.91
CA SER H 241 -31.81 21.13 9.59
C SER H 241 -31.53 21.47 11.03
N GLY H 242 -30.54 20.83 11.63
CA GLY H 242 -30.30 20.97 13.05
C GLY H 242 -31.51 20.45 13.80
N ASP H 243 -31.65 20.84 15.07
CA ASP H 243 -32.83 20.51 15.88
C ASP H 243 -34.14 20.85 15.17
N LEU H 244 -35.08 19.90 15.21
CA LEU H 244 -36.49 20.23 14.98
C LEU H 244 -37.49 19.31 15.68
N ASP H 245 -38.71 19.83 15.83
CA ASP H 245 -39.85 19.10 16.34
C ASP H 245 -39.94 17.72 15.73
N PRO H 246 -39.73 16.69 16.56
CA PRO H 246 -39.79 15.29 16.14
C PRO H 246 -40.95 14.97 15.19
N ALA H 247 -42.06 15.69 15.35
CA ALA H 247 -43.27 15.39 14.61
C ALA H 247 -43.25 15.90 13.19
N ILE H 248 -42.51 16.97 12.91
CA ILE H 248 -42.54 17.64 11.61
C ILE H 248 -42.32 16.70 10.43
N PRO H 249 -41.22 15.93 10.46
CA PRO H 249 -41.00 15.02 9.35
C PRO H 249 -42.20 14.13 9.01
N PHE H 250 -42.87 13.61 10.04
CA PHE H 250 -44.00 12.70 9.86
C PHE H 250 -45.15 13.39 9.20
N PHE H 251 -45.37 14.63 9.60
CA PHE H 251 -46.40 15.48 9.00
C PHE H 251 -46.10 15.72 7.53
N ILE H 252 -44.86 16.13 7.25
CA ILE H 252 -44.48 16.47 5.90
C ILE H 252 -44.57 15.25 4.98
N MET H 253 -44.11 14.11 5.47
CA MET H 253 -44.11 12.88 4.67
C MET H 253 -45.54 12.55 4.28
N GLU H 254 -46.42 12.66 5.27
CA GLU H 254 -47.78 12.25 5.06
C GLU H 254 -48.57 13.21 4.19
N LYS H 255 -48.37 14.52 4.37
CA LYS H 255 -49.06 15.53 3.55
C LYS H 255 -48.55 15.60 2.13
N GLU H 256 -47.35 15.04 1.88
CA GLU H 256 -46.73 15.13 0.55
C GLU H 256 -46.46 13.84 -0.20
N GLY H 257 -46.66 12.68 0.43
CA GLY H 257 -46.42 11.38 -0.23
C GLY H 257 -44.95 11.13 -0.51
N ILE H 258 -44.19 11.04 0.58
CA ILE H 258 -42.74 11.05 0.54
C ILE H 258 -42.22 9.94 1.43
N SER H 259 -41.38 9.07 0.90
CA SER H 259 -40.81 7.97 1.67
C SER H 259 -39.87 8.51 2.73
N PRO H 260 -39.57 7.70 3.77
CA PRO H 260 -38.65 8.23 4.80
C PRO H 260 -37.31 8.66 4.19
N GLN H 261 -36.84 7.92 3.19
CA GLN H 261 -35.60 8.26 2.51
C GLN H 261 -35.70 9.67 1.94
N GLU H 262 -36.74 9.91 1.14
CA GLU H 262 -36.96 11.22 0.52
C GLU H 262 -37.01 12.34 1.55
N MET H 263 -37.60 12.08 2.72
CA MET H 263 -37.68 13.07 3.78
C MET H 263 -36.35 13.29 4.49
N TYR H 264 -35.66 12.19 4.82
CA TYR H 264 -34.36 12.25 5.49
C TYR H 264 -33.40 13.07 4.65
N ASP H 265 -33.41 12.80 3.34
CA ASP H 265 -32.63 13.53 2.34
C ASP H 265 -32.92 15.04 2.41
N ILE H 266 -34.20 15.40 2.39
CA ILE H 266 -34.59 16.80 2.44
C ILE H 266 -34.01 17.49 3.69
N LEU H 267 -34.07 16.81 4.82
CA LEU H 267 -33.57 17.32 6.10
C LEU H 267 -32.06 17.48 6.10
N ASN H 268 -31.42 16.74 5.21
CA ASN H 268 -29.97 16.55 5.24
C ASN H 268 -29.24 17.29 4.13
N LYS H 269 -29.89 17.43 2.98
CA LYS H 269 -29.29 18.03 1.80
C LYS H 269 -29.88 19.41 1.44
N LYS H 270 -31.16 19.62 1.71
CA LYS H 270 -31.90 20.78 1.24
C LYS H 270 -32.34 21.74 2.36
N SER H 271 -31.95 21.44 3.60
CA SER H 271 -32.41 22.23 4.73
C SER H 271 -31.36 23.22 5.23
N GLY H 272 -31.39 23.50 6.54
CA GLY H 272 -30.47 24.45 7.15
C GLY H 272 -30.42 25.79 6.46
N VAL H 273 -29.23 26.31 6.33
CA VAL H 273 -29.05 27.61 5.69
C VAL H 273 -29.66 27.62 4.28
N TYR H 274 -29.37 26.59 3.50
CA TYR H 274 -29.92 26.47 2.16
C TYR H 274 -31.44 26.53 2.20
N GLY H 275 -32.03 25.72 3.08
CA GLY H 275 -33.47 25.65 3.22
C GLY H 275 -34.11 26.98 3.57
N LEU H 276 -33.57 27.63 4.58
CA LEU H 276 -34.04 28.94 5.01
C LEU H 276 -33.99 29.99 3.91
N SER H 277 -32.95 29.99 3.08
CA SER H 277 -32.81 31.01 2.03
C SER H 277 -33.42 30.62 0.69
N LYS H 278 -34.43 29.73 0.72
CA LYS H 278 -35.20 29.32 -0.47
C LYS H 278 -34.34 28.82 -1.66
N GLY H 279 -33.12 28.39 -1.34
CA GLY H 279 -32.22 27.82 -2.34
C GLY H 279 -31.20 28.82 -2.81
N PHE H 280 -30.95 29.86 -2.01
CA PHE H 280 -30.02 30.89 -2.41
C PHE H 280 -28.60 30.37 -2.30
N SER H 281 -28.22 29.98 -1.08
CA SER H 281 -26.92 29.39 -0.83
C SER H 281 -26.92 28.62 0.47
N SER H 282 -25.91 27.78 0.66
CA SER H 282 -25.71 27.05 1.91
C SER H 282 -24.43 27.53 2.59
N ASP H 283 -23.68 28.34 1.85
CA ASP H 283 -22.49 28.97 2.39
C ASP H 283 -22.92 30.20 3.20
N MET H 284 -22.71 30.17 4.51
CA MET H 284 -23.10 31.28 5.41
C MET H 284 -22.58 32.67 5.05
N ARG H 285 -21.38 32.76 4.47
CA ARG H 285 -20.84 34.05 4.07
C ARG H 285 -21.47 34.59 2.78
N ASP H 286 -22.06 33.71 1.98
CA ASP H 286 -22.85 34.16 0.84
C ASP H 286 -24.05 34.96 1.35
N ILE H 287 -24.57 34.55 2.50
CA ILE H 287 -25.68 35.23 3.18
C ILE H 287 -25.22 36.48 3.93
N GLU H 288 -24.09 36.36 4.62
CA GLU H 288 -23.48 37.53 5.29
C GLU H 288 -23.32 38.69 4.30
N GLU H 289 -22.74 38.39 3.14
CA GLU H 289 -22.52 39.36 2.06
C GLU H 289 -23.82 39.99 1.61
N ALA H 290 -24.84 39.17 1.40
CA ALA H 290 -26.15 39.66 0.95
C ALA H 290 -26.89 40.46 2.03
N ALA H 291 -26.72 40.08 3.31
CA ALA H 291 -27.35 40.79 4.42
C ALA H 291 -26.77 42.20 4.59
N LEU H 292 -25.45 42.31 4.44
CA LEU H 292 -24.76 43.60 4.48
C LEU H 292 -25.11 44.48 3.28
N LYS H 293 -25.57 43.87 2.19
CA LYS H 293 -25.99 44.64 1.02
C LYS H 293 -27.44 45.12 1.13
N GLY H 294 -28.08 44.87 2.28
CA GLY H 294 -29.42 45.37 2.53
C GLY H 294 -30.55 44.38 2.29
N ASP H 295 -30.23 43.17 1.84
CA ASP H 295 -31.24 42.10 1.66
C ASP H 295 -31.85 41.72 3.00
N GLU H 296 -33.13 42.04 3.15
CA GLU H 296 -33.88 41.85 4.39
C GLU H 296 -33.97 40.40 4.82
N TRP H 297 -34.11 39.51 3.82
CA TRP H 297 -34.33 38.10 4.10
C TRP H 297 -33.10 37.44 4.70
N CYS H 298 -31.92 37.78 4.19
CA CYS H 298 -30.68 37.21 4.70
C CYS H 298 -30.38 37.62 6.14
N LYS H 299 -30.66 38.88 6.45
CA LYS H 299 -30.51 39.38 7.82
C LYS H 299 -31.22 38.44 8.77
N LEU H 300 -32.36 37.92 8.32
CA LEU H 300 -33.14 36.98 9.14
C LEU H 300 -32.46 35.62 9.26
N VAL H 301 -32.01 35.06 8.14
CA VAL H 301 -31.33 33.76 8.13
C VAL H 301 -30.16 33.83 9.11
N LEU H 302 -29.39 34.91 8.99
CA LEU H 302 -28.29 35.22 9.89
C LEU H 302 -28.75 35.23 11.35
N GLU H 303 -29.79 35.99 11.66
CA GLU H 303 -30.31 36.06 13.02
C GLU H 303 -30.76 34.71 13.59
N ILE H 304 -31.40 33.90 12.75
CA ILE H 304 -31.85 32.55 13.11
C ILE H 304 -30.66 31.68 13.44
N TYR H 305 -29.67 31.71 12.55
CA TYR H 305 -28.40 30.98 12.69
C TYR H 305 -27.77 31.32 14.03
N ASP H 306 -27.43 32.60 14.21
CA ASP H 306 -26.79 33.09 15.41
C ASP H 306 -27.60 32.78 16.68
N TYR H 307 -28.90 33.05 16.64
CA TYR H 307 -29.77 32.84 17.79
C TYR H 307 -29.56 31.47 18.43
N ARG H 308 -29.62 30.42 17.62
CA ARG H 308 -29.61 29.06 18.14
C ARG H 308 -28.24 28.73 18.77
N ILE H 309 -27.16 29.29 18.20
CA ILE H 309 -25.82 29.20 18.80
C ILE H 309 -25.84 29.80 20.19
N ALA H 310 -26.33 31.03 20.28
CA ALA H 310 -26.42 31.71 21.57
C ALA H 310 -27.19 30.89 22.63
N LYS H 311 -28.26 30.22 22.22
CA LYS H 311 -29.07 29.43 23.15
C LYS H 311 -28.30 28.19 23.65
N TYR H 312 -27.49 27.61 22.77
CA TYR H 312 -26.65 26.49 23.13
C TYR H 312 -25.61 26.91 24.14
N ILE H 313 -24.94 28.03 23.90
CA ILE H 313 -24.00 28.56 24.89
C ILE H 313 -24.70 28.67 26.24
N GLY H 314 -25.87 29.28 26.26
CA GLY H 314 -26.65 29.43 27.48
C GLY H 314 -26.98 28.11 28.13
N ALA H 315 -27.40 27.16 27.29
CA ALA H 315 -27.78 25.82 27.73
C ALA H 315 -26.62 25.09 28.38
N TYR H 316 -25.45 25.17 27.75
CA TYR H 316 -24.29 24.43 28.20
C TYR H 316 -23.65 25.08 29.42
N ALA H 317 -23.69 26.41 29.47
CA ALA H 317 -23.34 27.14 30.67
C ALA H 317 -24.09 26.58 31.86
N ALA H 318 -25.40 26.34 31.71
CA ALA H 318 -26.23 25.76 32.75
C ALA H 318 -25.77 24.34 33.07
N ALA H 319 -25.41 23.60 32.02
CA ALA H 319 -24.98 22.22 32.17
C ALA H 319 -23.74 22.10 33.05
N MET H 320 -22.81 23.04 32.89
CA MET H 320 -21.58 23.00 33.67
C MET H 320 -21.67 23.80 34.97
N ASN H 321 -22.79 24.48 35.17
CA ASN H 321 -22.96 25.40 36.26
C ASN H 321 -21.87 26.48 36.23
N GLY H 322 -21.56 26.96 35.04
CA GLY H 322 -20.63 28.08 34.85
C GLY H 322 -19.97 28.06 33.48
N VAL H 323 -19.52 29.23 33.03
CA VAL H 323 -18.65 29.33 31.86
C VAL H 323 -17.46 30.14 32.28
N ASP H 324 -16.27 29.68 31.91
CA ASP H 324 -15.06 30.44 32.14
C ASP H 324 -14.60 31.08 30.84
N ALA H 325 -14.85 30.38 29.73
CA ALA H 325 -14.47 30.85 28.41
C ALA H 325 -15.33 30.26 27.29
N ILE H 326 -15.45 31.01 26.19
CA ILE H 326 -16.17 30.57 25.00
C ILE H 326 -15.21 30.65 23.83
N VAL H 327 -15.16 29.58 23.04
CA VAL H 327 -14.27 29.52 21.88
C VAL H 327 -15.06 29.37 20.57
N PHE H 328 -14.78 30.26 19.63
CA PHE H 328 -15.29 30.15 18.27
C PHE H 328 -14.23 29.54 17.35
N THR H 329 -14.64 28.59 16.52
CA THR H 329 -13.71 28.02 15.57
C THR H 329 -14.41 27.49 14.31
N ALA H 330 -13.64 27.00 13.34
CA ALA H 330 -14.13 26.49 12.05
C ALA H 330 -14.48 27.59 11.07
N GLY H 331 -14.78 27.21 9.82
CA GLY H 331 -15.10 28.15 8.74
C GLY H 331 -15.70 29.50 9.12
N VAL H 332 -16.81 29.46 9.84
CA VAL H 332 -17.57 30.67 10.22
C VAL H 332 -17.09 31.30 11.53
N GLY H 333 -16.89 30.47 12.55
CA GLY H 333 -16.40 30.92 13.83
C GLY H 333 -15.08 31.69 13.74
N GLU H 334 -14.27 31.36 12.74
CA GLU H 334 -12.96 31.96 12.59
C GLU H 334 -13.04 33.23 11.75
N ASN H 335 -14.11 33.38 10.96
CA ASN H 335 -14.14 34.38 9.89
C ASN H 335 -15.34 35.34 9.84
N SER H 336 -16.27 35.19 10.78
CA SER H 336 -17.43 36.07 10.86
C SER H 336 -17.46 36.87 12.16
N PRO H 337 -16.88 38.08 12.15
CA PRO H 337 -16.90 38.90 13.34
C PRO H 337 -18.33 39.28 13.65
N ILE H 338 -19.16 39.36 12.60
CA ILE H 338 -20.58 39.71 12.76
C ILE H 338 -21.33 38.63 13.53
N THR H 339 -21.12 37.36 13.17
CA THR H 339 -21.79 36.24 13.83
C THR H 339 -21.35 36.20 15.27
N ARG H 340 -20.05 36.37 15.49
CA ARG H 340 -19.48 36.33 16.83
C ARG H 340 -20.08 37.42 17.70
N GLU H 341 -20.29 38.59 17.10
CA GLU H 341 -20.85 39.74 17.81
C GLU H 341 -22.32 39.54 18.14
N ASP H 342 -23.10 39.06 17.15
CA ASP H 342 -24.53 38.85 17.30
C ASP H 342 -24.75 37.83 18.38
N VAL H 343 -23.97 36.75 18.34
CA VAL H 343 -24.12 35.66 19.30
C VAL H 343 -23.86 36.19 20.70
N CYS H 344 -22.85 37.03 20.84
CA CYS H 344 -22.45 37.51 22.14
C CYS H 344 -23.38 38.53 22.72
N SER H 345 -24.18 39.18 21.89
CA SER H 345 -25.12 40.21 22.37
C SER H 345 -26.15 39.63 23.33
N TYR H 346 -26.44 38.35 23.14
CA TYR H 346 -27.36 37.60 24.00
C TYR H 346 -26.71 37.23 25.33
N LEU H 347 -25.42 37.53 25.48
CA LEU H 347 -24.64 36.96 26.59
C LEU H 347 -24.10 37.92 27.63
N GLU H 348 -24.48 39.19 27.58
CA GLU H 348 -23.93 40.14 28.53
C GLU H 348 -24.43 39.92 29.95
N PHE H 349 -25.59 39.29 30.09
CA PHE H 349 -26.11 38.90 31.39
C PHE H 349 -25.15 37.96 32.12
N LEU H 350 -24.27 37.31 31.38
CA LEU H 350 -23.25 36.41 31.92
C LEU H 350 -21.94 37.12 32.19
N GLY H 351 -21.85 38.38 31.75
CA GLY H 351 -20.65 39.19 31.90
C GLY H 351 -19.73 39.17 30.69
N VAL H 352 -20.29 38.85 29.53
CA VAL H 352 -19.53 38.79 28.28
C VAL H 352 -19.57 40.14 27.56
N LYS H 353 -18.40 40.73 27.35
CA LYS H 353 -18.29 41.94 26.53
C LYS H 353 -17.21 41.74 25.50
N LEU H 354 -17.50 42.12 24.26
CA LEU H 354 -16.53 41.98 23.19
C LEU H 354 -15.74 43.27 22.99
N ASP H 355 -14.53 43.15 22.48
CA ASP H 355 -13.78 44.33 22.06
C ASP H 355 -13.93 44.43 20.54
N LYS H 356 -14.81 45.35 20.12
CA LYS H 356 -15.13 45.55 18.70
C LYS H 356 -13.89 45.55 17.81
N GLN H 357 -12.86 46.28 18.25
CA GLN H 357 -11.60 46.34 17.54
C GLN H 357 -10.98 44.94 17.37
N LYS H 358 -10.81 44.22 18.48
CA LYS H 358 -10.18 42.90 18.43
C LYS H 358 -11.02 41.90 17.65
N ASN H 359 -12.33 42.08 17.69
CA ASN H 359 -13.25 41.14 17.04
C ASN H 359 -13.13 41.24 15.53
N GLU H 360 -13.05 42.46 15.03
CA GLU H 360 -12.99 42.64 13.58
C GLU H 360 -11.64 42.26 13.02
N GLU H 361 -10.59 42.40 13.85
CA GLU H 361 -9.19 42.09 13.50
C GLU H 361 -8.91 40.60 13.35
N THR H 362 -9.46 39.77 14.24
CA THR H 362 -9.19 38.31 14.28
C THR H 362 -10.02 37.49 13.27
N ILE H 363 -9.57 37.56 12.02
CA ILE H 363 -10.31 37.17 10.83
C ILE H 363 -9.34 36.26 10.05
N ARG H 364 -9.86 35.48 9.10
CA ARG H 364 -9.04 34.79 8.09
C ARG H 364 -7.83 34.01 8.61
N GLY H 365 -7.97 33.38 9.76
CA GLY H 365 -6.92 32.50 10.25
C GLY H 365 -6.15 32.97 11.48
N LYS H 366 -6.30 34.24 11.83
CA LYS H 366 -5.66 34.77 13.04
C LYS H 366 -6.30 34.18 14.29
N GLU H 367 -5.58 34.26 15.43
CA GLU H 367 -6.13 33.74 16.68
C GLU H 367 -5.82 34.68 17.82
N GLY H 368 -6.73 34.73 18.81
CA GLY H 368 -6.54 35.57 19.96
C GLY H 368 -7.78 35.65 20.85
N ILE H 369 -7.69 36.50 21.88
CA ILE H 369 -8.79 36.77 22.79
C ILE H 369 -9.58 37.92 22.22
N ILE H 370 -10.93 37.85 22.35
CA ILE H 370 -11.75 38.99 21.88
C ILE H 370 -12.54 39.67 22.99
N SER H 371 -12.65 39.03 24.15
CA SER H 371 -13.32 39.66 25.29
C SER H 371 -12.51 40.85 25.81
N THR H 372 -13.18 41.84 26.36
CA THR H 372 -12.50 42.98 26.97
C THR H 372 -11.79 42.52 28.24
N PRO H 373 -10.64 43.14 28.57
CA PRO H 373 -9.96 42.93 29.85
C PRO H 373 -10.90 42.66 31.04
N ASP H 374 -11.93 43.51 31.19
CA ASP H 374 -12.87 43.43 32.32
C ASP H 374 -13.96 42.36 32.19
N SER H 375 -14.11 41.79 31.00
CA SER H 375 -15.12 40.78 30.74
C SER H 375 -14.99 39.54 31.65
N ARG H 376 -16.11 39.18 32.27
CA ARG H 376 -16.15 38.10 33.27
C ARG H 376 -16.08 36.71 32.67
N VAL H 377 -16.49 36.57 31.41
CA VAL H 377 -16.29 35.33 30.66
C VAL H 377 -15.41 35.65 29.44
N LYS H 378 -14.32 34.90 29.27
CA LYS H 378 -13.36 35.20 28.21
C LYS H 378 -13.83 34.60 26.90
N VAL H 379 -13.70 35.36 25.81
CA VAL H 379 -14.10 34.88 24.49
C VAL H 379 -12.89 34.84 23.56
N LEU H 380 -12.65 33.69 22.95
CA LEU H 380 -11.47 33.47 22.10
C LEU H 380 -11.82 32.98 20.70
N VAL H 381 -11.02 33.39 19.73
CA VAL H 381 -11.06 32.81 18.38
C VAL H 381 -9.84 31.93 18.24
N VAL H 382 -10.05 30.63 18.10
CA VAL H 382 -8.93 29.69 17.99
C VAL H 382 -9.10 28.87 16.72
N PRO H 383 -8.47 29.30 15.61
CA PRO H 383 -8.61 28.55 14.37
C PRO H 383 -8.26 27.11 14.60
N THR H 384 -9.14 26.25 14.13
CA THR H 384 -9.00 24.82 14.33
C THR H 384 -7.99 24.23 13.36
N ASN H 385 -7.30 23.18 13.80
CA ASN H 385 -6.30 22.50 13.03
C ASN H 385 -6.40 21.02 13.39
N GLU H 386 -7.46 20.39 12.91
CA GLU H 386 -7.71 18.98 13.27
C GLU H 386 -6.59 18.02 12.86
N GLU H 387 -5.91 18.33 11.76
CA GLU H 387 -4.84 17.50 11.23
C GLU H 387 -3.67 17.49 12.19
N LEU H 388 -3.24 18.68 12.63
CA LEU H 388 -2.15 18.80 13.60
C LEU H 388 -2.47 18.03 14.87
N MET H 389 -3.72 18.09 15.29
CA MET H 389 -4.17 17.32 16.43
C MET H 389 -3.92 15.83 16.21
N ILE H 390 -4.23 15.33 15.01
CA ILE H 390 -4.03 13.94 14.68
C ILE H 390 -2.54 13.62 14.73
N ALA H 391 -1.74 14.44 14.04
CA ALA H 391 -0.30 14.26 14.00
C ALA H 391 0.29 14.15 15.41
N ARG H 392 -0.22 14.95 16.33
CA ARG H 392 0.22 14.95 17.72
C ARG H 392 -0.13 13.68 18.50
N ASP H 393 -1.31 13.11 18.25
CA ASP H 393 -1.69 11.87 18.90
C ASP H 393 -0.87 10.75 18.31
N THR H 394 -0.64 10.81 17.01
CA THR H 394 0.13 9.82 16.31
C THR H 394 1.52 9.83 16.89
N LYS H 395 2.09 11.01 17.01
CA LYS H 395 3.44 11.20 17.57
C LYS H 395 3.59 10.55 18.93
N GLU H 396 2.65 10.86 19.84
CA GLU H 396 2.71 10.32 21.21
C GLU H 396 2.66 8.82 21.22
N ILE H 397 1.66 8.25 20.53
CA ILE H 397 1.50 6.80 20.49
C ILE H 397 2.74 6.15 19.89
N VAL H 398 3.17 6.64 18.72
CA VAL H 398 4.29 6.05 18.00
C VAL H 398 5.58 6.05 18.80
N GLU H 399 5.87 7.13 19.54
CA GLU H 399 6.99 7.11 20.51
C GLU H 399 6.71 6.07 21.61
N LYS H 400 7.21 4.84 21.40
CA LYS H 400 6.92 3.68 22.26
C LYS H 400 7.30 2.38 21.55
N MET I 1 -38.34 -32.85 29.35
CA MET I 1 -37.68 -32.04 28.28
C MET I 1 -36.93 -32.92 27.29
N ARG I 2 -36.94 -32.55 26.01
CA ARG I 2 -36.33 -33.37 24.99
C ARG I 2 -35.13 -32.75 24.30
N VAL I 3 -33.95 -33.29 24.58
CA VAL I 3 -32.71 -32.82 23.97
C VAL I 3 -32.29 -33.72 22.80
N LEU I 4 -31.97 -33.07 21.69
CA LEU I 4 -31.34 -33.74 20.58
C LEU I 4 -29.83 -33.48 20.67
N VAL I 5 -29.08 -34.57 20.80
CA VAL I 5 -27.63 -34.50 20.98
C VAL I 5 -27.00 -34.82 19.65
N ILE I 6 -26.09 -33.95 19.22
CA ILE I 6 -25.46 -34.06 17.93
C ILE I 6 -23.94 -34.14 18.08
N ASN I 7 -23.32 -34.97 17.24
CA ASN I 7 -21.87 -34.99 17.16
C ASN I 7 -21.50 -35.06 15.69
N SER I 8 -21.16 -33.91 15.09
CA SER I 8 -20.83 -33.87 13.66
C SER I 8 -19.34 -33.86 13.36
N GLY I 9 -18.89 -34.95 12.75
CA GLY I 9 -17.52 -35.09 12.27
C GLY I 9 -17.48 -34.76 10.80
N SER I 10 -16.27 -34.69 10.24
CA SER I 10 -16.09 -34.23 8.87
C SER I 10 -16.89 -35.06 7.89
N SER I 11 -17.11 -36.33 8.22
CA SER I 11 -17.75 -37.24 7.27
C SER I 11 -19.16 -37.68 7.66
N SER I 12 -19.60 -37.33 8.87
CA SER I 12 -20.85 -37.86 9.44
C SER I 12 -21.45 -37.01 10.57
N ILE I 13 -22.77 -37.08 10.70
CA ILE I 13 -23.43 -36.59 11.91
C ILE I 13 -23.99 -37.78 12.64
N LYS I 14 -23.72 -37.89 13.93
CA LYS I 14 -24.37 -38.91 14.74
C LYS I 14 -25.16 -38.30 15.88
N TYR I 15 -26.39 -38.82 16.04
CA TYR I 15 -27.37 -38.22 16.95
C TYR I 15 -28.04 -39.13 17.95
N GLN I 16 -28.41 -38.52 19.07
CA GLN I 16 -29.27 -39.20 20.03
C GLN I 16 -30.40 -38.24 20.42
N LEU I 17 -31.58 -38.79 20.59
CA LEU I 17 -32.72 -38.02 21.05
C LEU I 17 -33.06 -38.50 22.45
N ILE I 18 -32.59 -37.73 23.46
CA ILE I 18 -32.78 -38.09 24.85
C ILE I 18 -33.83 -37.29 25.55
N GLU I 19 -34.74 -37.99 26.18
CA GLU I 19 -35.75 -37.37 26.98
C GLU I 19 -35.13 -37.18 28.36
N MET I 20 -34.91 -35.91 28.69
CA MET I 20 -34.31 -35.49 29.94
C MET I 20 -35.10 -35.83 31.17
N GLU I 21 -36.33 -36.22 30.98
CA GLU I 21 -37.08 -36.53 32.18
C GLU I 21 -36.96 -37.95 32.60
N GLY I 22 -36.82 -38.82 31.64
CA GLY I 22 -36.66 -40.22 31.98
C GLY I 22 -35.21 -40.64 31.75
N GLU I 23 -34.45 -39.71 31.17
CA GLU I 23 -33.06 -39.89 30.75
C GLU I 23 -33.00 -41.16 29.92
N LYS I 24 -33.92 -41.21 28.96
CA LYS I 24 -34.09 -42.33 28.03
C LYS I 24 -33.73 -41.95 26.62
N VAL I 25 -32.98 -42.82 25.95
CA VAL I 25 -32.65 -42.61 24.55
C VAL I 25 -33.89 -43.07 23.78
N LEU I 26 -34.57 -42.12 23.16
CA LEU I 26 -35.77 -42.41 22.39
C LEU I 26 -35.38 -43.05 21.06
N CYS I 27 -34.29 -42.55 20.49
CA CYS I 27 -33.69 -43.14 19.31
C CYS I 27 -32.30 -42.58 19.17
N LYS I 28 -31.46 -43.28 18.40
CA LYS I 28 -30.16 -42.76 18.01
C LYS I 28 -29.80 -43.24 16.61
N GLY I 29 -28.77 -42.66 16.03
CA GLY I 29 -28.32 -43.07 14.72
C GLY I 29 -27.12 -42.31 14.21
N ILE I 30 -26.84 -42.49 12.93
CA ILE I 30 -25.72 -41.83 12.27
C ILE I 30 -26.06 -41.58 10.80
N ALA I 31 -25.79 -40.37 10.33
CA ALA I 31 -25.81 -40.06 8.90
C ALA I 31 -24.38 -40.21 8.38
N GLU I 32 -24.14 -41.21 7.53
CA GLU I 32 -22.80 -41.60 7.14
C GLU I 32 -22.41 -41.15 5.76
N ARG I 33 -21.11 -41.02 5.54
CA ARG I 33 -20.57 -40.80 4.21
C ARG I 33 -21.14 -39.56 3.53
N ILE I 34 -21.31 -38.49 4.31
CA ILE I 34 -21.71 -37.18 3.77
C ILE I 34 -20.62 -36.65 2.84
N GLY I 35 -21.03 -36.27 1.63
CA GLY I 35 -20.11 -35.78 0.61
C GLY I 35 -19.61 -36.87 -0.33
N ILE I 36 -19.40 -38.07 0.21
CA ILE I 36 -18.93 -39.21 -0.57
C ILE I 36 -20.13 -39.93 -1.18
N GLU I 37 -19.85 -40.85 -2.10
CA GLU I 37 -20.89 -41.64 -2.73
C GLU I 37 -21.51 -42.64 -1.77
N GLY I 38 -22.79 -42.93 -2.00
CA GLY I 38 -23.54 -43.89 -1.19
C GLY I 38 -23.63 -43.46 0.24
N SER I 39 -23.85 -42.17 0.46
CA SER I 39 -24.15 -41.67 1.78
C SER I 39 -25.50 -42.24 2.21
N ARG I 40 -25.70 -42.34 3.52
CA ARG I 40 -26.87 -43.02 4.08
C ARG I 40 -27.10 -42.66 5.54
N LEU I 41 -28.30 -42.97 6.02
CA LEU I 41 -28.64 -42.79 7.43
C LEU I 41 -28.94 -44.15 8.04
N VAL I 42 -28.23 -44.48 9.11
CA VAL I 42 -28.52 -45.66 9.92
C VAL I 42 -29.27 -45.18 11.16
N HIS I 43 -30.50 -45.64 11.33
CA HIS I 43 -31.39 -45.13 12.37
C HIS I 43 -31.88 -46.27 13.25
N ARG I 44 -31.61 -46.15 14.55
CA ARG I 44 -32.00 -47.15 15.53
C ARG I 44 -33.13 -46.66 16.44
N VAL I 45 -34.22 -47.42 16.50
CA VAL I 45 -35.33 -47.18 17.43
C VAL I 45 -35.57 -48.45 18.21
N GLY I 46 -34.86 -48.57 19.33
CA GLY I 46 -34.90 -49.79 20.11
C GLY I 46 -34.19 -50.90 19.35
N ASP I 47 -34.91 -52.00 19.11
CA ASP I 47 -34.38 -53.21 18.43
C ASP I 47 -34.13 -53.03 16.93
N GLU I 48 -34.94 -52.18 16.32
CA GLU I 48 -34.94 -52.00 14.86
C GLU I 48 -33.80 -51.10 14.39
N LYS I 49 -33.18 -51.48 13.28
CA LYS I 49 -32.13 -50.72 12.62
C LYS I 49 -32.59 -50.45 11.19
N HIS I 50 -32.86 -49.20 10.86
CA HIS I 50 -33.33 -48.85 9.52
C HIS I 50 -32.24 -48.15 8.74
N VAL I 51 -32.06 -48.59 7.50
CA VAL I 51 -31.07 -48.02 6.59
C VAL I 51 -31.81 -47.22 5.49
N ILE I 52 -31.49 -45.92 5.40
CA ILE I 52 -31.99 -45.09 4.31
C ILE I 52 -30.86 -44.63 3.38
N GLU I 53 -30.96 -45.03 2.11
CA GLU I 53 -30.00 -44.66 1.06
C GLU I 53 -30.44 -43.31 0.48
N ARG I 54 -29.48 -42.40 0.37
CA ARG I 54 -29.72 -41.09 -0.26
C ARG I 54 -28.45 -40.25 -0.36
N GLU I 55 -28.43 -39.38 -1.37
CA GLU I 55 -27.38 -38.40 -1.55
C GLU I 55 -27.49 -37.37 -0.43
N LEU I 56 -26.39 -37.20 0.30
CA LEU I 56 -26.26 -36.14 1.28
C LEU I 56 -25.00 -35.38 0.97
N PRO I 57 -25.11 -34.28 0.19
CA PRO I 57 -23.93 -33.54 -0.24
C PRO I 57 -23.23 -32.78 0.88
N ASP I 58 -23.99 -32.32 1.88
CA ASP I 58 -23.42 -31.67 3.07
C ASP I 58 -24.19 -31.97 4.35
N HIS I 59 -23.73 -31.36 5.46
CA HIS I 59 -24.26 -31.62 6.79
C HIS I 59 -25.67 -31.12 6.96
N GLU I 60 -26.03 -30.02 6.28
CA GLU I 60 -27.40 -29.53 6.33
C GLU I 60 -28.39 -30.50 5.73
N GLU I 61 -28.19 -30.89 4.47
CA GLU I 61 -29.07 -31.87 3.82
C GLU I 61 -29.11 -33.18 4.61
N ALA I 62 -28.01 -33.50 5.29
CA ALA I 62 -27.92 -34.68 6.16
C ALA I 62 -28.75 -34.52 7.43
N LEU I 63 -28.67 -33.37 8.07
CA LEU I 63 -29.45 -33.13 9.28
C LEU I 63 -30.93 -33.09 8.98
N LYS I 64 -31.27 -32.54 7.82
CA LYS I 64 -32.64 -32.54 7.33
C LYS I 64 -33.21 -33.97 7.34
N LEU I 65 -32.56 -34.89 6.61
CA LEU I 65 -32.97 -36.30 6.57
C LEU I 65 -33.14 -36.91 7.97
N ILE I 66 -32.26 -36.54 8.92
CA ILE I 66 -32.34 -36.98 10.30
C ILE I 66 -33.62 -36.45 10.93
N LEU I 67 -33.81 -35.15 10.82
CA LEU I 67 -34.99 -34.52 11.40
C LEU I 67 -36.29 -35.07 10.82
N ASN I 68 -36.38 -35.17 9.48
CA ASN I 68 -37.53 -35.76 8.80
C ASN I 68 -37.90 -37.10 9.37
N THR I 69 -36.90 -37.96 9.55
CA THR I 69 -37.15 -39.33 10.00
C THR I 69 -37.40 -39.43 11.51
N LEU I 70 -37.05 -38.39 12.25
CA LEU I 70 -37.44 -38.31 13.66
C LEU I 70 -38.96 -38.22 13.79
N VAL I 71 -39.59 -37.74 12.72
CA VAL I 71 -41.01 -37.39 12.69
C VAL I 71 -41.81 -38.36 11.81
N ASP I 72 -41.19 -38.90 10.75
CA ASP I 72 -41.85 -39.89 9.89
C ASP I 72 -42.51 -40.90 10.78
N GLU I 73 -43.82 -41.06 10.66
CA GLU I 73 -44.53 -41.90 11.62
C GLU I 73 -44.46 -43.40 11.34
N LYS I 74 -43.46 -43.85 10.59
CA LYS I 74 -43.14 -45.27 10.54
C LYS I 74 -41.88 -45.54 11.31
N LEU I 75 -40.87 -44.72 11.06
CA LEU I 75 -39.57 -44.89 11.69
C LEU I 75 -39.36 -43.80 12.73
N GLY I 76 -40.42 -43.07 13.07
CA GLY I 76 -40.31 -41.88 13.92
C GLY I 76 -40.47 -42.11 15.40
N VAL I 77 -40.37 -41.03 16.16
CA VAL I 77 -40.33 -41.13 17.62
C VAL I 77 -41.04 -39.94 18.29
N ILE I 78 -41.30 -38.89 17.52
CA ILE I 78 -41.97 -37.68 18.01
C ILE I 78 -42.96 -37.17 16.97
N LYS I 79 -44.10 -36.66 17.42
CA LYS I 79 -45.17 -36.18 16.53
C LYS I 79 -44.79 -34.98 15.66
N ASP I 80 -44.22 -33.95 16.31
CA ASP I 80 -43.83 -32.68 15.71
C ASP I 80 -42.33 -32.56 15.69
N LEU I 81 -41.82 -31.50 15.05
CA LEU I 81 -40.44 -31.10 15.28
C LEU I 81 -40.42 -30.10 16.46
N LYS I 82 -41.60 -29.67 16.87
CA LYS I 82 -41.73 -28.78 18.01
C LYS I 82 -41.39 -29.53 19.29
N GLU I 83 -41.45 -30.85 19.22
CA GLU I 83 -41.14 -31.75 20.34
C GLU I 83 -39.71 -31.66 20.86
N ILE I 84 -38.76 -31.40 19.97
CA ILE I 84 -37.36 -31.15 20.32
C ILE I 84 -37.24 -29.82 21.08
N ASP I 85 -36.97 -29.91 22.37
CA ASP I 85 -36.93 -28.73 23.23
C ASP I 85 -35.60 -27.98 23.17
N ALA I 86 -34.51 -28.68 22.87
CA ALA I 86 -33.17 -28.08 22.73
C ALA I 86 -32.22 -28.99 21.95
N VAL I 87 -31.10 -28.44 21.49
CA VAL I 87 -30.11 -29.22 20.75
C VAL I 87 -28.72 -29.03 21.35
N GLY I 88 -28.06 -30.14 21.70
CA GLY I 88 -26.70 -30.10 22.27
C GLY I 88 -25.63 -30.62 21.34
N HIS I 89 -24.60 -29.81 21.10
CA HIS I 89 -23.54 -30.14 20.14
C HIS I 89 -22.22 -30.41 20.80
N ARG I 90 -21.52 -31.43 20.31
CA ARG I 90 -20.15 -31.67 20.70
C ARG I 90 -19.24 -30.83 19.82
N VAL I 91 -18.50 -29.91 20.46
CA VAL I 91 -17.48 -29.13 19.77
C VAL I 91 -16.13 -29.54 20.33
N VAL I 92 -15.26 -30.08 19.47
CA VAL I 92 -13.96 -30.58 19.88
C VAL I 92 -13.13 -29.53 20.65
N HIS I 93 -12.89 -28.37 20.04
CA HIS I 93 -11.93 -27.46 20.63
C HIS I 93 -12.56 -26.17 21.05
N GLY I 94 -12.42 -25.84 22.32
CA GLY I 94 -12.91 -24.58 22.88
C GLY I 94 -11.82 -23.55 23.14
N GLY I 95 -10.56 -23.98 23.10
CA GLY I 95 -9.42 -23.13 23.40
C GLY I 95 -9.51 -22.61 24.82
N GLU I 96 -8.88 -21.47 25.06
CA GLU I 96 -8.82 -20.87 26.39
C GLU I 96 -10.07 -20.09 26.75
N ARG I 97 -10.87 -19.70 25.75
CA ARG I 97 -12.11 -18.91 25.97
C ARG I 97 -13.14 -19.67 26.75
N PHE I 98 -13.53 -20.83 26.23
CA PHE I 98 -14.67 -21.57 26.74
C PHE I 98 -14.32 -22.52 27.89
N LYS I 99 -14.68 -22.12 29.11
CA LYS I 99 -14.37 -22.90 30.31
C LYS I 99 -15.44 -23.95 30.58
N GLU I 100 -16.65 -23.72 30.07
CA GLU I 100 -17.78 -24.61 30.29
C GLU I 100 -18.77 -24.45 29.14
N SER I 101 -19.75 -25.36 29.05
CA SER I 101 -20.77 -25.33 28.00
C SER I 101 -21.52 -24.00 27.93
N VAL I 102 -21.90 -23.58 26.72
CA VAL I 102 -22.52 -22.26 26.50
C VAL I 102 -23.72 -22.36 25.56
N LEU I 103 -24.72 -21.52 25.81
CA LEU I 103 -25.81 -21.30 24.85
C LEU I 103 -25.28 -20.54 23.62
N VAL I 104 -25.48 -21.10 22.44
CA VAL I 104 -24.97 -20.53 21.20
C VAL I 104 -25.81 -19.35 20.72
N ASP I 105 -25.15 -18.20 20.60
CA ASP I 105 -25.67 -17.03 19.85
C ASP I 105 -24.60 -16.59 18.82
N GLU I 106 -24.80 -15.46 18.14
CA GLU I 106 -23.85 -15.05 17.09
C GLU I 106 -22.46 -14.86 17.64
N GLU I 107 -22.39 -14.30 18.83
CA GLU I 107 -21.14 -14.07 19.55
C GLU I 107 -20.37 -15.35 19.73
N VAL I 108 -21.03 -16.34 20.32
CA VAL I 108 -20.41 -17.64 20.60
C VAL I 108 -19.97 -18.29 19.30
N LEU I 109 -20.83 -18.21 18.29
CA LEU I 109 -20.58 -18.80 16.98
C LEU I 109 -19.33 -18.25 16.32
N LYS I 110 -19.17 -16.93 16.38
CA LYS I 110 -18.00 -16.25 15.86
C LYS I 110 -16.76 -16.64 16.67
N ALA I 111 -16.95 -16.71 18.00
CA ALA I 111 -15.87 -17.05 18.92
C ALA I 111 -15.39 -18.49 18.74
N ILE I 112 -16.26 -19.37 18.24
CA ILE I 112 -15.88 -20.75 17.99
C ILE I 112 -15.02 -20.82 16.73
N GLU I 113 -15.41 -20.07 15.69
CA GLU I 113 -14.64 -20.02 14.45
C GLU I 113 -13.24 -19.56 14.73
N GLU I 114 -13.12 -18.60 15.63
CA GLU I 114 -11.83 -18.03 16.00
C GLU I 114 -10.89 -19.07 16.62
N VAL I 115 -11.48 -20.06 17.27
CA VAL I 115 -10.73 -21.13 17.91
C VAL I 115 -10.48 -22.29 16.92
N SER I 116 -11.27 -22.35 15.84
CA SER I 116 -11.21 -23.45 14.85
C SER I 116 -9.83 -23.84 14.33
N PRO I 117 -8.93 -22.85 14.09
CA PRO I 117 -7.57 -23.22 13.63
C PRO I 117 -6.77 -24.09 14.60
N LEU I 118 -7.22 -24.22 15.85
CA LEU I 118 -6.55 -25.07 16.83
C LEU I 118 -7.01 -26.51 16.76
N ALA I 119 -7.96 -26.79 15.87
CA ALA I 119 -8.42 -28.17 15.59
C ALA I 119 -9.07 -28.23 14.22
N PRO I 120 -8.29 -27.88 13.15
CA PRO I 120 -8.81 -27.63 11.82
C PRO I 120 -9.56 -28.81 11.27
N LEU I 121 -9.28 -30.00 11.79
CA LEU I 121 -9.90 -31.18 11.23
C LEU I 121 -11.23 -31.51 11.91
N HIS I 122 -11.55 -30.77 12.97
CA HIS I 122 -12.74 -31.06 13.76
C HIS I 122 -13.75 -29.92 13.90
N ASN I 123 -13.30 -28.79 14.42
CA ASN I 123 -14.20 -27.67 14.67
C ASN I 123 -15.06 -27.26 13.47
N PRO I 124 -14.47 -27.09 12.27
CA PRO I 124 -15.28 -26.74 11.12
C PRO I 124 -16.56 -27.55 10.98
N ALA I 125 -16.44 -28.88 11.02
CA ALA I 125 -17.60 -29.76 10.93
C ALA I 125 -18.58 -29.65 12.12
N ASN I 126 -18.07 -29.26 13.28
CA ASN I 126 -18.94 -29.04 14.44
C ASN I 126 -19.87 -27.89 14.18
N LEU I 127 -19.27 -26.74 13.83
CA LEU I 127 -19.99 -25.54 13.43
C LEU I 127 -21.03 -25.80 12.35
N MET I 128 -20.63 -26.54 11.31
CA MET I 128 -21.54 -26.97 10.25
C MET I 128 -22.79 -27.57 10.85
N GLY I 129 -22.61 -28.39 11.89
CA GLY I 129 -23.71 -29.03 12.62
C GLY I 129 -24.56 -28.03 13.36
N ILE I 130 -23.91 -27.11 14.07
CA ILE I 130 -24.60 -26.02 14.77
C ILE I 130 -25.40 -25.15 13.80
N LYS I 131 -24.75 -24.59 12.78
CA LYS I 131 -25.42 -23.68 11.84
C LYS I 131 -26.62 -24.34 11.14
N ALA I 132 -26.47 -25.61 10.81
CA ALA I 132 -27.52 -26.40 10.18
C ALA I 132 -28.65 -26.61 11.16
N ALA I 133 -28.32 -26.85 12.42
CA ALA I 133 -29.36 -27.06 13.42
C ALA I 133 -30.16 -25.79 13.68
N MET I 134 -29.48 -24.65 13.74
CA MET I 134 -30.15 -23.37 13.97
C MET I 134 -31.05 -23.00 12.82
N LYS I 135 -30.62 -23.35 11.61
CA LYS I 135 -31.36 -23.04 10.39
C LYS I 135 -32.63 -23.86 10.30
N LEU I 136 -32.52 -25.17 10.52
CA LEU I 136 -33.64 -26.08 10.34
C LEU I 136 -34.59 -26.12 11.55
N LEU I 137 -34.10 -25.70 12.71
CA LEU I 137 -34.94 -25.60 13.90
C LEU I 137 -34.88 -24.19 14.49
N PRO I 138 -35.42 -23.18 13.75
CA PRO I 138 -35.37 -21.78 14.20
C PRO I 138 -36.02 -21.64 15.56
N GLY I 139 -35.40 -20.85 16.43
CA GLY I 139 -35.95 -20.58 17.75
C GLY I 139 -35.54 -21.57 18.82
N VAL I 140 -35.29 -22.82 18.42
CA VAL I 140 -34.80 -23.84 19.34
C VAL I 140 -33.37 -23.50 19.74
N PRO I 141 -33.12 -23.37 21.06
CA PRO I 141 -31.78 -23.06 21.57
C PRO I 141 -30.75 -24.17 21.28
N ASN I 142 -29.52 -23.77 20.95
CA ASN I 142 -28.43 -24.73 20.78
C ASN I 142 -27.35 -24.55 21.86
N VAL I 143 -26.89 -25.65 22.44
CA VAL I 143 -25.81 -25.59 23.43
C VAL I 143 -24.57 -26.29 22.90
N ALA I 144 -23.41 -25.63 23.06
CA ALA I 144 -22.12 -26.17 22.66
C ALA I 144 -21.43 -26.71 23.89
N VAL I 145 -21.00 -27.97 23.84
CA VAL I 145 -20.24 -28.59 24.93
C VAL I 145 -18.84 -28.90 24.43
N PHE I 146 -17.81 -28.37 25.09
CA PHE I 146 -16.45 -28.44 24.59
C PHE I 146 -15.55 -29.55 25.15
N ASP I 147 -15.00 -30.36 24.25
CA ASP I 147 -14.05 -31.39 24.59
C ASP I 147 -12.86 -30.91 25.42
N THR I 148 -12.49 -29.64 25.29
CA THR I 148 -11.31 -29.11 25.98
C THR I 148 -11.61 -28.39 27.29
N ALA I 149 -12.90 -28.11 27.53
CA ALA I 149 -13.33 -27.24 28.62
C ALA I 149 -13.02 -27.77 30.00
N PHE I 150 -13.31 -29.06 30.23
CA PHE I 150 -13.07 -29.65 31.55
C PHE I 150 -11.63 -29.43 32.00
N HIS I 151 -10.73 -29.39 31.02
CA HIS I 151 -9.29 -29.29 31.23
C HIS I 151 -8.79 -27.87 31.44
N GLN I 152 -9.67 -26.87 31.31
CA GLN I 152 -9.23 -25.49 31.47
C GLN I 152 -8.81 -25.10 32.88
N THR I 153 -9.01 -26.00 33.83
CA THR I 153 -8.63 -25.77 35.21
C THR I 153 -7.19 -26.14 35.49
N ILE I 154 -6.56 -26.82 34.54
CA ILE I 154 -5.15 -27.17 34.62
C ILE I 154 -4.27 -25.93 34.86
N PRO I 155 -3.42 -25.96 35.89
CA PRO I 155 -2.52 -24.85 36.24
C PRO I 155 -1.44 -24.61 35.21
N GLN I 156 -0.74 -23.49 35.30
CA GLN I 156 0.29 -23.17 34.33
C GLN I 156 1.44 -24.17 34.32
N LYS I 157 1.87 -24.59 35.51
CA LYS I 157 2.97 -25.54 35.65
C LYS I 157 2.77 -26.78 34.80
N ALA I 158 1.54 -27.01 34.39
CA ALA I 158 1.15 -28.26 33.76
C ALA I 158 0.78 -28.15 32.29
N TYR I 159 0.45 -26.94 31.83
CA TYR I 159 0.04 -26.75 30.44
C TYR I 159 1.07 -26.08 29.55
N LEU I 160 2.13 -25.53 30.12
CA LEU I 160 3.19 -24.90 29.33
C LEU I 160 4.30 -25.90 28.95
N TYR I 161 4.63 -25.95 27.67
CA TYR I 161 5.70 -26.84 27.27
C TYR I 161 7.03 -26.14 27.46
N ALA I 162 8.09 -26.91 27.62
CA ALA I 162 9.41 -26.34 27.83
C ALA I 162 10.03 -25.88 26.52
N ILE I 163 9.29 -25.05 25.80
CA ILE I 163 9.72 -24.51 24.52
C ILE I 163 9.66 -22.99 24.62
N PRO I 164 10.29 -22.26 23.67
CA PRO I 164 10.23 -20.80 23.75
C PRO I 164 8.82 -20.29 24.06
N TYR I 165 8.70 -19.40 25.04
CA TYR I 165 7.40 -18.94 25.50
C TYR I 165 6.68 -18.16 24.41
N GLU I 166 7.48 -17.51 23.56
CA GLU I 166 7.02 -16.87 22.34
C GLU I 166 5.99 -17.71 21.62
N TYR I 167 6.16 -19.03 21.63
CA TYR I 167 5.26 -19.92 20.90
C TYR I 167 3.89 -19.98 21.53
N TYR I 168 3.81 -19.76 22.85
CA TYR I 168 2.51 -19.64 23.50
C TYR I 168 1.92 -18.26 23.28
N GLU I 169 2.75 -17.22 23.44
CA GLU I 169 2.31 -15.85 23.21
C GLU I 169 1.71 -15.70 21.81
N LYS I 170 2.43 -16.21 20.82
CA LYS I 170 2.08 -16.01 19.43
C LYS I 170 1.02 -16.96 18.89
N TYR I 171 1.15 -18.26 19.18
CA TYR I 171 0.20 -19.27 18.64
C TYR I 171 -0.70 -19.97 19.67
N LYS I 172 -0.58 -19.62 20.94
CA LYS I 172 -1.33 -20.25 22.02
C LYS I 172 -1.06 -21.74 22.04
N ILE I 173 0.22 -22.12 21.95
CA ILE I 173 0.61 -23.52 22.00
C ILE I 173 0.78 -23.93 23.47
N ARG I 174 -0.18 -24.73 23.95
CA ARG I 174 -0.19 -25.18 25.33
C ARG I 174 -0.85 -26.54 25.34
N ARG I 175 -0.91 -27.19 26.49
CA ARG I 175 -1.68 -28.41 26.65
C ARG I 175 -3.14 -28.01 26.74
N TYR I 176 -3.99 -28.54 25.85
CA TYR I 176 -5.43 -28.32 25.99
C TYR I 176 -6.12 -29.54 26.55
N GLY I 177 -5.73 -30.72 26.04
CA GLY I 177 -6.31 -31.97 26.46
C GLY I 177 -7.60 -32.23 25.72
N PHE I 178 -8.04 -33.48 25.70
CA PHE I 178 -9.29 -33.86 25.04
C PHE I 178 -10.00 -34.98 25.80
N HIS I 179 -11.15 -35.43 25.30
CA HIS I 179 -12.00 -36.32 26.06
C HIS I 179 -12.47 -35.63 27.32
N GLY I 180 -12.56 -34.32 27.26
CA GLY I 180 -12.92 -33.50 28.40
C GLY I 180 -14.24 -33.91 28.99
N THR I 181 -15.27 -33.97 28.15
CA THR I 181 -16.60 -34.20 28.69
C THR I 181 -16.79 -35.67 29.07
N SER I 182 -15.86 -36.54 28.68
CA SER I 182 -15.87 -37.91 29.15
C SER I 182 -15.20 -38.07 30.52
N HIS I 183 -14.03 -37.49 30.67
CA HIS I 183 -13.34 -37.44 31.97
C HIS I 183 -14.20 -36.76 33.01
N ARG I 184 -14.89 -35.70 32.61
CA ARG I 184 -15.83 -35.01 33.48
C ARG I 184 -17.01 -35.92 33.88
N TYR I 185 -17.57 -36.65 32.92
CA TYR I 185 -18.71 -37.52 33.21
C TYR I 185 -18.38 -38.63 34.18
N VAL I 186 -17.29 -39.33 33.92
CA VAL I 186 -16.97 -40.52 34.69
C VAL I 186 -16.43 -40.21 36.08
N SER I 187 -15.67 -39.12 36.20
CA SER I 187 -15.15 -38.70 37.50
C SER I 187 -16.29 -38.33 38.43
N LYS I 188 -17.31 -37.67 37.89
CA LYS I 188 -18.49 -37.28 38.65
C LYS I 188 -19.34 -38.50 38.99
N ARG I 189 -19.55 -39.38 38.02
CA ARG I 189 -20.31 -40.60 38.21
C ARG I 189 -19.67 -41.53 39.24
N ALA I 190 -18.35 -41.61 39.22
CA ALA I 190 -17.58 -42.41 40.17
C ALA I 190 -17.78 -41.94 41.61
N ALA I 191 -17.70 -40.62 41.81
CA ALA I 191 -17.93 -40.02 43.14
C ALA I 191 -19.31 -40.37 43.69
N GLU I 192 -20.31 -40.37 42.81
CA GLU I 192 -21.68 -40.73 43.18
C GLU I 192 -21.74 -42.18 43.64
N ILE I 193 -21.05 -43.06 42.91
CA ILE I 193 -21.02 -44.49 43.24
C ILE I 193 -20.37 -44.74 44.61
N LEU I 194 -19.38 -43.92 44.95
CA LEU I 194 -18.64 -44.06 46.21
C LEU I 194 -19.36 -43.41 47.38
N GLY I 195 -20.45 -42.71 47.09
CA GLY I 195 -21.24 -42.02 48.11
C GLY I 195 -20.49 -40.87 48.76
N LYS I 196 -19.64 -40.21 47.97
CA LYS I 196 -18.79 -39.11 48.46
C LYS I 196 -18.80 -37.90 47.53
N LYS I 197 -18.65 -36.72 48.13
CA LYS I 197 -18.59 -35.48 47.36
C LYS I 197 -17.34 -35.48 46.49
N LEU I 198 -17.49 -34.99 45.27
CA LEU I 198 -16.39 -34.90 44.31
C LEU I 198 -15.25 -34.00 44.79
N GLU I 199 -15.56 -32.97 45.57
CA GLU I 199 -14.57 -31.99 46.04
C GLU I 199 -13.64 -32.51 47.14
N GLU I 200 -13.84 -33.76 47.55
CA GLU I 200 -12.94 -34.39 48.54
C GLU I 200 -12.40 -35.73 48.03
N LEU I 201 -12.28 -35.84 46.73
CA LEU I 201 -11.69 -37.02 46.11
C LEU I 201 -10.63 -36.66 45.08
N LYS I 202 -9.55 -37.42 45.10
CA LYS I 202 -8.54 -37.35 44.07
C LYS I 202 -8.77 -38.51 43.13
N ILE I 203 -9.31 -38.25 41.95
CA ILE I 203 -9.62 -39.31 40.99
C ILE I 203 -8.74 -39.24 39.75
N ILE I 204 -8.22 -40.39 39.32
CA ILE I 204 -7.51 -40.54 38.06
C ILE I 204 -8.44 -41.30 37.12
N THR I 205 -8.81 -40.66 36.02
CA THR I 205 -9.72 -41.25 35.03
C THR I 205 -9.00 -41.64 33.74
N CYS I 206 -9.23 -42.87 33.31
CA CYS I 206 -8.54 -43.43 32.15
C CYS I 206 -9.51 -43.73 31.02
N HIS I 207 -9.61 -42.79 30.08
CA HIS I 207 -10.48 -42.95 28.92
C HIS I 207 -9.64 -43.66 27.91
N ILE I 208 -9.86 -44.96 27.83
CA ILE I 208 -9.00 -45.83 27.04
C ILE I 208 -9.80 -46.50 25.95
N GLY I 209 -9.70 -45.95 24.75
CA GLY I 209 -10.41 -46.47 23.58
C GLY I 209 -9.55 -46.30 22.35
N ASN I 210 -10.18 -46.16 21.19
CA ASN I 210 -9.43 -45.92 19.96
C ASN I 210 -8.52 -44.67 20.03
N GLY I 211 -9.02 -43.63 20.70
CA GLY I 211 -8.16 -42.61 21.27
C GLY I 211 -8.09 -42.87 22.76
N ALA I 212 -7.01 -42.47 23.41
CA ALA I 212 -6.93 -42.66 24.86
C ALA I 212 -6.23 -41.52 25.56
N SER I 213 -6.81 -41.06 26.66
CA SER I 213 -6.14 -40.08 27.50
C SER I 213 -6.41 -40.37 28.96
N VAL I 214 -5.53 -39.86 29.83
CA VAL I 214 -5.77 -39.95 31.26
C VAL I 214 -5.99 -38.55 31.79
N ALA I 215 -6.89 -38.40 32.77
CA ALA I 215 -7.04 -37.12 33.46
C ALA I 215 -6.79 -37.27 34.96
N ALA I 216 -6.15 -36.26 35.55
CA ALA I 216 -5.96 -36.18 36.98
C ALA I 216 -6.98 -35.18 37.51
N VAL I 217 -8.00 -35.67 38.21
CA VAL I 217 -9.12 -34.86 38.66
C VAL I 217 -9.08 -34.63 40.17
N LYS I 218 -8.40 -33.55 40.58
CA LYS I 218 -8.14 -33.23 41.98
C LYS I 218 -9.23 -32.35 42.58
N TYR I 219 -10.04 -32.95 43.46
CA TYR I 219 -11.13 -32.28 44.19
C TYR I 219 -12.15 -31.68 43.22
N GLY I 220 -12.42 -32.40 42.14
CA GLY I 220 -13.39 -31.97 41.14
C GLY I 220 -12.86 -31.16 39.99
N LYS I 221 -11.64 -30.67 40.09
CA LYS I 221 -11.02 -29.89 39.01
C LYS I 221 -9.88 -30.67 38.35
N CYS I 222 -9.79 -30.61 37.03
CA CYS I 222 -8.73 -31.29 36.34
C CYS I 222 -7.39 -30.57 36.53
N VAL I 223 -6.35 -31.31 36.90
CA VAL I 223 -5.03 -30.73 37.15
C VAL I 223 -3.98 -31.12 36.11
N ASP I 224 -4.26 -32.17 35.34
CA ASP I 224 -3.38 -32.62 34.26
C ASP I 224 -4.13 -33.63 33.41
N THR I 225 -3.74 -33.71 32.14
CA THR I 225 -4.27 -34.72 31.22
C THR I 225 -3.20 -35.15 30.22
N SER I 226 -3.34 -36.37 29.70
CA SER I 226 -2.33 -37.01 28.86
C SER I 226 -2.16 -36.37 27.47
N MET I 227 -3.27 -36.04 26.80
CA MET I 227 -3.22 -35.46 25.48
C MET I 227 -2.78 -34.03 25.59
N GLY I 228 -2.30 -33.44 24.49
CA GLY I 228 -1.63 -32.14 24.60
C GLY I 228 -2.32 -31.03 23.84
N PHE I 229 -1.50 -30.29 23.10
CA PHE I 229 -1.96 -29.33 22.13
C PHE I 229 -2.88 -30.03 21.12
N THR I 230 -2.61 -31.31 20.89
CA THR I 230 -3.36 -32.14 19.95
C THR I 230 -3.59 -33.50 20.61
N PRO I 231 -4.39 -34.37 19.97
CA PRO I 231 -4.62 -35.72 20.49
C PRO I 231 -3.47 -36.72 20.29
N LEU I 232 -2.27 -36.28 19.90
CA LEU I 232 -1.16 -37.21 19.71
C LEU I 232 -0.42 -37.56 20.98
N GLU I 233 -0.42 -36.67 21.96
CA GLU I 233 0.35 -36.89 23.17
C GLU I 233 -0.23 -37.98 24.10
N GLY I 234 0.66 -38.64 24.82
CA GLY I 234 0.26 -39.52 25.90
C GLY I 234 0.19 -40.98 25.53
N LEU I 235 -0.88 -41.64 25.95
CA LEU I 235 -1.00 -43.08 25.87
C LEU I 235 -0.90 -43.62 24.45
N VAL I 236 -0.56 -44.90 24.35
CA VAL I 236 -0.62 -45.61 23.08
C VAL I 236 -2.07 -45.62 22.63
N MET I 237 -2.31 -45.23 21.38
CA MET I 237 -3.66 -45.27 20.83
C MET I 237 -3.74 -46.20 19.62
N GLY I 238 -4.93 -46.30 19.01
CA GLY I 238 -5.15 -47.22 17.92
C GLY I 238 -4.17 -47.04 16.78
N THR I 239 -4.03 -45.80 16.31
CA THR I 239 -3.18 -45.51 15.16
C THR I 239 -2.26 -44.36 15.44
N ARG I 240 -2.39 -43.77 16.64
CA ARG I 240 -1.54 -42.64 17.06
C ARG I 240 -0.40 -43.11 17.97
N SER I 241 0.74 -42.44 17.84
CA SER I 241 1.98 -42.89 18.44
C SER I 241 2.08 -42.63 19.93
N GLY I 242 1.25 -41.75 20.43
CA GLY I 242 1.34 -41.32 21.83
C GLY I 242 2.66 -40.58 21.99
N ASP I 243 3.11 -40.46 23.24
CA ASP I 243 4.43 -39.90 23.56
C ASP I 243 5.58 -40.53 22.80
N LEU I 244 6.43 -39.70 22.20
CA LEU I 244 7.76 -40.18 21.80
C LEU I 244 8.83 -39.12 21.83
N ASP I 245 10.07 -39.58 21.83
CA ASP I 245 11.26 -38.74 21.73
C ASP I 245 11.14 -37.70 20.64
N PRO I 246 11.06 -36.42 21.02
CA PRO I 246 10.91 -35.32 20.09
C PRO I 246 11.82 -35.45 18.86
N ALA I 247 12.98 -36.09 19.03
CA ALA I 247 13.96 -36.14 17.97
C ALA I 247 13.66 -37.17 16.91
N ILE I 248 12.94 -38.24 17.26
CA ILE I 248 12.70 -39.35 16.33
C ILE I 248 12.12 -38.93 14.97
N PRO I 249 11.02 -38.14 14.96
CA PRO I 249 10.50 -37.71 13.67
C PRO I 249 11.56 -37.08 12.74
N PHE I 250 12.41 -36.22 13.29
CA PHE I 250 13.43 -35.51 12.53
C PHE I 250 14.42 -36.47 11.95
N PHE I 251 14.78 -37.49 12.72
CA PHE I 251 15.67 -38.53 12.26
C PHE I 251 15.05 -39.30 11.10
N ILE I 252 13.82 -39.75 11.30
CA ILE I 252 13.16 -40.57 10.33
C ILE I 252 12.96 -39.81 9.01
N MET I 253 12.56 -38.55 9.11
CA MET I 253 12.31 -37.72 7.94
C MET I 253 13.58 -37.63 7.13
N GLU I 254 14.67 -37.38 7.83
CA GLU I 254 15.92 -37.14 7.17
C GLU I 254 16.53 -38.41 6.57
N LYS I 255 16.45 -39.52 7.28
CA LYS I 255 16.99 -40.79 6.78
C LYS I 255 16.16 -41.38 5.66
N GLU I 256 14.92 -40.91 5.49
CA GLU I 256 14.01 -41.50 4.50
C GLU I 256 13.49 -40.60 3.39
N GLY I 257 13.77 -39.30 3.47
CA GLY I 257 13.30 -38.34 2.45
C GLY I 257 11.79 -38.20 2.47
N ILE I 258 11.30 -37.66 3.59
CA ILE I 258 9.89 -37.60 3.87
C ILE I 258 9.54 -36.19 4.37
N SER I 259 8.54 -35.56 3.75
CA SER I 259 8.14 -34.21 4.15
C SER I 259 7.52 -34.25 5.54
N PRO I 260 7.43 -33.10 6.23
CA PRO I 260 6.81 -33.15 7.56
C PRO I 260 5.38 -33.72 7.49
N GLN I 261 4.65 -33.42 6.41
CA GLN I 261 3.29 -33.93 6.23
C GLN I 261 3.32 -35.46 6.26
N GLU I 262 4.15 -36.04 5.41
CA GLU I 262 4.31 -37.50 5.31
C GLU I 262 4.66 -38.14 6.66
N MET I 263 5.49 -37.47 7.45
CA MET I 263 5.88 -37.96 8.75
C MET I 263 4.76 -37.84 9.79
N TYR I 264 4.13 -36.67 9.85
CA TYR I 264 3.00 -36.40 10.76
C TYR I 264 1.92 -37.45 10.53
N ASP I 265 1.60 -37.69 9.25
CA ASP I 265 0.66 -38.73 8.85
C ASP I 265 1.04 -40.09 9.43
N ILE I 266 2.30 -40.47 9.26
CA ILE I 266 2.76 -41.77 9.75
C ILE I 266 2.53 -41.91 11.25
N LEU I 267 2.80 -40.83 11.98
CA LEU I 267 2.66 -40.79 13.43
C LEU I 267 1.21 -40.85 13.86
N ASN I 268 0.33 -40.51 12.93
CA ASN I 268 -1.06 -40.26 13.24
C ASN I 268 -2.00 -41.37 12.71
N LYS I 269 -1.63 -41.96 11.58
CA LYS I 269 -2.46 -42.92 10.91
C LYS I 269 -1.91 -44.36 10.97
N LYS I 270 -0.58 -44.48 11.00
CA LYS I 270 0.10 -45.78 10.85
C LYS I 270 0.85 -46.25 12.11
N SER I 271 0.76 -45.48 13.19
CA SER I 271 1.51 -45.80 14.40
C SER I 271 0.64 -46.45 15.48
N GLY I 272 1.00 -46.19 16.74
CA GLY I 272 0.29 -46.78 17.87
C GLY I 272 0.13 -48.28 17.76
N VAL I 273 -1.02 -48.79 18.15
CA VAL I 273 -1.27 -50.21 18.13
C VAL I 273 -1.02 -50.81 16.74
N TYR I 274 -1.56 -50.16 15.70
CA TYR I 274 -1.35 -50.61 14.33
C TYR I 274 0.15 -50.72 14.01
N GLY I 275 0.88 -49.67 14.36
CA GLY I 275 2.34 -49.59 14.12
C GLY I 275 3.13 -50.69 14.78
N LEU I 276 2.88 -50.88 16.08
CA LEU I 276 3.50 -51.94 16.84
C LEU I 276 3.26 -53.34 16.28
N SER I 277 2.04 -53.62 15.80
CA SER I 277 1.72 -54.95 15.30
C SER I 277 1.97 -55.12 13.80
N LYS I 278 2.87 -54.32 13.23
CA LYS I 278 3.33 -54.46 11.83
C LYS I 278 2.20 -54.42 10.79
N GLY I 279 1.05 -53.86 11.19
CA GLY I 279 -0.09 -53.69 10.30
C GLY I 279 -1.14 -54.75 10.48
N PHE I 280 -1.12 -55.40 11.64
CA PHE I 280 -2.07 -56.45 11.93
C PHE I 280 -3.44 -55.85 12.18
N SER I 281 -3.55 -55.03 13.23
CA SER I 281 -4.78 -54.31 13.51
C SER I 281 -4.51 -53.09 14.38
N SER I 282 -5.48 -52.20 14.45
CA SER I 282 -5.42 -51.03 15.33
C SER I 282 -6.46 -51.18 16.44
N ASP I 283 -7.33 -52.18 16.28
CA ASP I 283 -8.32 -52.50 17.28
C ASP I 283 -7.64 -53.32 18.37
N MET I 284 -7.56 -52.78 19.57
CA MET I 284 -6.91 -53.46 20.70
C MET I 284 -7.44 -54.85 21.05
N ARG I 285 -8.73 -55.10 20.85
CA ARG I 285 -9.28 -56.43 21.13
C ARG I 285 -8.94 -57.45 20.06
N ASP I 286 -8.59 -56.98 18.86
CA ASP I 286 -8.06 -57.87 17.83
C ASP I 286 -6.74 -58.45 18.31
N ILE I 287 -5.99 -57.64 19.07
CA ILE I 287 -4.72 -58.06 19.65
C ILE I 287 -4.92 -58.92 20.89
N GLU I 288 -5.85 -58.52 21.76
CA GLU I 288 -6.21 -59.29 22.95
C GLU I 288 -6.57 -60.73 22.56
N GLU I 289 -7.43 -60.87 21.55
CA GLU I 289 -7.84 -62.17 21.02
C GLU I 289 -6.65 -62.99 20.55
N ALA I 290 -5.76 -62.36 19.78
CA ALA I 290 -4.57 -63.05 19.27
C ALA I 290 -3.54 -63.39 20.36
N ALA I 291 -3.42 -62.54 21.37
CA ALA I 291 -2.52 -62.78 22.50
C ALA I 291 -2.98 -63.98 23.33
N LEU I 292 -4.29 -64.08 23.55
CA LEU I 292 -4.86 -65.22 24.26
C LEU I 292 -4.75 -66.52 23.46
N LYS I 293 -4.60 -66.42 22.14
CA LYS I 293 -4.43 -67.60 21.30
C LYS I 293 -2.98 -68.05 21.22
N GLY I 294 -2.10 -67.40 21.99
CA GLY I 294 -0.70 -67.82 22.07
C GLY I 294 0.29 -67.06 21.22
N ASP I 295 -0.20 -66.10 20.42
CA ASP I 295 0.68 -65.23 19.63
C ASP I 295 1.58 -64.38 20.54
N GLU I 296 2.87 -64.68 20.48
CA GLU I 296 3.87 -64.06 21.34
C GLU I 296 3.97 -62.56 21.13
N TRP I 297 3.84 -62.13 19.88
CA TRP I 297 4.04 -60.73 19.52
C TRP I 297 2.96 -59.81 20.09
N CYS I 298 1.71 -60.28 20.07
CA CYS I 298 0.60 -59.50 20.59
C CYS I 298 0.68 -59.33 22.08
N LYS I 299 1.10 -60.38 22.78
CA LYS I 299 1.28 -60.30 24.22
C LYS I 299 2.15 -59.12 24.54
N LEU I 300 3.11 -58.85 23.67
CA LEU I 300 4.00 -57.70 23.83
C LEU I 300 3.31 -56.36 23.56
N VAL I 301 2.59 -56.26 22.45
CA VAL I 301 1.85 -55.04 22.12
C VAL I 301 0.97 -54.67 23.30
N LEU I 302 0.23 -55.67 23.81
CA LEU I 302 -0.61 -55.56 25.00
C LEU I 302 0.17 -55.03 26.21
N GLU I 303 1.27 -55.67 26.56
CA GLU I 303 2.12 -55.21 27.65
C GLU I 303 2.59 -53.77 27.51
N ILE I 304 2.99 -53.39 26.29
CA ILE I 304 3.45 -52.04 25.99
C ILE I 304 2.34 -51.05 26.23
N TYR I 305 1.17 -51.37 25.68
CA TYR I 305 -0.06 -50.59 25.82
C TYR I 305 -0.37 -50.35 27.28
N ASP I 306 -0.56 -51.44 28.02
CA ASP I 306 -0.86 -51.41 29.45
C ASP I 306 0.20 -50.63 30.27
N TYR I 307 1.47 -50.98 30.04
CA TYR I 307 2.58 -50.35 30.76
C TYR I 307 2.46 -48.84 30.86
N ARG I 308 2.29 -48.18 29.72
CA ARG I 308 2.30 -46.73 29.66
C ARG I 308 1.10 -46.14 30.39
N ILE I 309 -0.06 -46.83 30.35
CA ILE I 309 -1.22 -46.44 31.16
C ILE I 309 -0.86 -46.47 32.64
N ALA I 310 -0.28 -47.58 33.09
CA ALA I 310 0.14 -47.72 34.48
C ALA I 310 1.07 -46.59 34.94
N LYS I 311 1.98 -46.17 34.06
CA LYS I 311 2.95 -45.13 34.39
C LYS I 311 2.28 -43.78 34.55
N TYR I 312 1.26 -43.53 33.72
CA TYR I 312 0.47 -42.31 33.82
C TYR I 312 -0.30 -42.25 35.12
N ILE I 313 -0.93 -43.36 35.50
CA ILE I 313 -1.57 -43.43 36.81
C ILE I 313 -0.57 -43.05 37.89
N GLY I 314 0.60 -43.67 37.85
CA GLY I 314 1.65 -43.34 38.81
C GLY I 314 2.04 -41.88 38.79
N ALA I 315 2.23 -41.34 37.58
CA ALA I 315 2.62 -39.95 37.39
C ALA I 315 1.60 -38.97 37.97
N TYR I 316 0.32 -39.24 37.71
CA TYR I 316 -0.76 -38.34 38.10
C TYR I 316 -1.05 -38.44 39.58
N ALA I 317 -0.90 -39.64 40.12
CA ALA I 317 -0.92 -39.84 41.56
C ALA I 317 0.04 -38.88 42.23
N ALA I 318 1.25 -38.79 41.68
CA ALA I 318 2.27 -37.87 42.19
C ALA I 318 1.80 -36.44 42.05
N ALA I 319 1.19 -36.14 40.91
CA ALA I 319 0.74 -34.79 40.60
C ALA I 319 -0.28 -34.30 41.62
N MET I 320 -1.15 -35.18 42.08
CA MET I 320 -2.16 -34.79 43.04
C MET I 320 -1.74 -35.03 44.49
N ASN I 321 -0.58 -35.64 44.66
CA ASN I 321 -0.10 -36.05 45.97
C ASN I 321 -1.10 -37.02 46.62
N GLY I 322 -1.66 -37.90 45.79
CA GLY I 322 -2.55 -38.95 46.27
C GLY I 322 -3.51 -39.45 45.20
N VAL I 323 -3.97 -40.69 45.37
CA VAL I 323 -5.08 -41.20 44.59
C VAL I 323 -6.08 -41.74 45.56
N ASP I 324 -7.35 -41.41 45.35
CA ASP I 324 -8.45 -41.98 46.11
C ASP I 324 -9.18 -43.03 45.30
N ALA I 325 -9.23 -42.83 43.99
CA ALA I 325 -9.90 -43.76 43.09
C ALA I 325 -9.35 -43.70 41.66
N ILE I 326 -9.47 -44.81 40.95
CA ILE I 326 -9.06 -44.90 39.55
C ILE I 326 -10.25 -45.40 38.75
N VAL I 327 -10.54 -44.72 37.65
CA VAL I 327 -11.70 -45.08 36.82
C VAL I 327 -11.26 -45.48 35.41
N PHE I 328 -11.73 -46.66 34.98
CA PHE I 328 -11.52 -47.11 33.61
C PHE I 328 -12.79 -46.86 32.81
N THR I 329 -12.64 -46.37 31.58
CA THR I 329 -13.81 -46.13 30.72
C THR I 329 -13.46 -46.15 29.22
N ALA I 330 -14.48 -46.04 28.37
CA ALA I 330 -14.32 -46.07 26.90
C ALA I 330 -14.14 -47.48 26.38
N GLY I 331 -14.15 -47.62 25.05
CA GLY I 331 -14.07 -48.93 24.38
C GLY I 331 -13.32 -50.05 25.10
N VAL I 332 -12.08 -49.78 25.47
CA VAL I 332 -11.18 -50.79 26.08
C VAL I 332 -11.31 -50.83 27.60
N GLY I 333 -11.32 -49.67 28.22
CA GLY I 333 -11.46 -49.55 29.68
C GLY I 333 -12.70 -50.23 30.20
N GLU I 334 -13.75 -50.27 29.38
CA GLU I 334 -15.02 -50.86 29.78
C GLU I 334 -15.07 -52.34 29.52
N ASN I 335 -14.22 -52.84 28.62
CA ASN I 335 -14.38 -54.19 28.04
C ASN I 335 -13.18 -55.15 28.08
N SER I 336 -12.08 -54.70 28.66
CA SER I 336 -10.88 -55.53 28.78
C SER I 336 -10.49 -55.74 30.24
N PRO I 337 -10.99 -56.83 30.83
CA PRO I 337 -10.65 -57.14 32.21
C PRO I 337 -9.16 -57.41 32.31
N ILE I 338 -8.59 -57.93 31.23
CA ILE I 338 -7.17 -58.25 31.15
C ILE I 338 -6.30 -56.98 31.22
N THR I 339 -6.66 -55.95 30.46
CA THR I 339 -5.92 -54.69 30.46
C THR I 339 -6.00 -54.05 31.83
N ARG I 340 -7.21 -54.09 32.40
CA ARG I 340 -7.44 -53.50 33.71
C ARG I 340 -6.60 -54.20 34.76
N GLU I 341 -6.50 -55.51 34.65
CA GLU I 341 -5.72 -56.32 35.58
C GLU I 341 -4.23 -56.08 35.44
N ASP I 342 -3.73 -56.07 34.19
CA ASP I 342 -2.33 -55.87 33.90
C ASP I 342 -1.90 -54.51 34.41
N VAL I 343 -2.72 -53.49 34.14
CA VAL I 343 -2.41 -52.12 34.54
C VAL I 343 -2.30 -52.03 36.06
N CYS I 344 -3.21 -52.71 36.74
CA CYS I 344 -3.26 -52.63 38.19
C CYS I 344 -2.18 -53.40 38.91
N SER I 345 -1.55 -54.35 38.21
CA SER I 345 -0.48 -55.16 38.82
C SER I 345 0.72 -54.31 39.18
N TYR I 346 0.89 -53.20 38.45
CA TYR I 346 1.93 -52.24 38.72
C TYR I 346 1.61 -51.34 39.90
N LEU I 347 0.41 -51.49 40.46
CA LEU I 347 -0.11 -50.50 41.42
C LEU I 347 -0.37 -50.98 42.84
N GLU I 348 0.05 -52.19 43.19
CA GLU I 348 -0.20 -52.67 44.56
C GLU I 348 0.62 -51.94 45.62
N PHE I 349 1.73 -51.34 45.21
CA PHE I 349 2.54 -50.50 46.10
C PHE I 349 1.75 -49.31 46.62
N LEU I 350 0.66 -48.98 45.91
CA LEU I 350 -0.25 -47.90 46.29
C LEU I 350 -1.41 -48.39 47.14
N GLY I 351 -1.51 -49.72 47.27
CA GLY I 351 -2.61 -50.37 48.00
C GLY I 351 -3.78 -50.77 47.12
N VAL I 352 -3.52 -50.95 45.82
CA VAL I 352 -4.52 -51.36 44.84
C VAL I 352 -4.60 -52.88 44.70
N LYS I 353 -5.76 -53.45 45.02
CA LYS I 353 -6.01 -54.86 44.80
C LYS I 353 -7.32 -55.02 44.06
N LEU I 354 -7.32 -55.87 43.03
CA LEU I 354 -8.52 -56.11 42.26
C LEU I 354 -9.26 -57.35 42.77
N ASP I 355 -10.58 -57.39 42.57
CA ASP I 355 -11.34 -58.60 42.81
C ASP I 355 -11.51 -59.26 41.46
N LYS I 356 -10.71 -60.30 41.22
CA LYS I 356 -10.74 -61.05 39.95
C LYS I 356 -12.16 -61.37 39.47
N GLN I 357 -13.01 -61.82 40.39
CA GLN I 357 -14.41 -62.11 40.08
C GLN I 357 -15.10 -60.87 39.53
N LYS I 358 -15.05 -59.77 40.28
CA LYS I 358 -15.72 -58.53 39.90
C LYS I 358 -15.16 -57.96 38.62
N ASN I 359 -13.86 -58.15 38.42
CA ASN I 359 -13.19 -57.60 37.25
C ASN I 359 -13.66 -58.24 35.97
N GLU I 360 -13.81 -59.56 36.01
CA GLU I 360 -14.19 -60.29 34.81
C GLU I 360 -15.66 -60.12 34.49
N GLU I 361 -16.46 -59.85 35.52
CA GLU I 361 -17.91 -59.65 35.40
C GLU I 361 -18.31 -58.33 34.73
N THR I 362 -17.61 -57.25 35.11
CA THR I 362 -17.97 -55.88 34.63
C THR I 362 -17.39 -55.62 33.24
N ILE I 363 -18.09 -56.19 32.27
CA ILE I 363 -17.75 -56.19 30.90
C ILE I 363 -18.93 -55.66 30.06
N ARG I 364 -18.68 -55.40 28.77
CA ARG I 364 -19.76 -55.05 27.81
C ARG I 364 -20.82 -54.08 28.26
N GLY I 365 -20.45 -53.04 29.01
CA GLY I 365 -21.43 -52.03 29.34
C GLY I 365 -21.84 -51.92 30.81
N LYS I 366 -21.54 -52.95 31.59
CA LYS I 366 -21.84 -52.95 33.01
C LYS I 366 -20.96 -51.96 33.75
N GLU I 367 -21.39 -51.54 34.93
CA GLU I 367 -20.61 -50.60 35.75
C GLU I 367 -20.57 -51.02 37.21
N GLY I 368 -19.45 -50.71 37.86
CA GLY I 368 -19.31 -51.00 39.28
C GLY I 368 -17.88 -50.80 39.81
N ILE I 369 -17.68 -51.17 41.07
CA ILE I 369 -16.39 -51.13 41.73
C ILE I 369 -15.69 -52.46 41.47
N ILE I 370 -14.38 -52.42 41.22
CA ILE I 370 -13.65 -53.68 41.05
C ILE I 370 -12.55 -53.89 42.14
N SER I 371 -12.19 -52.85 42.89
CA SER I 371 -11.26 -53.02 44.00
C SER I 371 -11.86 -53.89 45.12
N THR I 372 -11.01 -54.61 45.84
CA THR I 372 -11.47 -55.39 46.97
C THR I 372 -11.88 -54.46 48.11
N PRO I 373 -12.90 -54.85 48.91
CA PRO I 373 -13.26 -54.14 50.13
C PRO I 373 -12.09 -53.46 50.86
N ASP I 374 -11.00 -54.21 51.07
CA ASP I 374 -9.83 -53.76 51.83
C ASP I 374 -8.87 -52.86 51.05
N SER I 375 -9.03 -52.80 49.73
CA SER I 375 -8.17 -52.00 48.86
C SER I 375 -8.13 -50.51 49.21
N ARG I 376 -6.92 -49.98 49.35
CA ARG I 376 -6.70 -48.62 49.83
C ARG I 376 -7.01 -47.56 48.76
N VAL I 377 -6.93 -47.94 47.50
CA VAL I 377 -7.37 -47.09 46.40
C VAL I 377 -8.48 -47.81 45.66
N LYS I 378 -9.60 -47.13 45.45
CA LYS I 378 -10.77 -47.77 44.87
C LYS I 378 -10.64 -47.76 43.35
N VAL I 379 -11.03 -48.86 42.71
CA VAL I 379 -10.97 -48.94 41.26
C VAL I 379 -12.36 -49.23 40.72
N LEU I 380 -12.80 -48.42 39.75
CA LEU I 380 -14.14 -48.49 39.21
C LEU I 380 -14.15 -48.62 37.69
N VAL I 381 -15.14 -49.35 37.17
CA VAL I 381 -15.45 -49.32 35.74
C VAL I 381 -16.73 -48.50 35.54
N VAL I 382 -16.62 -47.36 34.87
CA VAL I 382 -17.78 -46.51 34.67
C VAL I 382 -17.94 -46.26 33.18
N PRO I 383 -18.79 -47.05 32.50
CA PRO I 383 -19.00 -46.84 31.08
C PRO I 383 -19.38 -45.42 30.80
N THR I 384 -18.69 -44.83 29.85
CA THR I 384 -18.87 -43.44 29.52
C THR I 384 -20.11 -43.25 28.67
N ASN I 385 -20.72 -42.07 28.81
CA ASN I 385 -21.91 -41.68 28.10
C ASN I 385 -21.81 -40.17 27.84
N GLU I 386 -20.94 -39.83 26.91
CA GLU I 386 -20.66 -38.43 26.62
C GLU I 386 -21.88 -37.65 26.14
N GLU I 387 -22.81 -38.35 25.48
CA GLU I 387 -24.01 -37.73 24.94
C GLU I 387 -24.91 -37.31 26.07
N LEU I 388 -25.16 -38.21 27.01
CA LEU I 388 -25.99 -37.89 28.16
C LEU I 388 -25.42 -36.70 28.90
N MET I 389 -24.10 -36.66 29.02
CA MET I 389 -23.44 -35.53 29.63
C MET I 389 -23.82 -34.22 28.91
N ILE I 390 -23.84 -34.26 27.58
CA ILE I 390 -24.19 -33.09 26.80
C ILE I 390 -25.63 -32.71 27.06
N ALA I 391 -26.52 -33.69 26.99
CA ALA I 391 -27.94 -33.46 27.22
C ALA I 391 -28.16 -32.78 28.57
N ARG I 392 -27.42 -33.20 29.58
CA ARG I 392 -27.51 -32.64 30.92
C ARG I 392 -27.07 -31.18 31.04
N ASP I 393 -26.00 -30.81 30.33
CA ASP I 393 -25.53 -29.42 30.31
C ASP I 393 -26.52 -28.56 29.55
N THR I 394 -27.05 -29.10 28.45
CA THR I 394 -28.05 -28.43 27.63
C THR I 394 -29.27 -28.14 28.50
N LYS I 395 -29.73 -29.17 29.21
CA LYS I 395 -30.89 -29.10 30.09
C LYS I 395 -30.72 -27.96 31.08
N GLU I 396 -29.58 -27.94 31.79
CA GLU I 396 -29.35 -26.93 32.82
C GLU I 396 -29.40 -25.53 32.23
N ILE I 397 -28.62 -25.30 31.17
CA ILE I 397 -28.56 -23.99 30.54
C ILE I 397 -29.93 -23.57 30.04
N VAL I 398 -30.59 -24.46 29.31
CA VAL I 398 -31.87 -24.15 28.69
C VAL I 398 -32.93 -23.77 29.71
N GLU I 399 -32.98 -24.47 30.85
CA GLU I 399 -33.83 -24.04 31.97
C GLU I 399 -33.36 -22.67 32.48
N LYS I 400 -33.95 -21.61 31.92
CA LYS I 400 -33.55 -20.21 32.18
C LYS I 400 -34.15 -19.26 31.15
N MET J 1 47.42 -47.92 41.53
CA MET J 1 47.33 -47.85 40.04
C MET J 1 46.83 -46.47 39.62
N ARG J 2 47.31 -45.97 38.49
CA ARG J 2 46.98 -44.61 38.05
C ARG J 2 46.22 -44.54 36.75
N VAL J 3 44.95 -44.17 36.85
CA VAL J 3 44.07 -44.06 35.68
C VAL J 3 43.92 -42.60 35.26
N LEU J 4 44.10 -42.37 33.96
CA LEU J 4 43.81 -41.10 33.36
C LEU J 4 42.42 -41.20 32.75
N VAL J 5 41.51 -40.36 33.25
CA VAL J 5 40.12 -40.35 32.81
C VAL J 5 39.86 -39.20 31.85
N ILE J 6 39.37 -39.54 30.67
CA ILE J 6 39.19 -38.59 29.59
C ILE J 6 37.73 -38.48 29.17
N ASN J 7 37.31 -37.25 28.87
CA ASN J 7 35.99 -37.01 28.33
C ASN J 7 36.15 -36.00 27.20
N SER J 8 36.16 -36.50 25.96
CA SER J 8 36.35 -35.63 24.79
C SER J 8 35.05 -35.32 24.09
N GLY J 9 34.64 -34.07 24.16
CA GLY J 9 33.52 -33.58 23.38
C GLY J 9 34.06 -32.90 22.14
N SER J 10 33.15 -32.45 21.27
CA SER J 10 33.54 -31.90 19.96
C SER J 10 34.53 -30.71 20.02
N SER J 11 34.47 -29.96 21.11
CA SER J 11 35.25 -28.73 21.21
C SER J 11 36.38 -28.82 22.25
N SER J 12 36.36 -29.87 23.08
CA SER J 12 37.27 -29.94 24.22
C SER J 12 37.56 -31.34 24.72
N ILE J 13 38.72 -31.53 25.33
CA ILE J 13 38.99 -32.72 26.12
C ILE J 13 39.09 -32.28 27.57
N LYS J 14 38.40 -32.98 28.47
CA LYS J 14 38.61 -32.72 29.89
C LYS J 14 39.03 -34.00 30.63
N TYR J 15 40.04 -33.83 31.47
CA TYR J 15 40.70 -34.98 32.06
C TYR J 15 40.81 -34.94 33.54
N GLN J 16 40.92 -36.15 34.15
CA GLN J 16 41.31 -36.29 35.55
C GLN J 16 42.35 -37.39 35.64
N LEU J 17 43.35 -37.18 36.52
CA LEU J 17 44.34 -38.21 36.77
C LEU J 17 44.08 -38.73 38.18
N ILE J 18 43.47 -39.91 38.26
CA ILE J 18 43.11 -40.45 39.56
C ILE J 18 44.03 -41.55 40.08
N GLU J 19 44.27 -41.54 41.39
CA GLU J 19 45.06 -42.62 41.99
C GLU J 19 44.14 -43.50 42.78
N MET J 20 43.84 -44.57 42.06
CA MET J 20 42.92 -45.60 42.47
C MET J 20 43.09 -46.02 43.93
N GLU J 21 44.30 -46.29 44.32
CA GLU J 21 44.49 -46.69 45.71
C GLU J 21 43.96 -45.65 46.68
N GLY J 22 44.29 -44.41 46.52
CA GLY J 22 43.72 -43.46 47.46
C GLY J 22 42.46 -42.92 46.83
N GLU J 23 42.21 -43.28 45.58
CA GLU J 23 41.09 -42.76 44.80
C GLU J 23 41.17 -41.24 44.91
N LYS J 24 42.37 -40.71 44.74
CA LYS J 24 42.60 -39.29 44.82
C LYS J 24 42.83 -38.67 43.48
N VAL J 25 42.23 -37.49 43.26
CA VAL J 25 42.44 -36.76 42.01
C VAL J 25 43.77 -36.04 42.13
N LEU J 26 44.75 -36.49 41.35
CA LEU J 26 46.07 -35.92 41.43
C LEU J 26 46.06 -34.57 40.74
N CYS J 27 45.30 -34.49 39.67
CA CYS J 27 45.09 -33.24 38.98
C CYS J 27 43.95 -33.43 38.00
N LYS J 28 43.34 -32.32 37.60
CA LYS J 28 42.34 -32.36 36.55
C LYS J 28 42.39 -31.07 35.77
N GLY J 29 41.67 -31.03 34.66
CA GLY J 29 41.60 -29.85 33.83
C GLY J 29 40.78 -30.02 32.57
N ILE J 30 40.95 -29.07 31.66
CA ILE J 30 40.25 -29.09 30.39
C ILE J 30 41.10 -28.41 29.31
N ALA J 31 41.18 -29.04 28.13
CA ALA J 31 41.74 -28.39 26.96
C ALA J 31 40.59 -27.84 26.16
N GLU J 32 40.48 -26.52 26.09
CA GLU J 32 39.30 -25.84 25.54
C GLU J 32 39.49 -25.27 24.16
N ARG J 33 38.37 -25.11 23.45
CA ARG J 33 38.33 -24.41 22.16
C ARG J 33 39.24 -25.03 21.10
N ILE J 34 39.22 -26.36 21.05
CA ILE J 34 39.98 -27.11 20.06
C ILE J 34 39.39 -26.83 18.71
N GLY J 35 40.25 -26.41 17.78
CA GLY J 35 39.81 -26.09 16.42
C GLY J 35 39.52 -24.61 16.22
N ILE J 36 39.02 -23.98 17.28
CA ILE J 36 38.73 -22.56 17.26
C ILE J 36 39.93 -21.74 17.71
N GLU J 37 39.85 -20.43 17.50
CA GLU J 37 40.91 -19.51 17.88
C GLU J 37 41.02 -19.35 19.40
N GLY J 38 42.26 -19.10 19.86
CA GLY J 38 42.54 -18.97 21.29
C GLY J 38 42.18 -20.23 22.08
N SER J 39 42.49 -21.39 21.53
CA SER J 39 42.37 -22.63 22.27
C SER J 39 43.37 -22.57 23.41
N ARG J 40 43.06 -23.30 24.48
CA ARG J 40 43.89 -23.26 25.67
C ARG J 40 43.65 -24.44 26.60
N LEU J 41 44.59 -24.65 27.53
CA LEU J 41 44.46 -25.68 28.53
C LEU J 41 44.37 -25.03 29.89
N VAL J 42 43.28 -25.34 30.61
CA VAL J 42 43.13 -24.94 32.02
C VAL J 42 43.44 -26.15 32.91
N HIS J 43 44.47 -26.01 33.74
CA HIS J 43 45.03 -27.15 34.45
C HIS J 43 45.03 -26.88 35.94
N ARG J 44 44.35 -27.73 36.69
CA ARG J 44 44.27 -27.58 38.15
C ARG J 44 45.06 -28.65 38.91
N VAL J 45 45.97 -28.18 39.77
CA VAL J 45 46.74 -29.04 40.66
C VAL J 45 46.52 -28.57 42.10
N GLY J 46 45.51 -29.13 42.76
CA GLY J 46 45.11 -28.64 44.07
C GLY J 46 44.55 -27.22 43.94
N ASP J 47 45.16 -26.28 44.65
CA ASP J 47 44.71 -24.89 44.70
C ASP J 47 45.02 -24.05 43.50
N GLU J 48 46.07 -24.44 42.80
CA GLU J 48 46.54 -23.69 41.66
C GLU J 48 45.76 -23.99 40.37
N LYS J 49 45.53 -22.94 39.58
CA LYS J 49 44.88 -23.02 38.27
C LYS J 49 45.78 -22.40 37.22
N HIS J 50 46.36 -23.22 36.37
CA HIS J 50 47.27 -22.71 35.37
C HIS J 50 46.59 -22.68 34.00
N VAL J 51 46.76 -21.55 33.31
CA VAL J 51 46.26 -21.34 31.96
C VAL J 51 47.41 -21.37 30.93
N ILE J 52 47.35 -22.30 29.98
CA ILE J 52 48.33 -22.32 28.88
C ILE J 52 47.66 -21.98 27.55
N GLU J 53 48.10 -20.88 26.94
CA GLU J 53 47.63 -20.47 25.63
C GLU J 53 48.43 -21.21 24.55
N ARG J 54 47.72 -21.78 23.57
CA ARG J 54 48.36 -22.39 22.41
C ARG J 54 47.33 -22.82 21.38
N GLU J 55 47.75 -22.86 20.11
CA GLU J 55 46.96 -23.44 19.02
C GLU J 55 46.81 -24.93 19.21
N LEU J 56 45.57 -25.37 19.27
CA LEU J 56 45.25 -26.80 19.28
C LEU J 56 44.30 -27.11 18.13
N PRO J 57 44.84 -27.51 16.97
CA PRO J 57 43.99 -27.68 15.81
C PRO J 57 43.04 -28.89 15.91
N ASP J 58 43.45 -29.93 16.63
CA ASP J 58 42.62 -31.13 16.84
C ASP J 58 42.85 -31.76 18.22
N HIS J 59 42.19 -32.88 18.47
CA HIS J 59 42.23 -33.54 19.76
C HIS J 59 43.56 -34.19 20.08
N GLU J 60 44.27 -34.64 19.05
CA GLU J 60 45.58 -35.23 19.25
C GLU J 60 46.54 -34.18 19.81
N GLU J 61 46.72 -33.08 19.07
CA GLU J 61 47.66 -32.04 19.50
C GLU J 61 47.26 -31.49 20.88
N ALA J 62 45.97 -31.55 21.18
CA ALA J 62 45.41 -31.15 22.47
C ALA J 62 45.75 -32.15 23.57
N LEU J 63 45.59 -33.45 23.30
CA LEU J 63 45.95 -34.45 24.29
C LEU J 63 47.47 -34.47 24.57
N LYS J 64 48.26 -34.23 23.52
CA LYS J 64 49.70 -34.04 23.65
C LYS J 64 50.01 -32.99 24.72
N LEU J 65 49.47 -31.78 24.55
CA LEU J 65 49.64 -30.69 25.52
C LEU J 65 49.25 -31.09 26.94
N ILE J 66 48.19 -31.86 27.08
CA ILE J 66 47.77 -32.35 28.39
C ILE J 66 48.85 -33.28 28.93
N LEU J 67 49.24 -34.26 28.12
CA LEU J 67 50.21 -35.24 28.57
C LEU J 67 51.52 -34.56 28.95
N ASN J 68 52.01 -33.65 28.11
CA ASN J 68 53.24 -32.90 28.38
C ASN J 68 53.24 -32.24 29.72
N THR J 69 52.10 -31.61 30.05
CA THR J 69 52.00 -30.86 31.28
C THR J 69 51.69 -31.72 32.52
N LEU J 70 51.25 -32.96 32.31
CA LEU J 70 51.16 -33.91 33.41
C LEU J 70 52.55 -34.23 33.97
N VAL J 71 53.56 -34.04 33.13
CA VAL J 71 54.95 -34.45 33.38
C VAL J 71 55.84 -33.23 33.63
N ASP J 72 55.52 -32.11 32.99
CA ASP J 72 56.29 -30.87 33.18
C ASP J 72 56.49 -30.70 34.69
N GLU J 73 57.74 -30.59 35.14
CA GLU J 73 57.98 -30.62 36.57
C GLU J 73 57.82 -29.28 37.29
N LYS J 74 57.05 -28.37 36.68
CA LYS J 74 56.57 -27.19 37.40
C LYS J 74 55.08 -27.28 37.67
N LEU J 75 54.33 -27.66 36.65
CA LEU J 75 52.86 -27.81 36.73
C LEU J 75 52.46 -29.28 36.75
N GLY J 76 53.43 -30.18 36.89
CA GLY J 76 53.19 -31.62 36.70
C GLY J 76 52.82 -32.37 37.94
N VAL J 77 52.59 -33.67 37.79
CA VAL J 77 52.08 -34.50 38.87
C VAL J 77 52.69 -35.90 38.89
N ILE J 78 53.35 -36.28 37.80
CA ILE J 78 54.00 -37.60 37.64
C ILE J 78 55.37 -37.47 36.95
N LYS J 79 56.35 -38.27 37.38
CA LYS J 79 57.72 -38.19 36.83
C LYS J 79 57.81 -38.56 35.33
N ASP J 80 57.20 -39.70 34.97
CA ASP J 80 57.24 -40.28 33.64
C ASP J 80 55.85 -40.19 33.03
N LEU J 81 55.74 -40.56 31.76
CA LEU J 81 54.44 -40.90 31.21
C LEU J 81 54.13 -42.38 31.45
N LYS J 82 55.17 -43.14 31.79
CA LYS J 82 55.03 -44.55 32.14
C LYS J 82 54.17 -44.70 33.40
N GLU J 83 54.03 -43.59 34.14
CA GLU J 83 53.29 -43.56 35.40
C GLU J 83 51.82 -43.81 35.23
N ILE J 84 51.29 -43.38 34.07
CA ILE J 84 49.89 -43.62 33.68
C ILE J 84 49.68 -45.11 33.38
N ASP J 85 48.97 -45.81 34.27
CA ASP J 85 48.82 -47.26 34.17
C ASP J 85 47.70 -47.68 33.21
N ALA J 86 46.70 -46.82 33.03
CA ALA J 86 45.58 -47.07 32.11
C ALA J 86 44.83 -45.77 31.79
N VAL J 87 44.04 -45.77 30.72
CA VAL J 87 43.24 -44.60 30.30
C VAL J 87 41.75 -44.95 30.12
N GLY J 88 40.88 -44.27 30.85
CA GLY J 88 39.45 -44.51 30.74
C GLY J 88 38.70 -43.43 29.99
N HIS J 89 37.95 -43.81 28.95
CA HIS J 89 37.22 -42.87 28.09
C HIS J 89 35.70 -42.92 28.26
N ARG J 90 35.09 -41.74 28.30
CA ARG J 90 33.65 -41.64 28.22
C ARG J 90 33.24 -41.63 26.78
N VAL J 91 32.49 -42.64 26.40
CA VAL J 91 31.88 -42.72 25.07
C VAL J 91 30.37 -42.60 25.22
N VAL J 92 29.79 -41.59 24.61
CA VAL J 92 28.35 -41.31 24.81
C VAL J 92 27.44 -42.47 24.44
N HIS J 93 27.57 -42.98 23.22
CA HIS J 93 26.60 -43.96 22.75
C HIS J 93 27.20 -45.31 22.48
N GLY J 94 26.64 -46.33 23.13
CA GLY J 94 27.13 -47.70 22.98
C GLY J 94 26.21 -48.56 22.16
N GLY J 95 24.99 -48.10 21.93
CA GLY J 95 24.00 -48.83 21.15
C GLY J 95 23.61 -50.07 21.92
N GLU J 96 23.08 -51.06 21.20
CA GLU J 96 22.71 -52.36 21.78
C GLU J 96 23.89 -53.31 21.97
N ARG J 97 25.02 -53.08 21.28
CA ARG J 97 26.19 -53.96 21.39
C ARG J 97 26.74 -53.92 22.79
N PHE J 98 27.11 -52.73 23.24
CA PHE J 98 27.91 -52.61 24.44
C PHE J 98 27.08 -52.59 25.72
N LYS J 99 27.08 -53.71 26.45
CA LYS J 99 26.31 -53.82 27.69
C LYS J 99 27.06 -53.27 28.92
N GLU J 100 28.38 -53.30 28.86
CA GLU J 100 29.21 -52.81 29.96
C GLU J 100 30.55 -52.33 29.42
N SER J 101 31.34 -51.63 30.23
CA SER J 101 32.64 -51.12 29.79
C SER J 101 33.54 -52.21 29.17
N VAL J 102 34.37 -51.83 28.21
CA VAL J 102 35.21 -52.79 27.49
C VAL J 102 36.63 -52.25 27.32
N LEU J 103 37.61 -53.15 27.32
CA LEU J 103 38.96 -52.84 26.88
C LEU J 103 38.98 -52.63 25.37
N VAL J 104 39.52 -51.50 24.93
CA VAL J 104 39.51 -51.14 23.51
C VAL J 104 40.60 -51.85 22.72
N ASP J 105 40.21 -52.59 21.70
CA ASP J 105 41.12 -53.11 20.68
C ASP J 105 40.58 -52.68 19.32
N GLU J 106 41.16 -53.16 18.23
CA GLU J 106 40.71 -52.76 16.89
C GLU J 106 39.23 -53.08 16.70
N GLU J 107 38.85 -54.29 17.13
CA GLU J 107 37.47 -54.80 17.07
C GLU J 107 36.50 -53.83 17.73
N VAL J 108 36.80 -53.46 18.97
CA VAL J 108 35.96 -52.57 19.75
C VAL J 108 35.89 -51.20 19.05
N LEU J 109 37.04 -50.72 18.59
CA LEU J 109 37.17 -49.42 17.93
C LEU J 109 36.29 -49.31 16.68
N LYS J 110 36.32 -50.36 15.86
CA LYS J 110 35.47 -50.47 14.67
C LYS J 110 34.00 -50.53 15.07
N ALA J 111 33.71 -51.28 16.13
CA ALA J 111 32.35 -51.48 16.61
C ALA J 111 31.75 -50.21 17.17
N ILE J 112 32.61 -49.29 17.60
CA ILE J 112 32.16 -48.02 18.14
C ILE J 112 31.79 -47.10 16.99
N GLU J 113 32.61 -47.09 15.95
CA GLU J 113 32.32 -46.28 14.76
C GLU J 113 30.97 -46.66 14.17
N GLU J 114 30.69 -47.96 14.17
CA GLU J 114 29.45 -48.49 13.61
C GLU J 114 28.22 -47.99 14.35
N VAL J 115 28.41 -47.65 15.62
CA VAL J 115 27.34 -47.15 16.46
C VAL J 115 27.28 -45.62 16.38
N SER J 116 28.38 -45.01 15.96
CA SER J 116 28.50 -43.55 15.91
C SER J 116 27.34 -42.76 15.29
N PRO J 117 26.72 -43.26 14.19
CA PRO J 117 25.59 -42.56 13.60
C PRO J 117 24.37 -42.40 14.52
N LEU J 118 24.35 -43.12 15.65
CA LEU J 118 23.28 -42.97 16.62
C LEU J 118 23.53 -41.83 17.61
N ALA J 119 24.71 -41.19 17.55
CA ALA J 119 25.00 -39.97 18.34
C ALA J 119 26.04 -39.12 17.63
N PRO J 120 25.73 -38.70 16.39
CA PRO J 120 26.70 -38.12 15.48
C PRO J 120 27.41 -36.93 16.08
N LEU J 121 26.81 -36.30 17.08
CA LEU J 121 27.40 -35.12 17.63
C LEU J 121 28.39 -35.41 18.77
N HIS J 122 28.46 -36.68 19.19
CA HIS J 122 29.26 -37.04 20.36
C HIS J 122 30.26 -38.14 20.12
N ASN J 123 29.81 -39.28 19.61
CA ASN J 123 30.70 -40.41 19.38
C ASN J 123 32.00 -40.06 18.63
N PRO J 124 31.90 -39.37 17.47
CA PRO J 124 33.11 -39.03 16.72
C PRO J 124 34.22 -38.44 17.57
N ALA J 125 33.88 -37.44 18.38
CA ALA J 125 34.87 -36.81 19.25
C ALA J 125 35.35 -37.72 20.38
N ASN J 126 34.55 -38.72 20.76
CA ASN J 126 35.03 -39.69 21.74
C ASN J 126 36.16 -40.54 21.17
N LEU J 127 35.88 -41.13 20.00
CA LEU J 127 36.84 -41.91 19.27
C LEU J 127 38.12 -41.15 19.05
N MET J 128 37.97 -39.88 18.65
CA MET J 128 39.11 -38.99 18.47
C MET J 128 40.02 -39.02 19.68
N GLY J 129 39.40 -39.04 20.86
CA GLY J 129 40.11 -39.10 22.13
C GLY J 129 40.79 -40.43 22.37
N ILE J 130 40.06 -41.51 22.07
CA ILE J 130 40.61 -42.87 22.12
C ILE J 130 41.81 -43.03 21.19
N LYS J 131 41.61 -42.74 19.91
CA LYS J 131 42.67 -42.92 18.93
C LYS J 131 43.94 -42.10 19.24
N ALA J 132 43.73 -40.89 19.72
CA ALA J 132 44.82 -40.02 20.15
C ALA J 132 45.52 -40.60 21.36
N ALA J 133 44.77 -41.14 22.32
CA ALA J 133 45.38 -41.73 23.51
C ALA J 133 46.19 -42.98 23.20
N MET J 134 45.68 -43.83 22.32
CA MET J 134 46.39 -45.04 21.95
C MET J 134 47.68 -44.72 21.19
N LYS J 135 47.64 -43.64 20.40
CA LYS J 135 48.77 -43.20 19.61
C LYS J 135 49.89 -42.64 20.50
N LEU J 136 49.51 -41.74 21.41
CA LEU J 136 50.50 -41.05 22.26
C LEU J 136 50.92 -41.85 23.49
N LEU J 137 50.13 -42.85 23.85
CA LEU J 137 50.50 -43.79 24.91
C LEU J 137 50.45 -45.25 24.41
N PRO J 138 51.36 -45.63 23.47
CA PRO J 138 51.35 -46.99 22.95
C PRO J 138 51.51 -48.00 24.06
N GLY J 139 50.69 -49.05 24.03
CA GLY J 139 50.88 -50.14 24.96
C GLY J 139 50.03 -49.98 26.18
N VAL J 140 49.72 -48.75 26.53
CA VAL J 140 48.84 -48.45 27.66
C VAL J 140 47.41 -48.81 27.26
N PRO J 141 46.75 -49.69 28.06
CA PRO J 141 45.39 -50.10 27.75
C PRO J 141 44.38 -48.95 27.83
N ASN J 142 43.41 -48.93 26.92
CA ASN J 142 42.31 -47.97 27.00
C ASN J 142 41.00 -48.69 27.25
N VAL J 143 40.19 -48.13 28.16
CA VAL J 143 38.86 -48.66 28.46
C VAL J 143 37.78 -47.66 28.06
N ALA J 144 36.76 -48.15 27.36
CA ALA J 144 35.60 -47.34 26.99
C ALA J 144 34.45 -47.57 27.95
N VAL J 145 33.94 -46.52 28.55
CA VAL J 145 32.76 -46.64 29.42
C VAL J 145 31.56 -45.93 28.79
N PHE J 146 30.46 -46.66 28.57
CA PHE J 146 29.34 -46.17 27.76
C PHE J 146 28.16 -45.55 28.50
N ASP J 147 27.87 -44.29 28.16
CA ASP J 147 26.72 -43.59 28.68
C ASP J 147 25.39 -44.34 28.57
N THR J 148 25.28 -45.23 27.59
CA THR J 148 24.02 -45.94 27.32
C THR J 148 23.97 -47.33 27.94
N ALA J 149 25.11 -47.83 28.40
CA ALA J 149 25.27 -49.25 28.79
C ALA J 149 24.45 -49.66 30.01
N PHE J 150 24.44 -48.82 31.04
CA PHE J 150 23.67 -49.12 32.24
C PHE J 150 22.21 -49.41 31.90
N HIS J 151 21.72 -48.77 30.85
CA HIS J 151 20.31 -48.82 30.47
C HIS J 151 19.99 -50.01 29.58
N GLN J 152 21.00 -50.79 29.20
CA GLN J 152 20.74 -51.92 28.30
C GLN J 152 19.93 -53.05 28.91
N THR J 153 19.66 -52.98 30.21
CA THR J 153 18.86 -53.99 30.90
C THR J 153 17.37 -53.69 30.81
N ILE J 154 17.02 -52.49 30.32
CA ILE J 154 15.62 -52.08 30.10
C ILE J 154 14.90 -53.08 29.19
N PRO J 155 13.75 -53.62 29.66
CA PRO J 155 12.95 -54.61 28.92
C PRO J 155 12.31 -54.03 27.65
N GLN J 156 11.81 -54.91 26.79
CA GLN J 156 11.20 -54.49 25.54
C GLN J 156 10.01 -53.57 25.75
N LYS J 157 9.14 -53.93 26.69
CA LYS J 157 7.94 -53.15 26.99
C LYS J 157 8.23 -51.65 27.20
N ALA J 158 9.49 -51.36 27.53
CA ALA J 158 9.92 -50.02 27.95
C ALA J 158 10.80 -49.29 26.96
N TYR J 159 11.41 -50.00 26.01
CA TYR J 159 12.28 -49.32 25.03
C TYR J 159 11.72 -49.19 23.60
N LEU J 160 10.62 -49.85 23.31
CA LEU J 160 10.00 -49.72 21.99
C LEU J 160 8.97 -48.60 21.95
N TYR J 161 9.08 -47.71 20.98
CA TYR J 161 8.09 -46.67 20.86
C TYR J 161 6.88 -47.20 20.11
N ALA J 162 5.74 -46.55 20.30
CA ALA J 162 4.51 -46.98 19.64
C ALA J 162 4.45 -46.45 18.20
N ILE J 163 5.51 -46.75 17.44
CA ILE J 163 5.64 -46.37 16.04
C ILE J 163 5.88 -47.62 15.20
N PRO J 164 5.72 -47.54 13.86
CA PRO J 164 5.93 -48.75 13.06
C PRO J 164 7.20 -49.48 13.49
N TYR J 165 7.10 -50.79 13.68
CA TYR J 165 8.23 -51.59 14.19
C TYR J 165 9.36 -51.64 13.18
N GLU J 166 9.01 -51.58 11.90
CA GLU J 166 9.98 -51.37 10.82
C GLU J 166 11.07 -50.37 11.20
N TYR J 167 10.70 -49.30 11.92
CA TYR J 167 11.65 -48.24 12.25
C TYR J 167 12.70 -48.75 13.22
N TYR J 168 12.34 -49.74 14.05
CA TYR J 168 13.33 -50.34 14.92
C TYR J 168 14.17 -51.35 14.15
N GLU J 169 13.50 -52.18 13.35
CA GLU J 169 14.18 -53.16 12.51
C GLU J 169 15.23 -52.49 11.63
N LYS J 170 14.85 -51.43 10.93
CA LYS J 170 15.69 -50.79 9.94
C LYS J 170 16.73 -49.83 10.54
N TYR J 171 16.34 -48.97 11.49
CA TYR J 171 17.25 -47.94 12.03
C TYR J 171 17.67 -48.14 13.50
N LYS J 172 17.15 -49.19 14.15
CA LYS J 172 17.34 -49.40 15.59
C LYS J 172 16.84 -48.23 16.43
N ILE J 173 15.63 -47.76 16.13
CA ILE J 173 15.09 -46.65 16.86
C ILE J 173 14.41 -47.22 18.11
N ARG J 174 15.01 -46.97 19.28
CA ARG J 174 14.44 -47.44 20.52
C ARG J 174 14.85 -46.45 21.58
N ARG J 175 14.42 -46.66 22.82
CA ARG J 175 14.94 -45.88 23.95
C ARG J 175 16.31 -46.40 24.29
N TYR J 176 17.32 -45.54 24.31
CA TYR J 176 18.63 -45.96 24.79
C TYR J 176 18.91 -45.41 26.18
N GLY J 177 18.58 -44.14 26.39
CA GLY J 177 18.84 -43.51 27.67
C GLY J 177 20.25 -42.99 27.75
N PHE J 178 20.51 -42.01 28.62
CA PHE J 178 21.83 -41.46 28.80
C PHE J 178 22.03 -41.15 30.25
N HIS J 179 23.18 -40.58 30.60
CA HIS J 179 23.62 -40.42 32.00
C HIS J 179 23.75 -41.78 32.68
N GLY J 180 24.01 -42.80 31.86
CA GLY J 180 24.09 -44.17 32.33
C GLY J 180 25.07 -44.34 33.47
N THR J 181 26.31 -43.92 33.24
CA THR J 181 27.33 -44.19 34.22
C THR J 181 27.18 -43.30 35.47
N SER J 182 26.28 -42.33 35.41
CA SER J 182 25.95 -41.52 36.59
C SER J 182 24.83 -42.16 37.40
N HIS J 183 23.77 -42.58 36.71
CA HIS J 183 22.69 -43.32 37.35
C HIS J 183 23.25 -44.58 37.98
N ARG J 184 24.18 -45.21 37.28
CA ARG J 184 24.84 -46.38 37.81
C ARG J 184 25.65 -46.06 39.08
N TYR J 185 26.41 -44.97 39.05
CA TYR J 185 27.26 -44.61 40.18
C TYR J 185 26.48 -44.29 41.43
N VAL J 186 25.44 -43.46 41.29
CA VAL J 186 24.71 -42.95 42.45
C VAL J 186 23.78 -44.01 43.07
N SER J 187 23.17 -44.85 42.23
CA SER J 187 22.31 -45.93 42.71
C SER J 187 23.10 -46.90 43.56
N LYS J 188 24.30 -47.23 43.10
CA LYS J 188 25.19 -48.11 43.83
C LYS J 188 25.63 -47.46 45.13
N ARG J 189 26.04 -46.18 45.06
CA ARG J 189 26.55 -45.44 46.22
C ARG J 189 25.48 -45.27 47.27
N ALA J 190 24.25 -45.05 46.84
CA ALA J 190 23.11 -44.90 47.73
C ALA J 190 22.87 -46.18 48.53
N ALA J 191 22.91 -47.31 47.84
CA ALA J 191 22.76 -48.61 48.47
C ALA J 191 23.81 -48.83 49.57
N GLU J 192 25.05 -48.45 49.29
CA GLU J 192 26.14 -48.52 50.27
C GLU J 192 25.83 -47.69 51.51
N ILE J 193 25.32 -46.48 51.29
CA ILE J 193 25.00 -45.56 52.39
C ILE J 193 23.87 -46.12 53.26
N LEU J 194 22.96 -46.85 52.65
CA LEU J 194 21.82 -47.43 53.38
C LEU J 194 22.18 -48.74 54.07
N GLY J 195 23.40 -49.22 53.84
CA GLY J 195 23.87 -50.47 54.41
C GLY J 195 23.08 -51.68 53.92
N LYS J 196 22.69 -51.63 52.64
CA LYS J 196 21.90 -52.69 52.04
C LYS J 196 22.38 -53.08 50.65
N LYS J 197 22.24 -54.36 50.31
CA LYS J 197 22.58 -54.85 49.00
C LYS J 197 21.72 -54.19 47.93
N LEU J 198 22.34 -53.88 46.80
CA LEU J 198 21.67 -53.21 45.69
C LEU J 198 20.57 -54.08 45.07
N GLU J 199 20.72 -55.40 45.13
CA GLU J 199 19.78 -56.34 44.52
C GLU J 199 18.47 -56.52 45.29
N GLU J 200 18.33 -55.81 46.42
CA GLU J 200 17.08 -55.83 47.17
C GLU J 200 16.56 -54.40 47.45
N LEU J 201 16.84 -53.50 46.52
CA LEU J 201 16.35 -52.14 46.59
C LEU J 201 15.79 -51.69 45.26
N LYS J 202 14.68 -50.97 45.35
CA LYS J 202 14.11 -50.29 44.23
C LYS J 202 14.48 -48.82 44.35
N ILE J 203 15.40 -48.36 43.53
CA ILE J 203 15.86 -46.97 43.60
C ILE J 203 15.46 -46.17 42.36
N ILE J 204 14.96 -44.95 42.59
CA ILE J 204 14.74 -43.98 41.53
C ILE J 204 15.83 -42.90 41.61
N THR J 205 16.61 -42.79 40.55
CA THR J 205 17.73 -41.84 40.54
C THR J 205 17.44 -40.65 39.63
N CYS J 206 17.64 -39.47 40.19
CA CYS J 206 17.36 -38.24 39.48
C CYS J 206 18.64 -37.45 39.17
N HIS J 207 19.19 -37.67 37.98
CA HIS J 207 20.33 -36.88 37.51
C HIS J 207 19.78 -35.59 36.93
N ILE J 208 19.83 -34.54 37.73
CA ILE J 208 19.19 -33.27 37.41
C ILE J 208 20.22 -32.15 37.33
N GLY J 209 20.70 -31.92 36.11
CA GLY J 209 21.66 -30.86 35.79
C GLY J 209 21.28 -30.17 34.50
N ASN J 210 22.28 -29.66 33.79
CA ASN J 210 22.03 -28.96 32.53
C ASN J 210 21.34 -29.87 31.49
N GLY J 211 21.69 -31.15 31.55
CA GLY J 211 20.85 -32.22 31.00
C GLY J 211 20.23 -32.90 32.21
N ALA J 212 19.06 -33.51 32.04
CA ALA J 212 18.45 -34.20 33.17
C ALA J 212 17.69 -35.43 32.75
N SER J 213 17.91 -36.52 33.48
CA SER J 213 17.13 -37.72 33.25
C SER J 213 16.86 -38.43 34.57
N VAL J 214 15.83 -39.27 34.56
CA VAL J 214 15.53 -40.10 35.72
C VAL J 214 15.74 -41.54 35.31
N ALA J 215 16.27 -42.35 36.22
CA ALA J 215 16.36 -43.79 36.01
C ALA J 215 15.59 -44.56 37.09
N ALA J 216 14.94 -45.65 36.66
CA ALA J 216 14.26 -46.57 37.56
C ALA J 216 15.16 -47.79 37.71
N VAL J 217 15.79 -47.95 38.87
CA VAL J 217 16.82 -48.99 39.08
C VAL J 217 16.32 -50.10 39.99
N LYS J 218 15.69 -51.10 39.39
CA LYS J 218 15.02 -52.17 40.13
C LYS J 218 15.94 -53.34 40.40
N TYR J 219 16.30 -53.50 41.67
CA TYR J 219 17.16 -54.59 42.13
C TYR J 219 18.52 -54.58 41.46
N GLY J 220 19.05 -53.38 41.22
CA GLY J 220 20.36 -53.24 40.58
C GLY J 220 20.37 -53.12 39.06
N LYS J 221 19.26 -53.40 38.42
CA LYS J 221 19.16 -53.30 36.96
C LYS J 221 18.23 -52.15 36.58
N CYS J 222 18.59 -51.38 35.56
CA CYS J 222 17.75 -50.28 35.13
C CYS J 222 16.57 -50.83 34.35
N VAL J 223 15.36 -50.36 34.69
CA VAL J 223 14.14 -50.83 34.04
C VAL J 223 13.47 -49.78 33.16
N ASP J 224 13.81 -48.50 33.38
CA ASP J 224 13.31 -47.39 32.57
C ASP J 224 14.15 -46.17 32.82
N THR J 225 14.26 -45.30 31.82
CA THR J 225 14.93 -44.00 31.99
C THR J 225 14.20 -42.92 31.16
N SER J 226 14.28 -41.67 31.63
CA SER J 226 13.57 -40.53 31.02
C SER J 226 13.99 -40.22 29.58
N MET J 227 15.30 -40.20 29.31
CA MET J 227 15.81 -39.84 27.98
C MET J 227 15.52 -40.98 27.01
N GLY J 228 15.56 -40.72 25.71
CA GLY J 228 15.05 -41.69 24.76
C GLY J 228 16.10 -42.13 23.80
N PHE J 229 15.72 -42.19 22.53
CA PHE J 229 16.64 -42.40 21.40
C PHE J 229 17.73 -41.34 21.43
N THR J 230 17.39 -40.17 21.94
CA THR J 230 18.28 -39.03 22.04
C THR J 230 18.10 -38.39 23.42
N PRO J 231 18.95 -37.41 23.78
CA PRO J 231 18.77 -36.70 25.05
C PRO J 231 17.63 -35.68 25.11
N LEU J 232 16.72 -35.68 24.12
CA LEU J 232 15.61 -34.72 24.15
C LEU J 232 14.45 -35.11 25.03
N GLU J 233 14.20 -36.41 25.15
CA GLU J 233 13.04 -36.91 25.89
C GLU J 233 13.09 -36.68 27.40
N GLY J 234 11.91 -36.51 28.01
CA GLY J 234 11.81 -36.51 29.46
C GLY J 234 11.82 -35.16 30.15
N LEU J 235 12.63 -35.02 31.20
CA LEU J 235 12.62 -33.84 32.06
C LEU J 235 12.90 -32.53 31.36
N VAL J 236 12.49 -31.43 31.97
CA VAL J 236 12.81 -30.10 31.48
C VAL J 236 14.30 -29.99 31.68
N MET J 237 15.01 -29.58 30.64
CA MET J 237 16.44 -29.36 30.76
C MET J 237 16.81 -27.89 30.48
N GLY J 238 18.11 -27.59 30.48
CA GLY J 238 18.57 -26.20 30.37
C GLY J 238 18.08 -25.54 29.11
N THR J 239 18.29 -26.20 27.98
CA THR J 239 17.92 -25.63 26.69
C THR J 239 17.10 -26.59 25.86
N ARG J 240 16.92 -27.80 26.39
CA ARG J 240 16.13 -28.84 25.72
C ARG J 240 14.69 -28.93 26.23
N SER J 241 13.78 -29.25 25.32
CA SER J 241 12.36 -29.14 25.56
C SER J 241 11.80 -30.22 26.45
N GLY J 242 12.54 -31.32 26.58
CA GLY J 242 12.01 -32.49 27.27
C GLY J 242 10.83 -33.05 26.49
N ASP J 243 10.01 -33.87 27.13
CA ASP J 243 8.75 -34.37 26.57
C ASP J 243 7.90 -33.25 25.99
N LEU J 244 7.42 -33.45 24.75
CA LEU J 244 6.24 -32.69 24.26
C LEU J 244 5.37 -33.40 23.24
N ASP J 245 4.14 -32.92 23.12
CA ASP J 245 3.17 -33.34 22.12
C ASP J 245 3.85 -33.52 20.77
N PRO J 246 3.97 -34.77 20.31
CA PRO J 246 4.53 -35.09 19.02
C PRO J 246 4.09 -34.11 17.93
N ALA J 247 2.87 -33.61 18.01
CA ALA J 247 2.31 -32.82 16.93
C ALA J 247 2.85 -31.40 16.90
N ILE J 248 3.24 -30.89 18.05
CA ILE J 248 3.62 -29.46 18.16
C ILE J 248 4.66 -29.01 17.14
N PRO J 249 5.80 -29.72 17.03
CA PRO J 249 6.81 -29.33 16.04
C PRO J 249 6.28 -29.14 14.61
N PHE J 250 5.40 -30.05 14.16
CA PHE J 250 4.81 -30.00 12.82
C PHE J 250 3.93 -28.79 12.63
N PHE J 251 3.18 -28.44 13.67
CA PHE J 251 2.35 -27.23 13.67
C PHE J 251 3.24 -25.99 13.57
N ILE J 252 4.26 -25.94 14.41
CA ILE J 252 5.11 -24.78 14.46
C ILE J 252 5.86 -24.55 13.14
N MET J 253 6.41 -25.63 12.58
CA MET J 253 7.12 -25.55 11.31
C MET J 253 6.19 -25.02 10.24
N GLU J 254 4.98 -25.56 10.17
CA GLU J 254 4.05 -25.19 9.12
C GLU J 254 3.54 -23.75 9.29
N LYS J 255 3.21 -23.34 10.52
CA LYS J 255 2.70 -21.98 10.74
C LYS J 255 3.78 -20.93 10.56
N GLU J 256 5.03 -21.34 10.61
CA GLU J 256 6.13 -20.37 10.59
C GLU J 256 7.15 -20.45 9.46
N GLY J 257 7.03 -21.46 8.59
CA GLY J 257 7.94 -21.63 7.46
C GLY J 257 9.35 -21.90 7.93
N ILE J 258 9.54 -23.07 8.51
CA ILE J 258 10.76 -23.44 9.20
C ILE J 258 11.09 -24.89 8.82
N SER J 259 12.31 -25.12 8.37
CA SER J 259 12.75 -26.48 7.98
C SER J 259 12.90 -27.34 9.22
N PRO J 260 12.93 -28.69 9.06
CA PRO J 260 13.00 -29.56 10.24
C PRO J 260 14.26 -29.29 11.04
N GLN J 261 15.32 -28.90 10.36
CA GLN J 261 16.55 -28.51 11.03
C GLN J 261 16.30 -27.29 11.95
N GLU J 262 15.80 -26.20 11.38
CA GLU J 262 15.48 -25.01 12.14
C GLU J 262 14.62 -25.34 13.40
N MET J 263 13.64 -26.26 13.25
CA MET J 263 12.74 -26.63 14.33
C MET J 263 13.45 -27.48 15.37
N TYR J 264 14.21 -28.46 14.91
CA TYR J 264 14.98 -29.34 15.80
C TYR J 264 15.94 -28.53 16.67
N ASP J 265 16.61 -27.57 16.05
CA ASP J 265 17.48 -26.64 16.76
C ASP J 265 16.71 -25.88 17.85
N ILE J 266 15.54 -25.34 17.51
CA ILE J 266 14.75 -24.57 18.46
C ILE J 266 14.44 -25.43 19.67
N LEU J 267 14.09 -26.70 19.43
CA LEU J 267 13.73 -27.63 20.50
C LEU J 267 14.92 -28.00 21.36
N ASN J 268 16.10 -27.75 20.81
CA ASN J 268 17.34 -28.29 21.38
C ASN J 268 18.26 -27.24 22.01
N LYS J 269 18.21 -26.03 21.48
CA LYS J 269 19.07 -24.94 21.90
C LYS J 269 18.33 -23.78 22.58
N LYS J 270 17.09 -23.53 22.18
CA LYS J 270 16.32 -22.37 22.63
C LYS J 270 15.16 -22.72 23.56
N SER J 271 15.01 -24.01 23.91
CA SER J 271 13.85 -24.43 24.65
C SER J 271 14.16 -24.68 26.12
N GLY J 272 13.42 -25.57 26.75
CA GLY J 272 13.58 -25.86 28.17
C GLY J 272 13.53 -24.64 29.04
N VAL J 273 14.43 -24.62 30.02
CA VAL J 273 14.50 -23.53 30.97
C VAL J 273 14.64 -22.17 30.26
N TYR J 274 15.58 -22.10 29.33
CA TYR J 274 15.77 -20.92 28.51
C TYR J 274 14.45 -20.48 27.82
N GLY J 275 13.81 -21.43 27.15
CA GLY J 275 12.57 -21.18 26.45
C GLY J 275 11.50 -20.61 27.36
N LEU J 276 11.29 -21.28 28.49
CA LEU J 276 10.28 -20.91 29.45
C LEU J 276 10.48 -19.50 29.96
N SER J 277 11.73 -19.14 30.17
CA SER J 277 12.02 -17.82 30.73
C SER J 277 12.25 -16.72 29.68
N LYS J 278 11.72 -16.92 28.47
CA LYS J 278 11.71 -15.89 27.41
C LYS J 278 13.12 -15.41 27.04
N GLY J 279 14.11 -16.24 27.39
CA GLY J 279 15.50 -15.94 27.08
C GLY J 279 16.29 -15.33 28.22
N PHE J 280 15.80 -15.52 29.45
CA PHE J 280 16.43 -14.93 30.64
C PHE J 280 17.71 -15.69 30.96
N SER J 281 17.57 -16.99 31.21
CA SER J 281 18.72 -17.86 31.42
C SER J 281 18.35 -19.31 31.21
N SER J 282 19.36 -20.17 31.07
CA SER J 282 19.17 -21.61 30.95
C SER J 282 19.71 -22.30 32.18
N ASP J 283 20.41 -21.53 32.99
CA ASP J 283 20.95 -22.00 34.26
C ASP J 283 19.87 -21.96 35.33
N MET J 284 19.48 -23.13 35.84
CA MET J 284 18.39 -23.22 36.79
C MET J 284 18.56 -22.38 38.06
N ARG J 285 19.79 -22.22 38.52
CA ARG J 285 19.99 -21.38 39.71
C ARG J 285 19.89 -19.89 39.45
N ASP J 286 20.02 -19.48 38.19
CA ASP J 286 19.75 -18.10 37.80
C ASP J 286 18.27 -17.79 38.04
N ILE J 287 17.44 -18.80 37.83
CA ILE J 287 16.01 -18.70 38.04
C ILE J 287 15.66 -18.82 39.51
N GLU J 288 16.32 -19.74 40.22
CA GLU J 288 16.11 -19.91 41.66
C GLU J 288 16.36 -18.59 42.39
N GLU J 289 17.49 -17.94 42.08
CA GLU J 289 17.84 -16.64 42.62
C GLU J 289 16.75 -15.59 42.36
N ALA J 290 16.30 -15.51 41.10
CA ALA J 290 15.28 -14.55 40.72
C ALA J 290 13.93 -14.84 41.36
N ALA J 291 13.59 -16.11 41.52
CA ALA J 291 12.34 -16.52 42.15
C ALA J 291 12.32 -16.11 43.63
N LEU J 292 13.44 -16.33 44.31
CA LEU J 292 13.59 -15.94 45.70
C LEU J 292 13.57 -14.42 45.88
N LYS J 293 13.87 -13.69 44.81
CA LYS J 293 13.82 -12.23 44.84
C LYS J 293 12.42 -11.67 44.59
N GLY J 294 11.45 -12.56 44.41
CA GLY J 294 10.05 -12.15 44.26
C GLY J 294 9.54 -12.11 42.83
N ASP J 295 10.41 -12.43 41.87
CA ASP J 295 10.01 -12.50 40.46
C ASP J 295 8.97 -13.61 40.26
N GLU J 296 7.73 -13.19 39.97
CA GLU J 296 6.59 -14.10 39.84
C GLU J 296 6.81 -15.13 38.76
N TRP J 297 7.44 -14.71 37.66
CA TRP J 297 7.59 -15.59 36.49
C TRP J 297 8.54 -16.76 36.68
N CYS J 298 9.65 -16.52 37.37
CA CYS J 298 10.58 -17.59 37.68
C CYS J 298 10.02 -18.63 38.62
N LYS J 299 9.29 -18.18 39.66
CA LYS J 299 8.58 -19.10 40.53
C LYS J 299 7.84 -20.15 39.70
N LEU J 300 7.26 -19.71 38.58
CA LEU J 300 6.53 -20.60 37.69
C LEU J 300 7.43 -21.56 36.94
N VAL J 301 8.52 -21.05 36.39
CA VAL J 301 9.50 -21.89 35.67
C VAL J 301 10.00 -23.00 36.59
N LEU J 302 10.38 -22.59 37.79
CA LEU J 302 10.74 -23.48 38.89
C LEU J 302 9.66 -24.56 39.12
N GLU J 303 8.42 -24.16 39.38
CA GLU J 303 7.32 -25.11 39.59
C GLU J 303 7.15 -26.08 38.43
N ILE J 304 7.28 -25.58 37.20
CA ILE J 304 7.13 -26.40 35.99
C ILE J 304 8.20 -27.46 35.97
N TYR J 305 9.44 -27.00 36.16
CA TYR J 305 10.63 -27.85 36.23
C TYR J 305 10.44 -28.96 37.25
N ASP J 306 10.23 -28.59 38.51
CA ASP J 306 10.03 -29.53 39.61
C ASP J 306 8.87 -30.48 39.32
N TYR J 307 7.71 -29.95 38.94
CA TYR J 307 6.51 -30.75 38.70
C TYR J 307 6.84 -32.00 37.88
N ARG J 308 7.50 -31.82 36.75
CA ARG J 308 7.72 -32.92 35.82
C ARG J 308 8.66 -34.00 36.40
N ILE J 309 9.65 -33.57 37.19
CA ILE J 309 10.48 -34.50 37.97
C ILE J 309 9.60 -35.37 38.90
N ALA J 310 8.75 -34.69 39.68
CA ALA J 310 7.86 -35.37 40.61
C ALA J 310 6.98 -36.41 39.91
N LYS J 311 6.51 -36.09 38.71
CA LYS J 311 5.65 -36.99 37.95
C LYS J 311 6.41 -38.23 37.51
N TYR J 312 7.68 -38.02 37.14
CA TYR J 312 8.55 -39.12 36.75
C TYR J 312 8.84 -40.04 37.91
N ILE J 313 9.14 -39.48 39.08
CA ILE J 313 9.28 -40.32 40.26
C ILE J 313 8.04 -41.17 40.46
N GLY J 314 6.86 -40.55 40.38
CA GLY J 314 5.59 -41.27 40.50
C GLY J 314 5.42 -42.34 39.44
N ALA J 315 5.72 -41.99 38.20
CA ALA J 315 5.62 -42.92 37.09
C ALA J 315 6.51 -44.16 37.27
N TYR J 316 7.76 -43.94 37.68
CA TYR J 316 8.76 -45.00 37.79
C TYR J 316 8.52 -45.84 39.03
N ALA J 317 7.98 -45.21 40.08
CA ALA J 317 7.51 -45.95 41.24
C ALA J 317 6.51 -47.02 40.81
N ALA J 318 5.61 -46.64 39.91
CA ALA J 318 4.64 -47.56 39.36
C ALA J 318 5.32 -48.63 38.55
N ALA J 319 6.31 -48.22 37.77
CA ALA J 319 7.03 -49.16 36.91
C ALA J 319 7.68 -50.29 37.71
N MET J 320 8.20 -49.97 38.90
CA MET J 320 8.89 -50.97 39.70
C MET J 320 7.97 -51.63 40.71
N ASN J 321 6.73 -51.13 40.77
CA ASN J 321 5.79 -51.56 41.79
C ASN J 321 6.34 -51.28 43.18
N GLY J 322 6.97 -50.12 43.35
CA GLY J 322 7.50 -49.69 44.64
C GLY J 322 8.69 -48.77 44.53
N VAL J 323 8.92 -47.99 45.58
CA VAL J 323 10.15 -47.23 45.71
C VAL J 323 10.69 -47.50 47.09
N ASP J 324 11.99 -47.73 47.18
CA ASP J 324 12.66 -47.90 48.45
C ASP J 324 13.46 -46.65 48.78
N ALA J 325 13.99 -46.02 47.73
CA ALA J 325 14.79 -44.81 47.88
C ALA J 325 14.78 -43.93 46.63
N ILE J 326 14.96 -42.64 46.86
CA ILE J 326 15.07 -41.67 45.77
C ILE J 326 16.39 -40.93 45.93
N VAL J 327 17.13 -40.83 44.84
CA VAL J 327 18.42 -40.15 44.88
C VAL J 327 18.46 -38.91 43.97
N PHE J 328 18.88 -37.78 44.55
CA PHE J 328 19.10 -36.56 43.78
C PHE J 328 20.59 -36.38 43.51
N THR J 329 20.94 -36.04 42.28
CA THR J 329 22.34 -35.83 41.91
C THR J 329 22.54 -34.86 40.74
N ALA J 330 23.79 -34.54 40.42
CA ALA J 330 24.16 -33.58 39.37
C ALA J 330 23.98 -32.12 39.80
N GLY J 331 24.43 -31.20 38.95
CA GLY J 331 24.39 -29.76 39.24
C GLY J 331 23.27 -29.25 40.15
N VAL J 332 22.02 -29.53 39.77
CA VAL J 332 20.83 -29.02 40.49
C VAL J 332 20.44 -29.93 41.66
N GLY J 333 20.38 -31.24 41.37
CA GLY J 333 20.05 -32.27 42.36
C GLY J 333 20.91 -32.18 43.60
N GLU J 334 22.17 -31.76 43.44
CA GLU J 334 23.13 -31.66 44.54
C GLU J 334 23.08 -30.33 45.29
N ASN J 335 22.51 -29.31 44.64
CA ASN J 335 22.67 -27.90 45.08
C ASN J 335 21.40 -27.06 45.25
N SER J 336 20.23 -27.64 44.97
CA SER J 336 18.98 -26.92 45.14
C SER J 336 18.10 -27.61 46.18
N PRO J 337 18.21 -27.17 47.46
CA PRO J 337 17.36 -27.74 48.49
C PRO J 337 15.89 -27.41 48.22
N ILE J 338 15.66 -26.26 47.58
CA ILE J 338 14.33 -25.84 47.20
C ILE J 338 13.67 -26.79 46.17
N THR J 339 14.42 -27.15 45.13
CA THR J 339 13.95 -28.08 44.11
C THR J 339 13.65 -29.44 44.72
N ARG J 340 14.57 -29.92 45.56
CA ARG J 340 14.39 -31.18 46.24
C ARG J 340 13.14 -31.18 47.11
N GLU J 341 12.89 -30.07 47.78
CA GLU J 341 11.73 -29.91 48.67
C GLU J 341 10.42 -29.84 47.86
N ASP J 342 10.42 -29.05 46.79
CA ASP J 342 9.23 -28.87 45.96
C ASP J 342 8.82 -30.22 45.38
N VAL J 343 9.81 -30.93 44.84
CA VAL J 343 9.59 -32.22 44.21
C VAL J 343 8.97 -33.20 45.21
N CYS J 344 9.51 -33.21 46.42
CA CYS J 344 9.05 -34.14 47.44
C CYS J 344 7.68 -33.83 48.02
N SER J 345 7.22 -32.60 47.86
CA SER J 345 5.90 -32.24 48.41
C SER J 345 4.81 -33.03 47.73
N TYR J 346 5.07 -33.42 46.48
CA TYR J 346 4.13 -34.21 45.72
C TYR J 346 4.13 -35.67 46.13
N LEU J 347 5.03 -36.03 47.05
CA LEU J 347 5.32 -37.45 47.33
C LEU J 347 5.00 -37.97 48.74
N GLU J 348 4.29 -37.19 49.55
CA GLU J 348 4.03 -37.67 50.89
C GLU J 348 3.02 -38.82 50.91
N PHE J 349 2.22 -38.92 49.85
CA PHE J 349 1.29 -40.04 49.69
C PHE J 349 2.03 -41.37 49.59
N LEU J 350 3.33 -41.30 49.29
CA LEU J 350 4.18 -42.47 49.24
C LEU J 350 4.89 -42.71 50.56
N GLY J 351 4.78 -41.76 51.48
CA GLY J 351 5.44 -41.85 52.78
C GLY J 351 6.77 -41.14 52.82
N VAL J 352 6.96 -40.19 51.90
CA VAL J 352 8.16 -39.36 51.81
C VAL J 352 8.04 -38.09 52.68
N LYS J 353 8.94 -37.97 53.66
CA LYS J 353 9.05 -36.76 54.46
C LYS J 353 10.50 -36.33 54.51
N LEU J 354 10.74 -35.04 54.26
CA LEU J 354 12.08 -34.50 54.30
C LEU J 354 12.41 -33.93 55.67
N ASP J 355 13.68 -33.89 56.03
CA ASP J 355 14.13 -33.18 57.21
C ASP J 355 14.68 -31.85 56.75
N LYS J 356 13.89 -30.80 56.93
CA LYS J 356 14.23 -29.44 56.48
C LYS J 356 15.67 -29.05 56.81
N GLN J 357 16.08 -29.36 58.03
CA GLN J 357 17.45 -29.09 58.48
C GLN J 357 18.48 -29.80 57.60
N LYS J 358 18.33 -31.12 57.45
CA LYS J 358 19.25 -31.93 56.63
C LYS J 358 19.23 -31.55 55.16
N ASN J 359 18.07 -31.14 54.67
CA ASN J 359 17.91 -30.76 53.27
C ASN J 359 18.70 -29.51 52.94
N GLU J 360 18.64 -28.53 53.82
CA GLU J 360 19.29 -27.26 53.55
C GLU J 360 20.79 -27.35 53.74
N GLU J 361 21.23 -28.28 54.60
CA GLU J 361 22.65 -28.55 54.91
C GLU J 361 23.45 -29.22 53.79
N THR J 362 22.85 -30.21 53.14
CA THR J 362 23.49 -31.03 52.07
C THR J 362 23.53 -30.36 50.68
N ILE J 363 24.45 -29.42 50.55
CA ILE J 363 24.50 -28.42 49.50
C ILE J 363 25.95 -28.49 48.98
N ARG J 364 26.21 -27.93 47.80
CA ARG J 364 27.58 -27.66 47.33
C ARG J 364 28.58 -28.81 47.50
N GLY J 365 28.12 -30.03 47.22
CA GLY J 365 29.03 -31.18 47.17
C GLY J 365 28.95 -32.16 48.32
N LYS J 366 28.30 -31.79 49.41
CA LYS J 366 28.07 -32.73 50.52
C LYS J 366 27.14 -33.87 50.10
N GLU J 367 27.18 -34.97 50.84
CA GLU J 367 26.30 -36.11 50.59
C GLU J 367 25.73 -36.69 51.87
N GLY J 368 24.51 -37.21 51.78
CA GLY J 368 23.84 -37.81 52.93
C GLY J 368 22.38 -38.14 52.69
N ILE J 369 21.71 -38.60 53.74
CA ILE J 369 20.28 -38.90 53.72
C ILE J 369 19.53 -37.62 54.07
N ILE J 370 18.40 -37.37 53.41
CA ILE J 370 17.56 -36.22 53.79
C ILE J 370 16.16 -36.59 54.30
N SER J 371 15.74 -37.83 54.10
CA SER J 371 14.46 -38.29 54.64
C SER J 371 14.50 -38.35 56.17
N THR J 372 13.36 -38.12 56.82
CA THR J 372 13.30 -38.25 58.26
C THR J 372 13.44 -39.73 58.64
N PRO J 373 14.03 -40.01 59.82
CA PRO J 373 14.06 -41.36 60.37
C PRO J 373 12.80 -42.20 60.08
N ASP J 374 11.61 -41.62 60.29
CA ASP J 374 10.35 -42.34 60.15
C ASP J 374 9.83 -42.46 58.72
N SER J 375 10.42 -41.70 57.80
CA SER J 375 10.04 -41.70 56.38
C SER J 375 10.11 -43.08 55.70
N ARG J 376 9.01 -43.45 55.06
CA ARG J 376 8.85 -44.81 54.49
C ARG J 376 9.65 -45.02 53.21
N VAL J 377 9.93 -43.94 52.50
CA VAL J 377 10.84 -43.98 51.34
C VAL J 377 12.04 -43.07 51.65
N LYS J 378 13.25 -43.61 51.51
CA LYS J 378 14.43 -42.85 51.89
C LYS J 378 14.84 -41.91 50.75
N VAL J 379 15.24 -40.69 51.10
CA VAL J 379 15.68 -39.73 50.08
C VAL J 379 17.12 -39.33 50.35
N LEU J 380 17.98 -39.42 49.34
CA LEU J 380 19.41 -39.17 49.50
C LEU J 380 19.93 -38.16 48.51
N VAL J 381 20.95 -37.41 48.92
CA VAL J 381 21.70 -36.56 48.01
C VAL J 381 23.05 -37.24 47.84
N VAL J 382 23.34 -37.70 46.63
CA VAL J 382 24.61 -38.37 46.35
C VAL J 382 25.32 -37.68 45.20
N PRO J 383 26.23 -36.74 45.52
CA PRO J 383 26.95 -36.06 44.46
C PRO J 383 27.57 -37.05 43.51
N THR J 384 27.33 -36.85 42.22
CA THR J 384 27.80 -37.74 41.21
C THR J 384 29.28 -37.50 40.94
N ASN J 385 29.96 -38.56 40.50
CA ASN J 385 31.38 -38.55 40.20
C ASN J 385 31.56 -39.55 39.06
N GLU J 386 31.11 -39.16 37.89
CA GLU J 386 31.16 -40.07 36.74
C GLU J 386 32.59 -40.50 36.37
N GLU J 387 33.56 -39.63 36.61
CA GLU J 387 34.95 -39.90 36.26
C GLU J 387 35.48 -41.04 37.10
N LEU J 388 35.30 -40.95 38.43
CA LEU J 388 35.72 -42.00 39.37
C LEU J 388 35.09 -43.32 38.97
N MET J 389 33.83 -43.27 38.56
CA MET J 389 33.15 -44.45 38.08
C MET J 389 33.91 -45.07 36.92
N ILE J 390 34.35 -44.24 35.96
CA ILE J 390 35.12 -44.74 34.82
C ILE J 390 36.44 -45.37 35.29
N ALA J 391 37.17 -44.65 36.13
CA ALA J 391 38.44 -45.11 36.68
C ALA J 391 38.28 -46.48 37.32
N ARG J 392 37.16 -46.70 38.00
CA ARG J 392 36.89 -47.96 38.68
C ARG J 392 36.62 -49.11 37.73
N ASP J 393 35.96 -48.84 36.61
CA ASP J 393 35.73 -49.86 35.59
C ASP J 393 37.02 -50.16 34.84
N THR J 394 37.80 -49.13 34.58
CA THR J 394 39.11 -49.27 33.96
C THR J 394 40.00 -50.13 34.86
N LYS J 395 40.06 -49.80 36.15
CA LYS J 395 40.83 -50.56 37.14
C LYS J 395 40.48 -52.04 37.11
N GLU J 396 39.18 -52.36 37.22
CA GLU J 396 38.76 -53.76 37.23
C GLU J 396 39.18 -54.49 35.98
N ILE J 397 38.86 -53.94 34.82
CA ILE J 397 39.19 -54.57 33.56
C ILE J 397 40.68 -54.75 33.40
N VAL J 398 41.45 -53.68 33.63
CA VAL J 398 42.91 -53.69 33.48
C VAL J 398 43.64 -54.73 34.35
N GLU J 399 43.21 -54.89 35.61
CA GLU J 399 43.66 -56.00 36.46
C GLU J 399 43.19 -57.31 35.81
N LYS J 400 44.06 -57.86 34.96
CA LYS J 400 43.81 -59.07 34.19
C LYS J 400 44.87 -59.26 33.09
#